data_1QU5
#
_entry.id   1QU5
#
_cell.length_a   1.000
_cell.length_b   1.000
_cell.length_c   1.000
_cell.angle_alpha   90.00
_cell.angle_beta   90.00
_cell.angle_gamma   90.00
#
_symmetry.space_group_name_H-M   'P 1'
#
_entity_poly.entity_id   1
_entity_poly.type   'polypeptide(L)'
_entity_poly.pdbx_seq_one_letter_code
;EAETREQKLLHSNNTENVKSSKKKGNGRFLTLKPLPDSIIQESLEIQQGVNPFFIGRSEDCNCKIEDNRLSRVHCFIFKK
RHAVGKSMYESPAQGLDDIWYCHTGTNVSYLNNNRMIQGTKFLLQDGDEIKIIWDKNNKFVIGFKVEINDTTGLFNEGLG
MLQEQRVVLKQTAEEKDLVKKL
;
_entity_poly.pdbx_strand_id   A
#
# COMPACT_ATOMS: atom_id res chain seq x y z
N GLU A 1 -25.93 18.23 -20.74
CA GLU A 1 -27.14 17.37 -20.71
C GLU A 1 -26.83 15.97 -21.19
N ALA A 2 -27.81 15.10 -21.16
CA ALA A 2 -27.60 13.69 -21.61
C ALA A 2 -28.96 12.99 -21.71
N GLU A 3 -29.84 13.29 -20.79
CA GLU A 3 -31.21 12.67 -20.82
C GLU A 3 -32.27 13.77 -20.73
N THR A 4 -33.50 13.45 -21.02
CA THR A 4 -34.59 14.46 -20.97
C THR A 4 -34.53 15.30 -19.69
N ARG A 5 -33.93 14.78 -18.63
CA ARG A 5 -33.80 15.51 -17.32
C ARG A 5 -34.69 14.88 -16.23
N GLU A 6 -34.08 14.21 -15.29
CA GLU A 6 -34.86 13.59 -14.16
C GLU A 6 -35.77 12.45 -14.65
N GLN A 7 -35.32 11.22 -14.54
CA GLN A 7 -36.18 10.07 -14.95
C GLN A 7 -35.54 8.75 -14.50
N LYS A 8 -34.53 8.26 -15.20
CA LYS A 8 -33.86 7.00 -14.77
C LYS A 8 -33.65 7.06 -13.26
N LEU A 9 -32.83 7.98 -12.82
CA LEU A 9 -32.64 8.17 -11.35
C LEU A 9 -33.04 9.60 -11.01
N LEU A 10 -32.24 10.60 -11.39
CA LEU A 10 -32.65 12.02 -11.10
C LEU A 10 -31.57 13.12 -11.38
N HIS A 11 -32.05 14.33 -11.24
CA HIS A 11 -31.26 15.63 -11.38
C HIS A 11 -30.30 15.80 -12.57
N SER A 12 -29.82 17.05 -12.66
CA SER A 12 -28.89 17.55 -13.73
C SER A 12 -28.22 16.46 -14.55
N ASN A 13 -28.03 16.73 -15.82
CA ASN A 13 -27.37 15.76 -16.77
C ASN A 13 -27.04 14.46 -16.04
N ASN A 14 -25.79 14.16 -15.86
CA ASN A 14 -25.43 12.93 -15.10
C ASN A 14 -25.42 13.34 -13.63
N THR A 15 -26.51 13.91 -13.18
CA THR A 15 -26.62 14.42 -11.78
C THR A 15 -25.33 15.14 -11.39
N GLU A 16 -24.59 15.65 -12.37
CA GLU A 16 -23.29 16.31 -12.05
C GLU A 16 -22.53 15.39 -11.09
N ASN A 17 -22.86 14.11 -11.15
CA ASN A 17 -22.24 13.08 -10.31
C ASN A 17 -21.98 13.56 -8.87
N VAL A 18 -23.04 13.85 -8.13
CA VAL A 18 -22.84 14.28 -6.70
C VAL A 18 -22.27 13.07 -5.96
N LYS A 19 -22.94 11.95 -6.03
CA LYS A 19 -22.36 10.72 -5.41
C LYS A 19 -21.28 10.28 -6.40
N SER A 20 -21.53 10.62 -7.65
CA SER A 20 -20.55 10.39 -8.76
C SER A 20 -20.40 8.93 -9.18
N SER A 21 -20.87 8.62 -10.36
CA SER A 21 -20.64 7.26 -10.91
C SER A 21 -19.12 7.14 -11.02
N LYS A 22 -18.49 8.25 -11.32
CA LYS A 22 -17.01 8.31 -11.37
C LYS A 22 -16.53 8.51 -9.94
N LYS A 23 -15.28 8.38 -9.68
CA LYS A 23 -14.77 8.57 -8.29
C LYS A 23 -13.26 8.77 -8.37
N LYS A 24 -12.54 7.69 -8.53
CA LYS A 24 -11.06 7.80 -8.68
C LYS A 24 -10.43 8.76 -7.66
N GLY A 25 -9.72 8.24 -6.69
CA GLY A 25 -9.04 9.12 -5.70
C GLY A 25 -9.98 9.57 -4.57
N ASN A 26 -11.12 8.97 -4.41
CA ASN A 26 -12.00 9.40 -3.27
C ASN A 26 -11.35 8.93 -1.96
N GLY A 27 -10.33 8.14 -2.08
CA GLY A 27 -9.61 7.64 -0.88
C GLY A 27 -8.47 6.73 -1.37
N ARG A 28 -7.91 7.06 -2.51
CA ARG A 28 -6.80 6.25 -3.10
C ARG A 28 -5.47 6.98 -2.93
N PHE A 29 -4.43 6.26 -2.68
CA PHE A 29 -3.11 6.90 -2.47
C PHE A 29 -2.04 6.16 -3.27
N LEU A 30 -2.14 4.87 -3.30
CA LEU A 30 -1.12 4.06 -4.03
C LEU A 30 -1.75 3.07 -5.00
N THR A 31 -1.15 2.92 -6.13
CA THR A 31 -1.66 1.95 -7.15
C THR A 31 -0.60 0.85 -7.34
N LEU A 32 -0.78 -0.29 -6.74
CA LEU A 32 0.24 -1.37 -6.88
C LEU A 32 0.17 -1.96 -8.29
N LYS A 33 1.12 -1.63 -9.12
CA LYS A 33 1.11 -2.14 -10.52
C LYS A 33 2.03 -3.35 -10.69
N PRO A 34 1.45 -4.51 -10.67
CA PRO A 34 2.23 -5.76 -10.86
C PRO A 34 2.62 -5.83 -12.33
N LEU A 35 3.80 -6.24 -12.65
CA LEU A 35 4.18 -6.28 -14.08
C LEU A 35 4.08 -7.71 -14.62
N PRO A 36 4.45 -7.87 -15.86
CA PRO A 36 4.40 -9.20 -16.51
C PRO A 36 5.43 -10.14 -15.90
N ASP A 37 6.53 -9.62 -15.42
CA ASP A 37 7.56 -10.49 -14.80
C ASP A 37 7.01 -11.08 -13.50
N SER A 38 5.94 -10.51 -13.00
CA SER A 38 5.32 -11.01 -11.74
C SER A 38 4.15 -11.92 -12.06
N ILE A 39 3.97 -12.97 -11.30
CA ILE A 39 2.82 -13.89 -11.59
C ILE A 39 1.53 -13.06 -11.66
N ILE A 40 1.52 -11.93 -10.99
CA ILE A 40 0.33 -11.03 -11.06
C ILE A 40 0.51 -10.10 -12.26
N GLN A 41 -0.53 -9.44 -12.71
CA GLN A 41 -0.35 -8.52 -13.87
C GLN A 41 -1.55 -7.58 -14.00
N GLU A 42 -1.34 -6.33 -13.69
CA GLU A 42 -2.43 -5.30 -13.78
C GLU A 42 -2.07 -4.10 -12.91
N SER A 43 -2.92 -3.79 -11.98
CA SER A 43 -2.68 -2.65 -11.06
C SER A 43 -3.68 -2.69 -9.90
N LEU A 44 -3.20 -2.61 -8.71
CA LEU A 44 -4.10 -2.64 -7.52
C LEU A 44 -4.29 -1.21 -7.01
N GLU A 45 -5.05 -1.01 -5.96
CA GLU A 45 -5.26 0.38 -5.47
C GLU A 45 -5.39 0.43 -3.94
N ILE A 46 -4.33 0.76 -3.26
CA ILE A 46 -4.39 0.86 -1.78
C ILE A 46 -5.04 2.20 -1.42
N GLN A 47 -6.23 2.17 -0.89
CA GLN A 47 -6.96 3.43 -0.56
C GLN A 47 -6.24 4.28 0.48
N GLN A 48 -5.93 5.51 0.12
CA GLN A 48 -5.25 6.47 1.05
C GLN A 48 -4.48 5.77 2.16
N GLY A 49 -3.69 4.80 1.81
CA GLY A 49 -2.93 4.06 2.87
C GLY A 49 -3.93 3.43 3.81
N VAL A 50 -4.68 2.48 3.33
CA VAL A 50 -5.72 1.79 4.15
C VAL A 50 -5.28 1.66 5.60
N ASN A 51 -4.01 1.44 5.83
CA ASN A 51 -3.52 1.32 7.23
C ASN A 51 -4.43 0.40 8.06
N PRO A 52 -4.13 -0.88 8.07
CA PRO A 52 -3.02 -1.47 7.29
C PRO A 52 -3.54 -2.08 6.00
N PHE A 53 -2.67 -2.40 5.09
CA PHE A 53 -3.10 -3.05 3.81
C PHE A 53 -2.38 -4.38 3.66
N PHE A 54 -2.86 -5.42 4.28
CA PHE A 54 -2.19 -6.74 4.15
C PHE A 54 -2.26 -7.20 2.70
N ILE A 55 -1.57 -8.26 2.39
CA ILE A 55 -1.60 -8.81 1.00
C ILE A 55 -0.99 -10.20 1.05
N GLY A 56 -1.64 -11.18 0.48
CA GLY A 56 -1.03 -12.54 0.54
C GLY A 56 -1.93 -13.57 -0.12
N ARG A 57 -1.82 -14.79 0.32
CA ARG A 57 -2.65 -15.88 -0.27
C ARG A 57 -4.02 -15.95 0.41
N SER A 58 -4.21 -15.22 1.47
CA SER A 58 -5.54 -15.26 2.16
C SER A 58 -6.30 -13.96 1.88
N GLU A 59 -7.46 -14.05 1.28
CA GLU A 59 -8.25 -12.81 0.99
C GLU A 59 -8.42 -12.00 2.28
N ASP A 60 -8.24 -12.60 3.42
CA ASP A 60 -8.38 -11.86 4.70
C ASP A 60 -7.52 -10.58 4.64
N CYS A 61 -6.51 -10.58 3.81
CA CYS A 61 -5.66 -9.36 3.70
C CYS A 61 -6.43 -8.25 3.01
N ASN A 62 -5.98 -7.04 3.14
CA ASN A 62 -6.69 -5.91 2.49
C ASN A 62 -6.68 -6.08 0.97
N CYS A 63 -5.95 -7.04 0.48
CA CYS A 63 -5.89 -7.24 -1.00
C CYS A 63 -5.88 -8.73 -1.36
N LYS A 64 -5.08 -9.10 -2.31
CA LYS A 64 -4.98 -10.53 -2.74
C LYS A 64 -3.91 -10.69 -3.82
N ILE A 65 -2.88 -11.44 -3.54
CA ILE A 65 -1.80 -11.64 -4.55
C ILE A 65 -1.78 -13.08 -5.04
N GLU A 66 -2.89 -13.74 -4.89
CA GLU A 66 -3.06 -15.16 -5.33
C GLU A 66 -1.74 -15.82 -5.77
N ASP A 67 -0.87 -16.09 -4.83
CA ASP A 67 0.42 -16.74 -5.15
C ASP A 67 0.71 -17.82 -4.10
N ASN A 68 0.60 -19.05 -4.50
CA ASN A 68 0.83 -20.21 -3.56
C ASN A 68 1.99 -19.95 -2.58
N ARG A 69 3.13 -19.53 -3.07
CA ARG A 69 4.29 -19.27 -2.16
C ARG A 69 3.86 -18.38 -0.98
N LEU A 70 2.79 -17.65 -1.13
CA LEU A 70 2.33 -16.78 -0.02
C LEU A 70 1.75 -17.64 1.10
N SER A 71 2.13 -17.35 2.32
CA SER A 71 1.61 -18.16 3.46
C SER A 71 0.36 -17.49 4.04
N ARG A 72 -0.47 -16.94 3.19
CA ARG A 72 -1.71 -16.26 3.69
C ARG A 72 -1.28 -15.03 4.47
N VAL A 73 -1.66 -13.86 4.02
CA VAL A 73 -1.21 -12.63 4.72
C VAL A 73 0.32 -12.62 4.62
N HIS A 74 0.79 -13.17 3.54
CA HIS A 74 2.24 -13.29 3.27
C HIS A 74 2.98 -12.01 3.64
N CYS A 75 2.66 -10.96 2.96
CA CYS A 75 3.33 -9.65 3.28
C CYS A 75 2.34 -8.79 4.03
N PHE A 76 2.76 -7.74 4.69
CA PHE A 76 1.75 -6.88 5.39
C PHE A 76 2.17 -5.41 5.29
N ILE A 77 1.49 -4.66 4.46
CA ILE A 77 1.81 -3.23 4.33
C ILE A 77 1.03 -2.45 5.38
N PHE A 78 1.59 -1.37 5.85
CA PHE A 78 0.90 -0.57 6.90
C PHE A 78 0.99 0.91 6.54
N LYS A 79 0.26 1.73 7.24
CA LYS A 79 0.30 3.19 6.93
C LYS A 79 0.11 4.00 8.22
N LYS A 80 0.93 5.00 8.41
CA LYS A 80 0.81 5.81 9.67
C LYS A 80 1.41 7.20 9.48
N ARG A 81 1.26 8.04 10.46
CA ARG A 81 1.83 9.43 10.36
C ARG A 81 3.35 9.33 10.23
N HIS A 82 3.93 10.16 9.39
CA HIS A 82 5.42 10.13 9.21
C HIS A 82 6.15 10.10 10.55
N ALA A 83 5.71 10.93 11.45
CA ALA A 83 6.39 10.99 12.79
C ALA A 83 7.85 11.40 12.59
N VAL A 84 8.13 12.67 12.67
CA VAL A 84 9.53 13.18 12.46
C VAL A 84 10.55 12.28 13.15
N GLY A 85 11.79 12.39 12.73
CA GLY A 85 12.87 11.56 13.35
C GLY A 85 12.98 11.92 14.83
N LYS A 86 13.13 10.95 15.68
CA LYS A 86 13.23 11.23 17.14
C LYS A 86 14.50 12.04 17.47
N SER A 87 14.32 13.27 17.90
CA SER A 87 15.47 14.18 18.32
C SER A 87 15.78 15.29 17.30
N MET A 88 16.52 16.26 17.77
CA MET A 88 16.97 17.40 16.93
C MET A 88 15.87 17.97 16.02
N TYR A 89 16.02 17.76 14.74
CA TYR A 89 15.08 18.31 13.73
C TYR A 89 14.82 19.80 13.93
N GLU A 90 14.25 20.42 12.94
CA GLU A 90 13.92 21.88 13.01
C GLU A 90 12.46 22.06 12.61
N SER A 91 12.15 21.68 11.39
CA SER A 91 10.75 21.79 10.92
C SER A 91 10.18 20.36 10.89
N PRO A 92 9.37 20.05 11.86
CA PRO A 92 8.81 18.69 11.95
C PRO A 92 7.87 18.43 10.78
N ALA A 93 6.92 17.58 10.97
CA ALA A 93 5.96 17.27 9.87
C ALA A 93 4.62 16.84 10.47
N GLN A 94 4.10 17.60 11.40
CA GLN A 94 2.79 17.24 12.02
C GLN A 94 1.77 16.92 10.94
N GLY A 95 1.10 15.81 11.05
CA GLY A 95 0.10 15.44 10.02
C GLY A 95 0.77 14.54 8.99
N LEU A 96 0.38 14.64 7.75
CA LEU A 96 0.99 13.79 6.69
C LEU A 96 0.88 12.31 7.09
N ASP A 97 1.47 11.44 6.33
CA ASP A 97 1.40 9.99 6.69
C ASP A 97 2.38 9.17 5.84
N ASP A 98 3.21 8.39 6.48
CA ASP A 98 4.17 7.55 5.71
C ASP A 98 3.62 6.13 5.58
N ILE A 99 4.17 5.34 4.71
CA ILE A 99 3.66 3.94 4.53
C ILE A 99 4.65 2.96 5.14
N TRP A 100 4.21 1.76 5.44
CA TRP A 100 5.14 0.78 6.08
C TRP A 100 4.96 -0.65 5.53
N TYR A 101 5.79 -1.05 4.60
CA TYR A 101 5.69 -2.44 4.08
C TYR A 101 6.18 -3.38 5.18
N CYS A 102 5.39 -4.32 5.59
CA CYS A 102 5.84 -5.23 6.68
C CYS A 102 5.45 -6.68 6.39
N HIS A 103 6.39 -7.52 6.04
CA HIS A 103 6.04 -8.95 5.78
C HIS A 103 5.62 -9.63 7.09
N THR A 104 4.59 -10.43 7.07
CA THR A 104 4.16 -11.12 8.32
C THR A 104 3.95 -12.62 8.08
N GLY A 105 3.78 -13.02 6.85
CA GLY A 105 3.56 -14.47 6.56
C GLY A 105 4.73 -15.30 7.08
N THR A 106 4.78 -16.54 6.68
CA THR A 106 5.87 -17.45 7.13
C THR A 106 7.07 -17.31 6.20
N ASN A 107 6.88 -16.64 5.10
CA ASN A 107 7.96 -16.47 4.10
C ASN A 107 8.58 -15.08 4.19
N VAL A 108 8.89 -14.48 3.07
CA VAL A 108 9.51 -13.14 3.08
C VAL A 108 9.05 -12.29 1.89
N SER A 109 8.66 -11.05 2.13
CA SER A 109 8.28 -10.14 0.99
C SER A 109 9.29 -9.01 1.02
N TYR A 110 9.36 -8.18 0.01
CA TYR A 110 10.43 -7.14 0.06
C TYR A 110 10.04 -5.87 -0.68
N LEU A 111 10.96 -4.95 -0.74
CA LEU A 111 10.68 -3.65 -1.41
C LEU A 111 11.83 -3.28 -2.36
N ASN A 112 11.82 -3.80 -3.55
CA ASN A 112 12.88 -3.47 -4.55
C ASN A 112 14.25 -4.01 -4.13
N ASN A 113 14.79 -3.56 -3.03
CA ASN A 113 16.15 -4.06 -2.62
C ASN A 113 16.21 -4.45 -1.14
N ASN A 114 15.15 -4.30 -0.39
CA ASN A 114 15.20 -4.68 1.05
C ASN A 114 14.45 -5.98 1.29
N ARG A 115 15.17 -7.04 1.61
CA ARG A 115 14.51 -8.36 1.85
C ARG A 115 14.02 -8.47 3.29
N MET A 116 12.73 -8.63 3.46
CA MET A 116 12.16 -8.78 4.84
C MET A 116 12.17 -10.26 5.23
N ILE A 117 12.15 -10.55 6.50
CA ILE A 117 12.16 -11.98 6.93
C ILE A 117 10.96 -12.26 7.85
N GLN A 118 9.78 -12.18 7.30
CA GLN A 118 8.53 -12.44 8.09
C GLN A 118 8.47 -11.52 9.31
N GLY A 119 7.27 -11.29 9.75
CA GLY A 119 7.06 -10.40 10.94
C GLY A 119 8.04 -9.21 10.90
N THR A 120 8.34 -8.70 9.74
CA THR A 120 9.28 -7.54 9.65
C THR A 120 8.55 -6.34 9.06
N LYS A 121 9.06 -5.16 9.30
CA LYS A 121 8.40 -3.93 8.77
C LYS A 121 9.39 -3.11 7.94
N PHE A 122 8.89 -2.24 7.10
CA PHE A 122 9.80 -1.42 6.26
C PHE A 122 9.07 -0.19 5.72
N LEU A 123 9.80 0.82 5.31
CA LEU A 123 9.15 2.05 4.77
C LEU A 123 8.90 1.93 3.26
N LEU A 124 7.88 2.58 2.77
CA LEU A 124 7.58 2.51 1.30
C LEU A 124 7.69 3.91 0.67
N GLN A 125 7.84 3.97 -0.63
CA GLN A 125 7.95 5.30 -1.32
C GLN A 125 7.19 5.27 -2.65
N ASP A 126 7.27 6.32 -3.41
CA ASP A 126 6.55 6.35 -4.73
C ASP A 126 7.34 5.54 -5.76
N GLY A 127 6.66 4.78 -6.59
CA GLY A 127 7.39 3.98 -7.62
C GLY A 127 8.32 3.00 -6.89
N ASP A 128 7.82 2.40 -5.84
CA ASP A 128 8.63 1.44 -5.06
C ASP A 128 8.29 0.01 -5.48
N GLU A 129 8.84 -0.43 -6.58
CA GLU A 129 8.54 -1.82 -7.04
C GLU A 129 8.82 -2.81 -5.91
N ILE A 130 7.81 -3.48 -5.44
CA ILE A 130 8.00 -4.46 -4.33
C ILE A 130 7.91 -5.89 -4.86
N LYS A 131 8.12 -6.86 -4.00
CA LYS A 131 8.06 -8.27 -4.47
C LYS A 131 7.48 -9.18 -3.38
N ILE A 132 6.18 -9.19 -3.23
CA ILE A 132 5.51 -10.05 -2.21
C ILE A 132 6.26 -11.38 -2.05
N ILE A 133 6.73 -11.95 -3.13
CA ILE A 133 7.49 -13.24 -3.06
C ILE A 133 8.64 -13.23 -4.07
N TRP A 134 9.59 -14.11 -3.90
CA TRP A 134 10.73 -14.18 -4.87
C TRP A 134 11.46 -15.51 -4.74
N ASP A 135 11.13 -16.46 -5.59
CA ASP A 135 11.81 -17.78 -5.55
C ASP A 135 12.44 -18.08 -6.91
N LYS A 136 13.59 -17.53 -7.16
CA LYS A 136 14.28 -17.75 -8.47
C LYS A 136 14.46 -19.25 -8.75
N ASN A 137 14.50 -20.05 -7.72
CA ASN A 137 14.71 -21.52 -7.91
C ASN A 137 13.60 -22.14 -8.78
N ASN A 138 12.38 -21.71 -8.64
CA ASN A 138 11.28 -22.30 -9.46
C ASN A 138 10.53 -21.23 -10.26
N LYS A 139 11.21 -20.20 -10.68
CA LYS A 139 10.54 -19.13 -11.48
C LYS A 139 9.22 -18.71 -10.82
N PHE A 140 9.30 -17.95 -9.76
CA PHE A 140 8.06 -17.51 -9.05
C PHE A 140 8.32 -16.19 -8.32
N VAL A 141 8.13 -15.09 -8.99
CA VAL A 141 8.37 -13.77 -8.34
C VAL A 141 7.12 -12.89 -8.48
N ILE A 142 6.85 -12.04 -7.52
CA ILE A 142 5.65 -11.17 -7.61
C ILE A 142 6.08 -9.72 -7.84
N GLY A 143 6.72 -9.45 -8.95
CA GLY A 143 7.16 -8.06 -9.23
C GLY A 143 5.98 -7.11 -9.13
N PHE A 144 6.13 -6.04 -8.39
CA PHE A 144 5.02 -5.06 -8.23
C PHE A 144 5.57 -3.65 -8.38
N LYS A 145 4.72 -2.68 -8.61
CA LYS A 145 5.23 -1.28 -8.77
C LYS A 145 4.35 -0.30 -7.99
N VAL A 146 4.78 0.10 -6.83
CA VAL A 146 3.98 1.06 -6.03
C VAL A 146 3.89 2.39 -6.77
N GLU A 147 2.71 2.81 -7.13
CA GLU A 147 2.56 4.11 -7.86
C GLU A 147 1.66 5.05 -7.07
N ILE A 148 2.25 5.97 -6.36
CA ILE A 148 1.44 6.94 -5.57
C ILE A 148 0.83 8.00 -6.51
N ASN A 149 -0.47 8.01 -6.63
CA ASN A 149 -1.12 8.97 -7.56
C ASN A 149 -1.67 10.19 -6.82
N ASP A 150 -1.98 10.05 -5.56
CA ASP A 150 -2.54 11.20 -4.79
C ASP A 150 -1.42 12.06 -4.19
N THR A 151 -0.75 11.55 -3.19
CA THR A 151 0.36 12.34 -2.56
C THR A 151 -0.19 13.68 -2.03
N THR A 152 -1.47 13.79 -1.85
CA THR A 152 -2.07 15.07 -1.34
C THR A 152 -1.31 15.54 -0.10
N GLY A 153 -1.54 14.92 1.02
CA GLY A 153 -0.82 15.33 2.27
C GLY A 153 0.27 14.30 2.57
N LEU A 154 0.53 13.39 1.67
CA LEU A 154 1.58 12.36 1.92
C LEU A 154 2.93 13.04 2.17
N PHE A 155 3.48 12.85 3.34
CA PHE A 155 4.80 13.48 3.67
C PHE A 155 5.80 13.21 2.54
N ASN A 156 6.72 14.11 2.31
CA ASN A 156 7.73 13.91 1.22
C ASN A 156 7.02 13.71 -0.13
N GLU A 157 5.74 13.97 -0.20
CA GLU A 157 4.99 13.80 -1.48
C GLU A 157 5.34 12.45 -2.12
N GLY A 158 5.72 11.48 -1.32
CA GLY A 158 6.09 10.14 -1.87
C GLY A 158 7.17 10.31 -2.93
N LEU A 159 8.42 10.19 -2.55
CA LEU A 159 9.52 10.35 -3.55
C LEU A 159 10.86 9.91 -2.97
N GLY A 160 10.86 9.00 -2.03
CA GLY A 160 12.13 8.52 -1.41
C GLY A 160 13.16 9.67 -1.32
N MET A 161 12.97 10.57 -0.38
CA MET A 161 13.92 11.71 -0.23
C MET A 161 15.27 11.22 0.30
N LEU A 162 15.96 10.39 -0.43
CA LEU A 162 17.27 9.88 0.09
C LEU A 162 18.09 9.18 -0.99
N GLN A 163 19.19 8.61 -0.60
CA GLN A 163 20.07 7.88 -1.55
C GLN A 163 20.29 6.46 -1.02
N GLU A 164 20.32 6.32 0.29
CA GLU A 164 20.52 4.98 0.91
C GLU A 164 20.39 5.11 2.43
N GLN A 165 19.18 5.17 2.93
CA GLN A 165 18.99 5.33 4.41
C GLN A 165 17.67 4.72 4.86
N ARG A 166 17.30 3.58 4.32
CA ARG A 166 16.01 2.95 4.75
C ARG A 166 16.13 1.42 4.67
N VAL A 167 16.39 0.80 5.78
CA VAL A 167 16.52 -0.69 5.80
C VAL A 167 15.30 -1.32 6.48
N VAL A 168 15.09 -2.60 6.28
CA VAL A 168 13.91 -3.27 6.91
C VAL A 168 13.92 -3.09 8.43
N LEU A 169 12.80 -2.73 8.98
CA LEU A 169 12.70 -2.57 10.47
C LEU A 169 11.89 -3.74 11.02
N LYS A 170 12.41 -4.48 11.96
CA LYS A 170 11.65 -5.64 12.50
C LYS A 170 10.22 -5.24 12.88
N GLN A 171 9.39 -6.18 13.24
CA GLN A 171 7.98 -5.85 13.61
C GLN A 171 7.94 -4.71 14.63
N THR A 172 6.77 -4.27 14.98
CA THR A 172 6.66 -3.17 15.97
C THR A 172 5.26 -3.11 16.54
N ALA A 173 5.12 -2.63 17.76
CA ALA A 173 3.78 -2.54 18.38
C ALA A 173 3.02 -3.85 18.17
N GLU A 174 3.73 -4.95 18.04
CA GLU A 174 3.04 -6.25 17.79
C GLU A 174 2.19 -6.08 16.53
N GLU A 175 2.80 -5.70 15.42
CA GLU A 175 1.98 -5.43 14.23
C GLU A 175 0.94 -4.42 14.68
N LYS A 176 1.38 -3.56 15.57
CA LYS A 176 0.49 -2.56 16.17
C LYS A 176 -0.67 -3.29 16.85
N ASP A 177 -0.37 -4.44 17.39
CA ASP A 177 -1.38 -5.28 18.09
C ASP A 177 -2.64 -5.31 17.25
N LEU A 178 -2.47 -5.28 15.96
CA LEU A 178 -3.63 -5.31 15.04
C LEU A 178 -3.30 -6.18 13.84
N VAL A 179 -2.13 -6.04 13.30
CA VAL A 179 -1.76 -6.91 12.15
C VAL A 179 -1.22 -8.24 12.70
N LYS A 180 -1.05 -8.26 13.98
CA LYS A 180 -0.53 -9.48 14.68
C LYS A 180 -1.61 -10.57 14.71
N LYS A 181 -2.83 -10.26 14.36
CA LYS A 181 -3.91 -11.28 14.38
C LYS A 181 -4.00 -12.03 13.06
N LEU A 182 -3.09 -11.76 12.19
CA LEU A 182 -3.09 -12.44 10.86
C LEU A 182 -1.82 -13.28 10.70
N GLU A 1 -45.60 25.74 -47.54
CA GLU A 1 -44.81 25.24 -46.37
C GLU A 1 -45.74 24.62 -45.33
N ALA A 2 -45.87 23.31 -45.32
CA ALA A 2 -46.77 22.66 -44.32
C ALA A 2 -46.06 21.47 -43.66
N GLU A 3 -44.93 21.70 -43.07
CA GLU A 3 -44.19 20.59 -42.39
C GLU A 3 -44.96 20.14 -41.15
N THR A 4 -44.38 19.26 -40.36
CA THR A 4 -45.08 18.79 -39.12
C THR A 4 -44.55 19.53 -37.89
N ARG A 5 -45.02 19.15 -36.73
CA ARG A 5 -44.55 19.83 -35.47
C ARG A 5 -44.84 18.94 -34.26
N GLU A 6 -44.43 17.70 -34.31
CA GLU A 6 -44.68 16.78 -33.16
C GLU A 6 -43.57 16.92 -32.11
N GLN A 7 -43.67 17.88 -31.24
CA GLN A 7 -42.62 18.05 -30.19
C GLN A 7 -42.70 16.91 -29.16
N LYS A 8 -41.59 16.37 -28.77
CA LYS A 8 -41.62 15.25 -27.79
C LYS A 8 -40.61 15.52 -26.65
N LEU A 9 -39.52 16.17 -26.94
CA LEU A 9 -38.51 16.47 -25.88
C LEU A 9 -38.47 17.97 -25.58
N LEU A 10 -38.70 18.34 -24.36
CA LEU A 10 -38.66 19.81 -24.01
C LEU A 10 -37.22 20.31 -24.04
N HIS A 11 -37.00 21.47 -24.61
CA HIS A 11 -35.62 22.02 -24.71
C HIS A 11 -34.68 20.99 -25.32
N SER A 12 -33.43 21.31 -25.51
CA SER A 12 -32.50 20.32 -26.11
C SER A 12 -32.36 19.10 -25.18
N ASN A 13 -31.68 18.08 -25.61
CA ASN A 13 -31.52 16.87 -24.76
C ASN A 13 -30.03 16.54 -24.56
N ASN A 14 -29.15 17.38 -25.05
CA ASN A 14 -27.69 17.11 -24.89
C ASN A 14 -26.91 18.42 -24.81
N THR A 15 -27.08 19.15 -23.74
CA THR A 15 -26.35 20.44 -23.60
C THR A 15 -25.13 20.26 -22.69
N GLU A 16 -25.28 19.55 -21.60
CA GLU A 16 -24.13 19.35 -20.66
C GLU A 16 -23.62 17.91 -20.73
N ASN A 17 -23.58 17.31 -21.90
CA ASN A 17 -23.09 15.90 -22.00
C ASN A 17 -21.75 15.75 -21.27
N VAL A 18 -21.58 14.68 -20.54
CA VAL A 18 -20.30 14.47 -19.79
C VAL A 18 -19.80 13.04 -19.99
N LYS A 19 -19.32 12.72 -21.16
CA LYS A 19 -18.80 11.34 -21.38
C LYS A 19 -17.52 11.13 -20.56
N SER A 20 -16.87 12.19 -20.18
CA SER A 20 -15.63 12.06 -19.37
C SER A 20 -15.97 11.45 -18.00
N SER A 21 -15.03 10.80 -17.37
CA SER A 21 -15.33 10.18 -16.04
C SER A 21 -14.11 10.26 -15.11
N LYS A 22 -13.62 11.45 -14.86
CA LYS A 22 -12.43 11.60 -13.96
C LYS A 22 -12.84 12.32 -12.68
N LYS A 23 -13.90 11.89 -12.06
CA LYS A 23 -14.36 12.55 -10.80
C LYS A 23 -13.90 11.77 -9.58
N LYS A 24 -13.81 10.47 -9.69
CA LYS A 24 -13.34 9.65 -8.53
C LYS A 24 -11.91 10.06 -8.15
N GLY A 25 -11.19 9.19 -7.50
CA GLY A 25 -9.79 9.54 -7.11
C GLY A 25 -9.75 9.97 -5.63
N ASN A 26 -10.89 10.23 -5.04
CA ASN A 26 -10.90 10.64 -3.61
C ASN A 26 -10.92 9.40 -2.71
N GLY A 27 -10.00 8.49 -2.92
CA GLY A 27 -9.96 7.25 -2.09
C GLY A 27 -8.88 6.31 -2.64
N ARG A 28 -7.77 6.87 -3.03
CA ARG A 28 -6.66 6.05 -3.60
C ARG A 28 -5.36 6.82 -3.47
N PHE A 29 -4.45 6.30 -2.69
CA PHE A 29 -3.16 7.01 -2.49
C PHE A 29 -2.04 6.28 -3.21
N LEU A 30 -2.06 4.99 -3.15
CA LEU A 30 -0.99 4.19 -3.81
C LEU A 30 -1.59 3.12 -4.71
N THR A 31 -1.11 3.04 -5.93
CA THR A 31 -1.63 2.01 -6.85
C THR A 31 -0.61 0.87 -6.91
N LEU A 32 -0.85 -0.21 -6.21
CA LEU A 32 0.13 -1.34 -6.25
C LEU A 32 0.22 -1.84 -7.68
N LYS A 33 1.26 -1.49 -8.38
CA LYS A 33 1.37 -1.90 -9.81
C LYS A 33 2.29 -3.13 -10.00
N PRO A 34 1.67 -4.26 -10.09
CA PRO A 34 2.41 -5.52 -10.36
C PRO A 34 2.74 -5.53 -11.83
N LEU A 35 3.90 -5.96 -12.21
CA LEU A 35 4.21 -5.95 -13.66
C LEU A 35 4.15 -7.36 -14.26
N PRO A 36 4.44 -7.43 -15.53
CA PRO A 36 4.40 -8.72 -16.25
C PRO A 36 5.54 -9.65 -15.80
N ASP A 37 6.52 -9.11 -15.11
CA ASP A 37 7.62 -9.97 -14.59
C ASP A 37 7.18 -10.59 -13.27
N SER A 38 6.13 -10.06 -12.69
CA SER A 38 5.60 -10.59 -11.40
C SER A 38 4.43 -11.53 -11.68
N ILE A 39 4.33 -12.62 -10.95
CA ILE A 39 3.20 -13.56 -11.18
C ILE A 39 1.88 -12.78 -11.22
N ILE A 40 1.82 -11.64 -10.57
CA ILE A 40 0.57 -10.83 -10.62
C ILE A 40 0.67 -9.85 -11.77
N GLN A 41 -0.42 -9.21 -12.12
CA GLN A 41 -0.39 -8.22 -13.20
C GLN A 41 -1.63 -7.35 -13.12
N GLU A 42 -1.39 -6.06 -13.10
CA GLU A 42 -2.48 -5.00 -13.02
C GLU A 42 -2.38 -4.26 -11.71
N SER A 43 -2.38 -2.99 -11.82
CA SER A 43 -2.24 -2.11 -10.62
C SER A 43 -3.41 -2.23 -9.64
N LEU A 44 -3.10 -2.24 -8.37
CA LEU A 44 -4.16 -2.32 -7.32
C LEU A 44 -4.33 -0.90 -6.74
N GLU A 45 -5.09 -0.73 -5.70
CA GLU A 45 -5.27 0.65 -5.15
C GLU A 45 -5.36 0.65 -3.62
N ILE A 46 -4.38 1.24 -2.96
CA ILE A 46 -4.42 1.30 -1.47
C ILE A 46 -5.01 2.65 -1.04
N GLN A 47 -6.27 2.66 -0.71
CA GLN A 47 -6.97 3.92 -0.30
C GLN A 47 -6.17 4.72 0.73
N GLN A 48 -5.86 5.95 0.42
CA GLN A 48 -5.10 6.87 1.35
C GLN A 48 -4.39 6.11 2.48
N GLY A 49 -3.59 5.12 2.16
CA GLY A 49 -2.89 4.36 3.23
C GLY A 49 -3.94 3.63 4.05
N VAL A 50 -4.56 2.64 3.47
CA VAL A 50 -5.63 1.86 4.18
C VAL A 50 -5.29 1.69 5.66
N ASN A 51 -4.03 1.52 5.97
CA ASN A 51 -3.62 1.37 7.40
C ASN A 51 -4.58 0.43 8.16
N PRO A 52 -4.29 -0.84 8.15
CA PRO A 52 -3.15 -1.41 7.42
C PRO A 52 -3.61 -2.00 6.09
N PHE A 53 -2.69 -2.28 5.22
CA PHE A 53 -3.07 -2.88 3.90
C PHE A 53 -2.31 -4.19 3.68
N PHE A 54 -2.76 -5.27 4.28
CA PHE A 54 -2.04 -6.56 4.08
C PHE A 54 -2.05 -6.95 2.61
N ILE A 55 -1.44 -8.05 2.29
CA ILE A 55 -1.40 -8.53 0.89
C ILE A 55 -0.84 -9.96 0.90
N GLY A 56 -1.34 -10.82 0.09
CA GLY A 56 -0.79 -12.21 0.10
C GLY A 56 -1.55 -13.10 -0.87
N ARG A 57 -1.57 -14.37 -0.59
CA ARG A 57 -2.28 -15.33 -1.49
C ARG A 57 -3.78 -15.41 -1.17
N SER A 58 -4.21 -14.75 -0.13
CA SER A 58 -5.66 -14.83 0.23
C SER A 58 -6.28 -13.44 0.31
N GLU A 59 -7.53 -13.33 -0.05
CA GLU A 59 -8.21 -12.01 0.03
C GLU A 59 -8.25 -11.55 1.50
N ASP A 60 -8.01 -12.45 2.43
CA ASP A 60 -8.03 -12.07 3.88
C ASP A 60 -7.23 -10.78 4.03
N CYS A 61 -6.20 -10.62 3.24
CA CYS A 61 -5.40 -9.39 3.31
C CYS A 61 -6.20 -8.22 2.74
N ASN A 62 -5.74 -7.02 2.95
CA ASN A 62 -6.47 -5.84 2.43
C ASN A 62 -6.46 -5.88 0.90
N CYS A 63 -5.66 -6.73 0.33
CA CYS A 63 -5.58 -6.80 -1.16
C CYS A 63 -5.72 -8.24 -1.65
N LYS A 64 -4.89 -8.62 -2.59
CA LYS A 64 -4.95 -10.01 -3.15
C LYS A 64 -3.78 -10.26 -4.09
N ILE A 65 -2.77 -10.94 -3.62
CA ILE A 65 -1.59 -11.23 -4.50
C ILE A 65 -1.65 -12.68 -4.98
N GLU A 66 -2.81 -13.26 -4.88
CA GLU A 66 -3.05 -14.68 -5.32
C GLU A 66 -1.76 -15.38 -5.78
N ASP A 67 -0.90 -15.72 -4.86
CA ASP A 67 0.36 -16.41 -5.21
C ASP A 67 0.73 -17.41 -4.11
N ASN A 68 0.61 -18.67 -4.42
CA ASN A 68 0.92 -19.77 -3.43
C ASN A 68 2.08 -19.39 -2.50
N ARG A 69 3.23 -19.06 -3.04
CA ARG A 69 4.40 -18.68 -2.17
C ARG A 69 3.95 -17.71 -1.09
N LEU A 70 2.88 -17.01 -1.32
CA LEU A 70 2.39 -16.08 -0.28
C LEU A 70 1.56 -16.87 0.73
N SER A 71 1.71 -16.56 1.99
CA SER A 71 0.95 -17.31 3.03
C SER A 71 -0.39 -16.64 3.29
N ARG A 72 -1.02 -16.14 2.26
CA ARG A 72 -2.36 -15.46 2.41
C ARG A 72 -2.18 -14.02 2.88
N VAL A 73 -1.48 -13.84 3.97
CA VAL A 73 -1.19 -12.48 4.48
C VAL A 73 0.33 -12.37 4.46
N HIS A 74 0.88 -13.06 3.49
CA HIS A 74 2.33 -13.14 3.26
C HIS A 74 3.05 -11.85 3.59
N CYS A 75 2.67 -10.83 2.94
CA CYS A 75 3.32 -9.50 3.20
C CYS A 75 2.35 -8.64 4.00
N PHE A 76 2.80 -7.63 4.69
CA PHE A 76 1.81 -6.78 5.44
C PHE A 76 2.19 -5.31 5.40
N ILE A 77 1.46 -4.51 4.65
CA ILE A 77 1.76 -3.06 4.62
C ILE A 77 0.96 -2.38 5.73
N PHE A 78 1.46 -1.31 6.24
CA PHE A 78 0.75 -0.59 7.33
C PHE A 78 0.86 0.91 7.07
N LYS A 79 0.25 1.72 7.87
CA LYS A 79 0.32 3.18 7.64
C LYS A 79 0.40 3.91 8.99
N LYS A 80 0.92 5.11 9.00
CA LYS A 80 1.00 5.87 10.28
C LYS A 80 1.67 7.23 10.10
N ARG A 81 1.47 8.12 11.03
CA ARG A 81 2.09 9.47 10.94
C ARG A 81 3.59 9.35 10.70
N HIS A 82 4.16 10.29 9.99
CA HIS A 82 5.63 10.24 9.74
C HIS A 82 6.38 10.34 11.06
N ALA A 83 6.22 11.45 11.75
CA ALA A 83 6.93 11.64 13.05
C ALA A 83 8.44 11.57 12.83
N VAL A 84 9.18 12.45 13.45
CA VAL A 84 10.66 12.42 13.26
C VAL A 84 11.27 11.29 14.08
N GLY A 85 12.40 10.78 13.67
CA GLY A 85 13.04 9.67 14.41
C GLY A 85 14.54 9.92 14.53
N LYS A 86 15.33 9.16 13.81
CA LYS A 86 16.81 9.36 13.88
C LYS A 86 17.27 10.45 12.90
N SER A 87 17.59 11.62 13.40
CA SER A 87 18.04 12.75 12.52
C SER A 87 17.29 12.74 11.19
N MET A 88 16.04 12.37 11.20
CA MET A 88 15.27 12.36 9.92
C MET A 88 14.99 13.80 9.46
N TYR A 89 15.79 14.31 8.56
CA TYR A 89 15.58 15.70 8.06
C TYR A 89 15.31 16.66 9.22
N GLU A 90 14.67 17.77 8.94
CA GLU A 90 14.38 18.76 10.03
C GLU A 90 12.99 19.35 9.85
N SER A 91 12.18 18.80 8.98
CA SER A 91 10.81 19.36 8.78
C SER A 91 9.78 18.52 9.55
N PRO A 92 9.21 19.12 10.58
CA PRO A 92 8.20 18.40 11.40
C PRO A 92 6.93 18.21 10.58
N ALA A 93 5.81 18.09 11.23
CA ALA A 93 4.52 17.91 10.50
C ALA A 93 3.35 17.77 11.48
N GLN A 94 3.48 16.92 12.45
CA GLN A 94 2.36 16.71 13.43
C GLN A 94 1.08 16.34 12.70
N GLY A 95 1.20 15.68 11.59
CA GLY A 95 -0.01 15.28 10.82
C GLY A 95 0.40 14.40 9.63
N LEU A 96 -0.40 14.37 8.61
CA LEU A 96 -0.06 13.53 7.42
C LEU A 96 0.13 12.08 7.87
N ASP A 97 0.61 11.21 7.01
CA ASP A 97 0.78 9.80 7.43
C ASP A 97 1.63 9.03 6.42
N ASP A 98 2.67 8.38 6.87
CA ASP A 98 3.54 7.60 5.95
C ASP A 98 3.05 6.14 5.88
N ILE A 99 3.49 5.42 4.89
CA ILE A 99 3.06 3.99 4.78
C ILE A 99 4.18 3.08 5.24
N TRP A 100 3.85 1.94 5.79
CA TRP A 100 4.91 1.02 6.27
C TRP A 100 4.76 -0.39 5.67
N TYR A 101 5.60 -0.74 4.74
CA TYR A 101 5.52 -2.12 4.17
C TYR A 101 6.08 -3.09 5.19
N CYS A 102 5.33 -4.09 5.59
CA CYS A 102 5.86 -5.04 6.61
C CYS A 102 5.50 -6.49 6.28
N HIS A 103 6.48 -7.33 6.00
CA HIS A 103 6.15 -8.77 5.70
C HIS A 103 5.45 -9.38 6.92
N THR A 104 4.99 -10.61 6.82
CA THR A 104 4.30 -11.25 7.98
C THR A 104 4.14 -12.75 7.74
N GLY A 105 3.93 -13.16 6.53
CA GLY A 105 3.76 -14.62 6.25
C GLY A 105 5.02 -15.36 6.70
N THR A 106 5.18 -16.57 6.27
CA THR A 106 6.39 -17.36 6.66
C THR A 106 7.58 -17.00 5.76
N ASN A 107 7.31 -16.28 4.72
CA ASN A 107 8.37 -15.91 3.75
C ASN A 107 9.11 -14.63 4.17
N VAL A 108 9.48 -13.79 3.25
CA VAL A 108 10.24 -12.56 3.64
C VAL A 108 9.97 -11.36 2.70
N SER A 109 8.75 -11.19 2.21
CA SER A 109 8.43 -10.03 1.26
C SER A 109 9.46 -8.90 1.37
N TYR A 110 9.62 -8.10 0.35
CA TYR A 110 10.67 -7.05 0.41
C TYR A 110 10.30 -5.81 -0.41
N LEU A 111 10.99 -4.72 -0.13
CA LEU A 111 10.73 -3.44 -0.86
C LEU A 111 11.93 -3.11 -1.74
N ASN A 112 11.92 -3.53 -2.97
CA ASN A 112 13.04 -3.25 -3.90
C ASN A 112 14.32 -3.98 -3.48
N ASN A 113 14.88 -3.65 -2.34
CA ASN A 113 16.15 -4.33 -1.90
C ASN A 113 16.13 -4.66 -0.41
N ASN A 114 15.15 -4.20 0.31
CA ASN A 114 15.11 -4.49 1.77
C ASN A 114 14.35 -5.78 2.05
N ARG A 115 15.04 -6.78 2.53
CA ARG A 115 14.38 -8.08 2.81
C ARG A 115 13.61 -8.04 4.14
N MET A 116 12.32 -8.25 4.09
CA MET A 116 11.51 -8.25 5.34
C MET A 116 11.12 -9.68 5.69
N ILE A 117 11.77 -10.29 6.65
CA ILE A 117 11.44 -11.70 6.99
C ILE A 117 10.03 -11.78 7.58
N GLN A 118 9.53 -12.97 7.78
CA GLN A 118 8.16 -13.12 8.34
C GLN A 118 7.96 -12.20 9.54
N GLY A 119 7.16 -11.20 9.35
CA GLY A 119 6.86 -10.26 10.48
C GLY A 119 7.88 -9.11 10.55
N THR A 120 8.17 -8.46 9.45
CA THR A 120 9.13 -7.31 9.50
C THR A 120 8.40 -6.06 9.01
N LYS A 121 8.92 -4.89 9.31
CA LYS A 121 8.24 -3.66 8.82
C LYS A 121 9.23 -2.82 8.03
N PHE A 122 8.74 -1.95 7.18
CA PHE A 122 9.66 -1.11 6.37
C PHE A 122 8.93 0.11 5.80
N LEU A 123 9.63 1.17 5.50
CA LEU A 123 8.97 2.39 4.96
C LEU A 123 8.70 2.25 3.45
N LEU A 124 7.68 2.91 2.98
CA LEU A 124 7.35 2.84 1.52
C LEU A 124 7.53 4.22 0.88
N GLN A 125 7.98 4.27 -0.35
CA GLN A 125 8.18 5.58 -1.02
C GLN A 125 7.43 5.60 -2.37
N ASP A 126 7.52 6.67 -3.11
CA ASP A 126 6.80 6.72 -4.42
C ASP A 126 7.55 5.90 -5.47
N GLY A 127 6.85 5.19 -6.31
CA GLY A 127 7.55 4.37 -7.34
C GLY A 127 8.48 3.39 -6.63
N ASP A 128 8.01 2.80 -5.57
CA ASP A 128 8.85 1.84 -4.80
C ASP A 128 8.39 0.41 -5.07
N GLU A 129 8.82 -0.16 -6.15
CA GLU A 129 8.42 -1.55 -6.49
C GLU A 129 8.70 -2.47 -5.30
N ILE A 130 7.84 -3.43 -5.07
CA ILE A 130 8.06 -4.37 -3.93
C ILE A 130 8.04 -5.81 -4.42
N LYS A 131 8.16 -6.75 -3.54
CA LYS A 131 8.17 -8.17 -3.98
C LYS A 131 7.62 -9.08 -2.88
N ILE A 132 6.33 -9.12 -2.74
CA ILE A 132 5.70 -10.00 -1.71
C ILE A 132 6.54 -11.27 -1.51
N ILE A 133 7.07 -11.82 -2.57
CA ILE A 133 7.92 -13.04 -2.46
C ILE A 133 8.86 -13.15 -3.67
N TRP A 134 10.01 -13.72 -3.51
CA TRP A 134 10.94 -13.86 -4.66
C TRP A 134 11.54 -15.28 -4.68
N ASP A 135 12.39 -15.61 -3.74
CA ASP A 135 13.01 -16.96 -3.73
C ASP A 135 13.47 -17.34 -5.14
N LYS A 136 14.60 -16.86 -5.56
CA LYS A 136 15.10 -17.18 -6.94
C LYS A 136 15.35 -18.69 -7.09
N ASN A 137 15.37 -19.42 -6.01
CA ASN A 137 15.62 -20.89 -6.09
C ASN A 137 14.30 -21.64 -6.28
N ASN A 138 13.40 -21.10 -7.06
CA ASN A 138 12.10 -21.80 -7.26
C ASN A 138 11.26 -21.09 -8.33
N LYS A 139 11.87 -20.32 -9.20
CA LYS A 139 11.10 -19.60 -10.27
C LYS A 139 9.83 -18.99 -9.69
N PHE A 140 9.91 -17.79 -9.17
CA PHE A 140 8.70 -17.14 -8.59
C PHE A 140 9.04 -15.70 -8.19
N VAL A 141 8.32 -14.75 -8.70
CA VAL A 141 8.62 -13.33 -8.32
C VAL A 141 7.35 -12.49 -8.35
N ILE A 142 7.10 -11.74 -7.31
CA ILE A 142 5.88 -10.88 -7.30
C ILE A 142 6.29 -9.43 -7.45
N GLY A 143 7.00 -9.12 -8.49
CA GLY A 143 7.46 -7.72 -8.71
C GLY A 143 6.26 -6.79 -8.66
N PHE A 144 6.39 -5.69 -7.97
CA PHE A 144 5.28 -4.72 -7.89
C PHE A 144 5.82 -3.32 -8.11
N LYS A 145 4.97 -2.34 -8.24
CA LYS A 145 5.46 -0.95 -8.46
C LYS A 145 4.60 0.04 -7.67
N VAL A 146 5.05 0.44 -6.51
CA VAL A 146 4.25 1.41 -5.71
C VAL A 146 4.07 2.70 -6.52
N GLU A 147 2.87 2.96 -6.95
CA GLU A 147 2.62 4.19 -7.75
C GLU A 147 1.71 5.15 -6.98
N ILE A 148 2.28 6.10 -6.29
CA ILE A 148 1.46 7.08 -5.52
C ILE A 148 0.87 8.10 -6.50
N ASN A 149 -0.44 8.12 -6.61
CA ASN A 149 -1.09 9.06 -7.57
C ASN A 149 -1.68 10.27 -6.84
N ASP A 150 -2.13 10.07 -5.63
CA ASP A 150 -2.75 11.19 -4.85
C ASP A 150 -1.71 11.97 -4.04
N THR A 151 -1.22 11.39 -2.97
CA THR A 151 -0.21 12.10 -2.12
C THR A 151 -0.80 13.39 -1.55
N THR A 152 -2.11 13.54 -1.58
CA THR A 152 -2.73 14.79 -1.04
C THR A 152 -2.20 15.07 0.37
N GLY A 153 -2.59 14.28 1.33
CA GLY A 153 -2.10 14.50 2.73
C GLY A 153 -0.97 13.50 3.04
N LEU A 154 -0.51 12.77 2.05
CA LEU A 154 0.59 11.80 2.29
C LEU A 154 1.88 12.55 2.61
N PHE A 155 2.37 12.42 3.82
CA PHE A 155 3.63 13.14 4.19
C PHE A 155 4.71 12.86 3.14
N ASN A 156 5.63 13.78 2.97
CA ASN A 156 6.72 13.59 1.96
C ASN A 156 6.15 13.55 0.54
N GLU A 157 4.89 13.86 0.36
CA GLU A 157 4.30 13.84 -1.01
C GLU A 157 4.78 12.62 -1.79
N GLY A 158 4.97 11.51 -1.13
CA GLY A 158 5.44 10.28 -1.83
C GLY A 158 6.76 10.60 -2.55
N LEU A 159 7.86 10.44 -1.89
CA LEU A 159 9.19 10.72 -2.52
C LEU A 159 10.31 10.50 -1.51
N GLY A 160 10.48 9.28 -1.05
CA GLY A 160 11.55 9.01 -0.06
C GLY A 160 12.92 9.29 -0.67
N MET A 161 13.73 10.06 0.00
CA MET A 161 15.10 10.38 -0.53
C MET A 161 15.76 9.12 -1.10
N LEU A 162 15.95 9.07 -2.39
CA LEU A 162 16.58 7.87 -3.01
C LEU A 162 18.06 7.82 -2.69
N GLN A 163 18.40 7.61 -1.44
CA GLN A 163 19.84 7.53 -1.05
C GLN A 163 20.04 6.38 -0.05
N GLU A 164 19.28 5.34 -0.18
CA GLU A 164 19.44 4.17 0.76
C GLU A 164 19.34 4.63 2.21
N GLN A 165 18.46 5.55 2.51
CA GLN A 165 18.33 6.02 3.92
C GLN A 165 17.10 5.40 4.59
N ARG A 166 16.87 4.14 4.38
CA ARG A 166 15.69 3.48 4.99
C ARG A 166 15.83 1.96 4.90
N VAL A 167 16.08 1.30 6.01
CA VAL A 167 16.24 -0.18 6.00
C VAL A 167 15.05 -0.84 6.70
N VAL A 168 14.79 -2.07 6.39
CA VAL A 168 13.65 -2.79 7.02
C VAL A 168 13.74 -2.74 8.54
N LEU A 169 12.62 -2.51 9.19
CA LEU A 169 12.61 -2.48 10.68
C LEU A 169 11.74 -3.63 11.16
N LYS A 170 12.25 -4.46 12.03
CA LYS A 170 11.45 -5.61 12.53
C LYS A 170 10.03 -5.15 12.88
N GLN A 171 9.12 -6.08 13.01
CA GLN A 171 7.71 -5.70 13.36
C GLN A 171 7.66 -4.79 14.58
N THR A 172 6.50 -4.59 15.13
CA THR A 172 6.38 -3.71 16.33
C THR A 172 4.95 -3.72 16.86
N ALA A 173 4.78 -3.35 18.11
CA ALA A 173 3.42 -3.33 18.70
C ALA A 173 2.70 -4.64 18.34
N GLU A 174 3.42 -5.70 18.09
CA GLU A 174 2.75 -6.97 17.69
C GLU A 174 1.91 -6.68 16.46
N GLU A 175 2.55 -6.20 15.40
CA GLU A 175 1.74 -5.81 14.22
C GLU A 175 0.67 -4.88 14.76
N LYS A 176 1.07 -4.16 15.79
CA LYS A 176 0.15 -3.23 16.47
C LYS A 176 -1.01 -4.02 17.08
N ASP A 177 -0.70 -5.20 17.55
CA ASP A 177 -1.73 -6.09 18.17
C ASP A 177 -2.99 -6.05 17.31
N LEU A 178 -2.78 -5.93 16.04
CA LEU A 178 -3.94 -5.88 15.11
C LEU A 178 -3.59 -6.60 13.81
N VAL A 179 -2.40 -6.41 13.33
CA VAL A 179 -2.01 -7.13 12.08
C VAL A 179 -1.37 -8.47 12.47
N LYS A 180 -1.15 -8.65 13.73
CA LYS A 180 -0.55 -9.91 14.23
C LYS A 180 -1.55 -11.07 14.10
N LYS A 181 -2.76 -10.78 13.73
CA LYS A 181 -3.79 -11.85 13.59
C LYS A 181 -3.74 -12.45 12.19
N LEU A 182 -2.76 -12.08 11.45
CA LEU A 182 -2.60 -12.60 10.06
C LEU A 182 -1.23 -13.26 9.89
N GLU A 1 -27.34 23.82 20.86
CA GLU A 1 -27.41 22.97 19.64
C GLU A 1 -26.34 21.86 19.70
N ALA A 2 -25.53 21.86 20.73
CA ALA A 2 -24.47 20.81 20.83
C ALA A 2 -24.84 19.76 21.89
N GLU A 3 -25.28 20.21 23.04
CA GLU A 3 -25.66 19.23 24.12
C GLU A 3 -27.09 18.74 23.90
N THR A 4 -27.85 19.42 23.07
CA THR A 4 -29.25 18.98 22.81
C THR A 4 -29.40 18.48 21.37
N ARG A 5 -29.24 17.20 21.17
CA ARG A 5 -29.38 16.64 19.78
C ARG A 5 -29.21 15.12 19.79
N GLU A 6 -30.29 14.40 19.71
CA GLU A 6 -30.20 12.90 19.72
C GLU A 6 -29.56 12.42 18.41
N GLN A 7 -29.04 11.23 18.41
CA GLN A 7 -28.41 10.69 17.17
C GLN A 7 -29.36 9.71 16.49
N LYS A 8 -29.42 9.73 15.19
CA LYS A 8 -30.33 8.79 14.47
C LYS A 8 -29.54 7.99 13.43
N LEU A 9 -28.77 7.02 13.86
CA LEU A 9 -27.97 6.20 12.90
C LEU A 9 -28.87 5.67 11.77
N LEU A 10 -30.14 5.55 12.01
CA LEU A 10 -31.06 5.05 10.96
C LEU A 10 -31.01 5.98 9.74
N HIS A 11 -31.00 7.27 9.98
CA HIS A 11 -30.94 8.24 8.85
C HIS A 11 -29.64 8.04 8.07
N SER A 12 -29.65 8.36 6.81
CA SER A 12 -28.41 8.19 5.98
C SER A 12 -28.68 8.66 4.54
N ASN A 13 -29.81 8.28 3.99
CA ASN A 13 -30.14 8.69 2.60
C ASN A 13 -28.98 8.32 1.65
N ASN A 14 -29.04 7.15 1.08
CA ASN A 14 -27.96 6.72 0.13
C ASN A 14 -26.61 6.68 0.87
N THR A 15 -25.53 6.79 0.13
CA THR A 15 -24.19 6.76 0.78
C THR A 15 -23.49 8.12 0.63
N GLU A 16 -23.76 8.82 -0.43
CA GLU A 16 -23.10 10.14 -0.62
C GLU A 16 -23.96 11.26 -0.04
N ASN A 17 -23.35 12.34 0.36
CA ASN A 17 -24.12 13.48 0.95
C ASN A 17 -25.15 14.01 -0.05
N VAL A 18 -25.70 15.16 0.20
CA VAL A 18 -26.73 15.74 -0.72
C VAL A 18 -26.09 16.21 -2.03
N LYS A 19 -24.79 16.20 -2.12
CA LYS A 19 -24.13 16.66 -3.38
C LYS A 19 -23.84 15.46 -4.31
N SER A 20 -24.61 15.30 -5.34
CA SER A 20 -24.38 14.17 -6.28
C SER A 20 -22.98 14.26 -6.89
N SER A 21 -22.28 13.16 -6.96
CA SER A 21 -20.90 13.19 -7.54
C SER A 21 -20.82 12.24 -8.74
N LYS A 22 -20.22 12.69 -9.81
CA LYS A 22 -20.11 11.84 -11.02
C LYS A 22 -19.18 10.64 -10.77
N LYS A 23 -17.89 10.82 -10.93
CA LYS A 23 -16.94 9.68 -10.72
C LYS A 23 -15.89 10.06 -9.67
N LYS A 24 -16.11 11.11 -8.94
CA LYS A 24 -15.11 11.53 -7.90
C LYS A 24 -15.40 10.83 -6.57
N GLY A 25 -14.61 11.10 -5.57
CA GLY A 25 -14.83 10.45 -4.24
C GLY A 25 -14.31 9.02 -4.28
N ASN A 26 -13.05 8.83 -4.60
CA ASN A 26 -12.49 7.45 -4.64
C ASN A 26 -11.74 7.13 -3.35
N GLY A 27 -10.62 7.75 -3.13
CA GLY A 27 -9.85 7.48 -1.87
C GLY A 27 -8.68 6.54 -2.19
N ARG A 28 -7.96 6.80 -3.23
CA ARG A 28 -6.80 5.94 -3.60
C ARG A 28 -5.52 6.69 -3.35
N PHE A 29 -4.60 6.09 -2.66
CA PHE A 29 -3.30 6.75 -2.36
C PHE A 29 -2.20 6.07 -3.13
N LEU A 30 -2.27 4.79 -3.20
CA LEU A 30 -1.20 4.03 -3.91
C LEU A 30 -1.77 3.00 -4.89
N THR A 31 -1.22 2.94 -6.07
CA THR A 31 -1.67 1.93 -7.07
C THR A 31 -0.58 0.88 -7.20
N LEU A 32 -0.76 -0.28 -6.63
CA LEU A 32 0.28 -1.34 -6.72
C LEU A 32 0.31 -1.92 -8.13
N LYS A 33 1.26 -1.51 -8.93
CA LYS A 33 1.33 -2.02 -10.33
C LYS A 33 2.36 -3.15 -10.48
N PRO A 34 1.90 -4.36 -10.38
CA PRO A 34 2.82 -5.51 -10.52
C PRO A 34 3.18 -5.66 -11.99
N LEU A 35 4.36 -6.10 -12.28
CA LEU A 35 4.76 -6.24 -13.69
C LEU A 35 4.60 -7.69 -14.14
N PRO A 36 4.90 -7.93 -15.39
CA PRO A 36 4.78 -9.29 -15.98
C PRO A 36 5.89 -10.21 -15.48
N ASP A 37 7.02 -9.67 -15.11
CA ASP A 37 8.13 -10.53 -14.60
C ASP A 37 7.68 -11.31 -13.36
N SER A 38 6.61 -10.90 -12.74
CA SER A 38 6.11 -11.59 -11.52
C SER A 38 4.89 -12.45 -11.85
N ILE A 39 4.63 -13.47 -11.05
CA ILE A 39 3.42 -14.31 -11.32
C ILE A 39 2.21 -13.39 -11.42
N ILE A 40 2.30 -12.24 -10.80
CA ILE A 40 1.20 -11.25 -10.87
C ILE A 40 1.56 -10.21 -11.94
N GLN A 41 0.64 -9.36 -12.31
CA GLN A 41 0.94 -8.32 -13.32
C GLN A 41 -0.34 -7.57 -13.67
N GLU A 42 -0.38 -6.31 -13.35
CA GLU A 42 -1.60 -5.48 -13.61
C GLU A 42 -1.51 -4.21 -12.76
N SER A 43 -2.36 -4.08 -11.81
CA SER A 43 -2.34 -2.90 -10.92
C SER A 43 -3.37 -3.03 -9.81
N LEU A 44 -2.98 -2.73 -8.60
CA LEU A 44 -3.92 -2.79 -7.46
C LEU A 44 -4.21 -1.37 -7.01
N GLU A 45 -5.01 -1.20 -5.99
CA GLU A 45 -5.32 0.19 -5.55
C GLU A 45 -5.47 0.29 -4.02
N ILE A 46 -4.39 0.46 -3.31
CA ILE A 46 -4.50 0.60 -1.83
C ILE A 46 -5.22 1.91 -1.51
N GLN A 47 -6.47 1.80 -1.13
CA GLN A 47 -7.28 3.02 -0.84
C GLN A 47 -6.63 3.92 0.21
N GLN A 48 -6.32 5.13 -0.16
CA GLN A 48 -5.70 6.12 0.77
C GLN A 48 -4.86 5.45 1.86
N GLY A 49 -4.06 4.48 1.50
CA GLY A 49 -3.23 3.80 2.53
C GLY A 49 -4.17 3.14 3.53
N VAL A 50 -4.85 2.12 3.11
CA VAL A 50 -5.84 1.43 3.98
C VAL A 50 -5.41 1.44 5.45
N ASN A 51 -4.13 1.30 5.71
CA ASN A 51 -3.67 1.31 7.13
C ASN A 51 -4.53 0.39 8.00
N PRO A 52 -4.21 -0.88 8.02
CA PRO A 52 -3.11 -1.46 7.22
C PRO A 52 -3.64 -2.07 5.92
N PHE A 53 -2.76 -2.40 5.01
CA PHE A 53 -3.19 -3.05 3.74
C PHE A 53 -2.38 -4.32 3.51
N PHE A 54 -2.90 -5.45 3.92
CA PHE A 54 -2.15 -6.72 3.70
C PHE A 54 -2.28 -7.14 2.25
N ILE A 55 -1.61 -8.18 1.86
CA ILE A 55 -1.73 -8.66 0.45
C ILE A 55 -0.99 -9.99 0.31
N GLY A 56 -1.69 -11.02 -0.05
CA GLY A 56 -1.00 -12.33 -0.20
C GLY A 56 -1.95 -13.37 -0.76
N ARG A 57 -1.95 -14.54 -0.20
CA ARG A 57 -2.86 -15.60 -0.72
C ARG A 57 -4.17 -15.63 0.06
N SER A 58 -4.26 -14.91 1.15
CA SER A 58 -5.53 -14.90 1.93
C SER A 58 -6.35 -13.66 1.60
N GLU A 59 -7.54 -13.81 1.10
CA GLU A 59 -8.37 -12.62 0.79
C GLU A 59 -8.53 -11.78 2.07
N ASP A 60 -8.33 -12.38 3.21
CA ASP A 60 -8.43 -11.62 4.48
C ASP A 60 -7.56 -10.37 4.40
N CYS A 61 -6.59 -10.38 3.51
CA CYS A 61 -5.72 -9.19 3.36
C CYS A 61 -6.53 -8.09 2.70
N ASN A 62 -6.09 -6.88 2.79
CA ASN A 62 -6.86 -5.78 2.14
C ASN A 62 -6.92 -6.04 0.63
N CYS A 63 -6.13 -6.96 0.16
CA CYS A 63 -6.12 -7.26 -1.29
C CYS A 63 -5.77 -8.74 -1.49
N LYS A 64 -5.07 -9.06 -2.54
CA LYS A 64 -4.72 -10.48 -2.78
C LYS A 64 -3.65 -10.62 -3.86
N ILE A 65 -2.66 -11.42 -3.60
CA ILE A 65 -1.56 -11.63 -4.59
C ILE A 65 -1.62 -13.07 -5.09
N GLU A 66 -2.76 -13.67 -4.95
CA GLU A 66 -3.00 -15.09 -5.39
C GLU A 66 -1.71 -15.80 -5.80
N ASP A 67 -0.91 -16.17 -4.86
CA ASP A 67 0.35 -16.90 -5.17
C ASP A 67 0.63 -17.94 -4.07
N ASN A 68 0.46 -19.19 -4.41
CA ASN A 68 0.67 -20.31 -3.44
C ASN A 68 1.88 -20.06 -2.51
N ARG A 69 3.02 -19.75 -3.07
CA ARG A 69 4.23 -19.50 -2.22
C ARG A 69 3.89 -18.56 -1.06
N LEU A 70 2.88 -17.76 -1.20
CA LEU A 70 2.50 -16.85 -0.09
C LEU A 70 1.80 -17.65 1.01
N SER A 71 2.05 -17.30 2.25
CA SER A 71 1.41 -18.04 3.37
C SER A 71 0.11 -17.35 3.77
N ARG A 72 -0.58 -16.74 2.84
CA ARG A 72 -1.84 -16.02 3.19
C ARG A 72 -1.45 -14.83 4.05
N VAL A 73 -1.72 -13.64 3.59
CA VAL A 73 -1.27 -12.45 4.37
C VAL A 73 0.27 -12.47 4.35
N HIS A 74 0.79 -13.04 3.29
CA HIS A 74 2.26 -13.18 3.11
C HIS A 74 2.95 -11.89 3.53
N CYS A 75 2.68 -10.82 2.84
CA CYS A 75 3.31 -9.53 3.22
C CYS A 75 2.26 -8.69 3.96
N PHE A 76 2.66 -7.66 4.64
CA PHE A 76 1.64 -6.81 5.34
C PHE A 76 2.04 -5.34 5.27
N ILE A 77 1.38 -4.57 4.45
CA ILE A 77 1.73 -3.12 4.38
C ILE A 77 0.92 -2.38 5.45
N PHE A 78 1.44 -1.30 5.93
CA PHE A 78 0.73 -0.51 6.97
C PHE A 78 0.79 0.96 6.58
N LYS A 79 0.09 1.81 7.29
CA LYS A 79 0.11 3.24 6.91
C LYS A 79 -0.12 4.11 8.17
N LYS A 80 0.56 5.22 8.27
CA LYS A 80 0.38 6.08 9.50
C LYS A 80 1.01 7.46 9.32
N ARG A 81 1.15 8.19 10.39
CA ARG A 81 1.75 9.56 10.32
C ARG A 81 3.28 9.47 10.30
N HIS A 82 3.93 10.30 9.53
CA HIS A 82 5.43 10.25 9.49
C HIS A 82 6.01 10.71 10.83
N ALA A 83 5.81 11.95 11.18
CA ALA A 83 6.35 12.49 12.46
C ALA A 83 7.87 12.30 12.54
N VAL A 84 8.62 13.20 11.94
CA VAL A 84 10.11 13.10 11.97
C VAL A 84 10.59 11.64 11.83
N GLY A 85 11.78 11.34 12.29
CA GLY A 85 12.31 9.96 12.19
C GLY A 85 13.83 10.03 12.14
N LYS A 86 14.36 10.97 11.41
CA LYS A 86 15.84 11.10 11.33
C LYS A 86 16.39 11.62 12.66
N SER A 87 17.25 10.85 13.29
CA SER A 87 17.82 11.32 14.59
C SER A 87 18.42 12.71 14.43
N MET A 88 18.37 13.52 15.45
CA MET A 88 18.92 14.91 15.36
C MET A 88 18.18 15.70 14.27
N TYR A 89 16.87 15.55 14.21
CA TYR A 89 16.07 16.28 13.18
C TYR A 89 16.24 17.79 13.33
N GLU A 90 15.71 18.55 12.40
CA GLU A 90 15.82 20.03 12.46
C GLU A 90 14.45 20.67 12.21
N SER A 91 13.74 20.20 11.22
CA SER A 91 12.40 20.78 10.91
C SER A 91 11.28 19.83 11.36
N PRO A 92 10.21 20.38 11.86
CA PRO A 92 9.07 19.57 12.32
C PRO A 92 8.32 19.00 11.12
N ALA A 93 7.08 18.64 11.33
CA ALA A 93 6.22 18.08 10.22
C ALA A 93 4.94 17.47 10.79
N GLN A 94 4.01 18.29 11.23
CA GLN A 94 2.74 17.74 11.81
C GLN A 94 1.76 17.38 10.69
N GLY A 95 1.11 16.25 10.81
CA GLY A 95 0.13 15.83 9.77
C GLY A 95 0.80 14.86 8.79
N LEU A 96 0.33 14.84 7.58
CA LEU A 96 0.91 13.93 6.54
C LEU A 96 0.67 12.46 6.95
N ASP A 97 1.31 11.54 6.27
CA ASP A 97 1.13 10.11 6.62
C ASP A 97 2.10 9.23 5.82
N ASP A 98 3.00 8.57 6.48
CA ASP A 98 3.98 7.69 5.76
C ASP A 98 3.41 6.28 5.62
N ILE A 99 3.98 5.50 4.74
CA ILE A 99 3.49 4.10 4.54
C ILE A 99 4.48 3.13 5.18
N TRP A 100 4.07 1.91 5.39
CA TRP A 100 4.99 0.93 6.02
C TRP A 100 4.82 -0.49 5.48
N TYR A 101 5.68 -0.93 4.59
CA TYR A 101 5.54 -2.32 4.10
C TYR A 101 6.02 -3.29 5.17
N CYS A 102 5.16 -4.12 5.69
CA CYS A 102 5.59 -5.05 6.76
C CYS A 102 5.24 -6.50 6.41
N HIS A 103 6.21 -7.32 6.14
CA HIS A 103 5.90 -8.75 5.81
C HIS A 103 5.24 -9.44 7.01
N THR A 104 4.80 -10.67 6.87
CA THR A 104 4.17 -11.41 8.02
C THR A 104 4.01 -12.89 7.69
N GLY A 105 3.86 -13.22 6.44
CA GLY A 105 3.70 -14.65 6.05
C GLY A 105 4.96 -15.43 6.42
N THR A 106 5.11 -16.58 5.84
CA THR A 106 6.29 -17.44 6.14
C THR A 106 7.49 -17.07 5.27
N ASN A 107 7.25 -16.34 4.21
CA ASN A 107 8.39 -15.96 3.31
C ASN A 107 8.46 -14.46 3.11
N VAL A 108 9.44 -13.83 3.71
CA VAL A 108 9.63 -12.34 3.61
C VAL A 108 9.06 -11.71 2.33
N SER A 109 8.69 -10.47 2.42
CA SER A 109 8.23 -9.71 1.23
C SER A 109 9.31 -8.66 0.99
N TYR A 110 9.18 -7.77 0.05
CA TYR A 110 10.30 -6.83 -0.16
C TYR A 110 9.87 -5.50 -0.73
N LEU A 111 10.70 -4.51 -0.58
CA LEU A 111 10.40 -3.16 -1.12
C LEU A 111 11.55 -2.68 -2.00
N ASN A 112 11.52 -3.03 -3.26
CA ASN A 112 12.62 -2.63 -4.20
C ASN A 112 13.89 -3.43 -3.93
N ASN A 113 14.58 -3.15 -2.85
CA ASN A 113 15.83 -3.92 -2.57
C ASN A 113 15.94 -4.30 -1.10
N ASN A 114 14.97 -3.96 -0.29
CA ASN A 114 15.04 -4.32 1.16
C ASN A 114 14.33 -5.65 1.42
N ARG A 115 15.06 -6.62 1.89
CA ARG A 115 14.44 -7.95 2.16
C ARG A 115 14.07 -8.07 3.64
N MET A 116 12.83 -8.35 3.92
CA MET A 116 12.37 -8.49 5.34
C MET A 116 12.33 -9.97 5.74
N ILE A 117 11.42 -10.33 6.62
CA ILE A 117 11.30 -11.77 7.07
C ILE A 117 9.92 -11.99 7.70
N GLN A 118 9.38 -13.18 7.61
CA GLN A 118 8.02 -13.45 8.21
C GLN A 118 7.77 -12.55 9.40
N GLY A 119 6.99 -11.55 9.20
CA GLY A 119 6.67 -10.62 10.32
C GLY A 119 7.77 -9.56 10.44
N THR A 120 7.65 -8.50 9.68
CA THR A 120 8.66 -7.40 9.72
C THR A 120 8.00 -6.13 9.21
N LYS A 121 8.60 -4.99 9.45
CA LYS A 121 7.97 -3.72 8.95
C LYS A 121 8.99 -2.92 8.16
N PHE A 122 8.54 -2.10 7.24
CA PHE A 122 9.48 -1.29 6.44
C PHE A 122 8.79 -0.05 5.90
N LEU A 123 9.53 1.00 5.63
CA LEU A 123 8.90 2.25 5.11
C LEU A 123 8.72 2.17 3.59
N LEU A 124 7.61 2.66 3.10
CA LEU A 124 7.36 2.63 1.63
C LEU A 124 7.43 4.04 1.04
N GLN A 125 7.59 4.16 -0.25
CA GLN A 125 7.67 5.51 -0.89
C GLN A 125 6.96 5.50 -2.25
N ASP A 126 6.98 6.60 -2.94
CA ASP A 126 6.29 6.67 -4.28
C ASP A 126 7.13 5.94 -5.35
N GLY A 127 6.49 5.18 -6.21
CA GLY A 127 7.25 4.46 -7.27
C GLY A 127 8.23 3.50 -6.61
N ASP A 128 7.80 2.88 -5.55
CA ASP A 128 8.68 1.92 -4.83
C ASP A 128 8.37 0.51 -5.27
N GLU A 129 8.98 0.07 -6.33
CA GLU A 129 8.73 -1.31 -6.82
C GLU A 129 8.91 -2.31 -5.67
N ILE A 130 7.83 -2.76 -5.07
CA ILE A 130 7.94 -3.72 -3.92
C ILE A 130 7.65 -5.15 -4.38
N LYS A 131 7.80 -6.09 -3.49
CA LYS A 131 7.54 -7.51 -3.86
C LYS A 131 6.80 -8.21 -2.72
N ILE A 132 6.81 -9.52 -2.72
CA ILE A 132 6.12 -10.30 -1.66
C ILE A 132 6.83 -11.65 -1.50
N ILE A 133 7.26 -12.24 -2.59
CA ILE A 133 7.99 -13.53 -2.53
C ILE A 133 9.11 -13.54 -3.58
N TRP A 134 10.13 -14.33 -3.37
CA TRP A 134 11.25 -14.40 -4.36
C TRP A 134 11.75 -15.84 -4.49
N ASP A 135 11.35 -16.51 -5.53
CA ASP A 135 11.79 -17.93 -5.72
C ASP A 135 12.84 -18.01 -6.84
N LYS A 136 14.06 -18.33 -6.49
CA LYS A 136 15.12 -18.44 -7.53
C LYS A 136 15.01 -19.76 -8.28
N ASN A 137 15.22 -20.87 -7.61
CA ASN A 137 15.12 -22.20 -8.28
C ASN A 137 13.81 -22.29 -9.06
N ASN A 138 12.73 -21.89 -8.45
CA ASN A 138 11.40 -21.94 -9.15
C ASN A 138 11.26 -20.75 -10.11
N LYS A 139 12.09 -19.74 -9.93
CA LYS A 139 12.01 -18.55 -10.83
C LYS A 139 10.66 -17.86 -10.68
N PHE A 140 10.49 -17.09 -9.65
CA PHE A 140 9.20 -16.38 -9.44
C PHE A 140 9.40 -15.24 -8.44
N VAL A 141 8.98 -14.06 -8.81
CA VAL A 141 9.12 -12.89 -7.90
C VAL A 141 7.87 -12.02 -7.99
N ILE A 142 7.28 -11.66 -6.89
CA ILE A 142 6.04 -10.82 -6.95
C ILE A 142 6.40 -9.35 -7.20
N GLY A 143 7.07 -9.08 -8.29
CA GLY A 143 7.43 -7.67 -8.60
C GLY A 143 6.18 -6.78 -8.53
N PHE A 144 6.21 -5.79 -7.70
CA PHE A 144 5.03 -4.88 -7.57
C PHE A 144 5.49 -3.43 -7.70
N LYS A 145 4.65 -2.54 -8.15
CA LYS A 145 5.08 -1.13 -8.31
C LYS A 145 4.18 -0.19 -7.52
N VAL A 146 4.73 0.43 -6.51
CA VAL A 146 3.91 1.37 -5.70
C VAL A 146 3.80 2.72 -6.41
N GLU A 147 2.61 3.13 -6.75
CA GLU A 147 2.44 4.44 -7.44
C GLU A 147 1.50 5.33 -6.62
N ILE A 148 1.95 6.51 -6.26
CA ILE A 148 1.09 7.42 -5.46
C ILE A 148 0.15 8.21 -6.37
N ASN A 149 -1.14 8.07 -6.18
CA ASN A 149 -2.11 8.80 -7.05
C ASN A 149 -2.69 10.02 -6.33
N ASP A 150 -2.74 9.99 -5.02
CA ASP A 150 -3.32 11.14 -4.27
C ASP A 150 -2.22 12.06 -3.76
N THR A 151 -1.38 11.57 -2.89
CA THR A 151 -0.27 12.40 -2.34
C THR A 151 -0.85 13.67 -1.69
N THR A 152 -2.13 13.69 -1.41
CA THR A 152 -2.74 14.90 -0.77
C THR A 152 -1.95 15.30 0.48
N GLY A 153 -0.98 16.16 0.32
CA GLY A 153 -0.16 16.60 1.50
C GLY A 153 0.53 15.38 2.09
N LEU A 154 0.89 14.42 1.27
CA LEU A 154 1.58 13.21 1.79
C LEU A 154 3.08 13.49 1.91
N PHE A 155 3.72 12.88 2.87
CA PHE A 155 5.18 13.10 3.06
C PHE A 155 5.92 13.07 1.72
N ASN A 156 6.59 14.15 1.37
CA ASN A 156 7.35 14.21 0.07
C ASN A 156 6.68 13.37 -1.03
N GLU A 157 5.39 13.48 -1.17
CA GLU A 157 4.68 12.69 -2.22
C GLU A 157 5.14 11.23 -2.22
N GLY A 158 5.42 10.69 -1.06
CA GLY A 158 5.89 9.27 -1.00
C GLY A 158 7.42 9.22 -1.06
N LEU A 159 8.03 10.17 -1.72
CA LEU A 159 9.52 10.18 -1.83
C LEU A 159 10.16 10.41 -0.46
N GLY A 160 9.93 9.53 0.48
CA GLY A 160 10.51 9.70 1.84
C GLY A 160 12.04 9.71 1.74
N MET A 161 12.63 10.87 1.66
CA MET A 161 14.13 10.98 1.56
C MET A 161 14.71 9.82 0.75
N LEU A 162 14.33 9.70 -0.49
CA LEU A 162 14.87 8.59 -1.33
C LEU A 162 16.38 8.70 -1.44
N GLN A 163 17.08 7.93 -0.65
CA GLN A 163 18.57 7.96 -0.71
C GLN A 163 19.12 6.57 -0.37
N GLU A 164 19.33 6.27 0.88
CA GLU A 164 19.86 4.92 1.26
C GLU A 164 19.94 4.81 2.78
N GLN A 165 18.95 5.31 3.48
CA GLN A 165 18.99 5.23 4.97
C GLN A 165 17.68 4.67 5.52
N ARG A 166 17.30 3.49 5.13
CA ARG A 166 16.03 2.90 5.66
C ARG A 166 16.08 1.37 5.54
N VAL A 167 16.34 0.70 6.64
CA VAL A 167 16.40 -0.79 6.59
C VAL A 167 15.12 -1.38 7.19
N VAL A 168 14.86 -2.64 6.93
CA VAL A 168 13.62 -3.26 7.47
C VAL A 168 13.52 -3.09 8.99
N LEU A 169 12.34 -2.87 9.48
CA LEU A 169 12.15 -2.73 10.95
C LEU A 169 11.38 -3.94 11.47
N LYS A 170 12.03 -4.77 12.24
CA LYS A 170 11.34 -5.99 12.78
C LYS A 170 9.91 -5.65 13.23
N GLN A 171 9.07 -6.66 13.36
CA GLN A 171 7.66 -6.41 13.78
C GLN A 171 7.59 -5.34 14.88
N THR A 172 6.91 -4.25 14.61
CA THR A 172 6.83 -3.16 15.63
C THR A 172 5.45 -3.10 16.25
N ALA A 173 5.36 -2.60 17.45
CA ALA A 173 4.03 -2.50 18.13
C ALA A 173 3.27 -3.80 17.98
N GLU A 174 3.95 -4.92 17.77
CA GLU A 174 3.22 -6.22 17.57
C GLU A 174 2.28 -6.00 16.38
N GLU A 175 2.81 -5.55 15.27
CA GLU A 175 1.92 -5.22 14.13
C GLU A 175 0.93 -4.24 14.69
N LYS A 176 1.41 -3.40 15.56
CA LYS A 176 0.52 -2.43 16.25
C LYS A 176 -0.58 -3.23 16.97
N ASP A 177 -0.19 -4.36 17.51
CA ASP A 177 -1.14 -5.27 18.23
C ASP A 177 -2.45 -5.34 17.47
N LEU A 178 -2.37 -5.29 16.18
CA LEU A 178 -3.59 -5.36 15.35
C LEU A 178 -3.32 -6.16 14.08
N VAL A 179 -2.16 -6.01 13.52
CA VAL A 179 -1.87 -6.78 12.28
C VAL A 179 -1.23 -8.13 12.64
N LYS A 180 -0.96 -8.33 13.88
CA LYS A 180 -0.35 -9.62 14.33
C LYS A 180 -1.44 -10.69 14.46
N LYS A 181 -2.69 -10.30 14.29
CA LYS A 181 -3.80 -11.30 14.40
C LYS A 181 -3.99 -12.04 13.09
N LEU A 182 -3.14 -11.81 12.15
CA LEU A 182 -3.24 -12.49 10.83
C LEU A 182 -2.09 -13.50 10.67
N GLU A 1 -23.58 27.99 -33.36
CA GLU A 1 -24.75 27.05 -33.40
C GLU A 1 -26.05 27.83 -33.56
N ALA A 2 -27.15 27.13 -33.69
CA ALA A 2 -28.47 27.82 -33.85
C ALA A 2 -29.60 26.81 -33.96
N GLU A 3 -29.54 25.74 -33.20
CA GLU A 3 -30.62 24.71 -33.27
C GLU A 3 -31.51 24.81 -32.02
N THR A 4 -32.76 24.44 -32.15
CA THR A 4 -33.68 24.51 -30.99
C THR A 4 -33.76 23.15 -30.28
N ARG A 5 -33.65 22.09 -31.03
CA ARG A 5 -33.71 20.73 -30.41
C ARG A 5 -32.51 20.50 -29.48
N GLU A 6 -32.48 19.38 -28.82
CA GLU A 6 -31.35 19.09 -27.89
C GLU A 6 -31.33 17.59 -27.55
N GLN A 7 -31.12 16.76 -28.52
CA GLN A 7 -31.09 15.28 -28.26
C GLN A 7 -29.94 14.64 -29.04
N LYS A 8 -28.73 15.10 -28.83
CA LYS A 8 -27.56 14.52 -29.55
C LYS A 8 -27.54 13.00 -29.39
N LEU A 9 -27.89 12.28 -30.41
CA LEU A 9 -27.89 10.79 -30.31
C LEU A 9 -27.09 10.18 -31.45
N LEU A 10 -26.47 9.05 -31.20
CA LEU A 10 -25.66 8.38 -32.27
C LEU A 10 -25.95 6.88 -32.27
N HIS A 11 -26.88 6.45 -33.08
CA HIS A 11 -27.22 4.99 -33.15
C HIS A 11 -27.76 4.50 -31.80
N SER A 12 -28.29 3.31 -31.75
CA SER A 12 -28.84 2.76 -30.48
C SER A 12 -27.72 2.55 -29.46
N ASN A 13 -28.07 2.42 -28.21
CA ASN A 13 -27.02 2.22 -27.16
C ASN A 13 -27.47 1.20 -26.12
N ASN A 14 -26.55 0.74 -25.30
CA ASN A 14 -26.92 -0.25 -24.25
C ASN A 14 -27.03 0.46 -22.89
N THR A 15 -27.34 -0.27 -21.84
CA THR A 15 -27.46 0.37 -20.50
C THR A 15 -26.62 -0.41 -19.48
N GLU A 16 -26.92 -0.27 -18.22
CA GLU A 16 -26.14 -1.01 -17.18
C GLU A 16 -26.85 -0.92 -15.82
N ASN A 17 -26.63 -1.88 -14.96
CA ASN A 17 -27.30 -1.86 -13.63
C ASN A 17 -26.64 -0.84 -12.71
N VAL A 18 -26.98 0.41 -12.87
CA VAL A 18 -26.38 1.47 -11.99
C VAL A 18 -27.24 1.68 -10.74
N LYS A 19 -27.46 0.63 -10.00
CA LYS A 19 -28.30 0.75 -8.75
C LYS A 19 -27.42 0.63 -7.50
N SER A 20 -27.56 1.55 -6.56
CA SER A 20 -26.74 1.48 -5.32
C SER A 20 -25.28 1.15 -5.64
N SER A 21 -24.59 2.04 -6.31
CA SER A 21 -23.16 1.77 -6.65
C SER A 21 -22.52 3.00 -7.31
N LYS A 22 -21.24 2.92 -7.57
CA LYS A 22 -20.53 4.07 -8.22
C LYS A 22 -19.20 3.57 -8.79
N LYS A 23 -18.57 4.35 -9.62
CA LYS A 23 -17.27 3.92 -10.21
C LYS A 23 -16.23 5.03 -10.08
N LYS A 24 -16.05 5.56 -8.91
CA LYS A 24 -15.05 6.65 -8.72
C LYS A 24 -13.83 6.09 -7.98
N GLY A 25 -13.12 6.93 -7.27
CA GLY A 25 -11.92 6.45 -6.54
C GLY A 25 -11.14 7.64 -5.99
N ASN A 26 -11.72 8.38 -5.08
CA ASN A 26 -11.01 9.55 -4.50
C ASN A 26 -10.26 9.12 -3.24
N GLY A 27 -10.56 7.96 -2.71
CA GLY A 27 -9.88 7.50 -1.48
C GLY A 27 -8.71 6.58 -1.85
N ARG A 28 -8.11 6.79 -2.99
CA ARG A 28 -6.96 5.92 -3.40
C ARG A 28 -5.66 6.68 -3.21
N PHE A 29 -4.72 6.08 -2.56
CA PHE A 29 -3.42 6.75 -2.31
C PHE A 29 -2.34 6.06 -3.14
N LEU A 30 -2.43 4.79 -3.23
CA LEU A 30 -1.39 4.02 -3.97
C LEU A 30 -1.99 3.04 -4.99
N THR A 31 -1.58 3.14 -6.23
CA THR A 31 -2.07 2.19 -7.26
C THR A 31 -0.98 1.13 -7.45
N LEU A 32 -1.12 0.00 -6.82
CA LEU A 32 -0.06 -1.04 -6.95
C LEU A 32 -0.03 -1.58 -8.37
N LYS A 33 1.02 -1.33 -9.10
CA LYS A 33 1.08 -1.80 -10.50
C LYS A 33 1.96 -3.06 -10.63
N PRO A 34 1.31 -4.21 -10.57
CA PRO A 34 2.03 -5.49 -10.72
C PRO A 34 2.37 -5.64 -12.19
N LEU A 35 3.56 -6.02 -12.51
CA LEU A 35 3.89 -6.15 -13.95
C LEU A 35 3.80 -7.62 -14.39
N PRO A 36 4.13 -7.84 -15.64
CA PRO A 36 4.07 -9.21 -16.21
C PRO A 36 5.13 -10.11 -15.59
N ASP A 37 6.14 -9.56 -14.97
CA ASP A 37 7.19 -10.40 -14.34
C ASP A 37 6.65 -10.98 -13.02
N SER A 38 5.50 -10.52 -12.59
CA SER A 38 4.90 -11.03 -11.32
C SER A 38 3.77 -12.01 -11.61
N ILE A 39 3.48 -12.89 -10.69
CA ILE A 39 2.36 -13.84 -10.92
C ILE A 39 1.07 -13.04 -11.09
N ILE A 40 1.07 -11.81 -10.62
CA ILE A 40 -0.13 -10.94 -10.78
C ILE A 40 0.09 -10.00 -11.97
N GLN A 41 -0.90 -9.27 -12.38
CA GLN A 41 -0.73 -8.32 -13.51
C GLN A 41 -1.94 -7.40 -13.60
N GLU A 42 -1.71 -6.13 -13.41
CA GLU A 42 -2.78 -5.06 -13.46
C GLU A 42 -2.71 -4.22 -12.21
N SER A 43 -2.74 -2.95 -12.41
CA SER A 43 -2.64 -2.00 -11.26
C SER A 43 -3.74 -2.21 -10.22
N LEU A 44 -3.37 -2.16 -8.96
CA LEU A 44 -4.35 -2.31 -7.86
C LEU A 44 -4.58 -0.93 -7.25
N GLU A 45 -5.33 -0.83 -6.17
CA GLU A 45 -5.57 0.53 -5.60
C GLU A 45 -5.70 0.48 -4.07
N ILE A 46 -4.62 0.71 -3.36
CA ILE A 46 -4.72 0.71 -1.86
C ILE A 46 -5.38 2.03 -1.42
N GLN A 47 -6.63 1.97 -1.09
CA GLN A 47 -7.39 3.20 -0.69
C GLN A 47 -6.65 4.07 0.34
N GLN A 48 -6.29 5.26 -0.05
CA GLN A 48 -5.62 6.23 0.88
C GLN A 48 -4.64 5.56 1.85
N GLY A 49 -4.01 4.49 1.46
CA GLY A 49 -3.07 3.81 2.38
C GLY A 49 -3.80 2.66 3.07
N VAL A 50 -5.09 2.80 3.22
CA VAL A 50 -5.92 1.74 3.87
C VAL A 50 -5.52 1.57 5.34
N ASN A 51 -4.27 1.32 5.61
CA ASN A 51 -3.82 1.13 7.02
C ASN A 51 -4.75 0.16 7.77
N PRO A 52 -4.43 -1.12 7.74
CA PRO A 52 -3.27 -1.66 6.99
C PRO A 52 -3.73 -2.34 5.69
N PHE A 53 -2.82 -2.54 4.78
CA PHE A 53 -3.18 -3.22 3.49
C PHE A 53 -2.37 -4.51 3.36
N PHE A 54 -2.83 -5.58 3.96
CA PHE A 54 -2.06 -6.86 3.84
C PHE A 54 -2.06 -7.30 2.39
N ILE A 55 -1.38 -8.36 2.11
CA ILE A 55 -1.33 -8.88 0.72
C ILE A 55 -0.62 -10.23 0.74
N GLY A 56 -1.17 -11.22 0.12
CA GLY A 56 -0.47 -12.54 0.14
C GLY A 56 -1.31 -13.62 -0.53
N ARG A 57 -1.32 -14.78 0.07
CA ARG A 57 -2.10 -15.91 -0.52
C ARG A 57 -3.48 -16.00 0.12
N SER A 58 -3.66 -15.42 1.27
CA SER A 58 -4.99 -15.48 1.93
C SER A 58 -5.79 -14.23 1.59
N GLU A 59 -6.87 -14.38 0.86
CA GLU A 59 -7.71 -13.20 0.51
C GLU A 59 -7.96 -12.35 1.76
N ASP A 60 -7.85 -12.94 2.94
CA ASP A 60 -8.04 -12.17 4.20
C ASP A 60 -7.24 -10.86 4.13
N CYS A 61 -6.19 -10.84 3.34
CA CYS A 61 -5.39 -9.60 3.21
C CYS A 61 -6.25 -8.51 2.60
N ASN A 62 -5.84 -7.28 2.73
CA ASN A 62 -6.62 -6.17 2.12
C ASN A 62 -6.64 -6.35 0.60
N CYS A 63 -5.76 -7.19 0.10
CA CYS A 63 -5.68 -7.41 -1.37
C CYS A 63 -5.66 -8.92 -1.66
N LYS A 64 -4.94 -9.30 -2.66
CA LYS A 64 -4.83 -10.75 -3.02
C LYS A 64 -3.71 -10.97 -4.01
N ILE A 65 -2.63 -11.60 -3.58
CA ILE A 65 -1.50 -11.85 -4.51
C ILE A 65 -1.47 -13.33 -4.90
N GLU A 66 -2.57 -14.00 -4.70
CA GLU A 66 -2.70 -15.46 -5.03
C GLU A 66 -1.38 -16.09 -5.51
N ASP A 67 -0.45 -16.24 -4.61
CA ASP A 67 0.85 -16.86 -5.01
C ASP A 67 1.23 -17.93 -3.99
N ASN A 68 0.98 -19.17 -4.33
CA ASN A 68 1.27 -20.34 -3.42
C ASN A 68 2.41 -20.07 -2.44
N ARG A 69 3.48 -19.47 -2.89
CA ARG A 69 4.63 -19.19 -1.97
C ARG A 69 4.24 -18.19 -0.87
N LEU A 70 3.04 -17.68 -0.91
CA LEU A 70 2.62 -16.71 0.13
C LEU A 70 2.00 -17.46 1.30
N SER A 71 2.53 -17.26 2.48
CA SER A 71 1.99 -17.97 3.67
C SER A 71 0.76 -17.25 4.21
N ARG A 72 -0.10 -16.79 3.35
CA ARG A 72 -1.33 -16.07 3.82
C ARG A 72 -0.88 -14.76 4.47
N VAL A 73 -1.31 -13.64 3.94
CA VAL A 73 -0.84 -12.34 4.49
C VAL A 73 0.68 -12.31 4.39
N HIS A 74 1.16 -13.01 3.39
CA HIS A 74 2.62 -13.10 3.10
C HIS A 74 3.32 -11.83 3.49
N CYS A 75 2.94 -10.77 2.85
CA CYS A 75 3.56 -9.44 3.17
C CYS A 75 2.52 -8.60 3.92
N PHE A 76 2.90 -7.59 4.63
CA PHE A 76 1.87 -6.76 5.31
C PHE A 76 2.20 -5.28 5.16
N ILE A 77 1.32 -4.53 4.56
CA ILE A 77 1.58 -3.07 4.41
C ILE A 77 0.69 -2.32 5.40
N PHE A 78 1.20 -1.24 5.91
CA PHE A 78 0.42 -0.44 6.91
C PHE A 78 0.53 1.04 6.55
N LYS A 79 -0.17 1.89 7.23
CA LYS A 79 -0.10 3.34 6.90
C LYS A 79 -0.33 4.20 8.15
N LYS A 80 0.15 5.43 8.16
CA LYS A 80 -0.07 6.31 9.36
C LYS A 80 0.64 7.66 9.20
N ARG A 81 0.59 8.47 10.21
CA ARG A 81 1.26 9.81 10.16
C ARG A 81 2.78 9.65 10.19
N HIS A 82 3.49 10.39 9.38
CA HIS A 82 4.98 10.28 9.37
C HIS A 82 5.54 10.40 10.78
N ALA A 83 5.41 11.56 11.38
CA ALA A 83 5.93 11.77 12.77
C ALA A 83 7.44 11.49 12.83
N VAL A 84 8.21 12.48 13.21
CA VAL A 84 9.68 12.28 13.29
C VAL A 84 10.02 11.41 14.50
N GLY A 85 11.27 11.34 14.88
CA GLY A 85 11.66 10.51 16.05
C GLY A 85 12.94 11.04 16.68
N LYS A 86 13.96 10.23 16.74
CA LYS A 86 15.25 10.68 17.35
C LYS A 86 16.22 11.14 16.25
N SER A 87 15.80 12.03 15.40
CA SER A 87 16.70 12.52 14.32
C SER A 87 15.98 13.60 13.50
N MET A 88 16.68 14.21 12.56
CA MET A 88 16.05 15.28 11.72
C MET A 88 15.65 16.48 12.57
N TYR A 89 16.34 16.71 13.64
CA TYR A 89 16.03 17.88 14.54
C TYR A 89 15.87 19.15 13.70
N GLU A 90 15.37 20.21 14.30
CA GLU A 90 15.18 21.50 13.56
C GLU A 90 14.09 21.36 12.50
N SER A 91 14.28 20.49 11.55
CA SER A 91 13.25 20.30 10.49
C SER A 91 12.53 18.95 10.67
N PRO A 92 11.55 18.95 11.54
CA PRO A 92 10.80 17.71 11.82
C PRO A 92 9.84 17.38 10.67
N ALA A 93 8.79 16.66 10.97
CA ALA A 93 7.79 16.29 9.92
C ALA A 93 6.48 15.83 10.59
N GLN A 94 5.80 16.71 11.27
CA GLN A 94 4.54 16.32 11.96
C GLN A 94 3.37 16.34 10.96
N GLY A 95 2.34 15.57 11.23
CA GLY A 95 1.17 15.53 10.30
C GLY A 95 1.50 14.63 9.11
N LEU A 96 0.89 14.88 7.99
CA LEU A 96 1.16 14.04 6.78
C LEU A 96 0.80 12.58 7.07
N ASP A 97 1.11 11.68 6.17
CA ASP A 97 0.77 10.24 6.41
C ASP A 97 1.78 9.32 5.69
N ASP A 98 2.67 8.70 6.43
CA ASP A 98 3.66 7.79 5.78
C ASP A 98 3.05 6.41 5.53
N ILE A 99 3.79 5.57 4.86
CA ILE A 99 3.30 4.17 4.57
C ILE A 99 4.22 3.17 5.24
N TRP A 100 3.74 2.02 5.60
CA TRP A 100 4.62 1.04 6.30
C TRP A 100 4.52 -0.38 5.72
N TYR A 101 5.46 -0.78 4.89
CA TYR A 101 5.42 -2.18 4.37
C TYR A 101 5.86 -3.11 5.50
N CYS A 102 5.56 -4.37 5.44
CA CYS A 102 5.98 -5.28 6.55
C CYS A 102 5.64 -6.74 6.26
N HIS A 103 6.61 -7.55 5.94
CA HIS A 103 6.28 -8.98 5.71
C HIS A 103 5.93 -9.61 7.06
N THR A 104 4.79 -10.22 7.17
CA THR A 104 4.42 -10.84 8.49
C THR A 104 4.18 -12.33 8.33
N GLY A 105 3.97 -12.79 7.12
CA GLY A 105 3.74 -14.23 6.92
C GLY A 105 4.94 -15.03 7.43
N THR A 106 5.07 -16.23 6.98
CA THR A 106 6.22 -17.09 7.41
C THR A 106 7.39 -16.90 6.46
N ASN A 107 7.12 -16.34 5.32
CA ASN A 107 8.18 -16.14 4.29
C ASN A 107 8.76 -14.72 4.36
N VAL A 108 9.02 -14.12 3.25
CA VAL A 108 9.61 -12.75 3.24
C VAL A 108 9.16 -11.94 2.02
N SER A 109 8.90 -10.68 2.19
CA SER A 109 8.52 -9.81 1.03
C SER A 109 9.55 -8.70 0.98
N TYR A 110 9.58 -7.92 -0.04
CA TYR A 110 10.66 -6.89 -0.08
C TYR A 110 10.29 -5.67 -0.90
N LEU A 111 10.84 -4.55 -0.53
CA LEU A 111 10.59 -3.29 -1.28
C LEU A 111 11.82 -2.95 -2.11
N ASN A 112 11.73 -2.00 -2.99
CA ASN A 112 12.92 -1.63 -3.81
C ASN A 112 13.96 -0.93 -2.91
N ASN A 113 14.47 -1.62 -1.91
CA ASN A 113 15.49 -1.00 -1.02
C ASN A 113 16.05 -2.01 -0.02
N ASN A 114 15.27 -2.99 0.39
CA ASN A 114 15.80 -3.98 1.36
C ASN A 114 14.83 -5.16 1.56
N ARG A 115 15.38 -6.34 1.79
CA ARG A 115 14.53 -7.55 1.99
C ARG A 115 14.15 -7.69 3.47
N MET A 116 12.93 -8.06 3.74
CA MET A 116 12.49 -8.23 5.15
C MET A 116 12.38 -9.73 5.46
N ILE A 117 12.64 -10.11 6.68
CA ILE A 117 12.55 -11.56 7.03
C ILE A 117 11.27 -11.84 7.84
N GLN A 118 10.13 -11.70 7.22
CA GLN A 118 8.84 -11.94 7.93
C GLN A 118 8.76 -11.09 9.21
N GLY A 119 7.59 -10.98 9.75
CA GLY A 119 7.39 -10.18 11.00
C GLY A 119 8.29 -8.93 11.00
N THR A 120 8.56 -8.37 9.84
CA THR A 120 9.43 -7.17 9.77
C THR A 120 8.72 -6.07 8.99
N LYS A 121 8.93 -4.83 9.36
CA LYS A 121 8.25 -3.70 8.65
C LYS A 121 9.27 -2.86 7.88
N PHE A 122 8.79 -2.04 6.97
CA PHE A 122 9.71 -1.20 6.16
C PHE A 122 8.96 0.01 5.60
N LEU A 123 9.61 1.15 5.53
CA LEU A 123 8.92 2.37 5.01
C LEU A 123 8.69 2.28 3.49
N LEU A 124 7.60 2.84 3.02
CA LEU A 124 7.31 2.81 1.55
C LEU A 124 7.42 4.21 0.94
N GLN A 125 7.57 4.29 -0.36
CA GLN A 125 7.64 5.61 -1.04
C GLN A 125 6.85 5.56 -2.35
N ASP A 126 6.89 6.61 -3.14
CA ASP A 126 6.14 6.62 -4.43
C ASP A 126 6.90 5.81 -5.49
N GLY A 127 6.19 5.09 -6.32
CA GLY A 127 6.89 4.29 -7.39
C GLY A 127 7.82 3.28 -6.71
N ASP A 128 7.35 2.65 -5.67
CA ASP A 128 8.19 1.68 -4.94
C ASP A 128 7.85 0.26 -5.36
N GLU A 129 8.37 -0.18 -6.49
CA GLU A 129 8.10 -1.58 -6.93
C GLU A 129 8.52 -2.53 -5.80
N ILE A 130 7.72 -3.50 -5.47
CA ILE A 130 8.10 -4.41 -4.34
C ILE A 130 8.15 -5.86 -4.83
N LYS A 131 8.13 -6.79 -3.91
CA LYS A 131 8.19 -8.23 -4.30
C LYS A 131 7.63 -9.12 -3.19
N ILE A 132 6.34 -9.19 -3.07
CA ILE A 132 5.70 -10.05 -2.01
C ILE A 132 6.49 -11.36 -1.85
N ILE A 133 7.01 -11.89 -2.92
CA ILE A 133 7.79 -13.17 -2.83
C ILE A 133 8.80 -13.27 -3.98
N TRP A 134 9.88 -13.97 -3.79
CA TRP A 134 10.89 -14.12 -4.87
C TRP A 134 11.48 -15.55 -4.82
N ASP A 135 12.67 -15.71 -4.30
CA ASP A 135 13.29 -17.07 -4.24
C ASP A 135 13.13 -17.80 -5.58
N LYS A 136 14.10 -17.68 -6.44
CA LYS A 136 14.02 -18.35 -7.78
C LYS A 136 13.41 -19.77 -7.65
N ASN A 137 14.20 -20.71 -7.19
CA ASN A 137 13.69 -22.12 -7.03
C ASN A 137 13.11 -22.63 -8.36
N ASN A 138 11.85 -22.36 -8.63
CA ASN A 138 11.23 -22.84 -9.89
C ASN A 138 10.60 -21.66 -10.65
N LYS A 139 11.38 -20.66 -10.96
CA LYS A 139 10.84 -19.47 -11.70
C LYS A 139 9.55 -18.99 -11.04
N PHE A 140 9.66 -18.08 -10.10
CA PHE A 140 8.43 -17.59 -9.42
C PHE A 140 8.72 -16.31 -8.64
N VAL A 141 8.31 -15.18 -9.16
CA VAL A 141 8.54 -13.90 -8.45
C VAL A 141 7.27 -13.03 -8.52
N ILE A 142 7.16 -12.02 -7.69
CA ILE A 142 5.96 -11.14 -7.73
C ILE A 142 6.38 -9.66 -7.83
N GLY A 143 6.68 -9.21 -9.02
CA GLY A 143 7.10 -7.79 -9.18
C GLY A 143 5.87 -6.88 -9.05
N PHE A 144 6.01 -5.79 -8.35
CA PHE A 144 4.86 -4.85 -8.18
C PHE A 144 5.35 -3.41 -8.36
N LYS A 145 4.45 -2.46 -8.43
CA LYS A 145 4.90 -1.04 -8.61
C LYS A 145 4.00 -0.10 -7.81
N VAL A 146 4.46 0.37 -6.69
CA VAL A 146 3.65 1.30 -5.86
C VAL A 146 3.53 2.65 -6.55
N GLU A 147 2.35 3.04 -6.96
CA GLU A 147 2.20 4.36 -7.65
C GLU A 147 1.25 5.25 -6.84
N ILE A 148 1.79 6.24 -6.19
CA ILE A 148 0.93 7.16 -5.38
C ILE A 148 0.30 8.22 -6.29
N ASN A 149 -1.01 8.29 -6.31
CA ASN A 149 -1.70 9.29 -7.18
C ASN A 149 -2.20 10.45 -6.32
N ASP A 150 -2.55 10.19 -5.10
CA ASP A 150 -3.04 11.26 -4.21
C ASP A 150 -1.86 12.08 -3.67
N THR A 151 -1.12 11.53 -2.74
CA THR A 151 0.05 12.27 -2.18
C THR A 151 -0.43 13.58 -1.55
N THR A 152 -1.69 13.68 -1.24
CA THR A 152 -2.24 14.94 -0.61
C THR A 152 -1.32 15.43 0.51
N GLY A 153 -0.61 14.54 1.14
CA GLY A 153 0.31 14.94 2.23
C GLY A 153 0.89 13.69 2.88
N LEU A 154 1.49 12.83 2.10
CA LEU A 154 2.08 11.58 2.67
C LEU A 154 3.55 11.82 3.03
N PHE A 155 3.90 13.00 3.48
CA PHE A 155 5.33 13.27 3.84
C PHE A 155 6.23 13.07 2.60
N ASN A 156 7.09 14.01 2.32
CA ASN A 156 7.98 13.86 1.12
C ASN A 156 7.12 13.66 -0.15
N GLU A 157 5.83 13.86 -0.06
CA GLU A 157 4.94 13.68 -1.25
C GLU A 157 5.34 12.40 -2.01
N GLY A 158 5.87 11.43 -1.32
CA GLY A 158 6.29 10.17 -1.99
C GLY A 158 7.25 10.51 -3.14
N LEU A 159 8.54 10.44 -2.90
CA LEU A 159 9.50 10.78 -3.98
C LEU A 159 10.83 10.03 -3.81
N GLY A 160 10.77 8.82 -3.32
CA GLY A 160 12.00 8.00 -3.12
C GLY A 160 13.23 8.87 -2.85
N MET A 161 13.29 9.51 -1.70
CA MET A 161 14.47 10.36 -1.38
C MET A 161 15.68 9.47 -1.08
N LEU A 162 16.12 8.71 -2.05
CA LEU A 162 17.28 7.79 -1.85
C LEU A 162 18.39 8.48 -1.05
N GLN A 163 18.64 8.01 0.15
CA GLN A 163 19.70 8.64 0.98
C GLN A 163 20.31 7.61 1.93
N GLU A 164 20.36 6.37 1.54
CA GLU A 164 20.96 5.32 2.42
C GLU A 164 20.24 5.29 3.77
N GLN A 165 18.97 5.59 3.78
CA GLN A 165 18.20 5.57 5.06
C GLN A 165 16.99 4.63 4.93
N ARG A 166 17.13 3.60 4.16
CA ARG A 166 16.01 2.65 3.98
C ARG A 166 16.39 1.28 4.57
N VAL A 167 16.22 1.12 5.84
CA VAL A 167 16.57 -0.18 6.49
C VAL A 167 15.30 -0.87 6.99
N VAL A 168 15.31 -2.18 7.08
CA VAL A 168 14.10 -2.90 7.56
C VAL A 168 13.77 -2.47 8.99
N LEU A 169 12.51 -2.40 9.31
CA LEU A 169 12.10 -2.00 10.69
C LEU A 169 11.34 -3.15 11.35
N LYS A 170 11.83 -3.66 12.45
CA LYS A 170 11.10 -4.78 13.12
C LYS A 170 9.64 -4.41 13.35
N GLN A 171 8.78 -5.39 13.38
CA GLN A 171 7.32 -5.12 13.61
C GLN A 171 7.14 -4.23 14.85
N THR A 172 6.05 -3.50 14.91
CA THR A 172 5.81 -2.63 16.10
C THR A 172 4.44 -2.89 16.69
N ALA A 173 4.27 -2.62 17.96
CA ALA A 173 2.94 -2.85 18.61
C ALA A 173 2.36 -4.20 18.18
N GLU A 174 3.19 -5.16 17.85
CA GLU A 174 2.65 -6.48 17.38
C GLU A 174 1.79 -6.20 16.15
N GLU A 175 2.37 -5.57 15.14
CA GLU A 175 1.52 -5.19 13.98
C GLU A 175 0.36 -4.43 14.59
N LYS A 176 0.67 -3.71 15.64
CA LYS A 176 -0.35 -2.96 16.39
C LYS A 176 -1.39 -3.93 16.94
N ASP A 177 -0.92 -5.09 17.35
CA ASP A 177 -1.81 -6.15 17.92
C ASP A 177 -3.07 -6.24 17.07
N LEU A 178 -2.92 -5.99 15.80
CA LEU A 178 -4.09 -6.05 14.88
C LEU A 178 -3.66 -6.72 13.60
N VAL A 179 -2.48 -6.42 13.12
CA VAL A 179 -2.03 -7.08 11.88
C VAL A 179 -1.23 -8.34 12.24
N LYS A 180 -1.11 -8.59 13.50
CA LYS A 180 -0.36 -9.79 13.98
C LYS A 180 -1.27 -11.03 13.94
N LYS A 181 -2.55 -10.84 14.09
CA LYS A 181 -3.47 -12.00 14.07
C LYS A 181 -4.01 -12.23 12.65
N LEU A 182 -3.52 -11.49 11.73
CA LEU A 182 -3.97 -11.63 10.31
C LEU A 182 -3.45 -12.96 9.73
N GLU A 1 -45.93 29.92 -1.30
CA GLU A 1 -45.11 28.75 -1.72
C GLU A 1 -43.73 28.82 -1.08
N ALA A 2 -43.61 28.36 0.15
CA ALA A 2 -42.29 28.39 0.84
C ALA A 2 -42.36 27.56 2.12
N GLU A 3 -41.40 27.73 3.00
CA GLU A 3 -41.40 26.95 4.28
C GLU A 3 -41.27 25.46 3.98
N THR A 4 -40.06 24.97 3.89
CA THR A 4 -39.85 23.52 3.59
C THR A 4 -38.91 22.91 4.63
N ARG A 5 -38.53 21.67 4.44
CA ARG A 5 -37.61 21.02 5.41
C ARG A 5 -36.31 20.62 4.71
N GLU A 6 -36.39 20.09 3.52
CA GLU A 6 -35.15 19.68 2.79
C GLU A 6 -34.36 18.67 3.64
N GLN A 7 -35.05 17.81 4.34
CA GLN A 7 -34.36 16.79 5.19
C GLN A 7 -34.78 15.38 4.77
N LYS A 8 -34.04 14.39 5.17
CA LYS A 8 -34.39 12.98 4.81
C LYS A 8 -33.39 12.01 5.44
N LEU A 9 -32.98 12.26 6.66
CA LEU A 9 -31.98 11.35 7.32
C LEU A 9 -32.64 10.64 8.52
N LEU A 10 -33.56 9.76 8.28
CA LEU A 10 -34.23 9.03 9.40
C LEU A 10 -33.85 7.56 9.38
N HIS A 11 -32.65 7.24 8.99
CA HIS A 11 -32.22 5.81 8.94
C HIS A 11 -30.98 5.60 9.81
N SER A 12 -30.57 4.37 10.00
CA SER A 12 -29.36 4.09 10.83
C SER A 12 -28.21 5.04 10.45
N ASN A 13 -27.95 5.18 9.19
CA ASN A 13 -26.85 6.08 8.75
C ASN A 13 -27.06 6.49 7.29
N ASN A 14 -26.92 7.76 6.99
CA ASN A 14 -27.11 8.23 5.58
C ASN A 14 -28.40 7.63 4.99
N THR A 15 -28.53 7.67 3.69
CA THR A 15 -29.78 7.10 3.06
C THR A 15 -29.58 6.92 1.55
N GLU A 16 -28.35 6.80 1.10
CA GLU A 16 -28.11 6.62 -0.37
C GLU A 16 -26.62 6.35 -0.61
N ASN A 17 -26.20 6.25 -1.85
CA ASN A 17 -24.77 5.98 -2.15
C ASN A 17 -24.35 4.64 -1.53
N VAL A 18 -25.30 3.78 -1.28
CA VAL A 18 -24.99 2.46 -0.67
C VAL A 18 -24.01 1.67 -1.56
N LYS A 19 -24.49 1.13 -2.65
CA LYS A 19 -23.59 0.35 -3.55
C LYS A 19 -23.84 0.72 -5.01
N SER A 20 -23.77 1.99 -5.33
CA SER A 20 -24.00 2.43 -6.73
C SER A 20 -22.67 2.69 -7.44
N SER A 21 -22.16 1.71 -8.13
CA SER A 21 -20.86 1.89 -8.85
C SER A 21 -19.76 2.27 -7.85
N LYS A 22 -18.63 2.73 -8.33
CA LYS A 22 -17.53 3.12 -7.42
C LYS A 22 -16.92 4.46 -7.84
N LYS A 23 -16.10 5.04 -7.01
CA LYS A 23 -15.47 6.35 -7.36
C LYS A 23 -13.96 6.17 -7.50
N LYS A 24 -13.45 6.22 -8.70
CA LYS A 24 -11.98 6.05 -8.91
C LYS A 24 -11.26 7.36 -8.56
N GLY A 25 -11.40 7.81 -7.36
CA GLY A 25 -10.75 9.08 -6.92
C GLY A 25 -11.15 9.36 -5.48
N ASN A 26 -10.46 10.25 -4.82
CA ASN A 26 -10.79 10.58 -3.40
C ASN A 26 -10.47 9.39 -2.47
N GLY A 27 -9.83 8.37 -2.98
CA GLY A 27 -9.49 7.20 -2.11
C GLY A 27 -8.41 6.36 -2.78
N ARG A 28 -7.27 6.92 -3.00
CA ARG A 28 -6.17 6.17 -3.66
C ARG A 28 -4.85 6.90 -3.46
N PHE A 29 -3.97 6.32 -2.68
CA PHE A 29 -2.66 6.96 -2.42
C PHE A 29 -1.58 6.18 -3.15
N LEU A 30 -1.68 4.89 -3.12
CA LEU A 30 -0.68 4.04 -3.80
C LEU A 30 -1.35 3.03 -4.72
N THR A 31 -0.82 2.88 -5.91
CA THR A 31 -1.40 1.89 -6.86
C THR A 31 -0.45 0.69 -6.96
N LEU A 32 -0.79 -0.41 -6.34
CA LEU A 32 0.13 -1.59 -6.40
C LEU A 32 0.11 -2.15 -7.82
N LYS A 33 1.10 -1.83 -8.60
CA LYS A 33 1.13 -2.32 -10.01
C LYS A 33 2.04 -3.56 -10.15
N PRO A 34 1.41 -4.71 -10.22
CA PRO A 34 2.16 -5.96 -10.42
C PRO A 34 2.42 -6.05 -11.91
N LEU A 35 3.61 -6.29 -12.32
CA LEU A 35 3.83 -6.32 -13.78
C LEU A 35 3.80 -7.75 -14.31
N PRO A 36 4.04 -7.87 -15.59
CA PRO A 36 4.03 -9.20 -16.25
C PRO A 36 5.19 -10.08 -15.78
N ASP A 37 6.19 -9.51 -15.15
CA ASP A 37 7.31 -10.36 -14.65
C ASP A 37 6.86 -11.06 -13.36
N SER A 38 5.72 -10.67 -12.84
CA SER A 38 5.22 -11.30 -11.59
C SER A 38 4.02 -12.19 -11.89
N ILE A 39 3.69 -13.08 -11.01
CA ILE A 39 2.52 -13.97 -11.26
C ILE A 39 1.23 -13.13 -11.26
N ILE A 40 1.31 -11.91 -10.77
CA ILE A 40 0.10 -11.04 -10.76
C ILE A 40 0.23 -9.97 -11.85
N GLN A 41 -0.84 -9.30 -12.17
CA GLN A 41 -0.77 -8.23 -13.21
C GLN A 41 -2.01 -7.35 -13.16
N GLU A 42 -1.83 -6.13 -12.73
CA GLU A 42 -2.94 -5.11 -12.63
C GLU A 42 -2.72 -4.23 -11.42
N SER A 43 -2.73 -2.96 -11.66
CA SER A 43 -2.51 -2.00 -10.55
C SER A 43 -3.62 -2.07 -9.50
N LEU A 44 -3.25 -2.06 -8.25
CA LEU A 44 -4.25 -2.11 -7.16
C LEU A 44 -4.40 -0.71 -6.58
N GLU A 45 -5.20 -0.53 -5.54
CA GLU A 45 -5.36 0.84 -5.00
C GLU A 45 -5.44 0.85 -3.47
N ILE A 46 -4.38 1.26 -2.83
CA ILE A 46 -4.39 1.32 -1.35
C ILE A 46 -4.86 2.72 -0.90
N GLN A 47 -6.13 2.81 -0.56
CA GLN A 47 -6.73 4.13 -0.14
C GLN A 47 -5.85 4.86 0.88
N GLN A 48 -5.39 6.03 0.53
CA GLN A 48 -4.55 6.87 1.46
C GLN A 48 -3.84 6.03 2.52
N GLY A 49 -3.27 4.93 2.14
CA GLY A 49 -2.58 4.06 3.12
C GLY A 49 -3.65 3.40 3.99
N VAL A 50 -4.30 2.40 3.45
CA VAL A 50 -5.38 1.69 4.22
C VAL A 50 -4.99 1.56 5.69
N ASN A 51 -3.72 1.38 5.95
CA ASN A 51 -3.25 1.27 7.36
C ASN A 51 -4.18 0.39 8.20
N PRO A 52 -3.95 -0.89 8.23
CA PRO A 52 -2.86 -1.54 7.45
C PRO A 52 -3.40 -2.10 6.14
N PHE A 53 -2.54 -2.49 5.25
CA PHE A 53 -3.01 -3.08 3.96
C PHE A 53 -2.34 -4.44 3.74
N PHE A 54 -2.80 -5.47 4.39
CA PHE A 54 -2.17 -6.81 4.20
C PHE A 54 -2.35 -7.25 2.76
N ILE A 55 -1.58 -8.22 2.35
CA ILE A 55 -1.72 -8.75 0.97
C ILE A 55 -1.19 -10.17 0.97
N GLY A 56 -1.79 -11.01 0.20
CA GLY A 56 -1.31 -12.43 0.14
C GLY A 56 -2.33 -13.31 -0.57
N ARG A 57 -2.22 -14.59 -0.39
CA ARG A 57 -3.17 -15.53 -1.07
C ARG A 57 -4.45 -15.67 -0.25
N SER A 58 -4.48 -15.14 0.94
CA SER A 58 -5.73 -15.23 1.75
C SER A 58 -6.48 -13.92 1.65
N GLU A 59 -7.61 -13.91 0.99
CA GLU A 59 -8.39 -12.64 0.85
C GLU A 59 -8.47 -11.90 2.19
N ASP A 60 -8.27 -12.59 3.29
CA ASP A 60 -8.29 -11.92 4.62
C ASP A 60 -7.39 -10.68 4.57
N CYS A 61 -6.44 -10.65 3.65
CA CYS A 61 -5.55 -9.48 3.56
C CYS A 61 -6.27 -8.33 2.86
N ASN A 62 -5.86 -7.13 3.15
CA ASN A 62 -6.51 -5.94 2.53
C ASN A 62 -6.40 -6.00 1.00
N CYS A 63 -5.52 -6.82 0.51
CA CYS A 63 -5.35 -6.93 -0.97
C CYS A 63 -5.45 -8.38 -1.40
N LYS A 64 -4.67 -8.80 -2.35
CA LYS A 64 -4.72 -10.22 -2.81
C LYS A 64 -3.78 -10.44 -3.99
N ILE A 65 -3.22 -11.60 -4.09
CA ILE A 65 -2.29 -11.90 -5.22
C ILE A 65 -2.24 -13.43 -5.43
N GLU A 66 -3.12 -13.92 -6.28
CA GLU A 66 -3.20 -15.38 -6.59
C GLU A 66 -1.81 -15.99 -6.76
N ASP A 67 -1.22 -16.37 -5.67
CA ASP A 67 0.13 -17.00 -5.71
C ASP A 67 0.27 -18.01 -4.56
N ASN A 68 0.30 -19.26 -4.90
CA ASN A 68 0.40 -20.33 -3.86
C ASN A 68 1.61 -20.11 -2.93
N ARG A 69 2.70 -19.61 -3.45
CA ARG A 69 3.90 -19.37 -2.58
C ARG A 69 3.54 -18.49 -1.38
N LEU A 70 2.36 -17.92 -1.38
CA LEU A 70 1.94 -17.08 -0.23
C LEU A 70 1.48 -17.98 0.92
N SER A 71 1.58 -17.49 2.11
CA SER A 71 1.14 -18.29 3.28
C SER A 71 -0.07 -17.61 3.91
N ARG A 72 -0.86 -16.95 3.09
CA ARG A 72 -2.07 -16.22 3.60
C ARG A 72 -1.57 -14.95 4.28
N VAL A 73 -1.99 -13.80 3.80
CA VAL A 73 -1.48 -12.52 4.37
C VAL A 73 0.04 -12.57 4.29
N HIS A 74 0.50 -13.30 3.30
CA HIS A 74 1.95 -13.49 3.04
C HIS A 74 2.75 -12.27 3.44
N CYS A 75 2.44 -11.19 2.81
CA CYS A 75 3.15 -9.90 3.12
C CYS A 75 2.19 -9.01 3.93
N PHE A 76 2.69 -8.06 4.68
CA PHE A 76 1.75 -7.18 5.45
C PHE A 76 2.19 -5.72 5.37
N ILE A 77 1.45 -4.90 4.67
CA ILE A 77 1.81 -3.47 4.59
C ILE A 77 1.07 -2.70 5.68
N PHE A 78 1.68 -1.68 6.20
CA PHE A 78 1.05 -0.89 7.28
C PHE A 78 1.20 0.61 6.96
N LYS A 79 0.64 1.46 7.77
CA LYS A 79 0.76 2.93 7.49
C LYS A 79 0.87 3.70 8.82
N LYS A 80 1.52 4.84 8.82
CA LYS A 80 1.64 5.61 10.10
C LYS A 80 2.39 6.93 9.88
N ARG A 81 2.21 7.88 10.75
CA ARG A 81 2.92 9.19 10.62
C ARG A 81 4.40 8.94 10.32
N HIS A 82 4.97 9.73 9.44
CA HIS A 82 6.41 9.53 9.08
C HIS A 82 7.25 9.28 10.34
N ALA A 83 7.56 10.31 11.09
CA ALA A 83 8.38 10.13 12.33
C ALA A 83 8.58 11.46 13.04
N VAL A 84 8.01 11.61 14.21
CA VAL A 84 8.15 12.88 14.99
C VAL A 84 9.52 12.93 15.68
N GLY A 85 9.87 14.08 16.20
CA GLY A 85 11.18 14.22 16.91
C GLY A 85 12.32 14.06 15.91
N LYS A 86 13.48 14.55 16.25
CA LYS A 86 14.65 14.43 15.33
C LYS A 86 14.34 15.12 14.00
N SER A 87 15.05 14.77 12.96
CA SER A 87 14.80 15.40 11.62
C SER A 87 15.18 16.88 11.66
N MET A 88 14.90 17.60 10.61
CA MET A 88 15.23 19.06 10.60
C MET A 88 14.57 19.76 11.80
N TYR A 89 15.27 19.85 12.89
CA TYR A 89 14.68 20.52 14.10
C TYR A 89 14.13 21.90 13.70
N GLU A 90 13.52 22.60 14.62
CA GLU A 90 12.94 23.95 14.31
C GLU A 90 11.67 23.80 13.47
N SER A 91 11.75 23.11 12.36
CA SER A 91 10.54 22.94 11.49
C SER A 91 10.10 21.47 11.46
N PRO A 92 9.20 21.12 12.34
CA PRO A 92 8.69 19.73 12.41
C PRO A 92 7.83 19.43 11.17
N ALA A 93 6.89 18.55 11.31
CA ALA A 93 6.01 18.21 10.15
C ALA A 93 4.74 17.50 10.64
N GLN A 94 3.95 18.18 11.42
CA GLN A 94 2.70 17.56 11.96
C GLN A 94 1.82 17.04 10.82
N GLY A 95 1.15 15.95 11.03
CA GLY A 95 0.26 15.39 9.98
C GLY A 95 1.05 14.45 9.10
N LEU A 96 0.70 14.37 7.85
CA LEU A 96 1.43 13.47 6.92
C LEU A 96 1.35 12.02 7.41
N ASP A 97 1.81 11.09 6.62
CA ASP A 97 1.76 9.66 7.04
C ASP A 97 2.65 8.81 6.13
N ASP A 98 3.40 7.91 6.70
CA ASP A 98 4.28 7.04 5.87
C ASP A 98 3.68 5.63 5.79
N ILE A 99 4.11 4.86 4.84
CA ILE A 99 3.58 3.47 4.71
C ILE A 99 4.65 2.47 5.14
N TRP A 100 4.27 1.46 5.86
CA TRP A 100 5.26 0.46 6.34
C TRP A 100 5.02 -0.93 5.74
N TYR A 101 5.82 -1.31 4.78
CA TYR A 101 5.67 -2.67 4.18
C TYR A 101 6.24 -3.70 5.14
N CYS A 102 5.44 -4.63 5.58
CA CYS A 102 5.94 -5.63 6.57
C CYS A 102 5.49 -7.05 6.21
N HIS A 103 6.41 -7.93 5.91
CA HIS A 103 5.98 -9.34 5.61
C HIS A 103 5.61 -10.04 6.91
N THR A 104 4.49 -10.71 6.96
CA THR A 104 4.09 -11.42 8.21
C THR A 104 3.81 -12.89 7.93
N GLY A 105 3.58 -13.24 6.70
CA GLY A 105 3.30 -14.67 6.38
C GLY A 105 4.43 -15.56 6.88
N THR A 106 4.36 -16.82 6.59
CA THR A 106 5.42 -17.78 7.02
C THR A 106 6.62 -17.70 6.08
N ASN A 107 6.44 -17.02 5.00
CA ASN A 107 7.52 -16.89 3.98
C ASN A 107 8.18 -15.52 4.08
N VAL A 108 8.58 -14.95 2.98
CA VAL A 108 9.22 -13.61 3.01
C VAL A 108 8.79 -12.78 1.79
N SER A 109 8.52 -11.52 1.99
CA SER A 109 8.16 -10.63 0.83
C SER A 109 9.18 -9.49 0.86
N TYR A 110 9.27 -8.68 -0.15
CA TYR A 110 10.36 -7.65 -0.08
C TYR A 110 10.14 -6.49 -1.04
N LEU A 111 10.93 -5.48 -0.87
CA LEU A 111 10.83 -4.27 -1.75
C LEU A 111 11.97 -4.30 -2.77
N ASN A 112 12.13 -3.23 -3.52
CA ASN A 112 13.21 -3.15 -4.55
C ASN A 112 14.42 -4.05 -4.21
N ASN A 113 14.87 -4.06 -2.98
CA ASN A 113 16.03 -4.92 -2.63
C ASN A 113 16.08 -5.21 -1.13
N ASN A 114 15.01 -5.00 -0.42
CA ASN A 114 15.04 -5.27 1.05
C ASN A 114 14.32 -6.58 1.36
N ARG A 115 15.06 -7.63 1.60
CA ARG A 115 14.42 -8.95 1.89
C ARG A 115 13.79 -8.97 3.29
N MET A 116 12.50 -9.14 3.37
CA MET A 116 11.82 -9.21 4.69
C MET A 116 11.79 -10.66 5.15
N ILE A 117 12.15 -10.93 6.37
CA ILE A 117 12.14 -12.34 6.85
C ILE A 117 10.89 -12.62 7.68
N GLN A 118 9.74 -12.43 7.09
CA GLN A 118 8.46 -12.65 7.82
C GLN A 118 8.42 -11.84 9.10
N GLY A 119 7.25 -11.66 9.63
CA GLY A 119 7.09 -10.86 10.89
C GLY A 119 8.06 -9.67 10.86
N THR A 120 8.30 -9.13 9.70
CA THR A 120 9.25 -7.98 9.59
C THR A 120 8.53 -6.76 9.01
N LYS A 121 9.01 -5.59 9.30
CA LYS A 121 8.36 -4.36 8.77
C LYS A 121 9.38 -3.54 7.97
N PHE A 122 8.92 -2.68 7.11
CA PHE A 122 9.86 -1.88 6.28
C PHE A 122 9.18 -0.61 5.76
N LEU A 123 9.95 0.36 5.33
CA LEU A 123 9.37 1.63 4.81
C LEU A 123 9.18 1.57 3.30
N LEU A 124 8.11 2.14 2.82
CA LEU A 124 7.84 2.14 1.35
C LEU A 124 8.09 3.53 0.75
N GLN A 125 8.20 3.62 -0.55
CA GLN A 125 8.43 4.95 -1.19
C GLN A 125 7.66 5.06 -2.51
N ASP A 126 7.82 6.14 -3.23
CA ASP A 126 7.10 6.29 -4.52
C ASP A 126 7.75 5.42 -5.60
N GLY A 127 6.97 4.71 -6.37
CA GLY A 127 7.56 3.84 -7.43
C GLY A 127 8.42 2.78 -6.74
N ASP A 128 7.94 2.25 -5.66
CA ASP A 128 8.71 1.21 -4.91
C ASP A 128 8.19 -0.18 -5.28
N GLU A 129 8.61 -0.68 -6.42
CA GLU A 129 8.15 -2.04 -6.84
C GLU A 129 8.32 -3.02 -5.69
N ILE A 130 7.40 -3.93 -5.54
CA ILE A 130 7.49 -4.89 -4.42
C ILE A 130 7.64 -6.32 -4.95
N LYS A 131 7.96 -7.24 -4.08
CA LYS A 131 8.11 -8.66 -4.51
C LYS A 131 7.50 -9.57 -3.46
N ILE A 132 6.21 -9.46 -3.24
CA ILE A 132 5.52 -10.31 -2.22
C ILE A 132 6.21 -11.68 -2.09
N ILE A 133 6.66 -12.24 -3.17
CA ILE A 133 7.36 -13.55 -3.11
C ILE A 133 8.61 -13.51 -3.99
N TRP A 134 9.61 -14.26 -3.64
CA TRP A 134 10.86 -14.28 -4.46
C TRP A 134 11.44 -15.69 -4.47
N ASP A 135 11.62 -16.25 -5.64
CA ASP A 135 12.20 -17.62 -5.72
C ASP A 135 13.23 -17.67 -6.85
N LYS A 136 14.48 -17.81 -6.50
CA LYS A 136 15.54 -17.87 -7.55
C LYS A 136 15.37 -19.13 -8.42
N ASN A 137 14.52 -20.04 -7.99
CA ASN A 137 14.30 -21.28 -8.77
C ASN A 137 12.90 -21.27 -9.40
N ASN A 138 12.77 -21.81 -10.59
CA ASN A 138 11.44 -21.85 -11.28
C ASN A 138 10.89 -20.44 -11.52
N LYS A 139 11.70 -19.43 -11.37
CA LYS A 139 11.21 -18.03 -11.60
C LYS A 139 9.83 -17.81 -10.96
N PHE A 140 9.80 -17.39 -9.72
CA PHE A 140 8.49 -17.15 -9.05
C PHE A 140 8.57 -15.91 -8.16
N VAL A 141 8.27 -14.76 -8.70
CA VAL A 141 8.34 -13.52 -7.90
C VAL A 141 7.07 -12.67 -8.11
N ILE A 142 6.67 -11.89 -7.14
CA ILE A 142 5.46 -11.04 -7.32
C ILE A 142 5.88 -9.60 -7.60
N GLY A 143 6.53 -9.40 -8.72
CA GLY A 143 6.99 -8.03 -9.10
C GLY A 143 5.83 -7.06 -8.96
N PHE A 144 6.09 -5.91 -8.40
CA PHE A 144 5.02 -4.90 -8.22
C PHE A 144 5.59 -3.51 -8.49
N LYS A 145 4.77 -2.50 -8.49
CA LYS A 145 5.30 -1.11 -8.74
C LYS A 145 4.51 -0.10 -7.91
N VAL A 146 4.90 0.11 -6.68
CA VAL A 146 4.17 1.09 -5.83
C VAL A 146 4.07 2.42 -6.56
N GLU A 147 2.91 2.76 -7.04
CA GLU A 147 2.77 4.05 -7.78
C GLU A 147 1.92 5.04 -6.98
N ILE A 148 2.56 5.92 -6.26
CA ILE A 148 1.81 6.93 -5.48
C ILE A 148 1.23 7.97 -6.44
N ASN A 149 -0.06 7.98 -6.61
CA ASN A 149 -0.68 8.95 -7.58
C ASN A 149 -1.25 10.17 -6.86
N ASP A 150 -1.63 10.01 -5.61
CA ASP A 150 -2.22 11.17 -4.87
C ASP A 150 -1.13 11.97 -4.16
N THR A 151 -0.58 11.43 -3.11
CA THR A 151 0.49 12.14 -2.36
C THR A 151 -0.08 13.45 -1.78
N THR A 152 -1.38 13.57 -1.72
CA THR A 152 -2.00 14.82 -1.16
C THR A 152 -1.30 15.20 0.14
N GLY A 153 -1.30 14.32 1.12
CA GLY A 153 -0.63 14.63 2.40
C GLY A 153 0.39 13.53 2.71
N LEU A 154 0.85 12.83 1.72
CA LEU A 154 1.85 11.75 1.97
C LEU A 154 3.22 12.36 2.24
N PHE A 155 3.72 12.21 3.44
CA PHE A 155 5.06 12.78 3.80
C PHE A 155 6.07 12.57 2.66
N ASN A 156 7.06 13.44 2.57
CA ASN A 156 8.09 13.31 1.50
C ASN A 156 7.43 13.30 0.11
N GLU A 157 6.16 13.66 0.02
CA GLU A 157 5.47 13.68 -1.31
C GLU A 157 5.84 12.44 -2.12
N GLY A 158 6.13 11.35 -1.46
CA GLY A 158 6.51 10.11 -2.19
C GLY A 158 7.70 10.41 -3.10
N LEU A 159 8.89 10.45 -2.55
CA LEU A 159 10.09 10.75 -3.40
C LEU A 159 11.36 10.20 -2.77
N GLY A 160 11.31 9.02 -2.19
CA GLY A 160 12.54 8.45 -1.56
C GLY A 160 13.19 9.49 -0.65
N MET A 161 12.66 9.66 0.53
CA MET A 161 13.24 10.66 1.49
C MET A 161 14.67 10.27 1.86
N LEU A 162 15.35 11.09 2.61
CA LEU A 162 16.74 10.77 3.03
C LEU A 162 17.66 10.61 1.81
N GLN A 163 18.92 10.39 2.06
CA GLN A 163 19.88 10.22 0.93
C GLN A 163 20.18 8.73 0.72
N GLU A 164 19.18 7.96 0.35
CA GLU A 164 19.39 6.49 0.14
C GLU A 164 19.80 5.82 1.45
N GLN A 165 18.87 5.22 2.16
CA GLN A 165 19.20 4.55 3.44
C GLN A 165 17.93 4.07 4.14
N ARG A 166 17.44 2.92 3.78
CA ARG A 166 16.20 2.40 4.43
C ARG A 166 16.13 0.89 4.26
N VAL A 167 16.41 0.16 5.32
CA VAL A 167 16.38 -1.34 5.21
C VAL A 167 15.24 -1.92 6.07
N VAL A 168 14.81 -3.11 5.73
CA VAL A 168 13.70 -3.75 6.49
C VAL A 168 13.96 -3.73 8.00
N LEU A 169 12.95 -3.42 8.77
CA LEU A 169 13.11 -3.39 10.25
C LEU A 169 12.06 -4.31 10.89
N LYS A 170 12.38 -4.91 12.01
CA LYS A 170 11.41 -5.84 12.67
C LYS A 170 10.04 -5.18 12.81
N GLN A 171 9.03 -5.95 13.18
CA GLN A 171 7.66 -5.39 13.34
C GLN A 171 7.63 -4.36 14.46
N THR A 172 6.48 -4.13 15.04
CA THR A 172 6.37 -3.13 16.15
C THR A 172 4.97 -3.11 16.74
N ALA A 173 4.84 -2.66 17.96
CA ALA A 173 3.49 -2.61 18.60
C ALA A 173 2.76 -3.94 18.39
N GLU A 174 3.50 -5.02 18.25
CA GLU A 174 2.83 -6.35 17.99
C GLU A 174 1.98 -6.19 16.74
N GLU A 175 2.58 -5.77 15.65
CA GLU A 175 1.76 -5.51 14.45
C GLU A 175 0.68 -4.55 14.92
N LYS A 176 1.09 -3.68 15.82
CA LYS A 176 0.14 -2.73 16.44
C LYS A 176 -1.02 -3.51 17.03
N ASP A 177 -0.68 -4.64 17.63
CA ASP A 177 -1.69 -5.54 18.25
C ASP A 177 -2.92 -5.63 17.36
N LEU A 178 -2.69 -5.55 16.08
CA LEU A 178 -3.83 -5.65 15.12
C LEU A 178 -3.42 -6.45 13.89
N VAL A 179 -2.21 -6.28 13.44
CA VAL A 179 -1.78 -7.09 12.26
C VAL A 179 -1.19 -8.40 12.75
N LYS A 180 -1.03 -8.49 14.03
CA LYS A 180 -0.47 -9.73 14.65
C LYS A 180 -1.55 -10.83 14.60
N LYS A 181 -2.73 -10.51 14.14
CA LYS A 181 -3.82 -11.52 14.06
C LYS A 181 -3.69 -12.33 12.77
N LEU A 182 -2.66 -12.08 12.03
CA LEU A 182 -2.47 -12.80 10.74
C LEU A 182 -1.08 -13.43 10.69
N GLU A 1 -10.72 27.45 -36.72
CA GLU A 1 -12.11 26.97 -36.95
C GLU A 1 -12.88 26.91 -35.62
N ALA A 2 -13.75 25.95 -35.44
CA ALA A 2 -14.52 25.86 -34.17
C ALA A 2 -15.45 24.64 -34.19
N GLU A 3 -14.92 23.46 -34.42
CA GLU A 3 -15.79 22.24 -34.45
C GLU A 3 -15.13 21.10 -33.67
N THR A 4 -13.99 20.63 -34.11
CA THR A 4 -13.31 19.51 -33.40
C THR A 4 -12.47 20.03 -32.23
N ARG A 5 -12.69 21.25 -31.82
CA ARG A 5 -11.91 21.80 -30.67
C ARG A 5 -12.83 22.07 -29.48
N GLU A 6 -14.08 22.32 -29.74
CA GLU A 6 -15.04 22.60 -28.63
C GLU A 6 -16.47 22.58 -29.16
N GLN A 7 -17.34 21.84 -28.53
CA GLN A 7 -18.76 21.78 -29.00
C GLN A 7 -19.53 23.00 -28.48
N LYS A 8 -20.53 23.43 -29.19
CA LYS A 8 -21.34 24.61 -28.73
C LYS A 8 -22.83 24.25 -28.72
N LEU A 9 -23.13 22.97 -28.77
CA LEU A 9 -24.56 22.54 -28.75
C LEU A 9 -24.76 21.50 -27.64
N LEU A 10 -25.97 21.33 -27.19
CA LEU A 10 -26.24 20.34 -26.10
C LEU A 10 -25.43 20.68 -24.85
N HIS A 11 -26.04 21.35 -23.90
CA HIS A 11 -25.31 21.72 -22.65
C HIS A 11 -26.14 21.39 -21.41
N SER A 12 -27.28 20.78 -21.58
CA SER A 12 -28.14 20.44 -20.40
C SER A 12 -29.14 19.36 -20.77
N ASN A 13 -28.78 18.49 -21.67
CA ASN A 13 -29.73 17.41 -22.09
C ASN A 13 -30.11 16.54 -20.89
N ASN A 14 -31.35 16.55 -20.51
CA ASN A 14 -31.79 15.73 -19.34
C ASN A 14 -32.74 14.63 -19.82
N THR A 15 -32.55 14.14 -21.01
CA THR A 15 -33.44 13.07 -21.53
C THR A 15 -33.12 11.74 -20.85
N GLU A 16 -33.78 11.44 -19.76
CA GLU A 16 -33.53 10.16 -19.03
C GLU A 16 -32.06 10.07 -18.61
N ASN A 17 -31.78 9.39 -17.53
CA ASN A 17 -30.36 9.26 -17.07
C ASN A 17 -30.12 7.86 -16.51
N VAL A 18 -30.74 7.55 -15.40
CA VAL A 18 -30.56 6.20 -14.76
C VAL A 18 -29.10 5.73 -14.89
N LYS A 19 -28.88 4.45 -14.98
CA LYS A 19 -27.48 3.94 -15.11
C LYS A 19 -26.64 4.43 -13.92
N SER A 20 -27.24 4.53 -12.77
CA SER A 20 -26.48 4.99 -11.57
C SER A 20 -25.77 3.82 -10.91
N SER A 21 -24.74 4.07 -10.15
CA SER A 21 -24.00 2.96 -9.49
C SER A 21 -22.98 3.52 -8.50
N LYS A 22 -23.16 3.24 -7.24
CA LYS A 22 -22.19 3.74 -6.22
C LYS A 22 -21.11 2.69 -5.94
N LYS A 23 -20.79 1.87 -6.91
CA LYS A 23 -19.76 0.82 -6.69
C LYS A 23 -18.35 1.36 -7.04
N LYS A 24 -18.00 2.51 -6.52
CA LYS A 24 -16.65 3.09 -6.80
C LYS A 24 -16.47 4.42 -6.05
N GLY A 25 -15.84 4.40 -4.91
CA GLY A 25 -15.62 5.66 -4.14
C GLY A 25 -14.48 6.46 -4.78
N ASN A 26 -13.95 7.43 -4.09
CA ASN A 26 -12.84 8.23 -4.67
C ASN A 26 -11.79 8.56 -3.59
N GLY A 27 -10.82 7.70 -3.42
CA GLY A 27 -9.77 7.95 -2.40
C GLY A 27 -8.61 6.98 -2.63
N ARG A 28 -7.95 7.08 -3.74
CA ARG A 28 -6.82 6.18 -4.05
C ARG A 28 -5.50 6.89 -3.78
N PHE A 29 -4.67 6.29 -2.99
CA PHE A 29 -3.37 6.92 -2.67
C PHE A 29 -2.25 6.18 -3.39
N LEU A 30 -2.33 4.88 -3.39
CA LEU A 30 -1.25 4.08 -4.06
C LEU A 30 -1.83 3.05 -5.03
N THR A 31 -1.30 3.04 -6.22
CA THR A 31 -1.75 2.05 -7.24
C THR A 31 -0.69 0.94 -7.34
N LEU A 32 -0.93 -0.21 -6.78
CA LEU A 32 0.09 -1.30 -6.86
C LEU A 32 0.16 -1.82 -8.28
N LYS A 33 1.17 -1.45 -9.01
CA LYS A 33 1.28 -1.91 -10.42
C LYS A 33 2.26 -3.08 -10.56
N PRO A 34 1.73 -4.28 -10.50
CA PRO A 34 2.56 -5.48 -10.66
C PRO A 34 2.94 -5.58 -12.12
N LEU A 35 4.11 -6.04 -12.42
CA LEU A 35 4.48 -6.13 -13.85
C LEU A 35 4.36 -7.56 -14.35
N PRO A 36 4.68 -7.74 -15.60
CA PRO A 36 4.61 -9.08 -16.23
C PRO A 36 5.73 -9.98 -15.70
N ASP A 37 6.83 -9.38 -15.31
CA ASP A 37 7.95 -10.19 -14.75
C ASP A 37 7.55 -10.70 -13.36
N SER A 38 6.47 -10.21 -12.83
CA SER A 38 6.00 -10.66 -11.49
C SER A 38 4.90 -11.69 -11.66
N ILE A 39 4.85 -12.69 -10.82
CA ILE A 39 3.77 -13.71 -10.95
C ILE A 39 2.41 -13.00 -11.06
N ILE A 40 2.32 -11.80 -10.51
CA ILE A 40 1.05 -11.03 -10.59
C ILE A 40 1.10 -10.15 -11.84
N GLN A 41 0.00 -9.54 -12.19
CA GLN A 41 -0.02 -8.65 -13.35
C GLN A 41 -1.28 -7.82 -13.30
N GLU A 42 -1.12 -6.53 -13.38
CA GLU A 42 -2.28 -5.55 -13.35
C GLU A 42 -2.26 -4.73 -12.08
N SER A 43 -2.39 -3.47 -12.25
CA SER A 43 -2.36 -2.52 -11.09
C SER A 43 -3.45 -2.78 -10.06
N LEU A 44 -3.14 -2.51 -8.82
CA LEU A 44 -4.14 -2.67 -7.72
C LEU A 44 -4.36 -1.28 -7.13
N GLU A 45 -4.97 -1.16 -5.98
CA GLU A 45 -5.17 0.23 -5.45
C GLU A 45 -5.41 0.27 -3.95
N ILE A 46 -4.46 0.79 -3.23
CA ILE A 46 -4.63 0.93 -1.76
C ILE A 46 -5.33 2.26 -1.48
N GLN A 47 -6.60 2.19 -1.19
CA GLN A 47 -7.42 3.43 -0.96
C GLN A 47 -6.75 4.39 0.01
N GLN A 48 -6.42 5.56 -0.47
CA GLN A 48 -5.81 6.65 0.37
C GLN A 48 -5.00 6.08 1.55
N GLY A 49 -4.21 5.07 1.35
CA GLY A 49 -3.46 4.49 2.49
C GLY A 49 -4.48 3.86 3.43
N VAL A 50 -5.02 2.76 3.01
CA VAL A 50 -6.07 2.06 3.82
C VAL A 50 -5.69 2.00 5.30
N ASN A 51 -4.43 1.86 5.60
CA ASN A 51 -4.01 1.80 7.04
C ASN A 51 -4.97 0.94 7.87
N PRO A 52 -4.68 -0.33 8.00
CA PRO A 52 -3.48 -0.96 7.41
C PRO A 52 -3.85 -1.63 6.08
N PHE A 53 -2.86 -2.08 5.35
CA PHE A 53 -3.15 -2.78 4.06
C PHE A 53 -2.14 -3.91 3.84
N PHE A 54 -2.47 -5.11 4.26
CA PHE A 54 -1.53 -6.24 4.07
C PHE A 54 -2.04 -7.16 2.97
N ILE A 55 -1.16 -7.84 2.29
CA ILE A 55 -1.60 -8.76 1.21
C ILE A 55 -1.02 -10.13 1.47
N GLY A 56 -1.73 -11.15 1.14
CA GLY A 56 -1.18 -12.51 1.38
C GLY A 56 -2.07 -13.55 0.72
N ARG A 57 -1.78 -14.80 0.97
CA ARG A 57 -2.62 -15.89 0.36
C ARG A 57 -4.00 -15.91 1.02
N SER A 58 -4.20 -15.11 2.03
CA SER A 58 -5.54 -15.11 2.70
C SER A 58 -6.31 -13.84 2.32
N GLU A 59 -7.45 -13.97 1.70
CA GLU A 59 -8.23 -12.76 1.33
C GLU A 59 -8.44 -11.88 2.57
N ASP A 60 -8.29 -12.43 3.75
CA ASP A 60 -8.46 -11.61 5.00
C ASP A 60 -7.58 -10.35 4.89
N CYS A 61 -6.58 -10.40 4.05
CA CYS A 61 -5.70 -9.22 3.87
C CYS A 61 -6.48 -8.08 3.23
N ASN A 62 -6.09 -6.87 3.50
CA ASN A 62 -6.80 -5.71 2.90
C ASN A 62 -6.76 -5.83 1.37
N CYS A 63 -5.79 -6.55 0.88
CA CYS A 63 -5.65 -6.76 -0.59
C CYS A 63 -5.95 -8.21 -0.91
N LYS A 64 -5.31 -8.75 -1.91
CA LYS A 64 -5.56 -10.18 -2.25
C LYS A 64 -4.66 -10.66 -3.40
N ILE A 65 -3.58 -11.30 -3.07
CA ILE A 65 -2.67 -11.84 -4.12
C ILE A 65 -2.41 -13.31 -3.80
N GLU A 66 -3.38 -14.14 -4.11
CA GLU A 66 -3.25 -15.60 -3.82
C GLU A 66 -2.23 -16.24 -4.75
N ASP A 67 -0.98 -15.94 -4.55
CA ASP A 67 0.09 -16.51 -5.43
C ASP A 67 0.79 -17.72 -4.81
N ASN A 68 0.04 -18.65 -4.28
CA ASN A 68 0.65 -19.89 -3.69
C ASN A 68 1.77 -19.57 -2.66
N ARG A 69 2.94 -19.22 -3.14
CA ARG A 69 4.09 -18.91 -2.20
C ARG A 69 3.62 -18.12 -0.99
N LEU A 70 2.56 -17.37 -1.14
CA LEU A 70 2.05 -16.57 0.01
C LEU A 70 1.57 -17.48 1.12
N SER A 71 1.97 -17.19 2.32
CA SER A 71 1.56 -18.02 3.47
C SER A 71 0.42 -17.32 4.22
N ARG A 72 -0.45 -16.67 3.50
CA ARG A 72 -1.57 -15.93 4.17
C ARG A 72 -0.97 -14.72 4.85
N VAL A 73 -1.42 -13.55 4.50
CA VAL A 73 -0.82 -12.31 5.08
C VAL A 73 0.68 -12.35 4.78
N HIS A 74 0.99 -13.00 3.68
CA HIS A 74 2.38 -13.15 3.20
C HIS A 74 3.19 -11.90 3.47
N CYS A 75 2.79 -10.84 2.86
CA CYS A 75 3.49 -9.53 3.06
C CYS A 75 2.53 -8.61 3.81
N PHE A 76 2.98 -7.59 4.47
CA PHE A 76 2.00 -6.71 5.16
C PHE A 76 2.42 -5.24 5.07
N ILE A 77 1.59 -4.43 4.48
CA ILE A 77 1.91 -2.99 4.38
C ILE A 77 1.02 -2.24 5.37
N PHE A 78 1.48 -1.16 5.90
CA PHE A 78 0.68 -0.42 6.91
C PHE A 78 0.72 1.08 6.61
N LYS A 79 0.02 1.88 7.37
CA LYS A 79 0.04 3.35 7.09
C LYS A 79 0.00 4.16 8.40
N LYS A 80 0.63 5.30 8.42
CA LYS A 80 0.61 6.14 9.66
C LYS A 80 1.38 7.44 9.47
N ARG A 81 1.61 8.17 10.54
CA ARG A 81 2.37 9.45 10.40
C ARG A 81 3.86 9.16 10.16
N HIS A 82 4.42 9.72 9.11
CA HIS A 82 5.86 9.48 8.82
C HIS A 82 6.70 9.85 10.05
N ALA A 83 6.84 11.11 10.33
CA ALA A 83 7.66 11.55 11.51
C ALA A 83 9.08 11.01 11.38
N VAL A 84 10.00 11.85 11.02
CA VAL A 84 11.42 11.41 10.86
C VAL A 84 12.11 11.32 12.23
N GLY A 85 13.35 10.91 12.27
CA GLY A 85 14.08 10.80 13.56
C GLY A 85 15.59 10.76 13.28
N LYS A 86 16.07 11.64 12.45
CA LYS A 86 17.52 11.67 12.13
C LYS A 86 18.29 12.56 13.10
N SER A 87 19.29 12.03 13.75
CA SER A 87 20.09 12.84 14.71
C SER A 87 19.17 13.64 15.63
N MET A 88 19.66 14.69 16.22
CA MET A 88 18.80 15.51 17.12
C MET A 88 17.88 16.42 16.28
N TYR A 89 16.85 15.85 15.69
CA TYR A 89 15.92 16.66 14.85
C TYR A 89 15.25 17.75 15.71
N GLU A 90 14.11 18.25 15.30
CA GLU A 90 13.43 19.31 16.09
C GLU A 90 11.90 19.18 15.98
N SER A 91 11.32 19.72 14.93
CA SER A 91 9.85 19.64 14.75
C SER A 91 9.53 18.81 13.50
N PRO A 92 8.93 17.66 13.71
CA PRO A 92 8.58 16.78 12.57
C PRO A 92 7.44 17.38 11.76
N ALA A 93 6.66 16.56 11.12
CA ALA A 93 5.53 17.07 10.30
C ALA A 93 4.25 17.15 11.14
N GLN A 94 4.14 16.33 12.15
CA GLN A 94 2.93 16.37 13.02
C GLN A 94 1.66 16.28 12.17
N GLY A 95 1.76 15.67 11.03
CA GLY A 95 0.59 15.53 10.13
C GLY A 95 0.99 14.59 8.99
N LEU A 96 0.36 14.72 7.86
CA LEU A 96 0.73 13.84 6.71
C LEU A 96 0.60 12.36 7.09
N ASP A 97 1.39 11.51 6.48
CA ASP A 97 1.33 10.05 6.79
C ASP A 97 2.24 9.29 5.82
N ASP A 98 2.83 8.21 6.26
CA ASP A 98 3.72 7.41 5.36
C ASP A 98 3.37 5.93 5.47
N ILE A 99 3.16 5.28 4.36
CA ILE A 99 2.81 3.83 4.43
C ILE A 99 4.01 3.01 4.92
N TRP A 100 3.76 1.81 5.35
CA TRP A 100 4.87 0.96 5.89
C TRP A 100 4.79 -0.48 5.39
N TYR A 101 5.64 -0.89 4.47
CA TYR A 101 5.61 -2.31 4.02
C TYR A 101 6.04 -3.17 5.22
N CYS A 102 5.68 -4.43 5.22
CA CYS A 102 6.08 -5.28 6.39
C CYS A 102 5.71 -6.73 6.12
N HIS A 103 6.65 -7.56 5.75
CA HIS A 103 6.28 -8.98 5.49
C HIS A 103 5.89 -9.65 6.81
N THR A 104 4.75 -10.27 6.87
CA THR A 104 4.34 -10.94 8.13
C THR A 104 4.10 -12.43 7.91
N GLY A 105 3.93 -12.82 6.68
CA GLY A 105 3.68 -14.26 6.38
C GLY A 105 4.89 -15.10 6.82
N THR A 106 4.87 -16.36 6.46
CA THR A 106 6.01 -17.27 6.82
C THR A 106 7.17 -17.06 5.85
N ASN A 107 6.93 -16.34 4.80
CA ASN A 107 7.97 -16.12 3.77
C ASN A 107 8.63 -14.75 3.91
N VAL A 108 8.89 -14.09 2.81
CA VAL A 108 9.55 -12.75 2.87
C VAL A 108 9.13 -11.87 1.67
N SER A 109 8.85 -10.62 1.92
CA SER A 109 8.50 -9.68 0.80
C SER A 109 9.53 -8.57 0.84
N TYR A 110 9.60 -7.73 -0.15
CA TYR A 110 10.68 -6.70 -0.09
C TYR A 110 10.35 -5.47 -0.94
N LEU A 111 11.15 -4.44 -0.79
CA LEU A 111 10.92 -3.19 -1.57
C LEU A 111 12.06 -3.01 -2.58
N ASN A 112 12.16 -1.83 -3.16
CA ASN A 112 13.23 -1.55 -4.17
C ASN A 112 14.46 -2.46 -3.97
N ASN A 113 15.07 -2.40 -2.82
CA ASN A 113 16.27 -3.25 -2.57
C ASN A 113 16.39 -3.63 -1.10
N ASN A 114 15.28 -3.73 -0.41
CA ASN A 114 15.34 -4.09 1.04
C ASN A 114 14.67 -5.45 1.28
N ARG A 115 15.45 -6.44 1.62
CA ARG A 115 14.88 -7.80 1.86
C ARG A 115 14.27 -7.89 3.27
N MET A 116 13.01 -8.20 3.35
CA MET A 116 12.35 -8.33 4.68
C MET A 116 12.26 -9.81 5.05
N ILE A 117 12.52 -10.17 6.29
CA ILE A 117 12.46 -11.61 6.67
C ILE A 117 11.19 -11.90 7.48
N GLN A 118 10.04 -11.67 6.91
CA GLN A 118 8.77 -11.95 7.62
C GLN A 118 8.72 -11.19 8.95
N GLY A 119 7.54 -11.07 9.50
CA GLY A 119 7.37 -10.34 10.80
C GLY A 119 8.27 -9.09 10.85
N THR A 120 8.55 -8.50 9.71
CA THR A 120 9.43 -7.29 9.68
C THR A 120 8.73 -6.17 8.93
N LYS A 121 8.90 -4.95 9.35
CA LYS A 121 8.24 -3.80 8.66
C LYS A 121 9.24 -2.94 7.90
N PHE A 122 8.75 -2.09 7.05
CA PHE A 122 9.65 -1.23 6.26
C PHE A 122 8.89 -0.02 5.70
N LEU A 123 9.60 0.99 5.26
CA LEU A 123 8.93 2.21 4.72
C LEU A 123 8.71 2.08 3.21
N LEU A 124 7.65 2.68 2.72
CA LEU A 124 7.37 2.63 1.25
C LEU A 124 7.42 4.04 0.66
N GLN A 125 7.60 4.16 -0.63
CA GLN A 125 7.67 5.52 -1.26
C GLN A 125 7.11 5.47 -2.69
N ASP A 126 6.70 6.60 -3.21
CA ASP A 126 6.12 6.62 -4.59
C ASP A 126 7.12 6.07 -5.60
N GLY A 127 6.72 5.09 -6.37
CA GLY A 127 7.64 4.51 -7.38
C GLY A 127 8.56 3.49 -6.71
N ASP A 128 8.04 2.77 -5.76
CA ASP A 128 8.87 1.75 -5.06
C ASP A 128 8.49 0.34 -5.54
N GLU A 129 9.03 -0.09 -6.64
CA GLU A 129 8.69 -1.46 -7.14
C GLU A 129 9.08 -2.48 -6.08
N ILE A 130 8.10 -3.00 -5.37
CA ILE A 130 8.42 -3.99 -4.29
C ILE A 130 8.46 -5.41 -4.86
N LYS A 131 8.40 -6.39 -4.00
CA LYS A 131 8.43 -7.80 -4.47
C LYS A 131 7.77 -8.73 -3.45
N ILE A 132 6.45 -8.73 -3.38
CA ILE A 132 5.72 -9.63 -2.43
C ILE A 132 6.55 -10.89 -2.14
N ILE A 133 7.13 -11.47 -3.16
CA ILE A 133 7.95 -12.71 -2.95
C ILE A 133 9.08 -12.77 -3.98
N TRP A 134 9.92 -13.77 -3.88
CA TRP A 134 11.04 -13.92 -4.84
C TRP A 134 11.80 -15.23 -4.56
N ASP A 135 11.41 -16.29 -5.20
CA ASP A 135 12.12 -17.59 -4.99
C ASP A 135 12.97 -17.89 -6.21
N LYS A 136 14.24 -17.58 -6.15
CA LYS A 136 15.14 -17.82 -7.30
C LYS A 136 15.33 -19.33 -7.53
N ASN A 137 15.04 -20.13 -6.54
CA ASN A 137 15.20 -21.60 -6.68
C ASN A 137 14.26 -22.16 -7.76
N ASN A 138 12.98 -22.15 -7.49
CA ASN A 138 12.01 -22.69 -8.49
C ASN A 138 11.47 -21.57 -9.39
N LYS A 139 12.16 -20.47 -9.50
CA LYS A 139 11.69 -19.35 -10.36
C LYS A 139 10.33 -18.82 -9.87
N PHE A 140 10.32 -17.68 -9.25
CA PHE A 140 9.04 -17.09 -8.75
C PHE A 140 9.28 -15.72 -8.13
N VAL A 141 8.94 -14.67 -8.84
CA VAL A 141 9.13 -13.29 -8.29
C VAL A 141 7.83 -12.52 -8.42
N ILE A 142 7.50 -11.71 -7.45
CA ILE A 142 6.24 -10.94 -7.54
C ILE A 142 6.57 -9.46 -7.67
N GLY A 143 7.27 -9.11 -8.71
CA GLY A 143 7.63 -7.68 -8.92
C GLY A 143 6.37 -6.82 -8.84
N PHE A 144 6.41 -5.78 -8.08
CA PHE A 144 5.22 -4.89 -7.96
C PHE A 144 5.66 -3.45 -8.07
N LYS A 145 4.76 -2.55 -8.31
CA LYS A 145 5.16 -1.12 -8.44
C LYS A 145 4.24 -0.21 -7.63
N VAL A 146 4.74 0.34 -6.56
CA VAL A 146 3.92 1.27 -5.75
C VAL A 146 3.89 2.63 -6.43
N GLU A 147 2.76 3.03 -6.95
CA GLU A 147 2.68 4.35 -7.64
C GLU A 147 1.70 5.28 -6.92
N ILE A 148 2.22 6.17 -6.13
CA ILE A 148 1.33 7.12 -5.41
C ILE A 148 0.77 8.15 -6.40
N ASN A 149 -0.52 8.16 -6.60
CA ASN A 149 -1.13 9.12 -7.58
C ASN A 149 -1.65 10.37 -6.87
N ASP A 150 -1.99 10.26 -5.62
CA ASP A 150 -2.50 11.43 -4.87
C ASP A 150 -1.35 12.16 -4.17
N THR A 151 -0.79 11.56 -3.16
CA THR A 151 0.34 12.19 -2.41
C THR A 151 -0.09 13.56 -1.87
N THR A 152 -1.37 13.82 -1.80
CA THR A 152 -1.85 15.13 -1.28
C THR A 152 -1.44 15.29 0.19
N GLY A 153 -2.01 14.49 1.06
CA GLY A 153 -1.64 14.58 2.50
C GLY A 153 -0.55 13.56 2.80
N LEU A 154 0.12 13.08 1.79
CA LEU A 154 1.19 12.08 2.01
C LEU A 154 2.52 12.76 2.22
N PHE A 155 3.15 12.54 3.35
CA PHE A 155 4.48 13.17 3.61
C PHE A 155 5.40 12.95 2.40
N ASN A 156 6.42 13.75 2.25
CA ASN A 156 7.34 13.56 1.08
C ASN A 156 6.59 13.76 -0.24
N GLU A 157 5.36 14.22 -0.20
CA GLU A 157 4.57 14.44 -1.44
C GLU A 157 4.76 13.26 -2.40
N GLY A 158 5.03 12.09 -1.88
CA GLY A 158 5.24 10.91 -2.75
C GLY A 158 6.53 11.10 -3.56
N LEU A 159 7.66 11.03 -2.92
CA LEU A 159 8.96 11.21 -3.65
C LEU A 159 10.05 10.38 -2.96
N GLY A 160 10.07 9.10 -3.20
CA GLY A 160 11.08 8.21 -2.55
C GLY A 160 12.50 8.71 -2.82
N MET A 161 13.20 9.06 -1.78
CA MET A 161 14.60 9.55 -1.94
C MET A 161 15.59 8.39 -1.77
N LEU A 162 15.60 7.47 -2.69
CA LEU A 162 16.55 6.31 -2.57
C LEU A 162 17.94 6.81 -2.18
N GLN A 163 18.45 6.39 -1.05
CA GLN A 163 19.80 6.86 -0.62
C GLN A 163 20.33 6.00 0.54
N GLU A 164 19.87 4.78 0.64
CA GLU A 164 20.35 3.90 1.76
C GLU A 164 20.01 4.53 3.10
N GLN A 165 18.89 5.21 3.19
CA GLN A 165 18.51 5.85 4.48
C GLN A 165 17.20 5.26 5.02
N ARG A 166 17.00 3.99 4.81
CA ARG A 166 15.76 3.34 5.31
C ARG A 166 15.87 1.82 5.12
N VAL A 167 16.15 1.11 6.18
CA VAL A 167 16.29 -0.38 6.06
C VAL A 167 15.09 -1.08 6.74
N VAL A 168 14.88 -2.34 6.43
CA VAL A 168 13.72 -3.06 7.04
C VAL A 168 13.76 -2.94 8.56
N LEU A 169 12.65 -2.60 9.16
CA LEU A 169 12.61 -2.47 10.64
C LEU A 169 11.63 -3.50 11.21
N LYS A 170 11.94 -4.09 12.33
CA LYS A 170 11.03 -5.12 12.91
C LYS A 170 9.61 -4.58 12.99
N GLN A 171 8.66 -5.44 13.22
CA GLN A 171 7.25 -4.98 13.31
C GLN A 171 7.11 -3.97 14.47
N THR A 172 5.91 -3.77 14.94
CA THR A 172 5.70 -2.80 16.06
C THR A 172 4.26 -2.86 16.54
N ALA A 173 4.02 -2.45 17.77
CA ALA A 173 2.62 -2.46 18.29
C ALA A 173 1.98 -3.81 18.00
N GLU A 174 2.76 -4.86 17.87
CA GLU A 174 2.17 -6.19 17.54
C GLU A 174 1.41 -6.05 16.23
N GLU A 175 2.08 -5.58 15.20
CA GLU A 175 1.35 -5.33 13.94
C GLU A 175 0.23 -4.39 14.34
N LYS A 176 0.54 -3.54 15.27
CA LYS A 176 -0.46 -2.61 15.84
C LYS A 176 -1.64 -3.41 16.36
N ASP A 177 -1.33 -4.58 16.90
CA ASP A 177 -2.36 -5.48 17.46
C ASP A 177 -3.52 -5.58 16.50
N LEU A 178 -3.20 -5.52 15.23
CA LEU A 178 -4.27 -5.61 14.20
C LEU A 178 -3.75 -6.39 13.00
N VAL A 179 -2.54 -6.13 12.61
CA VAL A 179 -1.99 -6.88 11.46
C VAL A 179 -1.47 -8.22 11.96
N LYS A 180 -1.43 -8.36 13.26
CA LYS A 180 -0.94 -9.62 13.89
C LYS A 180 -2.09 -10.64 13.95
N LYS A 181 -3.30 -10.17 14.02
CA LYS A 181 -4.46 -11.12 14.10
C LYS A 181 -4.85 -11.63 12.72
N LEU A 182 -4.07 -11.31 11.76
CA LEU A 182 -4.35 -11.76 10.37
C LEU A 182 -3.94 -13.23 10.19
N GLU A 1 -54.55 33.21 16.61
CA GLU A 1 -54.01 34.55 16.20
C GLU A 1 -52.50 34.45 15.92
N ALA A 2 -52.08 33.42 15.23
CA ALA A 2 -50.62 33.27 14.93
C ALA A 2 -50.23 34.12 13.73
N GLU A 3 -49.22 34.94 13.88
CA GLU A 3 -48.77 35.80 12.75
C GLU A 3 -47.40 35.34 12.25
N THR A 4 -47.01 34.13 12.57
CA THR A 4 -45.69 33.62 12.11
C THR A 4 -45.86 32.28 11.38
N ARG A 5 -44.94 31.93 10.53
CA ARG A 5 -45.05 30.64 9.79
C ARG A 5 -44.73 29.49 10.75
N GLU A 6 -44.80 28.27 10.27
CA GLU A 6 -44.48 27.10 11.15
C GLU A 6 -43.21 27.36 11.97
N GLN A 7 -43.12 26.79 13.14
CA GLN A 7 -41.92 27.01 13.98
C GLN A 7 -41.53 25.74 14.73
N LYS A 8 -41.31 24.66 14.02
CA LYS A 8 -40.93 23.39 14.70
C LYS A 8 -39.42 23.13 14.52
N LEU A 9 -38.66 24.18 14.34
CA LEU A 9 -37.17 24.01 14.16
C LEU A 9 -36.87 22.99 13.06
N LEU A 10 -36.57 23.45 11.87
CA LEU A 10 -36.26 22.51 10.76
C LEU A 10 -34.73 22.38 10.59
N HIS A 11 -34.23 21.18 10.54
CA HIS A 11 -32.76 20.98 10.36
C HIS A 11 -32.39 21.00 8.87
N SER A 12 -32.39 22.16 8.28
CA SER A 12 -32.04 22.26 6.83
C SER A 12 -31.64 23.69 6.48
N ASN A 13 -30.43 23.89 6.01
CA ASN A 13 -29.99 25.27 5.67
C ASN A 13 -29.99 25.48 4.15
N ASN A 14 -30.95 24.92 3.46
CA ASN A 14 -31.01 25.09 1.98
C ASN A 14 -32.45 24.94 1.49
N THR A 15 -32.94 25.88 0.73
CA THR A 15 -34.34 25.79 0.21
C THR A 15 -34.35 25.85 -1.31
N GLU A 16 -33.25 25.59 -1.94
CA GLU A 16 -33.20 25.62 -3.43
C GLU A 16 -32.72 24.28 -3.98
N ASN A 17 -31.49 23.93 -3.71
CA ASN A 17 -30.96 22.63 -4.21
C ASN A 17 -30.93 21.59 -3.07
N VAL A 18 -30.25 20.50 -3.28
CA VAL A 18 -30.17 19.46 -2.21
C VAL A 18 -28.75 19.40 -1.64
N LYS A 19 -28.48 18.43 -0.81
CA LYS A 19 -27.10 18.31 -0.21
C LYS A 19 -26.05 18.40 -1.32
N SER A 20 -24.86 18.82 -1.00
CA SER A 20 -23.80 18.94 -2.04
C SER A 20 -22.69 17.93 -1.82
N SER A 21 -22.90 16.71 -2.23
CA SER A 21 -21.84 15.66 -2.06
C SER A 21 -21.71 14.84 -3.34
N LYS A 22 -21.48 15.50 -4.46
CA LYS A 22 -21.36 14.76 -5.75
C LYS A 22 -19.90 14.41 -6.03
N LYS A 23 -18.97 15.12 -5.45
CA LYS A 23 -17.53 14.83 -5.70
C LYS A 23 -17.07 13.60 -4.91
N LYS A 24 -17.41 12.42 -5.37
CA LYS A 24 -17.00 11.19 -4.65
C LYS A 24 -15.71 10.63 -5.28
N GLY A 25 -14.85 10.06 -4.49
CA GLY A 25 -13.58 9.50 -5.05
C GLY A 25 -12.39 10.08 -4.29
N ASN A 26 -11.27 10.20 -4.94
CA ASN A 26 -10.05 10.74 -4.26
C ASN A 26 -9.69 9.90 -3.04
N GLY A 27 -10.26 8.72 -2.93
CA GLY A 27 -9.94 7.85 -1.76
C GLY A 27 -8.82 6.89 -2.14
N ARG A 28 -8.15 7.14 -3.24
CA ARG A 28 -7.03 6.27 -3.67
C ARG A 28 -5.69 6.95 -3.41
N PHE A 29 -4.83 6.29 -2.69
CA PHE A 29 -3.49 6.89 -2.39
C PHE A 29 -2.43 6.13 -3.13
N LEU A 30 -2.60 4.84 -3.22
CA LEU A 30 -1.57 4.00 -3.91
C LEU A 30 -2.20 2.92 -4.77
N THR A 31 -1.81 2.85 -6.02
CA THR A 31 -2.31 1.80 -6.93
C THR A 31 -1.21 0.75 -7.05
N LEU A 32 -1.37 -0.40 -6.44
CA LEU A 32 -0.30 -1.44 -6.52
C LEU A 32 -0.20 -1.98 -7.94
N LYS A 33 0.85 -1.63 -8.64
CA LYS A 33 0.98 -2.10 -10.05
C LYS A 33 2.05 -3.20 -10.18
N PRO A 34 1.60 -4.43 -10.21
CA PRO A 34 2.52 -5.56 -10.39
C PRO A 34 2.69 -5.76 -11.88
N LEU A 35 3.78 -6.31 -12.32
CA LEU A 35 3.93 -6.49 -13.78
C LEU A 35 3.78 -7.96 -14.17
N PRO A 36 3.89 -8.18 -15.46
CA PRO A 36 3.74 -9.54 -16.02
C PRO A 36 4.97 -10.40 -15.71
N ASP A 37 6.09 -9.77 -15.44
CA ASP A 37 7.32 -10.56 -15.12
C ASP A 37 7.06 -11.43 -13.88
N SER A 38 6.04 -11.10 -13.13
CA SER A 38 5.72 -11.89 -11.91
C SER A 38 4.44 -12.70 -12.12
N ILE A 39 4.28 -13.77 -11.39
CA ILE A 39 3.02 -14.58 -11.54
C ILE A 39 1.81 -13.64 -11.42
N ILE A 40 2.00 -12.54 -10.74
CA ILE A 40 0.90 -11.55 -10.59
C ILE A 40 1.07 -10.47 -11.65
N GLN A 41 0.05 -9.68 -11.85
CA GLN A 41 0.13 -8.58 -12.84
C GLN A 41 -1.24 -7.92 -12.96
N GLU A 42 -1.30 -6.65 -12.60
CA GLU A 42 -2.57 -5.85 -12.65
C GLU A 42 -2.56 -4.82 -11.54
N SER A 43 -2.80 -3.62 -11.89
CA SER A 43 -2.78 -2.51 -10.88
C SER A 43 -3.88 -2.67 -9.82
N LEU A 44 -3.51 -2.60 -8.57
CA LEU A 44 -4.51 -2.70 -7.47
C LEU A 44 -4.79 -1.29 -6.95
N GLU A 45 -5.58 -1.14 -5.91
CA GLU A 45 -5.87 0.24 -5.43
C GLU A 45 -5.97 0.29 -3.91
N ILE A 46 -4.94 0.74 -3.25
CA ILE A 46 -4.96 0.86 -1.77
C ILE A 46 -5.60 2.21 -1.41
N GLN A 47 -6.90 2.22 -1.22
CA GLN A 47 -7.63 3.48 -0.91
C GLN A 47 -6.92 4.32 0.14
N GLN A 48 -6.54 5.53 -0.23
CA GLN A 48 -5.85 6.47 0.71
C GLN A 48 -4.95 5.71 1.69
N GLY A 49 -4.32 4.65 1.24
CA GLY A 49 -3.45 3.90 2.17
C GLY A 49 -4.35 3.24 3.21
N VAL A 50 -5.01 2.18 2.82
CA VAL A 50 -5.95 1.49 3.75
C VAL A 50 -5.46 1.54 5.19
N ASN A 51 -4.18 1.46 5.42
CA ASN A 51 -3.66 1.52 6.81
C ASN A 51 -4.52 0.66 7.76
N PRO A 52 -4.21 -0.60 7.83
CA PRO A 52 -3.12 -1.23 7.05
C PRO A 52 -3.68 -1.91 5.80
N PHE A 53 -2.82 -2.36 4.92
CA PHE A 53 -3.30 -3.07 3.69
C PHE A 53 -2.50 -4.37 3.49
N PHE A 54 -3.00 -5.47 3.97
CA PHE A 54 -2.25 -6.75 3.78
C PHE A 54 -2.49 -7.28 2.38
N ILE A 55 -1.84 -8.35 2.05
CA ILE A 55 -2.00 -8.96 0.70
C ILE A 55 -1.31 -10.30 0.70
N GLY A 56 -1.94 -11.35 0.24
CA GLY A 56 -1.23 -12.65 0.25
C GLY A 56 -2.17 -13.79 -0.15
N ARG A 57 -2.09 -14.88 0.55
CA ARG A 57 -2.95 -16.05 0.22
C ARG A 57 -4.23 -16.03 1.05
N SER A 58 -4.29 -15.23 2.07
CA SER A 58 -5.52 -15.19 2.90
C SER A 58 -6.39 -14.01 2.48
N GLU A 59 -7.53 -14.27 1.89
CA GLU A 59 -8.42 -13.14 1.46
C GLU A 59 -8.57 -12.14 2.61
N ASP A 60 -8.37 -12.58 3.82
CA ASP A 60 -8.46 -11.65 4.98
C ASP A 60 -7.58 -10.43 4.72
N CYS A 61 -6.59 -10.57 3.88
CA CYS A 61 -5.70 -9.42 3.57
C CYS A 61 -6.53 -8.31 2.95
N ASN A 62 -6.06 -7.09 3.01
CA ASN A 62 -6.83 -5.97 2.40
C ASN A 62 -6.98 -6.23 0.91
N CYS A 63 -6.17 -7.12 0.38
CA CYS A 63 -6.25 -7.45 -1.06
C CYS A 63 -5.96 -8.93 -1.24
N LYS A 64 -5.32 -9.31 -2.31
CA LYS A 64 -5.03 -10.76 -2.53
C LYS A 64 -3.97 -10.94 -3.61
N ILE A 65 -2.89 -11.60 -3.29
CA ILE A 65 -1.81 -11.81 -4.30
C ILE A 65 -1.72 -13.30 -4.64
N GLU A 66 -2.75 -14.04 -4.31
CA GLU A 66 -2.83 -15.52 -4.57
C GLU A 66 -1.65 -16.03 -5.40
N ASP A 67 -0.50 -16.16 -4.78
CA ASP A 67 0.69 -16.67 -5.51
C ASP A 67 1.19 -17.98 -4.88
N ASN A 68 0.30 -18.78 -4.38
CA ASN A 68 0.71 -20.09 -3.76
C ASN A 68 1.75 -19.89 -2.63
N ARG A 69 3.00 -19.63 -2.96
CA ARG A 69 4.04 -19.44 -1.90
C ARG A 69 3.55 -18.51 -0.80
N LEU A 70 2.56 -17.69 -1.08
CA LEU A 70 2.04 -16.78 -0.03
C LEU A 70 1.47 -17.60 1.12
N SER A 71 1.98 -17.41 2.30
CA SER A 71 1.49 -18.20 3.45
C SER A 71 0.29 -17.52 4.11
N ARG A 72 -0.56 -16.92 3.35
CA ARG A 72 -1.76 -16.23 3.93
C ARG A 72 -1.26 -15.02 4.72
N VAL A 73 -1.69 -13.85 4.36
CA VAL A 73 -1.17 -12.64 5.06
C VAL A 73 0.34 -12.65 4.82
N HIS A 74 0.68 -13.14 3.65
CA HIS A 74 2.08 -13.28 3.21
C HIS A 74 2.88 -12.01 3.55
N CYS A 75 2.53 -10.95 2.91
CA CYS A 75 3.22 -9.64 3.19
C CYS A 75 2.22 -8.76 3.95
N PHE A 76 2.66 -7.75 4.62
CA PHE A 76 1.68 -6.87 5.34
C PHE A 76 2.10 -5.40 5.21
N ILE A 77 1.35 -4.64 4.46
CA ILE A 77 1.70 -3.20 4.33
C ILE A 77 0.91 -2.41 5.36
N PHE A 78 1.47 -1.34 5.85
CA PHE A 78 0.78 -0.51 6.87
C PHE A 78 0.88 0.96 6.48
N LYS A 79 0.20 1.82 7.19
CA LYS A 79 0.28 3.27 6.84
C LYS A 79 0.21 4.13 8.11
N LYS A 80 0.87 5.26 8.12
CA LYS A 80 0.84 6.13 9.34
C LYS A 80 1.74 7.35 9.16
N ARG A 81 1.73 8.24 10.12
CA ARG A 81 2.59 9.45 10.04
C ARG A 81 4.04 9.05 9.80
N HIS A 82 4.85 9.97 9.32
CA HIS A 82 6.28 9.63 9.07
C HIS A 82 7.07 9.75 10.38
N ALA A 83 7.25 10.95 10.87
CA ALA A 83 8.00 11.15 12.15
C ALA A 83 9.37 10.45 12.07
N VAL A 84 10.41 11.19 11.80
CA VAL A 84 11.77 10.58 11.72
C VAL A 84 12.22 10.10 13.09
N GLY A 85 13.21 9.24 13.12
CA GLY A 85 13.72 8.71 14.41
C GLY A 85 14.64 9.75 15.06
N LYS A 86 14.83 9.68 16.34
CA LYS A 86 15.73 10.67 17.03
C LYS A 86 15.33 12.09 16.62
N SER A 87 14.05 12.31 16.42
CA SER A 87 13.56 13.66 16.01
C SER A 87 14.17 14.75 16.89
N MET A 88 15.01 15.58 16.34
CA MET A 88 15.64 16.68 17.12
C MET A 88 16.21 17.75 16.18
N TYR A 89 15.38 18.27 15.31
CA TYR A 89 15.86 19.30 14.35
C TYR A 89 15.23 20.66 14.69
N GLU A 90 15.09 21.52 13.72
CA GLU A 90 14.49 22.86 13.99
C GLU A 90 13.08 22.96 13.39
N SER A 91 12.83 22.26 12.31
CA SER A 91 11.47 22.31 11.69
C SER A 91 11.08 20.93 11.17
N PRO A 92 10.43 20.18 12.02
CA PRO A 92 10.00 18.81 11.65
C PRO A 92 8.86 18.88 10.62
N ALA A 93 8.02 17.89 10.60
CA ALA A 93 6.89 17.88 9.63
C ALA A 93 5.67 17.21 10.26
N GLN A 94 5.22 17.70 11.39
CA GLN A 94 4.04 17.10 12.06
C GLN A 94 2.89 16.92 11.05
N GLY A 95 2.24 15.79 11.08
CA GLY A 95 1.14 15.53 10.12
C GLY A 95 1.65 14.61 9.02
N LEU A 96 1.08 14.70 7.85
CA LEU A 96 1.53 13.83 6.72
C LEU A 96 1.35 12.36 7.10
N ASP A 97 1.59 11.46 6.18
CA ASP A 97 1.43 10.00 6.50
C ASP A 97 2.26 9.13 5.56
N ASP A 98 3.19 8.39 6.08
CA ASP A 98 4.03 7.50 5.22
C ASP A 98 3.48 6.07 5.27
N ILE A 99 3.77 5.29 4.26
CA ILE A 99 3.28 3.87 4.27
C ILE A 99 4.36 2.96 4.84
N TRP A 100 4.00 1.78 5.24
CA TRP A 100 5.02 0.86 5.84
C TRP A 100 4.84 -0.58 5.33
N TYR A 101 5.63 -1.02 4.40
CA TYR A 101 5.49 -2.42 3.93
C TYR A 101 6.05 -3.34 5.00
N CYS A 102 5.33 -4.38 5.37
CA CYS A 102 5.82 -5.29 6.45
C CYS A 102 5.40 -6.73 6.18
N HIS A 103 6.33 -7.61 5.90
CA HIS A 103 5.93 -9.04 5.67
C HIS A 103 5.47 -9.67 6.98
N THR A 104 4.43 -10.46 6.95
CA THR A 104 3.95 -11.11 8.21
C THR A 104 3.71 -12.61 8.00
N GLY A 105 3.51 -13.03 6.78
CA GLY A 105 3.29 -14.49 6.53
C GLY A 105 4.50 -15.28 7.02
N THR A 106 4.62 -16.50 6.56
CA THR A 106 5.78 -17.34 6.96
C THR A 106 6.94 -17.11 5.99
N ASN A 107 6.65 -16.45 4.92
CA ASN A 107 7.68 -16.18 3.89
C ASN A 107 8.32 -14.81 4.11
N VAL A 108 8.67 -14.14 3.05
CA VAL A 108 9.34 -12.82 3.18
C VAL A 108 9.00 -11.92 1.98
N SER A 109 8.68 -10.67 2.23
CA SER A 109 8.40 -9.73 1.10
C SER A 109 9.43 -8.62 1.19
N TYR A 110 9.62 -7.85 0.15
CA TYR A 110 10.69 -6.80 0.22
C TYR A 110 10.68 -5.88 -0.98
N LEU A 111 11.45 -4.83 -0.91
CA LEU A 111 11.54 -3.86 -2.04
C LEU A 111 12.88 -4.02 -2.73
N ASN A 112 13.16 -3.21 -3.71
CA ASN A 112 14.47 -3.31 -4.41
C ASN A 112 15.57 -2.71 -3.54
N ASN A 113 15.68 -3.12 -2.30
CA ASN A 113 16.73 -2.54 -1.41
C ASN A 113 16.72 -3.19 -0.01
N ASN A 114 15.76 -4.02 0.30
CA ASN A 114 15.75 -4.62 1.67
C ASN A 114 14.86 -5.86 1.74
N ARG A 115 15.40 -6.96 2.17
CA ARG A 115 14.61 -8.22 2.28
C ARG A 115 14.07 -8.40 3.71
N MET A 116 12.77 -8.45 3.86
CA MET A 116 12.18 -8.63 5.23
C MET A 116 12.06 -10.12 5.53
N ILE A 117 12.20 -10.51 6.77
CA ILE A 117 12.08 -11.95 7.11
C ILE A 117 10.78 -12.23 7.85
N GLN A 118 9.66 -12.02 7.21
CA GLN A 118 8.34 -12.25 7.87
C GLN A 118 8.25 -11.44 9.15
N GLY A 119 7.05 -11.23 9.61
CA GLY A 119 6.86 -10.43 10.86
C GLY A 119 7.81 -9.22 10.87
N THR A 120 8.11 -8.69 9.70
CA THR A 120 9.04 -7.53 9.63
C THR A 120 8.32 -6.34 8.99
N LYS A 121 8.80 -5.15 9.23
CA LYS A 121 8.15 -3.95 8.64
C LYS A 121 9.18 -3.13 7.87
N PHE A 122 8.73 -2.22 7.04
CA PHE A 122 9.68 -1.42 6.25
C PHE A 122 9.01 -0.17 5.68
N LEU A 123 9.78 0.83 5.33
CA LEU A 123 9.20 2.09 4.76
C LEU A 123 9.00 1.94 3.25
N LEU A 124 8.01 2.56 2.71
CA LEU A 124 7.77 2.47 1.23
C LEU A 124 8.03 3.81 0.56
N GLN A 125 8.17 3.81 -0.75
CA GLN A 125 8.41 5.07 -1.50
C GLN A 125 7.63 5.00 -2.82
N ASP A 126 6.99 6.07 -3.21
CA ASP A 126 6.21 6.06 -4.49
C ASP A 126 7.05 5.47 -5.62
N GLY A 127 6.47 4.62 -6.42
CA GLY A 127 7.24 4.00 -7.54
C GLY A 127 8.23 3.00 -6.95
N ASP A 128 7.79 2.22 -5.99
CA ASP A 128 8.67 1.22 -5.36
C ASP A 128 8.31 -0.18 -5.82
N GLU A 129 8.96 -0.63 -6.85
CA GLU A 129 8.67 -2.00 -7.37
C GLU A 129 8.97 -3.04 -6.28
N ILE A 130 8.07 -3.19 -5.33
CA ILE A 130 8.28 -4.17 -4.23
C ILE A 130 8.33 -5.59 -4.81
N LYS A 131 8.55 -6.56 -3.97
CA LYS A 131 8.62 -7.97 -4.46
C LYS A 131 8.19 -8.94 -3.36
N ILE A 132 6.90 -9.13 -3.18
CA ILE A 132 6.41 -10.07 -2.12
C ILE A 132 7.28 -11.33 -2.06
N ILE A 133 7.68 -11.84 -3.20
CA ILE A 133 8.55 -13.05 -3.21
C ILE A 133 9.45 -13.04 -4.45
N TRP A 134 10.60 -13.67 -4.37
CA TRP A 134 11.52 -13.67 -5.54
C TRP A 134 12.05 -15.09 -5.80
N ASP A 135 13.17 -15.45 -5.23
CA ASP A 135 13.74 -16.81 -5.46
C ASP A 135 13.88 -17.08 -6.97
N LYS A 136 14.77 -16.39 -7.63
CA LYS A 136 14.96 -16.62 -9.09
C LYS A 136 15.41 -18.06 -9.36
N ASN A 137 15.85 -18.74 -8.33
CA ASN A 137 16.30 -20.16 -8.49
C ASN A 137 15.33 -20.95 -9.39
N ASN A 138 14.06 -20.85 -9.13
CA ASN A 138 13.08 -21.61 -9.97
C ASN A 138 12.13 -20.65 -10.70
N LYS A 139 12.56 -19.42 -10.91
CA LYS A 139 11.69 -18.43 -11.63
C LYS A 139 10.31 -18.35 -10.96
N PHE A 140 10.11 -17.37 -10.11
CA PHE A 140 8.79 -17.22 -9.43
C PHE A 140 8.82 -15.97 -8.53
N VAL A 141 8.33 -14.86 -9.01
CA VAL A 141 8.36 -13.63 -8.18
C VAL A 141 7.01 -12.89 -8.24
N ILE A 142 6.80 -11.96 -7.35
CA ILE A 142 5.53 -11.18 -7.36
C ILE A 142 5.86 -9.70 -7.53
N GLY A 143 6.66 -9.38 -8.52
CA GLY A 143 7.05 -7.96 -8.76
C GLY A 143 5.84 -7.04 -8.62
N PHE A 144 5.88 -6.15 -7.67
CA PHE A 144 4.76 -5.20 -7.47
C PHE A 144 5.31 -3.79 -7.48
N LYS A 145 4.54 -2.83 -7.92
CA LYS A 145 5.07 -1.44 -7.97
C LYS A 145 4.12 -0.47 -7.27
N VAL A 146 4.48 -0.03 -6.10
CA VAL A 146 3.62 0.93 -5.37
C VAL A 146 3.49 2.22 -6.19
N GLU A 147 2.29 2.56 -6.60
CA GLU A 147 2.11 3.79 -7.41
C GLU A 147 1.32 4.84 -6.62
N ILE A 148 2.00 5.66 -5.87
CA ILE A 148 1.29 6.70 -5.07
C ILE A 148 0.89 7.86 -5.99
N ASN A 149 -0.37 7.97 -6.30
CA ASN A 149 -0.84 9.05 -7.22
C ASN A 149 -1.42 10.23 -6.45
N ASP A 150 -1.98 9.98 -5.30
CA ASP A 150 -2.59 11.10 -4.50
C ASP A 150 -1.51 11.90 -3.79
N THR A 151 -0.97 11.39 -2.71
CA THR A 151 0.08 12.13 -1.96
C THR A 151 -0.43 13.53 -1.60
N THR A 152 -1.72 13.70 -1.55
CA THR A 152 -2.29 15.05 -1.21
C THR A 152 -1.85 15.47 0.19
N GLY A 153 -0.69 16.06 0.31
CA GLY A 153 -0.21 16.50 1.64
C GLY A 153 0.49 15.34 2.35
N LEU A 154 0.97 14.37 1.62
CA LEU A 154 1.66 13.21 2.27
C LEU A 154 3.15 13.52 2.44
N PHE A 155 3.75 12.95 3.47
CA PHE A 155 5.20 13.19 3.72
C PHE A 155 6.01 12.99 2.44
N ASN A 156 7.00 13.84 2.23
CA ASN A 156 7.85 13.72 1.00
C ASN A 156 7.00 13.72 -0.27
N GLU A 157 5.73 14.03 -0.17
CA GLU A 157 4.85 14.03 -1.38
C GLU A 157 5.03 12.71 -2.17
N GLY A 158 5.46 11.66 -1.50
CA GLY A 158 5.68 10.36 -2.20
C GLY A 158 6.56 10.57 -3.43
N LEU A 159 7.85 10.63 -3.24
CA LEU A 159 8.76 10.84 -4.41
C LEU A 159 10.12 10.17 -4.16
N GLY A 160 10.12 9.10 -3.42
CA GLY A 160 11.41 8.38 -3.15
C GLY A 160 12.45 9.36 -2.62
N MET A 161 12.32 9.77 -1.38
CA MET A 161 13.32 10.71 -0.80
C MET A 161 14.70 10.06 -0.85
N LEU A 162 15.60 10.42 0.02
CA LEU A 162 16.96 9.80 0.00
C LEU A 162 16.84 8.28 -0.23
N GLN A 163 17.03 7.85 -1.46
CA GLN A 163 16.91 6.39 -1.77
C GLN A 163 18.04 5.60 -1.12
N GLU A 164 18.09 5.60 0.18
CA GLU A 164 19.16 4.85 0.91
C GLU A 164 19.00 5.07 2.42
N GLN A 165 19.81 4.43 3.21
CA GLN A 165 19.71 4.61 4.69
C GLN A 165 18.33 4.16 5.19
N ARG A 166 17.81 3.10 4.66
CA ARG A 166 16.47 2.60 5.12
C ARG A 166 16.41 1.08 5.03
N VAL A 167 16.63 0.41 6.13
CA VAL A 167 16.60 -1.08 6.10
C VAL A 167 15.32 -1.60 6.76
N VAL A 168 15.01 -2.85 6.55
CA VAL A 168 13.76 -3.43 7.13
C VAL A 168 13.66 -3.13 8.63
N LEU A 169 12.48 -2.81 9.09
CA LEU A 169 12.27 -2.52 10.54
C LEU A 169 11.44 -3.65 11.15
N LYS A 170 11.96 -4.36 12.11
CA LYS A 170 11.18 -5.48 12.73
C LYS A 170 9.74 -5.06 13.05
N GLN A 171 8.87 -6.00 13.32
CA GLN A 171 7.46 -5.65 13.63
C GLN A 171 7.39 -4.74 14.85
N THR A 172 6.22 -4.34 15.25
CA THR A 172 6.09 -3.43 16.44
C THR A 172 4.63 -3.24 16.81
N ALA A 173 4.37 -2.66 17.95
CA ALA A 173 2.96 -2.42 18.37
C ALA A 173 2.14 -3.69 18.16
N GLU A 174 2.75 -4.85 18.24
CA GLU A 174 1.98 -6.11 18.02
C GLU A 174 1.39 -6.02 16.61
N GLU A 175 2.21 -5.73 15.62
CA GLU A 175 1.65 -5.53 14.25
C GLU A 175 0.60 -4.46 14.45
N LYS A 176 0.90 -3.56 15.35
CA LYS A 176 -0.02 -2.48 15.71
C LYS A 176 -1.32 -3.07 16.25
N ASP A 177 -1.18 -4.18 16.94
CA ASP A 177 -2.36 -4.87 17.54
C ASP A 177 -3.46 -4.95 16.49
N LEU A 178 -3.06 -5.07 15.27
CA LEU A 178 -4.06 -5.17 14.16
C LEU A 178 -3.57 -6.19 13.15
N VAL A 179 -2.32 -6.16 12.83
CA VAL A 179 -1.81 -7.15 11.86
C VAL A 179 -1.31 -8.39 12.61
N LYS A 180 -1.27 -8.29 13.89
CA LYS A 180 -0.83 -9.42 14.75
C LYS A 180 -1.91 -10.50 14.81
N LYS A 181 -3.09 -10.22 14.30
CA LYS A 181 -4.18 -11.22 14.34
C LYS A 181 -4.19 -12.06 13.06
N LEU A 182 -3.20 -11.89 12.26
CA LEU A 182 -3.11 -12.65 10.98
C LEU A 182 -1.78 -13.40 10.92
N GLU A 1 -16.22 60.99 -7.92
CA GLU A 1 -16.05 60.19 -6.67
C GLU A 1 -14.68 59.53 -6.64
N ALA A 2 -13.92 59.77 -5.59
CA ALA A 2 -12.57 59.15 -5.49
C ALA A 2 -12.20 58.94 -4.02
N GLU A 3 -11.12 58.23 -3.78
CA GLU A 3 -10.71 57.97 -2.36
C GLU A 3 -11.78 57.17 -1.62
N THR A 4 -12.19 56.05 -2.16
CA THR A 4 -13.24 55.23 -1.47
C THR A 4 -12.70 53.83 -1.16
N ARG A 5 -12.96 53.35 0.02
CA ARG A 5 -12.47 51.98 0.39
C ARG A 5 -13.55 50.93 0.06
N GLU A 6 -13.17 49.69 0.00
CA GLU A 6 -14.17 48.62 -0.32
C GLU A 6 -13.90 47.36 0.51
N GLN A 7 -14.84 46.94 1.31
CA GLN A 7 -14.64 45.71 2.13
C GLN A 7 -15.69 44.66 1.77
N LYS A 8 -15.28 43.43 1.59
CA LYS A 8 -16.25 42.36 1.23
C LYS A 8 -16.22 41.23 2.27
N LEU A 9 -15.64 41.49 3.42
CA LEU A 9 -15.57 40.42 4.47
C LEU A 9 -15.37 41.06 5.85
N LEU A 10 -16.06 40.57 6.84
CA LEU A 10 -15.92 41.15 8.21
C LEU A 10 -16.37 40.13 9.25
N HIS A 11 -17.52 39.54 9.05
CA HIS A 11 -18.02 38.54 10.03
C HIS A 11 -18.97 37.55 9.32
N SER A 12 -18.82 36.28 9.60
CA SER A 12 -19.69 35.25 8.94
C SER A 12 -19.50 35.28 7.43
N ASN A 13 -18.33 34.95 6.96
CA ASN A 13 -18.09 34.95 5.48
C ASN A 13 -16.76 34.25 5.15
N ASN A 14 -16.34 33.32 5.97
CA ASN A 14 -15.06 32.60 5.69
C ASN A 14 -15.32 31.32 4.88
N THR A 15 -16.56 30.88 4.84
CA THR A 15 -16.88 29.63 4.07
C THR A 15 -17.77 29.98 2.87
N GLU A 16 -17.51 29.38 1.74
CA GLU A 16 -18.33 29.65 0.53
C GLU A 16 -18.91 28.34 -0.01
N ASN A 17 -19.06 27.36 0.84
CA ASN A 17 -19.61 26.05 0.41
C ASN A 17 -20.40 25.41 1.55
N VAL A 18 -21.68 25.19 1.37
CA VAL A 18 -22.49 24.58 2.45
C VAL A 18 -22.95 23.17 2.06
N LYS A 19 -23.09 22.92 0.78
CA LYS A 19 -23.54 21.57 0.34
C LYS A 19 -22.83 21.17 -0.96
N SER A 20 -22.55 19.91 -1.13
CA SER A 20 -21.87 19.44 -2.37
C SER A 20 -21.73 17.93 -2.36
N SER A 21 -21.91 17.29 -3.48
CA SER A 21 -21.79 15.80 -3.53
C SER A 21 -21.69 15.34 -4.99
N LYS A 22 -20.64 15.70 -5.67
CA LYS A 22 -20.49 15.29 -7.08
C LYS A 22 -19.16 14.54 -7.27
N LYS A 23 -18.19 14.78 -6.43
CA LYS A 23 -16.88 14.08 -6.56
C LYS A 23 -16.94 12.69 -5.93
N LYS A 24 -15.87 11.97 -5.97
CA LYS A 24 -15.85 10.61 -5.36
C LYS A 24 -15.44 10.69 -3.88
N GLY A 25 -15.09 9.58 -3.29
CA GLY A 25 -14.69 9.61 -1.85
C GLY A 25 -13.17 9.85 -1.73
N ASN A 26 -12.47 9.90 -2.83
CA ASN A 26 -10.99 10.12 -2.78
C ASN A 26 -10.32 9.03 -1.95
N GLY A 27 -9.98 7.93 -2.57
CA GLY A 27 -9.32 6.82 -1.80
C GLY A 27 -8.35 6.06 -2.72
N ARG A 28 -7.37 6.75 -3.24
CA ARG A 28 -6.38 6.10 -4.12
C ARG A 28 -5.02 6.79 -3.98
N PHE A 29 -4.12 6.19 -3.26
CA PHE A 29 -2.78 6.82 -3.06
C PHE A 29 -1.73 6.00 -3.78
N LEU A 30 -1.84 4.71 -3.69
CA LEU A 30 -0.82 3.83 -4.35
C LEU A 30 -1.50 2.77 -5.21
N THR A 31 -1.08 2.67 -6.45
CA THR A 31 -1.66 1.64 -7.35
C THR A 31 -0.62 0.54 -7.56
N LEU A 32 -0.68 -0.51 -6.77
CA LEU A 32 0.32 -1.61 -6.94
C LEU A 32 0.10 -2.30 -8.28
N LYS A 33 0.91 -1.99 -9.25
CA LYS A 33 0.73 -2.58 -10.60
C LYS A 33 1.67 -3.77 -10.82
N PRO A 34 1.14 -4.97 -10.67
CA PRO A 34 1.94 -6.19 -10.90
C PRO A 34 2.20 -6.30 -12.38
N LEU A 35 3.36 -6.71 -12.78
CA LEU A 35 3.64 -6.80 -14.23
C LEU A 35 3.62 -8.25 -14.71
N PRO A 36 3.89 -8.42 -15.98
CA PRO A 36 3.87 -9.77 -16.60
C PRO A 36 5.04 -10.62 -16.10
N ASP A 37 5.95 -10.05 -15.37
CA ASP A 37 7.09 -10.85 -14.83
C ASP A 37 6.75 -11.32 -13.42
N SER A 38 5.50 -11.26 -13.06
CA SER A 38 5.08 -11.68 -11.70
C SER A 38 3.87 -12.62 -11.80
N ILE A 39 3.76 -13.57 -10.91
CA ILE A 39 2.59 -14.51 -10.97
C ILE A 39 1.28 -13.70 -11.07
N ILE A 40 1.30 -12.46 -10.62
CA ILE A 40 0.08 -11.62 -10.73
C ILE A 40 0.23 -10.66 -11.91
N GLN A 41 -0.82 -9.99 -12.31
CA GLN A 41 -0.72 -9.03 -13.43
C GLN A 41 -1.97 -8.19 -13.51
N GLU A 42 -1.83 -6.91 -13.30
CA GLU A 42 -3.01 -5.96 -13.36
C GLU A 42 -2.69 -4.70 -12.55
N SER A 43 -3.31 -4.53 -11.43
CA SER A 43 -3.07 -3.33 -10.57
C SER A 43 -3.95 -3.36 -9.32
N LEU A 44 -3.39 -3.00 -8.21
CA LEU A 44 -4.18 -2.95 -6.94
C LEU A 44 -4.37 -1.49 -6.55
N GLU A 45 -5.26 -1.19 -5.63
CA GLU A 45 -5.46 0.24 -5.26
C GLU A 45 -5.49 0.45 -3.75
N ILE A 46 -4.38 0.82 -3.17
CA ILE A 46 -4.33 1.07 -1.70
C ILE A 46 -4.88 2.47 -1.42
N GLN A 47 -6.13 2.57 -1.05
CA GLN A 47 -6.74 3.90 -0.78
C GLN A 47 -5.87 4.73 0.19
N GLN A 48 -5.66 5.98 -0.14
CA GLN A 48 -4.82 6.91 0.71
C GLN A 48 -4.24 6.21 1.95
N GLY A 49 -3.34 5.29 1.75
CA GLY A 49 -2.74 4.59 2.92
C GLY A 49 -3.85 3.88 3.69
N VAL A 50 -4.42 2.85 3.12
CA VAL A 50 -5.52 2.11 3.81
C VAL A 50 -5.20 1.96 5.30
N ASN A 51 -3.95 1.79 5.63
CA ASN A 51 -3.55 1.67 7.06
C ASN A 51 -4.49 0.76 7.86
N PRO A 52 -4.17 -0.51 7.94
CA PRO A 52 -3.00 -1.11 7.27
C PRO A 52 -3.44 -1.80 5.98
N PHE A 53 -2.51 -2.14 5.14
CA PHE A 53 -2.87 -2.86 3.87
C PHE A 53 -2.15 -4.20 3.81
N PHE A 54 -2.73 -5.24 4.33
CA PHE A 54 -2.05 -6.57 4.27
C PHE A 54 -2.10 -7.11 2.85
N ILE A 55 -1.47 -8.22 2.62
CA ILE A 55 -1.48 -8.83 1.27
C ILE A 55 -0.91 -10.24 1.41
N GLY A 56 -1.58 -11.23 0.90
CA GLY A 56 -1.04 -12.61 1.04
C GLY A 56 -2.03 -13.65 0.50
N ARG A 57 -1.84 -14.88 0.88
CA ARG A 57 -2.75 -15.97 0.39
C ARG A 57 -4.08 -15.93 1.14
N SER A 58 -4.24 -15.03 2.07
CA SER A 58 -5.52 -14.93 2.82
C SER A 58 -6.27 -13.69 2.38
N GLU A 59 -7.44 -13.85 1.81
CA GLU A 59 -8.21 -12.66 1.35
C GLU A 59 -8.46 -11.73 2.55
N ASP A 60 -8.29 -12.22 3.75
CA ASP A 60 -8.49 -11.35 4.94
C ASP A 60 -7.61 -10.10 4.82
N CYS A 61 -6.58 -10.17 4.01
CA CYS A 61 -5.70 -9.00 3.83
C CYS A 61 -6.45 -7.89 3.12
N ASN A 62 -5.91 -6.70 3.16
CA ASN A 62 -6.58 -5.57 2.45
C ASN A 62 -6.51 -5.80 0.95
N CYS A 63 -5.71 -6.74 0.53
CA CYS A 63 -5.59 -7.02 -0.93
C CYS A 63 -5.57 -8.53 -1.18
N LYS A 64 -4.84 -8.95 -2.18
CA LYS A 64 -4.74 -10.39 -2.51
C LYS A 64 -3.74 -10.59 -3.66
N ILE A 65 -2.68 -11.31 -3.41
CA ILE A 65 -1.67 -11.53 -4.48
C ILE A 65 -1.58 -13.02 -4.82
N GLU A 66 -2.60 -13.76 -4.46
CA GLU A 66 -2.67 -15.23 -4.73
C GLU A 66 -1.41 -15.75 -5.43
N ASP A 67 -0.33 -15.84 -4.71
CA ASP A 67 0.95 -16.32 -5.33
C ASP A 67 1.41 -17.64 -4.70
N ASN A 68 0.48 -18.49 -4.33
CA ASN A 68 0.85 -19.82 -3.72
C ASN A 68 1.85 -19.68 -2.57
N ARG A 69 3.11 -19.49 -2.87
CA ARG A 69 4.16 -19.35 -1.80
C ARG A 69 3.63 -18.53 -0.63
N LEU A 70 2.75 -17.60 -0.89
CA LEU A 70 2.20 -16.76 0.22
C LEU A 70 1.71 -17.65 1.36
N SER A 71 1.79 -17.18 2.56
CA SER A 71 1.34 -18.01 3.72
C SER A 71 -0.12 -17.66 4.07
N ARG A 72 -0.52 -16.45 3.73
CA ARG A 72 -1.92 -15.97 4.02
C ARG A 72 -1.86 -14.44 4.06
N VAL A 73 -1.06 -13.94 4.95
CA VAL A 73 -0.81 -12.48 5.05
C VAL A 73 0.66 -12.34 4.75
N HIS A 74 1.07 -13.13 3.78
CA HIS A 74 2.47 -13.22 3.33
C HIS A 74 3.23 -11.95 3.61
N CYS A 75 2.75 -10.90 3.07
CA CYS A 75 3.39 -9.58 3.26
C CYS A 75 2.43 -8.68 4.05
N PHE A 76 2.87 -7.65 4.70
CA PHE A 76 1.89 -6.76 5.42
C PHE A 76 2.29 -5.30 5.30
N ILE A 77 1.59 -4.54 4.51
CA ILE A 77 1.92 -3.09 4.39
C ILE A 77 1.15 -2.34 5.47
N PHE A 78 1.61 -1.19 5.83
CA PHE A 78 0.93 -0.40 6.90
C PHE A 78 1.01 1.08 6.54
N LYS A 79 0.40 1.92 7.32
CA LYS A 79 0.44 3.38 7.00
C LYS A 79 0.37 4.21 8.28
N LYS A 80 0.99 5.35 8.28
CA LYS A 80 0.97 6.22 9.50
C LYS A 80 1.68 7.54 9.23
N ARG A 81 1.68 8.41 10.19
CA ARG A 81 2.36 9.73 10.00
C ARG A 81 3.88 9.56 10.10
N HIS A 82 4.61 10.22 9.25
CA HIS A 82 6.10 10.10 9.29
C HIS A 82 6.66 11.00 10.41
N ALA A 83 6.59 12.29 10.24
CA ALA A 83 7.11 13.24 11.27
C ALA A 83 8.57 12.92 11.62
N VAL A 84 9.49 13.74 11.17
CA VAL A 84 10.92 13.50 11.47
C VAL A 84 11.24 13.93 12.92
N GLY A 85 12.45 13.73 13.35
CA GLY A 85 12.82 14.13 14.74
C GLY A 85 13.98 13.26 15.25
N LYS A 86 13.74 11.98 15.40
CA LYS A 86 14.83 11.05 15.87
C LYS A 86 15.21 11.37 17.33
N SER A 87 14.30 11.89 18.09
CA SER A 87 14.60 12.21 19.53
C SER A 87 13.42 12.96 20.16
N MET A 88 13.46 13.14 21.46
CA MET A 88 12.35 13.87 22.15
C MET A 88 12.40 15.36 21.79
N TYR A 89 11.74 15.74 20.73
CA TYR A 89 11.76 17.17 20.32
C TYR A 89 10.52 17.50 19.48
N GLU A 90 10.53 18.63 18.81
CA GLU A 90 9.37 19.00 17.97
C GLU A 90 9.85 19.72 16.69
N SER A 91 10.43 18.98 15.78
CA SER A 91 10.92 19.59 14.52
C SER A 91 9.76 19.80 13.54
N PRO A 92 10.01 20.51 12.48
CA PRO A 92 8.97 20.77 11.47
C PRO A 92 8.64 19.48 10.72
N ALA A 93 8.20 19.58 9.50
CA ALA A 93 7.86 18.37 8.70
C ALA A 93 6.78 17.54 9.42
N GLN A 94 6.08 18.13 10.35
CA GLN A 94 5.03 17.37 11.09
C GLN A 94 3.86 17.05 10.16
N GLY A 95 2.98 16.19 10.59
CA GLY A 95 1.80 15.82 9.75
C GLY A 95 2.23 14.86 8.64
N LEU A 96 1.58 14.96 7.51
CA LEU A 96 1.92 14.07 6.35
C LEU A 96 1.63 12.60 6.70
N ASP A 97 2.09 11.68 5.89
CA ASP A 97 1.83 10.23 6.18
C ASP A 97 2.75 9.34 5.33
N ASP A 98 3.31 8.30 5.92
CA ASP A 98 4.22 7.40 5.16
C ASP A 98 3.72 5.94 5.26
N ILE A 99 3.64 5.24 4.16
CA ILE A 99 3.19 3.81 4.21
C ILE A 99 4.33 2.93 4.71
N TRP A 100 4.02 1.79 5.26
CA TRP A 100 5.09 0.91 5.80
C TRP A 100 4.96 -0.53 5.29
N TYR A 101 5.84 -0.96 4.42
CA TYR A 101 5.79 -2.35 3.92
C TYR A 101 6.32 -3.29 5.01
N CYS A 102 5.51 -4.19 5.49
CA CYS A 102 5.99 -5.11 6.55
C CYS A 102 5.57 -6.55 6.27
N HIS A 103 6.49 -7.42 5.96
CA HIS A 103 6.10 -8.84 5.71
C HIS A 103 5.71 -9.50 7.04
N THR A 104 4.63 -10.24 7.07
CA THR A 104 4.22 -10.89 8.36
C THR A 104 3.97 -12.39 8.15
N GLY A 105 3.78 -12.81 6.93
CA GLY A 105 3.51 -14.25 6.67
C GLY A 105 4.67 -15.10 7.19
N THR A 106 4.72 -16.32 6.75
CA THR A 106 5.81 -17.26 7.17
C THR A 106 7.00 -17.11 6.23
N ASN A 107 6.81 -16.40 5.16
CA ASN A 107 7.88 -16.24 4.14
C ASN A 107 8.46 -14.82 4.16
N VAL A 108 8.79 -14.27 3.03
CA VAL A 108 9.38 -12.90 3.02
C VAL A 108 8.95 -12.11 1.77
N SER A 109 8.70 -10.85 1.94
CA SER A 109 8.35 -9.98 0.76
C SER A 109 9.39 -8.88 0.73
N TYR A 110 9.48 -8.12 -0.32
CA TYR A 110 10.58 -7.11 -0.35
C TYR A 110 10.20 -5.86 -1.15
N LEU A 111 11.05 -4.88 -1.10
CA LEU A 111 10.80 -3.62 -1.83
C LEU A 111 11.94 -3.34 -2.80
N ASN A 112 11.86 -3.84 -4.00
CA ASN A 112 12.94 -3.61 -5.01
C ASN A 112 14.23 -4.33 -4.61
N ASN A 113 14.85 -3.93 -3.54
CA ASN A 113 16.13 -4.60 -3.14
C ASN A 113 16.17 -4.86 -1.62
N ASN A 114 15.19 -4.42 -0.88
CA ASN A 114 15.21 -4.66 0.59
C ASN A 114 14.49 -5.95 0.93
N ARG A 115 15.21 -6.97 1.31
CA ARG A 115 14.59 -8.28 1.64
C ARG A 115 13.98 -8.25 3.06
N MET A 116 12.70 -8.44 3.16
CA MET A 116 12.04 -8.46 4.50
C MET A 116 12.01 -9.90 5.00
N ILE A 117 12.36 -10.13 6.24
CA ILE A 117 12.36 -11.54 6.75
C ILE A 117 11.11 -11.82 7.59
N GLN A 118 9.95 -11.58 7.03
CA GLN A 118 8.68 -11.83 7.77
C GLN A 118 8.68 -11.06 9.08
N GLY A 119 7.52 -10.92 9.66
CA GLY A 119 7.39 -10.18 10.95
C GLY A 119 8.29 -8.93 10.94
N THR A 120 8.52 -8.36 9.78
CA THR A 120 9.40 -7.16 9.70
C THR A 120 8.64 -6.01 9.02
N LYS A 121 9.07 -4.79 9.23
CA LYS A 121 8.38 -3.62 8.60
C LYS A 121 9.35 -2.86 7.71
N PHE A 122 8.86 -1.96 6.90
CA PHE A 122 9.76 -1.19 5.99
C PHE A 122 9.03 0.02 5.39
N LEU A 123 9.77 0.98 4.89
CA LEU A 123 9.12 2.20 4.30
C LEU A 123 8.93 2.03 2.79
N LEU A 124 7.83 2.51 2.26
CA LEU A 124 7.58 2.38 0.79
C LEU A 124 7.72 3.76 0.12
N GLN A 125 7.87 3.78 -1.18
CA GLN A 125 8.02 5.09 -1.89
C GLN A 125 7.23 5.07 -3.22
N ASP A 126 7.37 6.10 -4.01
CA ASP A 126 6.63 6.16 -5.31
C ASP A 126 7.36 5.34 -6.38
N GLY A 127 6.64 4.65 -7.23
CA GLY A 127 7.31 3.85 -8.29
C GLY A 127 8.25 2.86 -7.60
N ASP A 128 7.84 2.33 -6.50
CA ASP A 128 8.67 1.37 -5.75
C ASP A 128 8.22 -0.05 -6.07
N GLU A 129 8.66 -0.59 -7.17
CA GLU A 129 8.25 -1.97 -7.52
C GLU A 129 8.62 -2.91 -6.38
N ILE A 130 7.71 -3.77 -5.99
CA ILE A 130 8.00 -4.70 -4.87
C ILE A 130 7.89 -6.15 -5.32
N LYS A 131 8.18 -7.06 -4.43
CA LYS A 131 8.09 -8.50 -4.79
C LYS A 131 7.54 -9.31 -3.62
N ILE A 132 6.25 -9.31 -3.45
CA ILE A 132 5.62 -10.10 -2.35
C ILE A 132 6.31 -11.47 -2.24
N ILE A 133 6.78 -11.97 -3.37
CA ILE A 133 7.48 -13.28 -3.38
C ILE A 133 8.64 -13.24 -4.38
N TRP A 134 9.64 -14.05 -4.19
CA TRP A 134 10.80 -14.05 -5.14
C TRP A 134 11.60 -15.34 -5.03
N ASP A 135 10.99 -16.46 -5.31
CA ASP A 135 11.72 -17.75 -5.22
C ASP A 135 12.49 -17.98 -6.54
N LYS A 136 13.60 -17.29 -6.71
CA LYS A 136 14.40 -17.46 -7.96
C LYS A 136 14.62 -18.93 -8.27
N ASN A 137 14.57 -19.78 -7.27
CA ASN A 137 14.78 -21.24 -7.50
C ASN A 137 13.87 -21.73 -8.62
N ASN A 138 12.58 -21.54 -8.49
CA ASN A 138 11.64 -22.01 -9.55
C ASN A 138 11.11 -20.81 -10.35
N LYS A 139 11.91 -19.79 -10.51
CA LYS A 139 11.47 -18.59 -11.29
C LYS A 139 10.15 -18.04 -10.73
N PHE A 140 9.88 -18.29 -9.49
CA PHE A 140 8.61 -17.77 -8.89
C PHE A 140 8.86 -16.37 -8.35
N VAL A 141 8.07 -15.41 -8.75
CA VAL A 141 8.29 -14.01 -8.29
C VAL A 141 7.03 -13.16 -8.47
N ILE A 142 6.81 -12.22 -7.59
CA ILE A 142 5.61 -11.35 -7.72
C ILE A 142 6.05 -9.90 -7.98
N GLY A 143 6.59 -9.66 -9.15
CA GLY A 143 7.04 -8.28 -9.49
C GLY A 143 5.86 -7.32 -9.38
N PHE A 144 6.07 -6.17 -8.81
CA PHE A 144 4.97 -5.19 -8.67
C PHE A 144 5.49 -3.78 -8.94
N LYS A 145 4.63 -2.83 -9.11
CA LYS A 145 5.10 -1.43 -9.37
C LYS A 145 4.30 -0.43 -8.56
N VAL A 146 4.78 -0.07 -7.39
CA VAL A 146 4.04 0.92 -6.56
C VAL A 146 3.89 2.23 -7.34
N GLU A 147 2.70 2.55 -7.78
CA GLU A 147 2.52 3.82 -8.54
C GLU A 147 1.63 4.79 -7.74
N ILE A 148 2.22 5.75 -7.10
CA ILE A 148 1.41 6.73 -6.32
C ILE A 148 0.88 7.80 -7.26
N ASN A 149 -0.42 7.91 -7.38
CA ASN A 149 -1.01 8.91 -8.31
C ASN A 149 -1.53 10.13 -7.55
N ASP A 150 -1.92 9.94 -6.31
CA ASP A 150 -2.46 11.08 -5.51
C ASP A 150 -1.34 11.85 -4.82
N THR A 151 -0.69 11.24 -3.85
CA THR A 151 0.40 11.93 -3.11
C THR A 151 -0.15 13.17 -2.40
N THR A 152 -1.46 13.26 -2.26
CA THR A 152 -2.07 14.44 -1.58
C THR A 152 -1.48 14.59 -0.17
N GLY A 153 -0.77 15.66 0.09
CA GLY A 153 -0.18 15.86 1.44
C GLY A 153 0.67 14.64 1.82
N LEU A 154 1.13 13.91 0.85
CA LEU A 154 1.98 12.71 1.14
C LEU A 154 3.41 13.15 1.42
N PHE A 155 3.94 12.78 2.56
CA PHE A 155 5.33 13.17 2.91
C PHE A 155 6.27 12.88 1.73
N ASN A 156 7.19 13.77 1.45
CA ASN A 156 8.13 13.55 0.30
C ASN A 156 7.34 13.38 -1.01
N GLU A 157 6.06 13.64 -1.00
CA GLU A 157 5.24 13.48 -2.25
C GLU A 157 5.58 12.17 -2.96
N GLY A 158 5.99 11.18 -2.21
CA GLY A 158 6.36 9.87 -2.84
C GLY A 158 7.43 10.11 -3.90
N LEU A 159 8.68 9.94 -3.54
CA LEU A 159 9.78 10.17 -4.53
C LEU A 159 11.11 9.61 -4.01
N GLY A 160 11.06 8.52 -3.28
CA GLY A 160 12.30 7.92 -2.75
C GLY A 160 13.17 8.98 -2.07
N MET A 161 12.72 9.49 -0.96
CA MET A 161 13.52 10.52 -0.24
C MET A 161 14.86 9.93 0.20
N LEU A 162 15.71 10.72 0.80
CA LEU A 162 17.04 10.20 1.27
C LEU A 162 17.79 9.54 0.11
N GLN A 163 19.00 9.10 0.33
CA GLN A 163 19.76 8.44 -0.78
C GLN A 163 19.84 6.93 -0.55
N GLU A 164 18.73 6.25 -0.68
CA GLU A 164 18.72 4.76 -0.47
C GLU A 164 19.07 4.44 0.98
N GLN A 165 18.71 5.31 1.89
CA GLN A 165 19.02 5.03 3.33
C GLN A 165 17.77 4.55 4.05
N ARG A 166 17.31 3.37 3.70
CA ARG A 166 16.10 2.82 4.36
C ARG A 166 16.16 1.29 4.28
N VAL A 167 16.49 0.65 5.38
CA VAL A 167 16.59 -0.84 5.37
C VAL A 167 15.40 -1.45 6.14
N VAL A 168 15.11 -2.70 5.88
CA VAL A 168 13.95 -3.36 6.56
C VAL A 168 13.95 -3.05 8.07
N LEU A 169 12.79 -2.90 8.64
CA LEU A 169 12.68 -2.63 10.10
C LEU A 169 12.03 -3.83 10.78
N LYS A 170 12.12 -3.92 12.08
CA LYS A 170 11.51 -5.08 12.79
C LYS A 170 10.06 -4.75 13.17
N GLN A 171 9.18 -5.73 13.11
CA GLN A 171 7.75 -5.48 13.48
C GLN A 171 7.67 -4.66 14.77
N THR A 172 6.90 -3.61 14.78
CA THR A 172 6.80 -2.76 16.00
C THR A 172 5.41 -2.81 16.62
N ALA A 173 5.31 -2.47 17.88
CA ALA A 173 3.98 -2.48 18.55
C ALA A 173 3.26 -3.79 18.27
N GLU A 174 3.99 -4.87 18.02
CA GLU A 174 3.30 -6.15 17.69
C GLU A 174 2.42 -5.87 16.47
N GLU A 175 3.02 -5.34 15.41
CA GLU A 175 2.19 -4.93 14.25
C GLU A 175 1.12 -4.05 14.83
N LYS A 176 1.51 -3.29 15.82
CA LYS A 176 0.58 -2.41 16.55
C LYS A 176 -0.54 -3.25 17.15
N ASP A 177 -0.17 -4.39 17.66
CA ASP A 177 -1.15 -5.33 18.29
C ASP A 177 -2.43 -5.35 17.47
N LEU A 178 -2.27 -5.21 16.19
CA LEU A 178 -3.46 -5.22 15.29
C LEU A 178 -3.13 -6.01 14.03
N VAL A 179 -1.96 -5.83 13.50
CA VAL A 179 -1.60 -6.62 12.29
C VAL A 179 -0.93 -7.93 12.71
N LYS A 180 -0.70 -8.04 13.97
CA LYS A 180 -0.06 -9.27 14.54
C LYS A 180 -1.07 -10.41 14.56
N LYS A 181 -2.34 -10.09 14.43
CA LYS A 181 -3.38 -11.17 14.44
C LYS A 181 -3.56 -11.73 13.02
N LEU A 182 -2.78 -11.25 12.11
CA LEU A 182 -2.87 -11.75 10.72
C LEU A 182 -1.54 -12.38 10.29
N GLU A 1 -44.07 5.63 -11.96
CA GLU A 1 -45.24 4.70 -12.04
C GLU A 1 -44.98 3.47 -11.16
N ALA A 2 -45.10 3.63 -9.86
CA ALA A 2 -44.87 2.48 -8.94
C ALA A 2 -45.95 1.41 -9.14
N GLU A 3 -47.00 1.74 -9.84
CA GLU A 3 -48.08 0.74 -10.07
C GLU A 3 -48.46 0.70 -11.56
N THR A 4 -48.58 -0.47 -12.11
CA THR A 4 -48.95 -0.59 -13.56
C THR A 4 -48.05 0.30 -14.41
N ARG A 5 -46.91 -0.20 -14.78
CA ARG A 5 -45.96 0.62 -15.61
C ARG A 5 -46.48 0.72 -17.04
N GLU A 6 -46.43 -0.37 -17.77
CA GLU A 6 -46.92 -0.33 -19.18
C GLU A 6 -46.96 -1.75 -19.75
N GLN A 7 -47.31 -2.71 -18.94
CA GLN A 7 -47.37 -4.13 -19.43
C GLN A 7 -46.07 -4.50 -20.14
N LYS A 8 -44.96 -4.07 -19.60
CA LYS A 8 -43.64 -4.39 -20.24
C LYS A 8 -42.69 -4.99 -19.20
N LEU A 9 -41.70 -5.71 -19.65
CA LEU A 9 -40.74 -6.33 -18.70
C LEU A 9 -39.31 -6.16 -19.21
N LEU A 10 -38.38 -6.89 -18.65
CA LEU A 10 -36.97 -6.78 -19.11
C LEU A 10 -36.73 -7.68 -20.32
N HIS A 11 -36.59 -7.12 -21.48
CA HIS A 11 -36.35 -7.95 -22.70
C HIS A 11 -34.89 -7.84 -23.13
N SER A 12 -34.26 -6.74 -22.82
CA SER A 12 -32.83 -6.57 -23.20
C SER A 12 -31.97 -6.28 -21.96
N ASN A 13 -31.64 -7.31 -21.21
CA ASN A 13 -30.81 -7.11 -19.99
C ASN A 13 -29.50 -6.39 -20.35
N ASN A 14 -29.50 -5.09 -20.31
CA ASN A 14 -28.26 -4.33 -20.65
C ASN A 14 -27.31 -4.35 -19.46
N THR A 15 -26.03 -4.25 -19.72
CA THR A 15 -25.05 -4.26 -18.60
C THR A 15 -24.88 -2.84 -18.04
N GLU A 16 -23.69 -2.47 -17.65
CA GLU A 16 -23.47 -1.10 -17.10
C GLU A 16 -22.02 -0.67 -17.34
N ASN A 17 -21.82 0.49 -17.92
CA ASN A 17 -20.43 0.96 -18.18
C ASN A 17 -20.10 2.13 -17.26
N VAL A 18 -20.78 2.24 -16.15
CA VAL A 18 -20.50 3.36 -15.20
C VAL A 18 -19.92 2.83 -13.90
N LYS A 19 -19.54 1.58 -13.87
CA LYS A 19 -18.96 1.00 -12.62
C LYS A 19 -17.48 1.36 -12.52
N SER A 20 -16.61 0.59 -13.15
CA SER A 20 -15.16 0.89 -13.09
C SER A 20 -14.82 2.05 -14.03
N SER A 21 -14.41 3.17 -13.50
CA SER A 21 -14.06 4.33 -14.36
C SER A 21 -13.00 5.19 -13.67
N LYS A 22 -12.76 6.36 -14.17
CA LYS A 22 -11.74 7.24 -13.55
C LYS A 22 -12.39 8.20 -12.56
N LYS A 23 -13.20 7.69 -11.66
CA LYS A 23 -13.87 8.58 -10.67
C LYS A 23 -12.81 9.33 -9.87
N LYS A 24 -13.04 10.59 -9.59
CA LYS A 24 -12.03 11.38 -8.82
C LYS A 24 -11.49 10.58 -7.62
N GLY A 25 -10.22 10.29 -7.61
CA GLY A 25 -9.64 9.53 -6.47
C GLY A 25 -9.88 10.28 -5.17
N ASN A 26 -10.63 9.71 -4.27
CA ASN A 26 -10.91 10.39 -2.98
C ASN A 26 -10.24 9.66 -1.82
N GLY A 27 -9.64 8.54 -2.09
CA GLY A 27 -8.97 7.78 -1.00
C GLY A 27 -7.86 6.91 -1.58
N ARG A 28 -7.23 7.36 -2.64
CA ARG A 28 -6.13 6.56 -3.26
C ARG A 28 -4.79 7.24 -2.99
N PHE A 29 -3.85 6.49 -2.48
CA PHE A 29 -2.52 7.05 -2.17
C PHE A 29 -1.46 6.32 -2.95
N LEU A 30 -1.61 5.03 -3.05
CA LEU A 30 -0.59 4.21 -3.76
C LEU A 30 -1.25 3.30 -4.81
N THR A 31 -0.79 3.38 -6.02
CA THR A 31 -1.34 2.52 -7.10
C THR A 31 -0.32 1.41 -7.39
N LEU A 32 -0.60 0.20 -6.98
CA LEU A 32 0.37 -0.89 -7.24
C LEU A 32 0.37 -1.23 -8.72
N LYS A 33 1.46 -1.74 -9.23
CA LYS A 33 1.50 -2.10 -10.67
C LYS A 33 2.38 -3.34 -10.90
N PRO A 34 1.75 -4.48 -10.82
CA PRO A 34 2.48 -5.74 -11.05
C PRO A 34 2.82 -5.83 -12.51
N LEU A 35 4.00 -6.25 -12.81
CA LEU A 35 4.40 -6.32 -14.24
C LEU A 35 4.18 -7.74 -14.76
N PRO A 36 4.51 -7.92 -16.02
CA PRO A 36 4.35 -9.25 -16.66
C PRO A 36 5.41 -10.20 -16.12
N ASP A 37 6.45 -9.68 -15.55
CA ASP A 37 7.51 -10.54 -14.97
C ASP A 37 7.10 -10.98 -13.56
N SER A 38 5.89 -10.64 -13.16
CA SER A 38 5.41 -11.03 -11.80
C SER A 38 4.23 -11.97 -11.94
N ILE A 39 4.07 -12.92 -11.04
CA ILE A 39 2.91 -13.84 -11.13
C ILE A 39 1.66 -12.99 -11.36
N ILE A 40 1.66 -11.78 -10.84
CA ILE A 40 0.52 -10.86 -11.06
C ILE A 40 0.93 -9.85 -12.12
N GLN A 41 -0.02 -9.26 -12.78
CA GLN A 41 0.30 -8.23 -13.80
C GLN A 41 -0.92 -7.40 -14.08
N GLU A 42 -0.83 -6.13 -13.79
CA GLU A 42 -1.95 -5.15 -13.99
C GLU A 42 -1.71 -3.92 -13.11
N SER A 43 -2.43 -3.79 -12.05
CA SER A 43 -2.25 -2.64 -11.13
C SER A 43 -3.23 -2.74 -9.96
N LEU A 44 -2.80 -2.38 -8.79
CA LEU A 44 -3.70 -2.44 -7.61
C LEU A 44 -3.89 -1.01 -7.08
N GLU A 45 -4.33 -0.84 -5.87
CA GLU A 45 -4.53 0.55 -5.36
C GLU A 45 -4.79 0.56 -3.85
N ILE A 46 -3.78 0.80 -3.06
CA ILE A 46 -3.99 0.86 -1.58
C ILE A 46 -4.64 2.21 -1.25
N GLN A 47 -5.90 2.19 -0.89
CA GLN A 47 -6.63 3.46 -0.61
C GLN A 47 -5.95 4.29 0.50
N GLN A 48 -5.53 5.48 0.16
CA GLN A 48 -4.86 6.40 1.15
C GLN A 48 -4.07 5.64 2.21
N GLY A 49 -3.41 4.58 1.83
CA GLY A 49 -2.64 3.80 2.82
C GLY A 49 -3.64 3.20 3.80
N VAL A 50 -4.35 2.21 3.36
CA VAL A 50 -5.38 1.55 4.21
C VAL A 50 -4.95 1.50 5.68
N ASN A 51 -3.68 1.34 5.94
CA ASN A 51 -3.19 1.30 7.34
C ASN A 51 -4.12 0.44 8.23
N PRO A 52 -3.89 -0.84 8.25
CA PRO A 52 -2.82 -1.49 7.46
C PRO A 52 -3.37 -2.06 6.15
N PHE A 53 -2.49 -2.44 5.26
CA PHE A 53 -2.94 -3.04 3.96
C PHE A 53 -2.18 -4.35 3.75
N PHE A 54 -2.75 -5.44 4.16
CA PHE A 54 -2.05 -6.75 3.98
C PHE A 54 -2.14 -7.17 2.52
N ILE A 55 -1.53 -8.27 2.20
CA ILE A 55 -1.57 -8.80 0.81
C ILE A 55 -0.96 -10.18 0.82
N GLY A 56 -1.60 -11.15 0.23
CA GLY A 56 -1.00 -12.51 0.27
C GLY A 56 -1.90 -13.50 -0.45
N ARG A 57 -2.14 -14.63 0.18
CA ARG A 57 -2.99 -15.67 -0.47
C ARG A 57 -4.19 -16.07 0.41
N SER A 58 -4.31 -15.53 1.59
CA SER A 58 -5.48 -15.92 2.46
C SER A 58 -6.71 -15.08 2.15
N GLU A 59 -6.56 -14.12 1.30
CA GLU A 59 -7.70 -13.23 0.93
C GLU A 59 -8.16 -12.38 2.12
N ASP A 60 -7.78 -12.72 3.32
CA ASP A 60 -8.19 -11.89 4.49
C ASP A 60 -7.33 -10.63 4.53
N CYS A 61 -6.43 -10.49 3.59
CA CYS A 61 -5.56 -9.30 3.55
C CYS A 61 -6.31 -8.14 2.92
N ASN A 62 -5.80 -6.95 3.03
CA ASN A 62 -6.48 -5.79 2.40
C ASN A 62 -6.52 -6.00 0.89
N CYS A 63 -5.75 -6.93 0.39
CA CYS A 63 -5.74 -7.21 -1.06
C CYS A 63 -5.47 -8.69 -1.32
N LYS A 64 -4.84 -9.00 -2.40
CA LYS A 64 -4.54 -10.43 -2.71
C LYS A 64 -3.57 -10.52 -3.88
N ILE A 65 -2.53 -11.29 -3.73
CA ILE A 65 -1.52 -11.42 -4.81
C ILE A 65 -1.57 -12.83 -5.41
N GLU A 66 -2.66 -13.51 -5.18
CA GLU A 66 -2.88 -14.89 -5.72
C GLU A 66 -1.57 -15.61 -6.07
N ASP A 67 -0.75 -15.88 -5.10
CA ASP A 67 0.52 -16.59 -5.38
C ASP A 67 0.76 -17.67 -4.32
N ASN A 68 0.47 -18.90 -4.67
CA ASN A 68 0.61 -20.06 -3.73
C ASN A 68 1.74 -19.87 -2.68
N ARG A 69 2.96 -19.64 -3.10
CA ARG A 69 4.07 -19.47 -2.12
C ARG A 69 3.64 -18.57 -0.96
N LEU A 70 2.70 -17.70 -1.20
CA LEU A 70 2.22 -16.81 -0.12
C LEU A 70 1.60 -17.65 0.99
N SER A 71 2.15 -17.57 2.16
CA SER A 71 1.61 -18.38 3.27
C SER A 71 0.36 -17.73 3.86
N ARG A 72 -0.52 -17.22 3.03
CA ARG A 72 -1.75 -16.56 3.55
C ARG A 72 -1.31 -15.35 4.38
N VAL A 73 -1.65 -14.16 3.96
CA VAL A 73 -1.16 -12.95 4.69
C VAL A 73 0.34 -12.94 4.52
N HIS A 74 0.77 -13.35 3.36
CA HIS A 74 2.21 -13.44 3.03
C HIS A 74 2.96 -12.18 3.45
N CYS A 75 2.61 -11.09 2.85
CA CYS A 75 3.29 -9.80 3.21
C CYS A 75 2.30 -8.93 4.00
N PHE A 76 2.77 -7.96 4.75
CA PHE A 76 1.78 -7.10 5.49
C PHE A 76 2.22 -5.63 5.44
N ILE A 77 1.52 -4.82 4.69
CA ILE A 77 1.89 -3.38 4.63
C ILE A 77 1.13 -2.63 5.71
N PHE A 78 1.74 -1.62 6.26
CA PHE A 78 1.08 -0.84 7.32
C PHE A 78 1.25 0.64 7.02
N LYS A 79 0.60 1.49 7.76
CA LYS A 79 0.75 2.94 7.51
C LYS A 79 0.77 3.71 8.82
N LYS A 80 1.37 4.87 8.85
CA LYS A 80 1.39 5.66 10.12
C LYS A 80 2.21 6.94 9.98
N ARG A 81 1.94 7.91 10.81
CA ARG A 81 2.67 9.20 10.77
C ARG A 81 4.17 8.99 10.48
N HIS A 82 4.81 9.97 9.90
CA HIS A 82 6.26 9.83 9.58
C HIS A 82 7.06 9.46 10.84
N ALA A 83 7.18 10.36 11.77
CA ALA A 83 7.94 10.05 13.02
C ALA A 83 7.79 11.20 14.03
N VAL A 84 6.57 11.58 14.32
CA VAL A 84 6.31 12.69 15.30
C VAL A 84 7.27 13.87 15.07
N GLY A 85 7.34 14.77 16.01
CA GLY A 85 8.24 15.95 15.86
C GLY A 85 9.69 15.53 16.11
N LYS A 86 10.44 15.30 15.07
CA LYS A 86 11.87 14.91 15.24
C LYS A 86 12.65 15.22 13.97
N SER A 87 12.38 16.35 13.36
CA SER A 87 13.11 16.71 12.12
C SER A 87 14.36 17.53 12.48
N MET A 88 15.52 17.09 12.06
CA MET A 88 16.76 17.85 12.38
C MET A 88 16.57 19.32 12.03
N TYR A 89 16.21 20.15 12.98
CA TYR A 89 15.99 21.59 12.68
C TYR A 89 14.98 21.72 11.54
N GLU A 90 14.94 22.84 10.88
CA GLU A 90 13.99 23.01 9.73
C GLU A 90 12.53 22.84 10.19
N SER A 91 12.25 23.09 11.44
CA SER A 91 10.85 22.95 11.95
C SER A 91 10.41 21.47 11.93
N PRO A 92 9.62 21.10 12.91
CA PRO A 92 9.13 19.71 13.01
C PRO A 92 8.11 19.42 11.90
N ALA A 93 7.22 18.52 12.13
CA ALA A 93 6.19 18.19 11.11
C ALA A 93 5.13 17.23 11.68
N GLN A 94 4.17 17.75 12.40
CA GLN A 94 3.12 16.85 12.97
C GLN A 94 2.08 16.54 11.89
N GLY A 95 1.49 15.38 11.96
CA GLY A 95 0.46 15.02 10.93
C GLY A 95 1.11 14.15 9.85
N LEU A 96 0.56 14.18 8.66
CA LEU A 96 1.13 13.35 7.55
C LEU A 96 1.06 11.87 7.92
N ASP A 97 1.41 10.99 7.01
CA ASP A 97 1.34 9.53 7.33
C ASP A 97 2.28 8.73 6.41
N ASP A 98 3.22 8.04 6.99
CA ASP A 98 4.17 7.22 6.17
C ASP A 98 3.59 5.84 5.89
N ILE A 99 4.31 5.04 5.14
CA ILE A 99 3.82 3.66 4.82
C ILE A 99 4.82 2.63 5.34
N TRP A 100 4.35 1.56 5.91
CA TRP A 100 5.29 0.54 6.46
C TRP A 100 5.07 -0.85 5.85
N TYR A 101 5.91 -1.26 4.93
CA TYR A 101 5.77 -2.63 4.35
C TYR A 101 6.26 -3.63 5.39
N CYS A 102 5.47 -4.61 5.72
CA CYS A 102 5.93 -5.59 6.77
C CYS A 102 5.49 -7.01 6.41
N HIS A 103 6.40 -7.89 6.11
CA HIS A 103 5.97 -9.31 5.80
C HIS A 103 5.59 -10.01 7.10
N THR A 104 4.48 -10.72 7.11
CA THR A 104 4.06 -11.41 8.38
C THR A 104 3.73 -12.88 8.13
N GLY A 105 3.55 -13.26 6.90
CA GLY A 105 3.21 -14.69 6.61
C GLY A 105 4.33 -15.59 7.14
N THR A 106 4.45 -16.76 6.60
CA THR A 106 5.52 -17.70 7.05
C THR A 106 6.74 -17.56 6.14
N ASN A 107 6.57 -16.85 5.07
CA ASN A 107 7.67 -16.67 4.09
C ASN A 107 8.28 -15.27 4.20
N VAL A 108 8.66 -14.68 3.10
CA VAL A 108 9.27 -13.33 3.17
C VAL A 108 8.87 -12.48 1.95
N SER A 109 8.58 -11.22 2.15
CA SER A 109 8.26 -10.33 1.00
C SER A 109 9.34 -9.27 0.98
N TYR A 110 9.41 -8.44 -0.02
CA TYR A 110 10.53 -7.45 -0.05
C TYR A 110 10.17 -6.20 -0.84
N LEU A 111 10.95 -5.17 -0.68
CA LEU A 111 10.68 -3.90 -1.41
C LEU A 111 11.77 -3.68 -2.46
N ASN A 112 11.68 -4.35 -3.57
CA ASN A 112 12.71 -4.21 -4.63
C ASN A 112 14.06 -4.77 -4.16
N ASN A 113 14.62 -4.23 -3.11
CA ASN A 113 15.93 -4.74 -2.62
C ASN A 113 15.88 -5.05 -1.12
N ASN A 114 14.86 -4.61 -0.42
CA ASN A 114 14.79 -4.87 1.04
C ASN A 114 14.08 -6.20 1.29
N ARG A 115 14.81 -7.19 1.75
CA ARG A 115 14.19 -8.52 2.01
C ARG A 115 13.54 -8.57 3.40
N MET A 116 12.26 -8.86 3.44
CA MET A 116 11.54 -8.94 4.74
C MET A 116 11.57 -10.39 5.22
N ILE A 117 12.14 -10.65 6.36
CA ILE A 117 12.19 -12.06 6.86
C ILE A 117 10.95 -12.39 7.69
N GLN A 118 9.79 -12.19 7.12
CA GLN A 118 8.52 -12.49 7.86
C GLN A 118 8.48 -11.71 9.17
N GLY A 119 7.32 -11.57 9.73
CA GLY A 119 7.17 -10.82 11.02
C GLY A 119 8.10 -9.60 11.04
N THR A 120 8.40 -9.05 9.89
CA THR A 120 9.31 -7.86 9.84
C THR A 120 8.56 -6.67 9.23
N LYS A 121 9.02 -5.49 9.52
CA LYS A 121 8.36 -4.28 8.98
C LYS A 121 9.35 -3.50 8.11
N PHE A 122 8.89 -2.50 7.41
CA PHE A 122 9.82 -1.72 6.56
C PHE A 122 9.14 -0.47 6.01
N LEU A 123 9.91 0.50 5.59
CA LEU A 123 9.32 1.76 5.04
C LEU A 123 9.07 1.63 3.53
N LEU A 124 8.06 2.27 3.04
CA LEU A 124 7.77 2.20 1.57
C LEU A 124 7.95 3.59 0.94
N GLN A 125 8.16 3.64 -0.36
CA GLN A 125 8.34 4.96 -1.04
C GLN A 125 7.64 4.93 -2.40
N ASP A 126 7.38 6.08 -2.99
CA ASP A 126 6.70 6.11 -4.32
C ASP A 126 7.60 5.53 -5.42
N GLY A 127 7.03 4.80 -6.34
CA GLY A 127 7.86 4.21 -7.43
C GLY A 127 8.83 3.21 -6.83
N ASP A 128 8.35 2.39 -5.94
CA ASP A 128 9.22 1.37 -5.31
C ASP A 128 8.66 -0.02 -5.58
N GLU A 129 9.13 -0.66 -6.62
CA GLU A 129 8.62 -2.02 -6.95
C GLU A 129 8.77 -2.93 -5.72
N ILE A 130 7.78 -3.72 -5.43
CA ILE A 130 7.87 -4.63 -4.25
C ILE A 130 7.71 -6.09 -4.73
N LYS A 131 8.19 -7.03 -3.97
CA LYS A 131 8.07 -8.45 -4.40
C LYS A 131 7.47 -9.33 -3.30
N ILE A 132 6.17 -9.31 -3.15
CA ILE A 132 5.50 -10.14 -2.10
C ILE A 132 6.24 -11.48 -1.93
N ILE A 133 6.67 -12.05 -3.02
CA ILE A 133 7.41 -13.35 -2.96
C ILE A 133 8.44 -13.40 -4.09
N TRP A 134 9.46 -14.19 -3.93
CA TRP A 134 10.49 -14.31 -5.00
C TRP A 134 11.11 -15.70 -5.00
N ASP A 135 11.02 -16.40 -6.09
CA ASP A 135 11.61 -17.76 -6.17
C ASP A 135 12.00 -18.06 -7.61
N LYS A 136 13.18 -17.65 -8.01
CA LYS A 136 13.63 -17.89 -9.41
C LYS A 136 13.85 -19.39 -9.66
N ASN A 137 14.20 -20.12 -8.63
CA ASN A 137 14.44 -21.58 -8.80
C ASN A 137 13.23 -22.28 -9.44
N ASN A 138 12.10 -21.62 -9.47
CA ASN A 138 10.89 -22.26 -10.08
C ASN A 138 10.05 -21.21 -10.83
N LYS A 139 10.68 -20.18 -11.33
CA LYS A 139 9.93 -19.13 -12.07
C LYS A 139 8.75 -18.63 -11.26
N PHE A 140 9.00 -18.24 -10.03
CA PHE A 140 7.90 -17.73 -9.16
C PHE A 140 8.30 -16.38 -8.57
N VAL A 141 7.86 -15.31 -9.18
CA VAL A 141 8.24 -13.95 -8.68
C VAL A 141 7.05 -13.00 -8.75
N ILE A 142 6.86 -12.18 -7.76
CA ILE A 142 5.72 -11.21 -7.80
C ILE A 142 6.26 -9.79 -7.92
N GLY A 143 6.87 -9.47 -9.03
CA GLY A 143 7.39 -8.10 -9.20
C GLY A 143 6.22 -7.12 -9.22
N PHE A 144 6.30 -6.08 -8.43
CA PHE A 144 5.19 -5.08 -8.41
C PHE A 144 5.79 -3.69 -8.54
N LYS A 145 4.98 -2.70 -8.82
CA LYS A 145 5.53 -1.32 -8.96
C LYS A 145 4.65 -0.36 -8.14
N VAL A 146 5.08 -0.03 -6.95
CA VAL A 146 4.27 0.90 -6.12
C VAL A 146 4.26 2.29 -6.77
N GLU A 147 3.10 2.82 -7.01
CA GLU A 147 3.02 4.17 -7.63
C GLU A 147 2.11 5.09 -6.83
N ILE A 148 2.67 5.87 -5.97
CA ILE A 148 1.86 6.82 -5.15
C ILE A 148 1.53 8.05 -6.01
N ASN A 149 0.31 8.15 -6.45
CA ASN A 149 -0.09 9.30 -7.31
C ASN A 149 -0.65 10.45 -6.47
N ASP A 150 -1.11 10.16 -5.29
CA ASP A 150 -1.70 11.22 -4.43
C ASP A 150 -0.60 12.03 -3.73
N THR A 151 0.00 11.50 -2.70
CA THR A 151 1.05 12.26 -1.96
C THR A 151 0.49 13.63 -1.54
N THR A 152 -0.81 13.76 -1.49
CA THR A 152 -1.42 15.07 -1.10
C THR A 152 -0.81 15.58 0.21
N GLY A 153 -1.20 15.02 1.31
CA GLY A 153 -0.64 15.47 2.63
C GLY A 153 0.29 14.41 3.20
N LEU A 154 0.77 13.51 2.39
CA LEU A 154 1.67 12.45 2.90
C LEU A 154 3.08 13.01 3.13
N PHE A 155 3.67 12.75 4.27
CA PHE A 155 5.05 13.24 4.53
C PHE A 155 5.95 12.96 3.32
N ASN A 156 6.89 13.83 3.05
CA ASN A 156 7.81 13.61 1.88
C ASN A 156 7.04 13.76 0.56
N GLU A 157 5.83 14.26 0.61
CA GLU A 157 5.03 14.43 -0.65
C GLU A 157 5.18 13.19 -1.55
N GLY A 158 5.00 12.02 -0.99
CA GLY A 158 5.13 10.77 -1.80
C GLY A 158 6.41 10.80 -2.62
N LEU A 159 7.45 11.39 -2.10
CA LEU A 159 8.73 11.45 -2.85
C LEU A 159 9.87 10.90 -2.00
N GLY A 160 10.04 9.60 -1.98
CA GLY A 160 11.13 8.99 -1.18
C GLY A 160 12.43 9.78 -1.39
N MET A 161 12.77 10.64 -0.46
CA MET A 161 14.01 11.45 -0.61
C MET A 161 15.22 10.69 -0.09
N LEU A 162 15.27 9.40 -0.30
CA LEU A 162 16.43 8.60 0.19
C LEU A 162 16.34 7.15 -0.31
N GLN A 163 17.07 6.82 -1.34
CA GLN A 163 17.03 5.43 -1.86
C GLN A 163 18.14 4.59 -1.20
N GLU A 164 18.99 5.23 -0.44
CA GLU A 164 20.10 4.50 0.23
C GLU A 164 20.08 4.77 1.73
N GLN A 165 18.92 4.68 2.35
CA GLN A 165 18.85 4.95 3.81
C GLN A 165 17.57 4.37 4.42
N ARG A 166 17.19 3.20 4.04
CA ARG A 166 15.97 2.58 4.61
C ARG A 166 16.06 1.05 4.51
N VAL A 167 16.37 0.42 5.61
CA VAL A 167 16.49 -1.07 5.61
C VAL A 167 15.31 -1.70 6.36
N VAL A 168 15.01 -2.94 6.10
CA VAL A 168 13.88 -3.61 6.80
C VAL A 168 13.86 -3.23 8.28
N LEU A 169 12.71 -3.26 8.88
CA LEU A 169 12.59 -2.90 10.32
C LEU A 169 11.80 -4.00 11.05
N LYS A 170 12.38 -4.61 12.05
CA LYS A 170 11.67 -5.70 12.80
C LYS A 170 10.22 -5.29 13.10
N GLN A 171 9.41 -6.24 13.50
CA GLN A 171 7.98 -5.93 13.80
C GLN A 171 7.86 -4.76 14.80
N THR A 172 6.68 -4.56 15.35
CA THR A 172 6.49 -3.45 16.34
C THR A 172 5.08 -3.47 16.90
N ALA A 173 4.92 -2.98 18.11
CA ALA A 173 3.58 -2.94 18.76
C ALA A 173 2.84 -4.26 18.52
N GLU A 174 3.54 -5.36 18.33
CA GLU A 174 2.84 -6.65 18.05
C GLU A 174 1.97 -6.42 16.82
N GLU A 175 2.56 -5.96 15.74
CA GLU A 175 1.73 -5.62 14.56
C GLU A 175 0.67 -4.68 15.10
N LYS A 176 1.09 -3.86 16.03
CA LYS A 176 0.16 -2.95 16.72
C LYS A 176 -1.00 -3.77 17.29
N ASP A 177 -0.65 -4.92 17.83
CA ASP A 177 -1.65 -5.85 18.42
C ASP A 177 -2.90 -5.88 17.54
N LEU A 178 -2.70 -5.74 16.27
CA LEU A 178 -3.85 -5.76 15.33
C LEU A 178 -3.50 -6.51 14.07
N VAL A 179 -2.28 -6.35 13.61
CA VAL A 179 -1.90 -7.09 12.38
C VAL A 179 -1.31 -8.44 12.77
N LYS A 180 -1.03 -8.60 14.01
CA LYS A 180 -0.47 -9.89 14.51
C LYS A 180 -1.52 -10.99 14.40
N LYS A 181 -2.76 -10.62 14.21
CA LYS A 181 -3.84 -11.63 14.10
C LYS A 181 -3.97 -12.15 12.67
N LEU A 182 -3.11 -11.71 11.82
CA LEU A 182 -3.14 -12.17 10.41
C LEU A 182 -1.86 -12.94 10.08
N GLU A 1 -21.69 -26.68 17.49
CA GLU A 1 -23.15 -26.52 17.17
C GLU A 1 -23.40 -25.15 16.53
N ALA A 2 -22.94 -24.95 15.33
CA ALA A 2 -23.16 -23.63 14.66
C ALA A 2 -24.35 -23.72 13.70
N GLU A 3 -25.52 -23.39 14.18
CA GLU A 3 -26.73 -23.45 13.30
C GLU A 3 -27.50 -22.13 13.38
N THR A 4 -28.10 -21.84 14.50
CA THR A 4 -28.87 -20.57 14.65
C THR A 4 -27.96 -19.48 15.21
N ARG A 5 -28.24 -18.24 14.90
CA ARG A 5 -27.39 -17.13 15.42
C ARG A 5 -28.21 -15.85 15.56
N GLU A 6 -28.93 -15.71 16.65
CA GLU A 6 -29.76 -14.49 16.84
C GLU A 6 -28.87 -13.32 17.29
N GLN A 7 -28.94 -12.21 16.60
CA GLN A 7 -28.10 -11.03 16.98
C GLN A 7 -28.39 -9.86 16.05
N LYS A 8 -29.65 -9.54 15.87
CA LYS A 8 -30.01 -8.40 14.97
C LYS A 8 -30.82 -7.36 15.74
N LEU A 9 -30.18 -6.66 16.64
CA LEU A 9 -30.90 -5.63 17.43
C LEU A 9 -30.71 -4.25 16.79
N LEU A 10 -31.18 -4.08 15.60
CA LEU A 10 -31.03 -2.75 14.91
C LEU A 10 -31.50 -1.63 15.84
N HIS A 11 -30.89 -0.47 15.74
CA HIS A 11 -31.30 0.65 16.63
C HIS A 11 -31.01 2.01 15.97
N SER A 12 -31.73 3.03 16.33
CA SER A 12 -31.50 4.38 15.74
C SER A 12 -31.69 4.33 14.23
N ASN A 13 -32.79 4.85 13.73
CA ASN A 13 -33.04 4.84 12.25
C ASN A 13 -33.08 3.40 11.73
N ASN A 14 -33.69 3.18 10.61
CA ASN A 14 -33.77 1.79 10.05
C ASN A 14 -32.56 1.52 9.15
N THR A 15 -32.60 0.47 8.38
CA THR A 15 -31.45 0.15 7.48
C THR A 15 -31.97 -0.47 6.18
N GLU A 16 -33.14 -0.10 5.75
CA GLU A 16 -33.69 -0.67 4.49
C GLU A 16 -33.65 0.36 3.36
N ASN A 17 -32.83 1.37 3.49
CA ASN A 17 -32.74 2.40 2.41
C ASN A 17 -31.42 2.24 1.66
N VAL A 18 -31.47 1.89 0.40
CA VAL A 18 -30.21 1.71 -0.39
C VAL A 18 -29.26 2.90 -0.16
N LYS A 19 -28.19 2.67 0.55
CA LYS A 19 -27.23 3.78 0.83
C LYS A 19 -26.55 4.25 -0.46
N SER A 20 -25.73 3.44 -1.06
CA SER A 20 -25.03 3.85 -2.31
C SER A 20 -24.60 2.63 -3.11
N SER A 21 -24.77 2.66 -4.41
CA SER A 21 -24.38 1.49 -5.26
C SER A 21 -22.87 1.27 -5.14
N LYS A 22 -22.46 0.24 -4.44
CA LYS A 22 -20.99 -0.02 -4.29
C LYS A 22 -20.28 1.26 -3.82
N LYS A 23 -18.98 1.29 -3.89
CA LYS A 23 -18.25 2.52 -3.48
C LYS A 23 -16.76 2.38 -3.79
N LYS A 24 -16.44 1.90 -4.96
CA LYS A 24 -15.01 1.72 -5.33
C LYS A 24 -14.37 3.09 -5.63
N GLY A 25 -14.02 3.82 -4.59
CA GLY A 25 -13.41 5.16 -4.83
C GLY A 25 -13.75 6.10 -3.67
N ASN A 26 -12.79 6.37 -2.82
CA ASN A 26 -13.05 7.29 -1.67
C ASN A 26 -11.74 7.56 -0.92
N GLY A 27 -10.70 7.92 -1.63
CA GLY A 27 -9.39 8.19 -0.96
C GLY A 27 -8.33 7.22 -1.49
N ARG A 28 -7.76 7.51 -2.63
CA ARG A 28 -6.71 6.62 -3.21
C ARG A 28 -5.34 7.26 -3.07
N PHE A 29 -4.40 6.54 -2.54
CA PHE A 29 -3.03 7.10 -2.35
C PHE A 29 -2.03 6.31 -3.17
N LEU A 30 -2.19 5.03 -3.19
CA LEU A 30 -1.20 4.17 -3.93
C LEU A 30 -1.89 3.14 -4.82
N THR A 31 -1.34 2.93 -5.99
CA THR A 31 -1.89 1.91 -6.93
C THR A 31 -0.84 0.81 -7.13
N LEU A 32 -1.02 -0.33 -6.51
CA LEU A 32 0.00 -1.41 -6.66
C LEU A 32 -0.11 -2.03 -8.05
N LYS A 33 0.79 -1.69 -8.93
CA LYS A 33 0.72 -2.24 -10.31
C LYS A 33 1.69 -3.40 -10.53
N PRO A 34 1.14 -4.59 -10.53
CA PRO A 34 1.96 -5.79 -10.77
C PRO A 34 2.29 -5.82 -12.24
N LEU A 35 3.47 -6.15 -12.61
CA LEU A 35 3.78 -6.15 -14.07
C LEU A 35 3.73 -7.58 -14.62
N PRO A 36 4.02 -7.70 -15.90
CA PRO A 36 3.97 -9.01 -16.57
C PRO A 36 5.08 -9.95 -16.06
N ASP A 37 6.20 -9.41 -15.64
CA ASP A 37 7.27 -10.31 -15.13
C ASP A 37 6.80 -10.97 -13.83
N SER A 38 5.76 -10.45 -13.22
CA SER A 38 5.25 -11.05 -11.95
C SER A 38 4.01 -11.89 -12.21
N ILE A 39 3.85 -12.98 -11.47
CA ILE A 39 2.63 -13.85 -11.65
C ILE A 39 1.39 -12.98 -11.70
N ILE A 40 1.43 -11.83 -11.09
CA ILE A 40 0.25 -10.92 -11.10
C ILE A 40 0.39 -9.92 -12.25
N GLN A 41 -0.69 -9.36 -12.71
CA GLN A 41 -0.61 -8.37 -13.81
C GLN A 41 -1.86 -7.51 -13.84
N GLU A 42 -1.74 -6.28 -13.42
CA GLU A 42 -2.92 -5.35 -13.40
C GLU A 42 -2.57 -4.12 -12.56
N SER A 43 -3.32 -3.90 -11.52
CA SER A 43 -3.07 -2.74 -10.63
C SER A 43 -4.02 -2.79 -9.42
N LEU A 44 -3.50 -2.52 -8.26
CA LEU A 44 -4.34 -2.53 -7.04
C LEU A 44 -4.60 -1.09 -6.58
N GLU A 45 -5.37 -0.88 -5.55
CA GLU A 45 -5.64 0.52 -5.11
C GLU A 45 -5.69 0.62 -3.58
N ILE A 46 -4.61 1.01 -2.98
CA ILE A 46 -4.58 1.16 -1.49
C ILE A 46 -5.21 2.51 -1.11
N GLN A 47 -6.44 2.48 -0.67
CA GLN A 47 -7.17 3.73 -0.31
C GLN A 47 -6.37 4.59 0.68
N GLN A 48 -5.93 5.75 0.21
CA GLN A 48 -5.15 6.71 1.07
C GLN A 48 -4.31 5.98 2.14
N GLY A 49 -3.68 4.90 1.78
CA GLY A 49 -2.87 4.16 2.80
C GLY A 49 -3.83 3.56 3.83
N VAL A 50 -4.55 2.54 3.43
CA VAL A 50 -5.54 1.90 4.35
C VAL A 50 -5.01 1.84 5.79
N ASN A 51 -3.73 1.67 5.95
CA ASN A 51 -3.15 1.59 7.32
C ASN A 51 -3.97 0.66 8.24
N PRO A 52 -3.62 -0.60 8.27
CA PRO A 52 -2.53 -1.17 7.45
C PRO A 52 -3.11 -1.83 6.20
N PHE A 53 -2.27 -2.15 5.25
CA PHE A 53 -2.75 -2.83 4.01
C PHE A 53 -2.06 -4.19 3.87
N PHE A 54 -2.63 -5.23 4.42
CA PHE A 54 -1.97 -6.57 4.27
C PHE A 54 -2.23 -7.09 2.86
N ILE A 55 -1.41 -8.00 2.41
CA ILE A 55 -1.62 -8.58 1.05
C ILE A 55 -1.02 -9.98 1.04
N GLY A 56 -1.63 -10.88 0.35
CA GLY A 56 -1.08 -12.27 0.32
C GLY A 56 -2.13 -13.22 -0.25
N ARG A 57 -2.07 -14.46 0.16
CA ARG A 57 -3.07 -15.45 -0.35
C ARG A 57 -4.32 -15.48 0.52
N SER A 58 -4.28 -14.87 1.67
CA SER A 58 -5.49 -14.86 2.53
C SER A 58 -6.29 -13.60 2.25
N GLU A 59 -7.42 -13.72 1.59
CA GLU A 59 -8.24 -12.51 1.27
C GLU A 59 -8.35 -11.61 2.51
N ASP A 60 -8.17 -12.18 3.68
CA ASP A 60 -8.21 -11.34 4.92
C ASP A 60 -7.30 -10.12 4.72
N CYS A 61 -6.29 -10.25 3.89
CA CYS A 61 -5.39 -9.11 3.64
C CYS A 61 -6.17 -7.98 2.98
N ASN A 62 -5.73 -6.78 3.15
CA ASN A 62 -6.43 -5.62 2.54
C ASN A 62 -6.41 -5.72 1.02
N CYS A 63 -5.56 -6.57 0.49
CA CYS A 63 -5.48 -6.70 -0.99
C CYS A 63 -5.59 -8.17 -1.39
N LYS A 64 -4.85 -8.57 -2.39
CA LYS A 64 -4.91 -10.00 -2.85
C LYS A 64 -4.00 -10.21 -4.07
N ILE A 65 -3.29 -11.30 -4.09
CA ILE A 65 -2.39 -11.59 -5.25
C ILE A 65 -2.24 -13.11 -5.40
N GLU A 66 -3.01 -13.69 -6.29
CA GLU A 66 -2.99 -15.16 -6.52
C GLU A 66 -1.56 -15.66 -6.72
N ASP A 67 -0.93 -15.96 -5.63
CA ASP A 67 0.46 -16.47 -5.67
C ASP A 67 0.65 -17.52 -4.56
N ASN A 68 0.67 -18.77 -4.94
CA ASN A 68 0.81 -19.87 -3.93
C ASN A 68 1.97 -19.60 -2.95
N ARG A 69 3.11 -19.17 -3.43
CA ARG A 69 4.26 -18.89 -2.49
C ARG A 69 3.76 -18.09 -1.29
N LEU A 70 2.70 -17.35 -1.47
CA LEU A 70 2.14 -16.58 -0.33
C LEU A 70 1.82 -17.51 0.82
N SER A 71 1.79 -16.99 2.01
CA SER A 71 1.47 -17.83 3.18
C SER A 71 0.25 -17.25 3.88
N ARG A 72 -0.61 -16.63 3.11
CA ARG A 72 -1.83 -15.99 3.70
C ARG A 72 -1.35 -14.82 4.55
N VAL A 73 -1.72 -13.62 4.19
CA VAL A 73 -1.22 -12.44 4.95
C VAL A 73 0.32 -12.45 4.79
N HIS A 74 0.73 -13.00 3.69
CA HIS A 74 2.16 -13.15 3.33
C HIS A 74 2.96 -11.89 3.63
N CYS A 75 2.69 -10.86 2.91
CA CYS A 75 3.41 -9.57 3.16
C CYS A 75 2.49 -8.66 3.96
N PHE A 76 2.98 -7.61 4.56
CA PHE A 76 2.04 -6.73 5.33
C PHE A 76 2.45 -5.26 5.19
N ILE A 77 1.68 -4.49 4.48
CA ILE A 77 2.01 -3.05 4.32
C ILE A 77 1.29 -2.26 5.42
N PHE A 78 1.91 -1.22 5.90
CA PHE A 78 1.28 -0.40 6.97
C PHE A 78 1.33 1.07 6.57
N LYS A 79 0.69 1.91 7.30
CA LYS A 79 0.70 3.36 6.94
C LYS A 79 0.58 4.24 8.19
N LYS A 80 1.47 5.19 8.34
CA LYS A 80 1.41 6.08 9.54
C LYS A 80 2.27 7.33 9.32
N ARG A 81 2.30 8.20 10.30
CA ARG A 81 3.11 9.45 10.19
C ARG A 81 4.59 9.10 10.06
N HIS A 82 5.29 9.71 9.13
CA HIS A 82 6.75 9.40 8.96
C HIS A 82 7.46 9.45 10.31
N ALA A 83 7.28 10.52 11.03
CA ALA A 83 7.94 10.67 12.36
C ALA A 83 9.47 10.61 12.21
N VAL A 84 10.13 11.70 12.42
CA VAL A 84 11.62 11.73 12.31
C VAL A 84 12.25 11.41 13.66
N GLY A 85 13.56 11.47 13.76
CA GLY A 85 14.23 11.18 15.06
C GLY A 85 13.56 12.02 16.15
N LYS A 86 12.73 11.42 16.97
CA LYS A 86 12.03 12.19 18.04
C LYS A 86 11.14 13.26 17.40
N SER A 87 9.85 13.18 17.61
CA SER A 87 8.92 14.18 17.01
C SER A 87 9.23 15.58 17.56
N MET A 88 10.33 16.15 17.17
CA MET A 88 10.70 17.51 17.66
C MET A 88 9.83 18.56 16.98
N TYR A 89 9.00 19.24 17.73
CA TYR A 89 8.15 20.30 17.13
C TYR A 89 9.04 21.34 16.45
N GLU A 90 8.47 22.46 16.04
CA GLU A 90 9.29 23.52 15.37
C GLU A 90 9.81 23.03 14.01
N SER A 91 10.63 22.02 14.00
CA SER A 91 11.17 21.50 12.71
C SER A 91 10.02 20.96 11.83
N PRO A 92 10.33 20.74 10.58
CA PRO A 92 9.33 20.22 9.63
C PRO A 92 8.97 18.76 9.97
N ALA A 93 8.61 17.99 8.99
CA ALA A 93 8.24 16.56 9.23
C ALA A 93 7.02 16.46 10.15
N GLN A 94 6.27 17.52 10.30
CA GLN A 94 5.07 17.49 11.18
C GLN A 94 3.83 17.19 10.34
N GLY A 95 3.17 16.08 10.59
CA GLY A 95 1.96 15.74 9.80
C GLY A 95 2.34 14.80 8.66
N LEU A 96 1.63 14.86 7.56
CA LEU A 96 1.93 13.98 6.39
C LEU A 96 1.83 12.51 6.81
N ASP A 97 2.50 11.63 6.11
CA ASP A 97 2.43 10.18 6.47
C ASP A 97 3.39 9.36 5.60
N ASP A 98 3.81 8.21 6.06
CA ASP A 98 4.73 7.36 5.25
C ASP A 98 4.31 5.90 5.36
N ILE A 99 3.96 5.28 4.26
CA ILE A 99 3.54 3.85 4.32
C ILE A 99 4.72 2.97 4.74
N TRP A 100 4.44 1.83 5.29
CA TRP A 100 5.54 0.92 5.76
C TRP A 100 5.34 -0.49 5.22
N TYR A 101 6.15 -0.94 4.30
CA TYR A 101 6.00 -2.34 3.81
C TYR A 101 6.48 -3.27 4.91
N CYS A 102 5.70 -4.23 5.30
CA CYS A 102 6.14 -5.15 6.39
C CYS A 102 5.71 -6.58 6.13
N HIS A 103 6.62 -7.47 5.82
CA HIS A 103 6.20 -8.90 5.59
C HIS A 103 5.65 -9.48 6.89
N THR A 104 4.96 -10.59 6.82
CA THR A 104 4.41 -11.22 8.07
C THR A 104 4.16 -12.71 7.86
N GLY A 105 3.82 -13.11 6.67
CA GLY A 105 3.56 -14.55 6.41
C GLY A 105 4.80 -15.37 6.78
N THR A 106 4.84 -16.60 6.37
CA THR A 106 6.02 -17.47 6.68
C THR A 106 7.16 -17.22 5.70
N ASN A 107 6.89 -16.51 4.66
CA ASN A 107 7.92 -16.25 3.61
C ASN A 107 8.75 -15.00 3.93
N VAL A 108 8.93 -14.14 2.97
CA VAL A 108 9.77 -12.93 3.23
C VAL A 108 9.21 -11.65 2.55
N SER A 109 8.91 -11.70 1.28
CA SER A 109 8.42 -10.47 0.54
C SER A 109 9.42 -9.34 0.76
N TYR A 110 9.44 -8.37 -0.12
CA TYR A 110 10.47 -7.30 0.03
C TYR A 110 10.02 -6.00 -0.65
N LEU A 111 10.89 -5.04 -0.74
CA LEU A 111 10.52 -3.74 -1.36
C LEU A 111 11.61 -3.25 -2.32
N ASN A 112 11.49 -3.56 -3.59
CA ASN A 112 12.50 -3.11 -4.58
C ASN A 112 13.87 -3.78 -4.33
N ASN A 113 14.46 -3.54 -3.19
CA ASN A 113 15.78 -4.16 -2.91
C ASN A 113 15.93 -4.50 -1.41
N ASN A 114 14.89 -4.37 -0.64
CA ASN A 114 14.99 -4.68 0.82
C ASN A 114 14.40 -6.06 1.12
N ARG A 115 15.24 -7.04 1.30
CA ARG A 115 14.73 -8.41 1.61
C ARG A 115 14.06 -8.43 2.99
N MET A 116 12.77 -8.66 3.04
CA MET A 116 12.07 -8.70 4.37
C MET A 116 11.72 -10.14 4.71
N ILE A 117 11.72 -10.51 5.96
CA ILE A 117 11.37 -11.92 6.31
C ILE A 117 10.05 -11.96 7.07
N GLN A 118 9.54 -13.14 7.33
CA GLN A 118 8.25 -13.28 8.05
C GLN A 118 8.22 -12.40 9.30
N GLY A 119 7.38 -11.41 9.28
CA GLY A 119 7.24 -10.50 10.45
C GLY A 119 8.29 -9.39 10.43
N THR A 120 8.39 -8.67 9.33
CA THR A 120 9.38 -7.54 9.27
C THR A 120 8.68 -6.29 8.79
N LYS A 121 9.25 -5.13 9.04
CA LYS A 121 8.61 -3.88 8.57
C LYS A 121 9.62 -3.05 7.77
N PHE A 122 9.15 -2.15 6.96
CA PHE A 122 10.10 -1.33 6.14
C PHE A 122 9.40 -0.09 5.60
N LEU A 123 10.15 0.96 5.35
CA LEU A 123 9.53 2.21 4.81
C LEU A 123 9.22 2.06 3.32
N LEU A 124 8.25 2.78 2.82
CA LEU A 124 7.91 2.69 1.38
C LEU A 124 8.01 4.06 0.70
N GLN A 125 8.18 4.08 -0.59
CA GLN A 125 8.27 5.37 -1.33
C GLN A 125 7.41 5.31 -2.59
N ASP A 126 7.35 6.38 -3.34
CA ASP A 126 6.53 6.35 -4.60
C ASP A 126 7.28 5.58 -5.68
N GLY A 127 6.58 4.91 -6.57
CA GLY A 127 7.29 4.12 -7.63
C GLY A 127 8.22 3.12 -6.96
N ASP A 128 7.74 2.48 -5.94
CA ASP A 128 8.57 1.49 -5.20
C ASP A 128 8.12 0.08 -5.56
N GLU A 129 8.60 -0.45 -6.64
CA GLU A 129 8.20 -1.82 -7.03
C GLU A 129 8.50 -2.78 -5.87
N ILE A 130 7.59 -3.66 -5.56
CA ILE A 130 7.81 -4.60 -4.43
C ILE A 130 7.77 -6.04 -4.92
N LYS A 131 8.19 -6.96 -4.09
CA LYS A 131 8.16 -8.39 -4.51
C LYS A 131 7.57 -9.27 -3.41
N ILE A 132 6.27 -9.21 -3.21
CA ILE A 132 5.61 -10.04 -2.17
C ILE A 132 6.35 -11.36 -1.98
N ILE A 133 6.82 -11.95 -3.06
CA ILE A 133 7.56 -13.24 -2.96
C ILE A 133 8.60 -13.33 -4.09
N TRP A 134 9.31 -14.41 -4.16
CA TRP A 134 10.33 -14.57 -5.24
C TRP A 134 10.86 -16.02 -5.23
N ASP A 135 12.04 -16.26 -4.67
CA ASP A 135 12.58 -17.64 -4.65
C ASP A 135 12.54 -18.24 -6.06
N LYS A 136 13.38 -17.76 -6.94
CA LYS A 136 13.39 -18.30 -8.33
C LYS A 136 13.65 -19.81 -8.35
N ASN A 137 14.11 -20.36 -7.24
CA ASN A 137 14.38 -21.82 -7.19
C ASN A 137 13.21 -22.62 -7.76
N ASN A 138 12.01 -22.11 -7.65
CA ASN A 138 10.83 -22.84 -8.20
C ASN A 138 10.04 -21.94 -9.16
N LYS A 139 10.70 -21.03 -9.82
CA LYS A 139 9.98 -20.11 -10.78
C LYS A 139 8.77 -19.47 -10.09
N PHE A 140 8.95 -18.30 -9.55
CA PHE A 140 7.81 -17.60 -8.88
C PHE A 140 8.23 -16.19 -8.49
N VAL A 141 7.81 -15.21 -9.25
CA VAL A 141 8.19 -13.81 -8.93
C VAL A 141 6.96 -12.92 -8.92
N ILE A 142 6.81 -12.09 -7.92
CA ILE A 142 5.63 -11.19 -7.86
C ILE A 142 6.10 -9.74 -7.94
N GLY A 143 6.69 -9.37 -9.05
CA GLY A 143 7.16 -7.97 -9.21
C GLY A 143 5.97 -7.03 -9.16
N PHE A 144 6.10 -5.93 -8.47
CA PHE A 144 4.96 -4.97 -8.38
C PHE A 144 5.50 -3.55 -8.56
N LYS A 145 4.63 -2.58 -8.65
CA LYS A 145 5.09 -1.17 -8.83
C LYS A 145 4.22 -0.22 -8.01
N VAL A 146 4.70 0.23 -6.89
CA VAL A 146 3.90 1.17 -6.07
C VAL A 146 3.78 2.51 -6.80
N GLU A 147 2.59 2.89 -7.18
CA GLU A 147 2.42 4.18 -7.90
C GLU A 147 1.53 5.12 -7.09
N ILE A 148 2.10 6.10 -6.46
CA ILE A 148 1.29 7.06 -5.66
C ILE A 148 0.60 8.08 -6.57
N ASN A 149 -0.71 8.11 -6.56
CA ASN A 149 -1.44 9.05 -7.45
C ASN A 149 -1.81 10.34 -6.69
N ASP A 150 -1.95 10.26 -5.40
CA ASP A 150 -2.31 11.48 -4.60
C ASP A 150 -1.06 12.26 -4.23
N THR A 151 -0.26 11.75 -3.33
CA THR A 151 0.97 12.45 -2.89
C THR A 151 0.63 13.83 -2.33
N THR A 152 -0.60 14.06 -1.98
CA THR A 152 -0.98 15.39 -1.41
C THR A 152 -0.21 15.65 -0.12
N GLY A 153 -0.47 14.87 0.90
CA GLY A 153 0.25 15.05 2.19
C GLY A 153 1.25 13.91 2.38
N LEU A 154 1.57 13.21 1.32
CA LEU A 154 2.53 12.07 1.43
C LEU A 154 3.95 12.62 1.63
N PHE A 155 4.71 11.99 2.50
CA PHE A 155 6.10 12.47 2.75
C PHE A 155 6.86 12.62 1.43
N ASN A 156 7.48 13.76 1.22
CA ASN A 156 8.25 14.02 -0.05
C ASN A 156 7.68 13.26 -1.25
N GLU A 157 6.39 13.36 -1.49
CA GLU A 157 5.78 12.66 -2.65
C GLU A 157 6.22 11.20 -2.71
N GLY A 158 6.57 10.62 -1.59
CA GLY A 158 7.01 9.20 -1.58
C GLY A 158 8.54 9.14 -1.68
N LEU A 159 9.16 10.14 -2.24
CA LEU A 159 10.64 10.15 -2.36
C LEU A 159 11.26 10.28 -0.96
N GLY A 160 11.03 9.34 -0.09
CA GLY A 160 11.60 9.42 1.29
C GLY A 160 13.11 9.16 1.24
N MET A 161 13.84 9.99 0.54
CA MET A 161 15.32 9.79 0.46
C MET A 161 15.64 8.41 -0.11
N LEU A 162 16.74 8.27 -0.80
CA LEU A 162 17.08 6.94 -1.39
C LEU A 162 18.57 6.88 -1.71
N GLN A 163 19.41 7.26 -0.78
CA GLN A 163 20.88 7.23 -1.04
C GLN A 163 21.54 6.18 -0.14
N GLU A 164 21.10 6.07 1.09
CA GLU A 164 21.72 5.06 2.01
C GLU A 164 20.91 4.97 3.30
N GLN A 165 19.61 5.08 3.21
CA GLN A 165 18.76 4.99 4.43
C GLN A 165 17.52 4.11 4.17
N ARG A 166 17.69 3.05 3.42
CA ARG A 166 16.55 2.16 3.12
C ARG A 166 16.82 0.76 3.69
N VAL A 167 16.55 0.56 4.96
CA VAL A 167 16.79 -0.78 5.57
C VAL A 167 15.49 -1.35 6.10
N VAL A 168 15.34 -2.65 6.02
CA VAL A 168 14.08 -3.29 6.51
C VAL A 168 14.08 -3.37 8.03
N LEU A 169 13.11 -2.79 8.67
CA LEU A 169 13.04 -2.85 10.15
C LEU A 169 12.66 -4.28 10.57
N LYS A 170 12.40 -4.50 11.82
CA LYS A 170 12.04 -5.88 12.27
C LYS A 170 10.77 -5.85 13.13
N GLN A 171 9.61 -5.84 12.51
CA GLN A 171 8.34 -5.81 13.30
C GLN A 171 8.33 -4.60 14.23
N THR A 172 7.21 -4.30 14.82
CA THR A 172 7.13 -3.14 15.76
C THR A 172 5.73 -3.01 16.33
N ALA A 173 5.62 -2.51 17.52
CA ALA A 173 4.27 -2.35 18.15
C ALA A 173 3.47 -3.65 17.97
N GLU A 174 4.14 -4.78 17.82
CA GLU A 174 3.40 -6.05 17.58
C GLU A 174 2.50 -5.84 16.37
N GLU A 175 3.10 -5.47 15.26
CA GLU A 175 2.26 -5.15 14.08
C GLU A 175 1.27 -4.12 14.57
N LYS A 176 1.77 -3.26 15.43
CA LYS A 176 0.92 -2.23 16.06
C LYS A 176 -0.24 -2.92 16.78
N ASP A 177 0.03 -4.09 17.28
CA ASP A 177 -1.01 -4.89 18.00
C ASP A 177 -2.29 -4.88 17.18
N LEU A 178 -2.13 -4.83 15.89
CA LEU A 178 -3.31 -4.82 14.99
C LEU A 178 -3.00 -5.68 13.77
N VAL A 179 -1.83 -5.58 13.23
CA VAL A 179 -1.51 -6.43 12.06
C VAL A 179 -1.00 -7.79 12.58
N LYS A 180 -0.80 -7.85 13.86
CA LYS A 180 -0.32 -9.10 14.52
C LYS A 180 -1.46 -10.12 14.62
N LYS A 181 -2.67 -9.68 14.40
CA LYS A 181 -3.83 -10.63 14.51
C LYS A 181 -3.98 -11.43 13.22
N LEU A 182 -3.10 -11.24 12.31
CA LEU A 182 -3.15 -11.98 11.02
C LEU A 182 -1.85 -12.75 10.79
N GLU A 1 -58.71 17.29 3.49
CA GLU A 1 -58.99 17.25 2.02
C GLU A 1 -57.90 18.00 1.26
N ALA A 2 -57.85 17.82 -0.04
CA ALA A 2 -56.80 18.52 -0.85
C ALA A 2 -57.20 18.52 -2.33
N GLU A 3 -56.51 19.28 -3.13
CA GLU A 3 -56.84 19.33 -4.59
C GLU A 3 -55.80 18.53 -5.39
N THR A 4 -56.24 17.67 -6.26
CA THR A 4 -55.28 16.86 -7.06
C THR A 4 -54.62 17.73 -8.14
N ARG A 5 -53.47 18.30 -7.84
CA ARG A 5 -52.78 19.16 -8.83
C ARG A 5 -51.80 18.33 -9.67
N GLU A 6 -51.32 17.25 -9.12
CA GLU A 6 -50.35 16.40 -9.87
C GLU A 6 -51.01 15.09 -10.31
N GLN A 7 -51.55 15.07 -11.50
CA GLN A 7 -52.21 13.82 -11.99
C GLN A 7 -51.35 13.18 -13.09
N LYS A 8 -50.76 13.99 -13.93
CA LYS A 8 -49.92 13.43 -15.03
C LYS A 8 -49.17 14.56 -15.74
N LEU A 9 -48.12 15.07 -15.14
CA LEU A 9 -47.35 16.17 -15.76
C LEU A 9 -45.89 16.11 -15.29
N LEU A 10 -45.04 15.44 -16.02
CA LEU A 10 -43.61 15.35 -15.61
C LEU A 10 -42.93 16.71 -15.75
N HIS A 11 -43.15 17.59 -14.81
CA HIS A 11 -42.52 18.94 -14.87
C HIS A 11 -42.86 19.73 -13.60
N SER A 12 -42.00 19.69 -12.62
CA SER A 12 -42.28 20.44 -11.35
C SER A 12 -41.12 21.37 -11.01
N ASN A 13 -40.01 20.82 -10.58
CA ASN A 13 -38.83 21.69 -10.23
C ASN A 13 -37.97 21.92 -11.48
N ASN A 14 -37.13 22.93 -11.44
CA ASN A 14 -36.26 23.22 -12.61
C ASN A 14 -34.79 23.26 -12.17
N THR A 15 -33.91 23.64 -13.06
CA THR A 15 -32.47 23.71 -12.70
C THR A 15 -31.98 25.16 -12.73
N GLU A 16 -31.33 25.61 -11.69
CA GLU A 16 -30.83 27.01 -11.66
C GLU A 16 -29.33 27.03 -11.31
N ASN A 17 -28.68 25.91 -11.41
CA ASN A 17 -27.22 25.87 -11.08
C ASN A 17 -26.60 24.58 -11.64
N VAL A 18 -25.39 24.65 -12.12
CA VAL A 18 -24.74 23.43 -12.68
C VAL A 18 -23.21 23.52 -12.55
N LYS A 19 -22.53 22.42 -12.71
CA LYS A 19 -21.05 22.42 -12.60
C LYS A 19 -20.45 21.30 -13.45
N SER A 20 -19.16 21.17 -13.46
CA SER A 20 -18.53 20.08 -14.28
C SER A 20 -17.04 19.94 -13.93
N SER A 21 -16.74 19.40 -12.78
CA SER A 21 -15.32 19.23 -12.37
C SER A 21 -15.09 17.82 -11.81
N LYS A 22 -14.42 16.99 -12.55
CA LYS A 22 -14.17 15.60 -12.05
C LYS A 22 -12.78 15.51 -11.41
N LYS A 23 -12.22 14.34 -11.31
CA LYS A 23 -10.88 14.19 -10.69
C LYS A 23 -10.28 12.82 -11.01
N LYS A 24 -9.33 12.36 -10.24
CA LYS A 24 -8.71 11.03 -10.53
C LYS A 24 -8.53 10.23 -9.23
N GLY A 25 -9.62 9.81 -8.63
CA GLY A 25 -9.52 9.03 -7.37
C GLY A 25 -9.62 9.95 -6.16
N ASN A 26 -10.68 9.85 -5.42
CA ASN A 26 -10.85 10.72 -4.22
C ASN A 26 -10.41 9.98 -2.95
N GLY A 27 -10.11 8.72 -3.06
CA GLY A 27 -9.67 7.95 -1.86
C GLY A 27 -8.55 6.98 -2.23
N ARG A 28 -7.86 7.23 -3.31
CA ARG A 28 -6.74 6.34 -3.74
C ARG A 28 -5.39 7.00 -3.45
N PHE A 29 -4.58 6.35 -2.67
CA PHE A 29 -3.24 6.93 -2.34
C PHE A 29 -2.16 6.16 -3.07
N LEU A 30 -2.30 4.88 -3.10
CA LEU A 30 -1.26 4.04 -3.77
C LEU A 30 -1.87 3.06 -4.78
N THR A 31 -1.13 2.72 -5.79
CA THR A 31 -1.62 1.76 -6.80
C THR A 31 -0.55 0.67 -7.02
N LEU A 32 -0.75 -0.47 -6.43
CA LEU A 32 0.25 -1.57 -6.58
C LEU A 32 0.22 -2.11 -8.01
N LYS A 33 1.08 -1.62 -8.86
CA LYS A 33 1.07 -2.08 -10.28
C LYS A 33 2.20 -3.06 -10.55
N PRO A 34 1.89 -4.32 -10.46
CA PRO A 34 2.92 -5.36 -10.74
C PRO A 34 3.19 -5.37 -12.23
N LEU A 35 4.29 -5.92 -12.63
CA LEU A 35 4.59 -5.92 -14.09
C LEU A 35 4.38 -7.32 -14.67
N PRO A 36 4.71 -7.44 -15.94
CA PRO A 36 4.54 -8.74 -16.65
C PRO A 36 5.57 -9.78 -16.19
N ASP A 37 6.45 -9.41 -15.28
CA ASP A 37 7.45 -10.38 -14.78
C ASP A 37 6.91 -11.07 -13.52
N SER A 38 6.05 -10.41 -12.81
CA SER A 38 5.47 -10.98 -11.57
C SER A 38 4.43 -12.05 -11.91
N ILE A 39 4.07 -12.89 -10.99
CA ILE A 39 3.03 -13.91 -11.28
C ILE A 39 1.65 -13.24 -11.26
N ILE A 40 1.60 -12.00 -10.84
CA ILE A 40 0.30 -11.26 -10.80
C ILE A 40 0.14 -10.43 -12.07
N GLN A 41 0.93 -9.43 -12.15
CA GLN A 41 0.91 -8.49 -13.32
C GLN A 41 -0.48 -7.87 -13.47
N GLU A 42 -0.57 -6.59 -13.24
CA GLU A 42 -1.87 -5.85 -13.34
C GLU A 42 -1.78 -4.57 -12.53
N SER A 43 -2.52 -4.49 -11.46
CA SER A 43 -2.49 -3.27 -10.60
C SER A 43 -3.51 -3.37 -9.46
N LEU A 44 -3.10 -3.02 -8.27
CA LEU A 44 -4.04 -3.03 -7.11
C LEU A 44 -4.33 -1.58 -6.70
N GLU A 45 -5.21 -1.37 -5.76
CA GLU A 45 -5.50 0.04 -5.37
C GLU A 45 -5.66 0.18 -3.84
N ILE A 46 -4.64 0.67 -3.18
CA ILE A 46 -4.73 0.87 -1.71
C ILE A 46 -5.39 2.21 -1.42
N GLN A 47 -6.69 2.22 -1.27
CA GLN A 47 -7.44 3.48 -1.02
C GLN A 47 -6.79 4.34 0.06
N GLN A 48 -6.37 5.53 -0.29
CA GLN A 48 -5.75 6.49 0.67
C GLN A 48 -4.99 5.78 1.79
N GLY A 49 -4.24 4.75 1.46
CA GLY A 49 -3.49 4.04 2.53
C GLY A 49 -4.51 3.36 3.43
N VAL A 50 -5.15 2.33 2.93
CA VAL A 50 -6.19 1.60 3.71
C VAL A 50 -5.87 1.57 5.20
N ASN A 51 -4.62 1.38 5.56
CA ASN A 51 -4.26 1.35 7.00
C ASN A 51 -5.21 0.45 7.81
N PRO A 52 -4.87 -0.81 7.94
CA PRO A 52 -3.66 -1.40 7.33
C PRO A 52 -4.03 -2.11 6.02
N PHE A 53 -3.05 -2.51 5.25
CA PHE A 53 -3.36 -3.23 3.98
C PHE A 53 -2.54 -4.52 3.87
N PHE A 54 -3.06 -5.62 4.35
CA PHE A 54 -2.27 -6.89 4.24
C PHE A 54 -2.36 -7.40 2.81
N ILE A 55 -1.62 -8.42 2.50
CA ILE A 55 -1.65 -8.98 1.13
C ILE A 55 -0.99 -10.36 1.16
N GLY A 56 -1.62 -11.37 0.65
CA GLY A 56 -0.96 -12.70 0.69
C GLY A 56 -1.87 -13.80 0.17
N ARG A 57 -1.71 -14.98 0.68
CA ARG A 57 -2.54 -16.13 0.23
C ARG A 57 -3.90 -16.15 0.94
N SER A 58 -4.06 -15.35 1.96
CA SER A 58 -5.36 -15.34 2.68
C SER A 58 -6.18 -14.13 2.24
N GLU A 59 -7.31 -14.34 1.62
CA GLU A 59 -8.14 -13.18 1.20
C GLU A 59 -8.41 -12.27 2.41
N ASP A 60 -8.27 -12.79 3.60
CA ASP A 60 -8.45 -11.94 4.81
C ASP A 60 -7.61 -10.67 4.67
N CYS A 61 -6.56 -10.74 3.89
CA CYS A 61 -5.71 -9.54 3.68
C CYS A 61 -6.56 -8.44 3.07
N ASN A 62 -6.14 -7.22 3.19
CA ASN A 62 -6.92 -6.12 2.57
C ASN A 62 -6.90 -6.28 1.05
N CYS A 63 -6.02 -7.11 0.56
CA CYS A 63 -5.93 -7.34 -0.90
C CYS A 63 -5.84 -8.85 -1.19
N LYS A 64 -5.10 -9.20 -2.20
CA LYS A 64 -4.95 -10.64 -2.56
C LYS A 64 -3.84 -10.80 -3.62
N ILE A 65 -2.79 -11.51 -3.29
CA ILE A 65 -1.68 -11.70 -4.27
C ILE A 65 -1.44 -13.19 -4.54
N GLU A 66 -2.42 -13.99 -4.23
CA GLU A 66 -2.35 -15.48 -4.42
C GLU A 66 -1.11 -15.93 -5.20
N ASP A 67 0.02 -15.91 -4.54
CA ASP A 67 1.28 -16.33 -5.21
C ASP A 67 1.84 -17.63 -4.62
N ASN A 68 0.98 -18.56 -4.27
CA ASN A 68 1.44 -19.87 -3.71
C ASN A 68 2.42 -19.68 -2.53
N ARG A 69 3.67 -19.36 -2.81
CA ARG A 69 4.69 -19.17 -1.72
C ARG A 69 4.11 -18.35 -0.57
N LEU A 70 3.11 -17.55 -0.83
CA LEU A 70 2.52 -16.74 0.27
C LEU A 70 1.98 -17.65 1.36
N SER A 71 2.28 -17.34 2.60
CA SER A 71 1.78 -18.17 3.72
C SER A 71 0.52 -17.55 4.31
N ARG A 72 -0.32 -16.97 3.47
CA ARG A 72 -1.56 -16.31 3.96
C ARG A 72 -1.13 -15.08 4.76
N VAL A 73 -1.53 -13.91 4.34
CA VAL A 73 -1.07 -12.68 5.04
C VAL A 73 0.46 -12.66 4.90
N HIS A 74 0.91 -13.22 3.81
CA HIS A 74 2.35 -13.30 3.49
C HIS A 74 3.06 -12.03 3.88
N CYS A 75 2.72 -10.97 3.24
CA CYS A 75 3.35 -9.66 3.57
C CYS A 75 2.30 -8.83 4.33
N PHE A 76 2.65 -7.74 4.94
CA PHE A 76 1.59 -6.93 5.63
C PHE A 76 1.94 -5.44 5.54
N ILE A 77 1.28 -4.73 4.67
CA ILE A 77 1.55 -3.27 4.56
C ILE A 77 0.65 -2.53 5.55
N PHE A 78 1.15 -1.48 6.14
CA PHE A 78 0.36 -0.71 7.13
C PHE A 78 0.44 0.77 6.81
N LYS A 79 -0.33 1.57 7.47
CA LYS A 79 -0.29 3.04 7.21
C LYS A 79 -0.40 3.80 8.53
N LYS A 80 0.41 4.80 8.72
CA LYS A 80 0.35 5.56 10.00
C LYS A 80 0.90 6.98 9.79
N ARG A 81 0.75 7.83 10.79
CA ARG A 81 1.27 9.22 10.66
C ARG A 81 2.77 9.17 10.31
N HIS A 82 3.22 10.07 9.48
CA HIS A 82 4.67 10.07 9.10
C HIS A 82 5.55 10.03 10.37
N ALA A 83 5.50 11.08 11.14
CA ALA A 83 6.32 11.14 12.39
C ALA A 83 7.82 11.06 12.05
N VAL A 84 8.65 11.71 12.83
CA VAL A 84 10.12 11.67 12.55
C VAL A 84 10.82 10.77 13.57
N GLY A 85 11.91 10.17 13.18
CA GLY A 85 12.66 9.28 14.13
C GLY A 85 13.62 10.12 14.97
N LYS A 86 14.77 9.59 15.30
CA LYS A 86 15.74 10.35 16.12
C LYS A 86 16.68 11.17 15.22
N SER A 87 16.15 11.77 14.18
CA SER A 87 17.01 12.58 13.27
C SER A 87 17.10 14.02 13.76
N MET A 88 18.16 14.70 13.41
CA MET A 88 18.32 16.13 13.86
C MET A 88 18.14 17.08 12.66
N TYR A 89 17.03 17.01 12.00
CA TYR A 89 16.79 17.91 10.83
C TYR A 89 16.30 19.28 11.30
N GLU A 90 15.91 20.12 10.38
CA GLU A 90 15.43 21.48 10.76
C GLU A 90 13.90 21.51 10.84
N SER A 91 13.23 21.40 9.72
CA SER A 91 11.74 21.44 9.73
C SER A 91 11.18 20.02 9.80
N PRO A 92 10.58 19.69 10.92
CA PRO A 92 9.99 18.34 11.09
C PRO A 92 8.76 18.19 10.20
N ALA A 93 7.82 17.39 10.59
CA ALA A 93 6.60 17.20 9.77
C ALA A 93 5.52 16.46 10.57
N GLN A 94 4.93 17.12 11.54
CA GLN A 94 3.87 16.47 12.35
C GLN A 94 2.64 16.21 11.47
N GLY A 95 1.81 15.27 11.85
CA GLY A 95 0.60 14.97 11.04
C GLY A 95 1.01 14.20 9.79
N LEU A 96 0.31 14.40 8.71
CA LEU A 96 0.65 13.70 7.44
C LEU A 96 0.55 12.18 7.65
N ASP A 97 1.24 11.40 6.86
CA ASP A 97 1.14 9.92 7.04
C ASP A 97 2.22 9.18 6.24
N ASP A 98 2.58 7.99 6.67
CA ASP A 98 3.61 7.18 5.96
C ASP A 98 3.20 5.71 5.96
N ILE A 99 3.13 5.08 4.81
CA ILE A 99 2.74 3.64 4.78
C ILE A 99 3.91 2.78 5.28
N TRP A 100 3.61 1.61 5.76
CA TRP A 100 4.70 0.73 6.28
C TRP A 100 4.59 -0.69 5.71
N TYR A 101 5.47 -1.07 4.82
CA TYR A 101 5.42 -2.46 4.29
C TYR A 101 5.94 -3.40 5.38
N CYS A 102 5.12 -4.30 5.86
CA CYS A 102 5.59 -5.21 6.95
C CYS A 102 5.20 -6.65 6.67
N HIS A 103 6.15 -7.52 6.41
CA HIS A 103 5.77 -8.95 6.16
C HIS A 103 5.33 -9.62 7.46
N THR A 104 4.33 -10.46 7.41
CA THR A 104 3.86 -11.17 8.63
C THR A 104 3.74 -12.67 8.39
N GLY A 105 3.59 -13.07 7.16
CA GLY A 105 3.45 -14.53 6.86
C GLY A 105 4.65 -15.30 7.42
N THR A 106 4.75 -16.55 7.07
CA THR A 106 5.88 -17.39 7.54
C THR A 106 7.10 -17.13 6.67
N ASN A 107 6.88 -16.44 5.60
CA ASN A 107 7.96 -16.13 4.64
C ASN A 107 8.39 -14.66 4.79
N VAL A 108 8.81 -14.04 3.73
CA VAL A 108 9.24 -12.62 3.83
C VAL A 108 8.94 -11.88 2.53
N SER A 109 8.63 -10.63 2.63
CA SER A 109 8.38 -9.80 1.40
C SER A 109 9.47 -8.75 1.36
N TYR A 110 9.58 -8.00 0.31
CA TYR A 110 10.70 -7.01 0.25
C TYR A 110 10.33 -5.75 -0.52
N LEU A 111 11.06 -4.70 -0.28
CA LEU A 111 10.79 -3.41 -0.98
C LEU A 111 11.86 -3.15 -2.04
N ASN A 112 11.68 -3.66 -3.22
CA ASN A 112 12.69 -3.46 -4.31
C ASN A 112 13.98 -4.20 -3.98
N ASN A 113 14.65 -3.80 -2.92
CA ASN A 113 15.93 -4.49 -2.55
C ASN A 113 16.03 -4.70 -1.03
N ASN A 114 15.06 -4.25 -0.26
CA ASN A 114 15.13 -4.44 1.21
C ASN A 114 14.44 -5.75 1.61
N ARG A 115 15.21 -6.79 1.79
CA ARG A 115 14.61 -8.10 2.19
C ARG A 115 14.24 -8.08 3.67
N MET A 116 13.04 -8.47 4.01
CA MET A 116 12.64 -8.48 5.44
C MET A 116 12.78 -9.90 6.00
N ILE A 117 11.81 -10.38 6.74
CA ILE A 117 11.90 -11.76 7.29
C ILE A 117 10.64 -12.07 8.11
N GLN A 118 9.49 -11.82 7.54
CA GLN A 118 8.22 -12.06 8.27
C GLN A 118 8.20 -11.26 9.56
N GLY A 119 7.05 -11.08 10.12
CA GLY A 119 6.92 -10.28 11.38
C GLY A 119 7.85 -9.06 11.33
N THR A 120 8.04 -8.50 10.16
CA THR A 120 8.93 -7.30 10.05
C THR A 120 8.17 -6.14 9.42
N LYS A 121 8.65 -4.94 9.61
CA LYS A 121 7.96 -3.75 9.03
C LYS A 121 8.97 -2.92 8.23
N PHE A 122 8.48 -2.09 7.34
CA PHE A 122 9.42 -1.28 6.51
C PHE A 122 8.70 -0.05 5.94
N LEU A 123 9.44 0.99 5.60
CA LEU A 123 8.81 2.22 5.04
C LEU A 123 8.62 2.09 3.52
N LEU A 124 7.55 2.62 3.01
CA LEU A 124 7.31 2.54 1.54
C LEU A 124 7.43 3.93 0.90
N GLN A 125 7.81 3.98 -0.34
CA GLN A 125 7.93 5.30 -1.04
C GLN A 125 7.22 5.24 -2.39
N ASP A 126 7.24 6.31 -3.13
CA ASP A 126 6.56 6.32 -4.46
C ASP A 126 7.38 5.53 -5.47
N GLY A 127 6.76 4.65 -6.22
CA GLY A 127 7.52 3.86 -7.22
C GLY A 127 8.41 2.85 -6.49
N ASP A 128 7.91 2.29 -5.43
CA ASP A 128 8.72 1.29 -4.67
C ASP A 128 8.38 -0.10 -5.17
N GLU A 129 9.03 -0.50 -6.22
CA GLU A 129 8.76 -1.87 -6.79
C GLU A 129 8.97 -2.94 -5.71
N ILE A 130 7.97 -3.17 -4.90
CA ILE A 130 8.08 -4.18 -3.81
C ILE A 130 8.20 -5.59 -4.41
N LYS A 131 8.06 -6.61 -3.60
CA LYS A 131 8.17 -8.01 -4.15
C LYS A 131 7.68 -9.04 -3.12
N ILE A 132 6.40 -9.25 -3.02
CA ILE A 132 5.87 -10.25 -2.05
C ILE A 132 6.73 -11.54 -2.10
N ILE A 133 7.20 -11.91 -3.27
CA ILE A 133 8.05 -13.13 -3.40
C ILE A 133 9.05 -12.96 -4.55
N TRP A 134 10.05 -13.79 -4.59
CA TRP A 134 11.06 -13.69 -5.69
C TRP A 134 11.89 -14.97 -5.75
N ASP A 135 11.60 -15.86 -6.67
CA ASP A 135 12.38 -17.12 -6.79
C ASP A 135 12.93 -17.26 -8.21
N LYS A 136 14.17 -16.91 -8.41
CA LYS A 136 14.77 -17.02 -9.78
C LYS A 136 14.81 -18.48 -10.25
N ASN A 137 14.60 -19.42 -9.36
CA ASN A 137 14.64 -20.85 -9.75
C ASN A 137 13.76 -21.11 -10.99
N ASN A 138 12.48 -21.31 -10.80
CA ASN A 138 11.59 -21.55 -11.98
C ASN A 138 10.93 -20.25 -12.42
N LYS A 139 11.68 -19.19 -12.48
CA LYS A 139 11.12 -17.87 -12.91
C LYS A 139 9.83 -17.56 -12.14
N PHE A 140 9.80 -17.89 -10.88
CA PHE A 140 8.59 -17.60 -10.07
C PHE A 140 8.85 -16.32 -9.26
N VAL A 141 8.50 -15.19 -9.81
CA VAL A 141 8.77 -13.90 -9.11
C VAL A 141 7.48 -13.09 -8.99
N ILE A 142 7.43 -12.18 -8.05
CA ILE A 142 6.21 -11.35 -7.87
C ILE A 142 6.59 -9.86 -7.85
N GLY A 143 6.99 -9.34 -8.97
CA GLY A 143 7.37 -7.90 -9.02
C GLY A 143 6.14 -7.02 -8.87
N PHE A 144 6.15 -6.10 -7.95
CA PHE A 144 5.00 -5.18 -7.76
C PHE A 144 5.50 -3.74 -7.76
N LYS A 145 4.73 -2.82 -8.25
CA LYS A 145 5.19 -1.40 -8.30
C LYS A 145 4.27 -0.49 -7.49
N VAL A 146 4.78 0.09 -6.44
CA VAL A 146 3.96 1.00 -5.61
C VAL A 146 3.88 2.37 -6.29
N GLU A 147 2.72 2.80 -6.67
CA GLU A 147 2.59 4.13 -7.33
C GLU A 147 1.66 5.02 -6.51
N ILE A 148 2.14 6.16 -6.09
CA ILE A 148 1.29 7.08 -5.27
C ILE A 148 0.37 7.87 -6.18
N ASN A 149 -0.92 7.77 -5.98
CA ASN A 149 -1.88 8.51 -6.85
C ASN A 149 -2.32 9.81 -6.18
N ASP A 150 -2.34 9.86 -4.87
CA ASP A 150 -2.75 11.11 -4.17
C ASP A 150 -1.54 11.86 -3.65
N THR A 151 -0.84 11.30 -2.69
CA THR A 151 0.37 11.98 -2.12
C THR A 151 0.12 13.48 -1.96
N THR A 152 -1.11 13.87 -1.74
CA THR A 152 -1.44 15.32 -1.59
C THR A 152 -1.04 15.81 -0.19
N GLY A 153 -1.32 15.03 0.83
CA GLY A 153 -0.96 15.46 2.22
C GLY A 153 0.29 14.73 2.68
N LEU A 154 0.76 13.76 1.93
CA LEU A 154 1.97 13.01 2.35
C LEU A 154 3.11 13.98 2.69
N PHE A 155 3.86 13.69 3.73
CA PHE A 155 4.98 14.60 4.12
C PHE A 155 6.03 14.66 3.02
N ASN A 156 6.26 13.57 2.35
CA ASN A 156 7.27 13.53 1.26
C ASN A 156 6.57 13.50 -0.10
N GLU A 157 5.27 13.55 -0.11
CA GLU A 157 4.53 13.53 -1.42
C GLU A 157 4.98 12.30 -2.22
N GLY A 158 5.39 11.26 -1.56
CA GLY A 158 5.85 10.03 -2.28
C GLY A 158 7.01 10.40 -3.20
N LEU A 159 8.22 10.30 -2.71
CA LEU A 159 9.41 10.65 -3.55
C LEU A 159 10.70 10.31 -2.80
N GLY A 160 11.17 9.09 -2.87
CA GLY A 160 12.42 8.70 -2.15
C GLY A 160 13.48 9.78 -2.32
N MET A 161 13.56 10.69 -1.37
CA MET A 161 14.57 11.78 -1.47
C MET A 161 15.80 11.41 -0.63
N LEU A 162 16.46 12.40 -0.06
CA LEU A 162 17.66 12.12 0.78
C LEU A 162 18.69 11.30 0.01
N GLN A 163 19.67 10.79 0.70
CA GLN A 163 20.72 9.98 0.02
C GLN A 163 20.61 8.51 0.45
N GLU A 164 19.47 7.90 0.22
CA GLU A 164 19.28 6.46 0.62
C GLU A 164 19.39 6.33 2.14
N GLN A 165 18.31 5.99 2.80
CA GLN A 165 18.37 5.83 4.29
C GLN A 165 17.04 5.25 4.81
N ARG A 166 16.90 3.95 4.77
CA ARG A 166 15.64 3.32 5.27
C ARG A 166 15.82 1.79 5.34
N VAL A 167 15.87 1.25 6.52
CA VAL A 167 16.05 -0.23 6.67
C VAL A 167 14.78 -0.87 7.22
N VAL A 168 14.77 -2.18 7.32
CA VAL A 168 13.55 -2.89 7.85
C VAL A 168 13.39 -2.65 9.36
N LEU A 169 12.17 -2.66 9.82
CA LEU A 169 11.90 -2.47 11.27
C LEU A 169 11.11 -3.67 11.79
N LYS A 170 11.68 -4.45 12.67
CA LYS A 170 10.95 -5.64 13.20
C LYS A 170 9.49 -5.29 13.52
N GLN A 171 8.61 -6.27 13.53
CA GLN A 171 7.16 -5.98 13.82
C GLN A 171 7.04 -5.08 15.06
N THR A 172 6.00 -4.30 15.14
CA THR A 172 5.85 -3.39 16.30
C THR A 172 4.39 -3.31 16.75
N ALA A 173 4.17 -2.81 17.95
CA ALA A 173 2.77 -2.69 18.45
C ALA A 173 2.03 -4.02 18.26
N GLU A 174 2.74 -5.12 18.25
CA GLU A 174 2.06 -6.43 18.01
C GLU A 174 1.31 -6.32 16.69
N GLU A 175 2.01 -5.93 15.64
CA GLU A 175 1.29 -5.71 14.36
C GLU A 175 0.18 -4.72 14.70
N LYS A 176 0.53 -3.81 15.57
CA LYS A 176 -0.44 -2.82 16.07
C LYS A 176 -1.64 -3.55 16.65
N ASP A 177 -1.35 -4.64 17.32
CA ASP A 177 -2.41 -5.49 17.95
C ASP A 177 -3.57 -5.65 16.99
N LEU A 178 -3.28 -5.68 15.73
CA LEU A 178 -4.35 -5.85 14.72
C LEU A 178 -3.85 -6.75 13.60
N VAL A 179 -2.66 -6.53 13.13
CA VAL A 179 -2.14 -7.44 12.06
C VAL A 179 -1.57 -8.70 12.72
N LYS A 180 -1.52 -8.68 14.01
CA LYS A 180 -1.02 -9.85 14.79
C LYS A 180 -2.13 -10.92 14.87
N LYS A 181 -3.33 -10.57 14.52
CA LYS A 181 -4.45 -11.55 14.59
C LYS A 181 -4.54 -12.36 13.30
N LEU A 182 -3.60 -12.18 12.44
CA LEU A 182 -3.59 -12.91 11.15
C LEU A 182 -2.38 -13.85 11.08
N GLU A 1 -18.67 -5.72 -18.46
CA GLU A 1 -19.87 -4.86 -18.23
C GLU A 1 -20.73 -4.82 -19.51
N ALA A 2 -22.03 -4.87 -19.35
CA ALA A 2 -22.92 -4.84 -20.55
C ALA A 2 -24.23 -4.12 -20.21
N GLU A 3 -24.16 -2.91 -19.74
CA GLU A 3 -25.39 -2.15 -19.39
C GLU A 3 -25.35 -0.74 -20.01
N THR A 4 -26.25 0.11 -19.63
CA THR A 4 -26.26 1.50 -20.18
C THR A 4 -26.69 2.50 -19.10
N ARG A 5 -26.73 2.07 -17.86
CA ARG A 5 -27.14 2.99 -16.76
C ARG A 5 -26.67 2.43 -15.42
N GLU A 6 -26.27 3.29 -14.52
CA GLU A 6 -25.80 2.81 -13.19
C GLU A 6 -26.97 2.70 -12.22
N GLN A 7 -27.19 1.55 -11.67
CA GLN A 7 -28.32 1.39 -10.71
C GLN A 7 -27.81 0.76 -9.41
N LYS A 8 -27.68 1.55 -8.39
CA LYS A 8 -27.20 1.00 -7.09
C LYS A 8 -28.33 0.21 -6.43
N LEU A 9 -28.05 -1.00 -6.01
CA LEU A 9 -29.09 -1.86 -5.36
C LEU A 9 -29.88 -1.07 -4.31
N LEU A 10 -29.32 -0.02 -3.79
CA LEU A 10 -30.05 0.78 -2.79
C LEU A 10 -31.02 1.74 -3.49
N HIS A 11 -31.87 2.40 -2.76
CA HIS A 11 -32.84 3.33 -3.39
C HIS A 11 -32.93 4.62 -2.55
N SER A 12 -32.64 5.73 -3.15
CA SER A 12 -32.70 7.02 -2.38
C SER A 12 -33.68 7.98 -3.06
N ASN A 13 -34.84 7.51 -3.41
CA ASN A 13 -35.84 8.40 -4.09
C ASN A 13 -35.28 8.91 -5.41
N ASN A 14 -36.11 9.46 -6.25
CA ASN A 14 -35.64 9.99 -7.56
C ASN A 14 -34.85 11.29 -7.34
N THR A 15 -34.13 11.72 -8.34
CA THR A 15 -33.34 12.98 -8.20
C THR A 15 -33.44 13.82 -9.47
N GLU A 16 -33.13 15.08 -9.38
CA GLU A 16 -33.20 15.96 -10.58
C GLU A 16 -31.79 16.13 -11.18
N ASN A 17 -30.93 15.18 -10.96
CA ASN A 17 -29.54 15.27 -11.52
C ASN A 17 -28.91 16.61 -11.14
N VAL A 18 -29.04 17.02 -9.90
CA VAL A 18 -28.45 18.32 -9.46
C VAL A 18 -26.93 18.20 -9.40
N LYS A 19 -26.29 17.91 -10.50
CA LYS A 19 -24.80 17.80 -10.50
C LYS A 19 -24.27 17.99 -11.93
N SER A 20 -23.94 19.19 -12.30
CA SER A 20 -23.41 19.44 -13.67
C SER A 20 -22.30 18.42 -13.99
N SER A 21 -21.21 18.50 -13.29
CA SER A 21 -20.09 17.54 -13.54
C SER A 21 -19.00 17.71 -12.48
N LYS A 22 -19.00 16.87 -11.48
CA LYS A 22 -17.97 16.97 -10.41
C LYS A 22 -16.94 15.85 -10.59
N LYS A 23 -16.27 15.48 -9.53
CA LYS A 23 -15.26 14.39 -9.66
C LYS A 23 -14.70 14.01 -8.28
N LYS A 24 -14.00 14.90 -7.63
CA LYS A 24 -13.43 14.58 -6.28
C LYS A 24 -12.76 13.20 -6.31
N GLY A 25 -12.52 12.63 -5.16
CA GLY A 25 -11.88 11.28 -5.13
C GLY A 25 -12.72 10.34 -4.26
N ASN A 26 -12.11 9.34 -3.69
CA ASN A 26 -12.86 8.39 -2.82
C ASN A 26 -11.89 7.61 -1.92
N GLY A 27 -10.79 7.19 -2.46
CA GLY A 27 -9.79 6.43 -1.66
C GLY A 27 -8.76 5.81 -2.58
N ARG A 28 -7.79 6.59 -2.98
CA ARG A 28 -6.74 6.07 -3.90
C ARG A 28 -5.44 6.83 -3.67
N PHE A 29 -4.48 6.20 -3.05
CA PHE A 29 -3.18 6.86 -2.78
C PHE A 29 -2.06 6.13 -3.51
N LEU A 30 -2.12 4.84 -3.48
CA LEU A 30 -1.07 4.03 -4.16
C LEU A 30 -1.68 2.98 -5.07
N THR A 31 -1.25 2.95 -6.30
CA THR A 31 -1.75 1.92 -7.24
C THR A 31 -0.67 0.85 -7.36
N LEU A 32 -0.96 -0.34 -6.91
CA LEU A 32 0.07 -1.42 -6.97
C LEU A 32 0.09 -2.02 -8.36
N LYS A 33 1.10 -1.74 -9.13
CA LYS A 33 1.15 -2.28 -10.52
C LYS A 33 2.09 -3.48 -10.62
N PRO A 34 1.51 -4.66 -10.58
CA PRO A 34 2.31 -5.91 -10.72
C PRO A 34 2.59 -6.08 -12.19
N LEU A 35 3.76 -6.48 -12.55
CA LEU A 35 4.03 -6.62 -14.01
C LEU A 35 3.92 -8.08 -14.44
N PRO A 36 4.24 -8.32 -15.70
CA PRO A 36 4.15 -9.69 -16.28
C PRO A 36 5.25 -10.59 -15.69
N ASP A 37 6.43 -10.04 -15.49
CA ASP A 37 7.52 -10.87 -14.89
C ASP A 37 7.09 -11.30 -13.48
N SER A 38 6.07 -10.67 -12.95
CA SER A 38 5.55 -11.02 -11.61
C SER A 38 4.37 -11.97 -11.75
N ILE A 39 4.31 -13.03 -10.99
CA ILE A 39 3.16 -13.98 -11.10
C ILE A 39 1.84 -13.20 -11.15
N ILE A 40 1.81 -12.03 -10.57
CA ILE A 40 0.57 -11.21 -10.60
C ILE A 40 0.58 -10.29 -11.82
N GLN A 41 -0.53 -9.68 -12.14
CA GLN A 41 -0.57 -8.76 -13.31
C GLN A 41 -1.83 -7.92 -13.28
N GLU A 42 -1.66 -6.62 -13.12
CA GLU A 42 -2.80 -5.63 -13.10
C GLU A 42 -2.65 -4.70 -11.92
N SER A 43 -2.76 -3.45 -12.19
CA SER A 43 -2.62 -2.44 -11.11
C SER A 43 -3.64 -2.63 -9.99
N LEU A 44 -3.22 -2.42 -8.78
CA LEU A 44 -4.13 -2.55 -7.61
C LEU A 44 -4.48 -1.14 -7.12
N GLU A 45 -5.15 -1.01 -6.01
CA GLU A 45 -5.48 0.37 -5.55
C GLU A 45 -5.56 0.45 -4.03
N ILE A 46 -4.47 0.74 -3.39
CA ILE A 46 -4.49 0.88 -1.91
C ILE A 46 -5.13 2.21 -1.56
N GLN A 47 -6.37 2.19 -1.16
CA GLN A 47 -7.10 3.45 -0.84
C GLN A 47 -6.36 4.29 0.20
N GLN A 48 -5.97 5.48 -0.19
CA GLN A 48 -5.28 6.43 0.75
C GLN A 48 -4.49 5.72 1.85
N GLY A 49 -3.73 4.73 1.51
CA GLY A 49 -2.96 4.00 2.55
C GLY A 49 -3.97 3.41 3.54
N VAL A 50 -4.68 2.42 3.09
CA VAL A 50 -5.72 1.76 3.94
C VAL A 50 -5.31 1.75 5.42
N ASN A 51 -4.06 1.55 5.69
CA ASN A 51 -3.59 1.56 7.11
C ASN A 51 -4.47 0.65 8.00
N PRO A 52 -4.14 -0.61 8.06
CA PRO A 52 -3.02 -1.20 7.30
C PRO A 52 -3.55 -1.89 6.04
N PHE A 53 -2.67 -2.26 5.15
CA PHE A 53 -3.10 -2.97 3.91
C PHE A 53 -2.37 -4.31 3.77
N PHE A 54 -2.85 -5.35 4.41
CA PHE A 54 -2.16 -6.68 4.29
C PHE A 54 -2.32 -7.22 2.89
N ILE A 55 -1.52 -8.19 2.55
CA ILE A 55 -1.63 -8.81 1.21
C ILE A 55 -1.02 -10.21 1.29
N GLY A 56 -1.59 -11.15 0.61
CA GLY A 56 -1.03 -12.53 0.64
C GLY A 56 -1.94 -13.47 -0.14
N ARG A 57 -2.10 -14.67 0.32
CA ARG A 57 -2.97 -15.65 -0.40
C ARG A 57 -4.35 -15.70 0.26
N SER A 58 -4.44 -15.29 1.49
CA SER A 58 -5.75 -15.32 2.19
C SER A 58 -6.46 -13.97 2.00
N GLU A 59 -7.58 -13.97 1.32
CA GLU A 59 -8.31 -12.67 1.09
C GLU A 59 -8.41 -11.87 2.38
N ASP A 60 -8.29 -12.50 3.53
CA ASP A 60 -8.34 -11.73 4.81
C ASP A 60 -7.44 -10.49 4.67
N CYS A 61 -6.42 -10.59 3.85
CA CYS A 61 -5.52 -9.44 3.63
C CYS A 61 -6.30 -8.30 2.97
N ASN A 62 -5.87 -7.09 3.16
CA ASN A 62 -6.58 -5.95 2.52
C ASN A 62 -6.45 -6.04 1.00
N CYS A 63 -5.62 -6.92 0.52
CA CYS A 63 -5.45 -7.07 -0.95
C CYS A 63 -5.65 -8.52 -1.36
N LYS A 64 -4.88 -8.99 -2.31
CA LYS A 64 -5.01 -10.41 -2.75
C LYS A 64 -4.10 -10.67 -3.95
N ILE A 65 -3.16 -11.56 -3.80
CA ILE A 65 -2.23 -11.88 -4.92
C ILE A 65 -2.13 -13.41 -5.08
N GLU A 66 -2.97 -13.96 -5.91
CA GLU A 66 -3.01 -15.44 -6.13
C GLU A 66 -1.63 -16.04 -6.32
N ASP A 67 -1.00 -16.34 -5.22
CA ASP A 67 0.35 -16.96 -5.26
C ASP A 67 0.51 -17.96 -4.10
N ASN A 68 0.33 -19.22 -4.39
CA ASN A 68 0.45 -20.28 -3.34
C ASN A 68 1.65 -20.05 -2.41
N ARG A 69 2.66 -19.37 -2.89
CA ARG A 69 3.86 -19.10 -2.04
C ARG A 69 3.47 -18.23 -0.84
N LEU A 70 2.30 -17.65 -0.86
CA LEU A 70 1.89 -16.79 0.29
C LEU A 70 1.31 -17.65 1.41
N SER A 71 1.63 -17.29 2.63
CA SER A 71 1.13 -18.06 3.79
C SER A 71 -0.04 -17.33 4.45
N ARG A 72 -0.82 -16.61 3.68
CA ARG A 72 -1.97 -15.84 4.25
C ARG A 72 -1.40 -14.60 4.91
N VAL A 73 -1.90 -13.44 4.54
CA VAL A 73 -1.33 -12.17 5.07
C VAL A 73 0.19 -12.29 4.94
N HIS A 74 0.59 -13.05 3.95
CA HIS A 74 2.01 -13.31 3.63
C HIS A 74 2.84 -12.06 3.82
N CYS A 75 2.49 -11.04 3.10
CA CYS A 75 3.20 -9.73 3.23
C CYS A 75 2.24 -8.77 3.94
N PHE A 76 2.72 -7.77 4.64
CA PHE A 76 1.74 -6.85 5.32
C PHE A 76 2.16 -5.38 5.19
N ILE A 77 1.39 -4.61 4.45
CA ILE A 77 1.72 -3.15 4.30
C ILE A 77 0.93 -2.36 5.35
N PHE A 78 1.54 -1.36 5.92
CA PHE A 78 0.85 -0.56 6.96
C PHE A 78 1.02 0.93 6.64
N LYS A 79 0.30 1.77 7.32
CA LYS A 79 0.42 3.23 7.04
C LYS A 79 0.53 4.00 8.37
N LYS A 80 1.38 5.00 8.40
CA LYS A 80 1.55 5.79 9.66
C LYS A 80 2.08 7.19 9.35
N ARG A 81 2.06 8.07 10.31
CA ARG A 81 2.57 9.45 10.07
C ARG A 81 4.09 9.42 9.89
N HIS A 82 4.62 10.08 8.89
CA HIS A 82 6.10 10.08 8.70
C HIS A 82 6.76 10.49 10.02
N ALA A 83 6.45 11.67 10.49
CA ALA A 83 7.03 12.16 11.78
C ALA A 83 8.48 11.71 11.96
N VAL A 84 9.41 12.54 11.59
CA VAL A 84 10.87 12.18 11.71
C VAL A 84 11.17 11.52 13.07
N GLY A 85 12.34 10.96 13.21
CA GLY A 85 12.69 10.30 14.51
C GLY A 85 12.57 11.33 15.65
N LYS A 86 12.50 10.88 16.86
CA LYS A 86 12.38 11.82 18.00
C LYS A 86 13.76 12.22 18.52
N SER A 87 14.18 13.42 18.20
CA SER A 87 15.53 13.91 18.65
C SER A 87 15.50 15.44 18.76
N MET A 88 16.64 16.08 18.65
CA MET A 88 16.68 17.56 18.76
C MET A 88 16.47 18.21 17.39
N TYR A 89 15.52 17.75 16.62
CA TYR A 89 15.28 18.37 15.28
C TYR A 89 14.78 19.80 15.46
N GLU A 90 14.77 20.55 14.39
CA GLU A 90 14.30 21.97 14.48
C GLU A 90 12.77 22.02 14.39
N SER A 91 12.23 21.88 13.22
CA SER A 91 10.75 21.96 13.06
C SER A 91 10.14 20.54 13.07
N PRO A 92 9.05 20.40 13.80
CA PRO A 92 8.35 19.10 13.88
C PRO A 92 7.71 18.79 12.52
N ALA A 93 6.64 18.04 12.52
CA ALA A 93 5.96 17.70 11.23
C ALA A 93 4.71 16.85 11.52
N GLN A 94 3.84 17.32 12.36
CA GLN A 94 2.60 16.55 12.69
C GLN A 94 1.62 16.60 11.52
N GLY A 95 1.43 15.50 10.85
CA GLY A 95 0.48 15.48 9.70
C GLY A 95 1.07 14.61 8.59
N LEU A 96 0.65 14.84 7.36
CA LEU A 96 1.19 14.03 6.23
C LEU A 96 1.20 12.56 6.63
N ASP A 97 2.02 11.74 6.02
CA ASP A 97 2.02 10.29 6.40
C ASP A 97 3.01 9.49 5.55
N ASP A 98 3.40 8.33 6.01
CA ASP A 98 4.34 7.48 5.25
C ASP A 98 3.95 6.00 5.37
N ILE A 99 3.64 5.37 4.27
CA ILE A 99 3.23 3.93 4.33
C ILE A 99 4.42 3.04 4.73
N TRP A 100 4.12 1.86 5.21
CA TRP A 100 5.20 0.94 5.64
C TRP A 100 4.96 -0.48 5.11
N TYR A 101 5.86 -1.03 4.35
CA TYR A 101 5.65 -2.43 3.88
C TYR A 101 6.20 -3.38 4.92
N CYS A 102 5.38 -4.24 5.45
CA CYS A 102 5.87 -5.19 6.50
C CYS A 102 5.41 -6.62 6.22
N HIS A 103 6.31 -7.51 5.93
CA HIS A 103 5.89 -8.92 5.69
C HIS A 103 5.46 -9.56 7.02
N THR A 104 4.49 -10.44 7.01
CA THR A 104 4.05 -11.07 8.30
C THR A 104 3.79 -12.57 8.15
N GLY A 105 3.74 -13.06 6.94
CA GLY A 105 3.48 -14.52 6.74
C GLY A 105 4.68 -15.34 7.20
N THR A 106 4.71 -16.59 6.83
CA THR A 106 5.86 -17.48 7.24
C THR A 106 7.02 -17.30 6.26
N ASN A 107 6.75 -16.68 5.16
CA ASN A 107 7.78 -16.49 4.12
C ASN A 107 8.41 -15.11 4.24
N VAL A 108 8.75 -14.50 3.14
CA VAL A 108 9.37 -13.17 3.17
C VAL A 108 8.95 -12.34 1.96
N SER A 109 8.55 -11.10 2.16
CA SER A 109 8.19 -10.23 1.00
C SER A 109 9.20 -9.08 1.03
N TYR A 110 9.31 -8.29 0.01
CA TYR A 110 10.38 -7.25 0.07
C TYR A 110 10.10 -6.06 -0.83
N LEU A 111 10.98 -5.10 -0.77
CA LEU A 111 10.84 -3.89 -1.60
C LEU A 111 11.77 -3.97 -2.81
N ASN A 112 11.95 -2.87 -3.51
CA ASN A 112 12.84 -2.87 -4.72
C ASN A 112 14.07 -3.76 -4.51
N ASN A 113 14.51 -3.91 -3.29
CA ASN A 113 15.69 -4.78 -3.04
C ASN A 113 15.92 -4.92 -1.52
N ASN A 114 14.87 -4.84 -0.76
CA ASN A 114 15.02 -4.97 0.73
C ASN A 114 14.38 -6.26 1.20
N ARG A 115 15.13 -7.32 1.23
CA ARG A 115 14.58 -8.63 1.68
C ARG A 115 14.25 -8.60 3.17
N MET A 116 12.99 -8.80 3.50
CA MET A 116 12.60 -8.81 4.94
C MET A 116 12.75 -10.24 5.47
N ILE A 117 11.87 -10.66 6.33
CA ILE A 117 11.97 -12.05 6.88
C ILE A 117 10.76 -12.33 7.78
N GLN A 118 9.58 -12.22 7.22
CA GLN A 118 8.34 -12.45 8.02
C GLN A 118 8.29 -11.50 9.20
N GLY A 119 7.10 -11.26 9.66
CA GLY A 119 6.91 -10.34 10.84
C GLY A 119 7.91 -9.19 10.78
N THR A 120 8.15 -8.66 9.60
CA THR A 120 9.13 -7.53 9.46
C THR A 120 8.43 -6.30 8.89
N LYS A 121 8.99 -5.14 9.09
CA LYS A 121 8.36 -3.91 8.55
C LYS A 121 9.35 -3.12 7.71
N PHE A 122 8.87 -2.26 6.86
CA PHE A 122 9.81 -1.49 6.00
C PHE A 122 9.15 -0.24 5.42
N LEU A 123 9.94 0.68 4.94
CA LEU A 123 9.38 1.95 4.37
C LEU A 123 9.08 1.80 2.87
N LEU A 124 8.05 2.43 2.40
CA LEU A 124 7.72 2.33 0.94
C LEU A 124 7.94 3.68 0.25
N GLN A 125 8.07 3.67 -1.05
CA GLN A 125 8.29 4.95 -1.79
C GLN A 125 7.50 4.94 -3.11
N ASP A 126 7.14 6.07 -3.62
CA ASP A 126 6.36 6.11 -4.90
C ASP A 126 7.12 5.35 -6.00
N GLY A 127 6.42 4.63 -6.83
CA GLY A 127 7.12 3.86 -7.91
C GLY A 127 8.15 2.94 -7.28
N ASP A 128 7.79 2.32 -6.20
CA ASP A 128 8.72 1.40 -5.50
C ASP A 128 8.25 -0.02 -5.76
N GLU A 129 8.72 -0.61 -6.80
CA GLU A 129 8.30 -2.01 -7.12
C GLU A 129 8.47 -2.91 -5.90
N ILE A 130 7.57 -3.85 -5.72
CA ILE A 130 7.65 -4.75 -4.53
C ILE A 130 7.75 -6.21 -4.97
N LYS A 131 8.14 -7.08 -4.08
CA LYS A 131 8.25 -8.52 -4.45
C LYS A 131 7.63 -9.40 -3.37
N ILE A 132 6.32 -9.40 -3.28
CA ILE A 132 5.61 -10.24 -2.27
C ILE A 132 6.36 -11.57 -2.05
N ILE A 133 6.85 -12.14 -3.12
CA ILE A 133 7.60 -13.43 -3.02
C ILE A 133 8.76 -13.43 -3.99
N TRP A 134 9.82 -14.13 -3.66
CA TRP A 134 10.99 -14.19 -4.58
C TRP A 134 11.63 -15.57 -4.50
N ASP A 135 11.44 -16.37 -5.52
CA ASP A 135 12.05 -17.72 -5.53
C ASP A 135 12.75 -17.96 -6.87
N LYS A 136 13.74 -17.15 -7.18
CA LYS A 136 14.49 -17.32 -8.46
C LYS A 136 14.84 -18.81 -8.67
N ASN A 137 14.94 -19.54 -7.60
CA ASN A 137 15.27 -21.00 -7.70
C ASN A 137 14.38 -21.69 -8.73
N ASN A 138 13.09 -21.41 -8.73
CA ASN A 138 12.19 -22.09 -9.71
C ASN A 138 11.38 -21.07 -10.52
N LYS A 139 11.94 -19.93 -10.82
CA LYS A 139 11.20 -18.93 -11.63
C LYS A 139 9.85 -18.59 -10.97
N PHE A 140 9.85 -17.84 -9.90
CA PHE A 140 8.57 -17.50 -9.22
C PHE A 140 8.74 -16.21 -8.41
N VAL A 141 8.71 -15.10 -9.06
CA VAL A 141 8.85 -13.80 -8.34
C VAL A 141 7.62 -12.93 -8.58
N ILE A 142 7.16 -12.22 -7.59
CA ILE A 142 5.97 -11.34 -7.78
C ILE A 142 6.42 -9.88 -7.86
N GLY A 143 7.01 -9.49 -8.95
CA GLY A 143 7.46 -8.08 -9.10
C GLY A 143 6.24 -7.15 -9.04
N PHE A 144 6.37 -6.04 -8.38
CA PHE A 144 5.22 -5.08 -8.29
C PHE A 144 5.71 -3.67 -8.62
N LYS A 145 4.83 -2.70 -8.64
CA LYS A 145 5.25 -1.30 -8.96
C LYS A 145 4.36 -0.31 -8.21
N VAL A 146 4.63 -0.07 -6.96
CA VAL A 146 3.81 0.91 -6.18
C VAL A 146 3.72 2.24 -6.93
N GLU A 147 2.55 2.60 -7.40
CA GLU A 147 2.43 3.89 -8.14
C GLU A 147 1.55 4.88 -7.35
N ILE A 148 2.17 5.71 -6.54
CA ILE A 148 1.37 6.70 -5.76
C ILE A 148 0.97 7.86 -6.67
N ASN A 149 -0.28 7.91 -7.06
CA ASN A 149 -0.72 9.00 -7.99
C ASN A 149 -1.39 10.15 -7.22
N ASP A 150 -1.92 9.87 -6.07
CA ASP A 150 -2.61 10.93 -5.27
C ASP A 150 -1.58 11.73 -4.46
N THR A 151 -1.09 11.17 -3.39
CA THR A 151 -0.09 11.89 -2.55
C THR A 151 -0.71 13.12 -1.88
N THR A 152 -2.01 13.23 -1.88
CA THR A 152 -2.67 14.41 -1.25
C THR A 152 -2.14 14.62 0.18
N GLY A 153 -1.13 15.43 0.34
CA GLY A 153 -0.59 15.69 1.71
C GLY A 153 0.40 14.58 2.11
N LEU A 154 0.61 13.60 1.27
CA LEU A 154 1.57 12.52 1.65
C LEU A 154 2.99 13.12 1.70
N PHE A 155 3.55 13.18 2.88
CA PHE A 155 4.92 13.76 3.05
C PHE A 155 5.82 13.45 1.84
N ASN A 156 6.78 14.30 1.57
CA ASN A 156 7.70 14.06 0.42
C ASN A 156 6.90 13.94 -0.89
N GLU A 157 5.63 14.29 -0.87
CA GLU A 157 4.81 14.21 -2.13
C GLU A 157 5.07 12.90 -2.87
N GLY A 158 5.38 11.85 -2.16
CA GLY A 158 5.65 10.54 -2.83
C GLY A 158 6.72 10.71 -3.90
N LEU A 159 7.96 10.86 -3.50
CA LEU A 159 9.06 11.02 -4.51
C LEU A 159 10.33 10.30 -4.06
N GLY A 160 10.18 9.19 -3.37
CA GLY A 160 11.38 8.44 -2.90
C GLY A 160 12.38 9.39 -2.24
N MET A 161 12.11 9.79 -1.03
CA MET A 161 13.03 10.72 -0.33
C MET A 161 13.93 9.96 0.65
N LEU A 162 15.20 9.90 0.37
CA LEU A 162 16.13 9.15 1.27
C LEU A 162 17.57 9.36 0.81
N GLN A 163 18.50 8.77 1.50
CA GLN A 163 19.93 8.89 1.10
C GLN A 163 20.58 7.51 1.14
N GLU A 164 19.94 6.53 0.55
CA GLU A 164 20.50 5.14 0.57
C GLU A 164 20.54 4.63 2.00
N GLN A 165 19.58 5.03 2.79
CA GLN A 165 19.55 4.58 4.21
C GLN A 165 18.15 4.14 4.61
N ARG A 166 17.68 3.05 4.05
CA ARG A 166 16.33 2.56 4.41
C ARG A 166 16.31 1.04 4.33
N VAL A 167 16.54 0.39 5.45
CA VAL A 167 16.56 -1.09 5.47
C VAL A 167 15.34 -1.62 6.24
N VAL A 168 15.07 -2.89 6.13
CA VAL A 168 13.89 -3.47 6.83
C VAL A 168 13.91 -3.14 8.33
N LEU A 169 12.75 -2.98 8.91
CA LEU A 169 12.66 -2.70 10.37
C LEU A 169 11.94 -3.86 11.05
N LYS A 170 12.65 -4.88 11.44
CA LYS A 170 12.02 -6.07 12.07
C LYS A 170 11.29 -5.69 13.36
N GLN A 171 10.30 -6.46 13.72
CA GLN A 171 9.54 -6.20 14.98
C GLN A 171 8.96 -4.79 14.99
N THR A 172 7.68 -4.69 15.20
CA THR A 172 7.01 -3.36 15.27
C THR A 172 6.16 -3.30 16.53
N ALA A 173 5.24 -2.39 16.61
CA ALA A 173 4.36 -2.32 17.82
C ALA A 173 3.45 -3.54 17.82
N GLU A 174 3.98 -4.74 17.76
CA GLU A 174 3.10 -5.94 17.69
C GLU A 174 2.24 -5.76 16.44
N GLU A 175 2.88 -5.54 15.31
CA GLU A 175 2.10 -5.23 14.09
C GLU A 175 1.20 -4.08 14.51
N LYS A 176 1.77 -3.24 15.34
CA LYS A 176 1.02 -2.11 15.91
C LYS A 176 -0.23 -2.63 16.59
N ASP A 177 -0.07 -3.73 17.30
CA ASP A 177 -1.20 -4.38 18.02
C ASP A 177 -2.45 -4.36 17.17
N LEU A 178 -2.25 -4.42 15.88
CA LEU A 178 -3.43 -4.42 14.97
C LEU A 178 -3.19 -5.37 13.81
N VAL A 179 -1.99 -5.43 13.31
CA VAL A 179 -1.73 -6.40 12.20
C VAL A 179 -1.23 -7.71 12.78
N LYS A 180 -1.05 -7.72 14.05
CA LYS A 180 -0.57 -8.96 14.74
C LYS A 180 -1.69 -10.00 14.80
N LYS A 181 -2.85 -9.66 14.30
CA LYS A 181 -3.97 -10.62 14.33
C LYS A 181 -3.91 -11.56 13.12
N LEU A 182 -2.90 -11.41 12.34
CA LEU A 182 -2.73 -12.27 11.14
C LEU A 182 -1.40 -13.01 11.19
N GLU A 1 -35.46 39.99 -32.88
CA GLU A 1 -35.14 39.64 -31.47
C GLU A 1 -33.76 38.99 -31.38
N ALA A 2 -32.93 39.43 -30.48
CA ALA A 2 -31.58 38.83 -30.36
C ALA A 2 -31.01 39.05 -28.96
N GLU A 3 -31.22 38.12 -28.06
CA GLU A 3 -30.68 38.28 -26.68
C GLU A 3 -30.68 36.94 -25.95
N THR A 4 -30.31 36.93 -24.70
CA THR A 4 -30.27 35.65 -23.93
C THR A 4 -31.53 35.50 -23.06
N ARG A 5 -32.40 34.60 -23.42
CA ARG A 5 -33.65 34.41 -22.63
C ARG A 5 -33.31 33.92 -21.21
N GLU A 6 -33.73 34.64 -20.21
CA GLU A 6 -33.45 34.21 -18.81
C GLU A 6 -33.99 32.79 -18.59
N GLN A 7 -33.13 31.86 -18.28
CA GLN A 7 -33.58 30.46 -18.06
C GLN A 7 -32.94 29.88 -16.80
N LYS A 8 -33.02 30.59 -15.71
CA LYS A 8 -32.41 30.08 -14.44
C LYS A 8 -33.40 29.17 -13.70
N LEU A 9 -34.62 29.60 -13.54
CA LEU A 9 -35.63 28.77 -12.83
C LEU A 9 -35.12 28.43 -11.42
N LEU A 10 -35.63 27.41 -10.79
CA LEU A 10 -35.17 27.05 -9.41
C LEU A 10 -33.65 26.97 -9.35
N HIS A 11 -33.00 26.64 -10.44
CA HIS A 11 -31.51 26.56 -10.44
C HIS A 11 -30.91 27.91 -10.84
N SER A 12 -30.08 28.48 -10.01
CA SER A 12 -29.48 29.80 -10.35
C SER A 12 -27.95 29.71 -10.33
N ASN A 13 -27.28 30.84 -10.34
CA ASN A 13 -25.78 30.81 -10.31
C ASN A 13 -25.27 31.71 -9.19
N ASN A 14 -25.55 31.36 -7.96
CA ASN A 14 -25.09 32.20 -6.82
C ASN A 14 -23.75 31.67 -6.28
N THR A 15 -23.61 30.37 -6.15
CA THR A 15 -22.33 29.80 -5.64
C THR A 15 -21.76 28.81 -6.65
N GLU A 16 -21.62 29.20 -7.89
CA GLU A 16 -21.07 28.27 -8.92
C GLU A 16 -21.84 26.95 -8.93
N ASN A 17 -22.97 26.91 -9.60
CA ASN A 17 -23.75 25.63 -9.64
C ASN A 17 -22.97 24.56 -10.38
N VAL A 18 -22.87 24.68 -11.69
CA VAL A 18 -22.11 23.65 -12.48
C VAL A 18 -22.52 22.24 -12.07
N LYS A 19 -23.76 21.89 -12.33
CA LYS A 19 -24.25 20.53 -11.95
C LYS A 19 -23.60 19.47 -12.84
N SER A 20 -22.45 18.98 -12.48
CA SER A 20 -21.78 17.95 -13.31
C SER A 20 -20.93 17.01 -12.45
N SER A 21 -21.39 15.81 -12.23
CA SER A 21 -20.61 14.84 -11.42
C SER A 21 -20.47 13.53 -12.20
N LYS A 22 -19.49 13.45 -13.07
CA LYS A 22 -19.29 12.21 -13.87
C LYS A 22 -18.03 11.47 -13.42
N LYS A 23 -17.56 11.73 -12.23
CA LYS A 23 -16.34 11.03 -11.73
C LYS A 23 -16.56 10.52 -10.31
N LYS A 24 -16.26 9.27 -10.07
CA LYS A 24 -16.44 8.71 -8.71
C LYS A 24 -15.09 8.25 -8.15
N GLY A 25 -15.07 7.71 -6.96
CA GLY A 25 -13.78 7.25 -6.37
C GLY A 25 -12.89 8.46 -6.11
N ASN A 26 -12.25 8.52 -4.97
CA ASN A 26 -11.38 9.69 -4.67
C ASN A 26 -10.65 9.48 -3.34
N GLY A 27 -9.91 8.42 -3.21
CA GLY A 27 -9.17 8.17 -1.93
C GLY A 27 -8.06 7.16 -2.17
N ARG A 28 -7.37 7.26 -3.26
CA ARG A 28 -6.25 6.32 -3.56
C ARG A 28 -4.92 7.00 -3.31
N PHE A 29 -4.04 6.37 -2.60
CA PHE A 29 -2.71 6.97 -2.32
C PHE A 29 -1.64 6.23 -3.10
N LEU A 30 -1.84 4.95 -3.25
CA LEU A 30 -0.82 4.12 -3.96
C LEU A 30 -1.48 3.16 -4.96
N THR A 31 -0.90 3.04 -6.11
CA THR A 31 -1.43 2.10 -7.15
C THR A 31 -0.40 0.99 -7.37
N LEU A 32 -0.64 -0.18 -6.82
CA LEU A 32 0.34 -1.29 -7.00
C LEU A 32 0.19 -1.91 -8.38
N LYS A 33 1.10 -1.62 -9.28
CA LYS A 33 0.97 -2.20 -10.65
C LYS A 33 1.87 -3.44 -10.80
N PRO A 34 1.26 -4.60 -10.74
CA PRO A 34 2.01 -5.86 -10.91
C PRO A 34 2.33 -6.00 -12.38
N LEU A 35 3.55 -6.26 -12.72
CA LEU A 35 3.86 -6.37 -14.17
C LEU A 35 3.80 -7.83 -14.62
N PRO A 36 4.12 -8.04 -15.86
CA PRO A 36 4.07 -9.41 -16.43
C PRO A 36 5.15 -10.30 -15.83
N ASP A 37 6.07 -9.73 -15.10
CA ASP A 37 7.14 -10.54 -14.45
C ASP A 37 6.65 -10.97 -13.06
N SER A 38 5.46 -10.58 -12.70
CA SER A 38 4.91 -10.94 -11.37
C SER A 38 3.80 -11.96 -11.51
N ILE A 39 3.67 -12.85 -10.57
CA ILE A 39 2.57 -13.85 -10.63
C ILE A 39 1.25 -13.11 -10.89
N ILE A 40 1.19 -11.87 -10.48
CA ILE A 40 -0.03 -11.04 -10.72
C ILE A 40 0.20 -10.16 -11.94
N GLN A 41 -0.84 -9.55 -12.46
CA GLN A 41 -0.66 -8.64 -13.63
C GLN A 41 -1.87 -7.74 -13.77
N GLU A 42 -1.66 -6.46 -13.57
CA GLU A 42 -2.77 -5.44 -13.69
C GLU A 42 -2.41 -4.21 -12.86
N SER A 43 -3.04 -4.03 -11.74
CA SER A 43 -2.76 -2.87 -10.86
C SER A 43 -3.71 -2.85 -9.66
N LEU A 44 -3.19 -2.51 -8.52
CA LEU A 44 -4.04 -2.43 -7.30
C LEU A 44 -4.20 -0.96 -6.91
N GLU A 45 -4.90 -0.66 -5.86
CA GLU A 45 -5.07 0.78 -5.48
C GLU A 45 -5.26 0.94 -3.97
N ILE A 46 -4.20 0.80 -3.21
CA ILE A 46 -4.32 0.98 -1.73
C ILE A 46 -4.95 2.34 -1.43
N GLN A 47 -6.16 2.34 -0.94
CA GLN A 47 -6.88 3.62 -0.66
C GLN A 47 -6.14 4.51 0.33
N GLN A 48 -5.80 5.70 -0.09
CA GLN A 48 -5.09 6.69 0.78
C GLN A 48 -4.34 6.04 1.93
N GLY A 49 -3.55 5.02 1.67
CA GLY A 49 -2.81 4.36 2.78
C GLY A 49 -3.83 3.71 3.72
N VAL A 50 -4.51 2.70 3.25
CA VAL A 50 -5.54 2.00 4.08
C VAL A 50 -5.12 1.91 5.55
N ASN A 51 -3.85 1.71 5.80
CA ASN A 51 -3.36 1.61 7.21
C ASN A 51 -4.27 0.70 8.07
N PRO A 52 -3.95 -0.57 8.10
CA PRO A 52 -2.83 -1.16 7.34
C PRO A 52 -3.35 -1.80 6.06
N PHE A 53 -2.48 -2.19 5.17
CA PHE A 53 -2.94 -2.87 3.92
C PHE A 53 -2.22 -4.21 3.75
N PHE A 54 -2.66 -5.22 4.43
CA PHE A 54 -2.00 -6.55 4.28
C PHE A 54 -2.12 -7.02 2.84
N ILE A 55 -1.46 -8.10 2.52
CA ILE A 55 -1.54 -8.65 1.15
C ILE A 55 -0.96 -10.06 1.17
N GLY A 56 -1.62 -11.00 0.57
CA GLY A 56 -1.06 -12.38 0.59
C GLY A 56 -2.03 -13.36 -0.06
N ARG A 57 -1.91 -14.61 0.28
CA ARG A 57 -2.83 -15.63 -0.32
C ARG A 57 -4.14 -15.68 0.46
N SER A 58 -4.19 -15.11 1.64
CA SER A 58 -5.46 -15.13 2.42
C SER A 58 -6.21 -13.83 2.19
N GLU A 59 -7.34 -13.88 1.54
CA GLU A 59 -8.12 -12.63 1.29
C GLU A 59 -8.26 -11.82 2.57
N ASP A 60 -8.08 -12.43 3.72
CA ASP A 60 -8.18 -11.68 5.00
C ASP A 60 -7.31 -10.41 4.90
N CYS A 61 -6.27 -10.46 4.11
CA CYS A 61 -5.42 -9.25 3.97
C CYS A 61 -6.22 -8.14 3.32
N ASN A 62 -5.76 -6.92 3.44
CA ASN A 62 -6.51 -5.80 2.81
C ASN A 62 -6.58 -5.98 1.29
N CYS A 63 -5.81 -6.90 0.77
CA CYS A 63 -5.83 -7.11 -0.70
C CYS A 63 -5.89 -8.60 -1.05
N LYS A 64 -5.15 -9.01 -2.03
CA LYS A 64 -5.14 -10.44 -2.45
C LYS A 64 -4.15 -10.63 -3.61
N ILE A 65 -2.99 -11.16 -3.33
CA ILE A 65 -1.98 -11.36 -4.42
C ILE A 65 -2.09 -12.77 -5.00
N GLU A 66 -3.17 -13.42 -4.70
CA GLU A 66 -3.42 -14.82 -5.21
C GLU A 66 -2.12 -15.49 -5.69
N ASP A 67 -1.23 -15.77 -4.77
CA ASP A 67 0.06 -16.42 -5.14
C ASP A 67 0.32 -17.59 -4.19
N ASN A 68 0.06 -18.78 -4.64
CA ASN A 68 0.26 -20.00 -3.78
C ASN A 68 1.46 -19.86 -2.83
N ARG A 69 2.54 -19.29 -3.30
CA ARG A 69 3.74 -19.14 -2.40
C ARG A 69 3.45 -18.19 -1.23
N LEU A 70 2.29 -17.58 -1.20
CA LEU A 70 1.99 -16.67 -0.07
C LEU A 70 1.45 -17.48 1.10
N SER A 71 2.08 -17.37 2.24
CA SER A 71 1.61 -18.14 3.42
C SER A 71 0.46 -17.43 4.13
N ARG A 72 -0.45 -16.85 3.37
CA ARG A 72 -1.61 -16.13 3.99
C ARG A 72 -1.11 -14.86 4.63
N VAL A 73 -1.56 -13.72 4.18
CA VAL A 73 -1.05 -12.45 4.74
C VAL A 73 0.46 -12.45 4.53
N HIS A 74 0.85 -13.11 3.46
CA HIS A 74 2.28 -13.25 3.07
C HIS A 74 3.08 -12.02 3.46
N CYS A 75 2.69 -10.93 2.89
CA CYS A 75 3.38 -9.65 3.19
C CYS A 75 2.41 -8.75 3.99
N PHE A 76 2.88 -7.74 4.69
CA PHE A 76 1.90 -6.87 5.42
C PHE A 76 2.29 -5.41 5.30
N ILE A 77 1.53 -4.63 4.58
CA ILE A 77 1.85 -3.18 4.47
C ILE A 77 1.11 -2.42 5.58
N PHE A 78 1.62 -1.30 5.97
CA PHE A 78 0.98 -0.51 7.04
C PHE A 78 1.06 0.97 6.68
N LYS A 79 0.41 1.82 7.42
CA LYS A 79 0.47 3.27 7.08
C LYS A 79 0.27 4.13 8.34
N LYS A 80 1.09 5.13 8.50
CA LYS A 80 0.97 6.01 9.69
C LYS A 80 1.60 7.36 9.38
N ARG A 81 1.74 8.20 10.37
CA ARG A 81 2.36 9.54 10.13
C ARG A 81 3.82 9.33 9.72
N HIS A 82 4.40 10.30 9.04
CA HIS A 82 5.83 10.15 8.61
C HIS A 82 6.67 9.56 9.75
N ALA A 83 6.89 10.32 10.80
CA ALA A 83 7.69 9.81 11.94
C ALA A 83 7.82 10.90 13.02
N VAL A 84 6.71 11.36 13.53
CA VAL A 84 6.73 12.42 14.59
C VAL A 84 7.77 12.07 15.66
N GLY A 85 8.11 13.00 16.51
CA GLY A 85 9.12 12.71 17.56
C GLY A 85 9.41 13.98 18.36
N LYS A 86 9.75 13.83 19.61
CA LYS A 86 10.05 15.03 20.46
C LYS A 86 11.15 15.86 19.80
N SER A 87 10.77 16.81 18.98
CA SER A 87 11.79 17.66 18.28
C SER A 87 12.66 16.81 17.37
N MET A 88 12.10 15.80 16.77
CA MET A 88 12.89 14.91 15.86
C MET A 88 13.71 15.77 14.88
N TYR A 89 15.01 15.57 14.84
CA TYR A 89 15.86 16.37 13.91
C TYR A 89 15.49 17.85 13.98
N GLU A 90 15.78 18.61 12.94
CA GLU A 90 15.43 20.06 12.95
C GLU A 90 13.92 20.25 13.16
N SER A 91 13.18 20.55 12.13
CA SER A 91 11.70 20.74 12.29
C SER A 91 10.98 19.39 12.18
N PRO A 92 9.97 19.21 13.00
CA PRO A 92 9.20 17.94 12.97
C PRO A 92 8.37 17.87 11.69
N ALA A 93 7.26 17.18 11.73
CA ALA A 93 6.39 17.08 10.53
C ALA A 93 5.01 16.57 10.92
N GLN A 94 4.13 17.47 11.27
CA GLN A 94 2.75 17.06 11.65
C GLN A 94 1.93 16.72 10.40
N GLY A 95 0.93 15.89 10.54
CA GLY A 95 0.10 15.51 9.36
C GLY A 95 0.90 14.56 8.47
N LEU A 96 0.64 14.60 7.19
CA LEU A 96 1.38 13.70 6.24
C LEU A 96 1.13 12.23 6.61
N ASP A 97 1.98 11.35 6.16
CA ASP A 97 1.81 9.89 6.48
C ASP A 97 2.82 9.07 5.67
N ASP A 98 3.45 8.11 6.29
CA ASP A 98 4.43 7.25 5.55
C ASP A 98 4.02 5.78 5.62
N ILE A 99 3.73 5.18 4.50
CA ILE A 99 3.32 3.74 4.52
C ILE A 99 4.48 2.86 4.93
N TRP A 100 4.18 1.69 5.43
CA TRP A 100 5.26 0.77 5.88
C TRP A 100 5.04 -0.64 5.32
N TYR A 101 5.96 -1.15 4.56
CA TYR A 101 5.80 -2.54 4.05
C TYR A 101 6.36 -3.53 5.05
N CYS A 102 5.58 -4.47 5.51
CA CYS A 102 6.10 -5.43 6.53
C CYS A 102 5.65 -6.86 6.23
N HIS A 103 6.56 -7.73 5.87
CA HIS A 103 6.14 -9.14 5.61
C HIS A 103 5.81 -9.82 6.94
N THR A 104 4.69 -10.50 7.03
CA THR A 104 4.34 -11.17 8.32
C THR A 104 4.04 -12.66 8.08
N GLY A 105 3.80 -13.05 6.86
CA GLY A 105 3.50 -14.47 6.59
C GLY A 105 4.64 -15.38 7.05
N THR A 106 4.67 -16.57 6.54
CA THR A 106 5.74 -17.54 6.91
C THR A 106 6.89 -17.42 5.91
N ASN A 107 6.66 -16.69 4.86
CA ASN A 107 7.69 -16.52 3.80
C ASN A 107 8.33 -15.14 3.87
N VAL A 108 8.61 -14.53 2.75
CA VAL A 108 9.25 -13.19 2.77
C VAL A 108 8.82 -12.35 1.57
N SER A 109 8.57 -11.08 1.79
CA SER A 109 8.22 -10.16 0.66
C SER A 109 9.27 -9.07 0.65
N TYR A 110 9.36 -8.28 -0.37
CA TYR A 110 10.46 -7.28 -0.37
C TYR A 110 10.09 -6.03 -1.17
N LEU A 111 11.01 -5.11 -1.27
CA LEU A 111 10.75 -3.84 -2.00
C LEU A 111 11.94 -3.49 -2.90
N ASN A 112 11.94 -3.97 -4.11
CA ASN A 112 13.08 -3.67 -5.05
C ASN A 112 14.37 -4.38 -4.62
N ASN A 113 14.93 -3.99 -3.50
CA ASN A 113 16.20 -4.64 -3.06
C ASN A 113 16.19 -4.95 -1.55
N ASN A 114 15.14 -4.61 -0.87
CA ASN A 114 15.10 -4.88 0.60
C ASN A 114 14.38 -6.20 0.89
N ARG A 115 15.13 -7.22 1.22
CA ARG A 115 14.52 -8.55 1.51
C ARG A 115 13.93 -8.58 2.92
N MET A 116 12.63 -8.77 3.03
CA MET A 116 11.99 -8.83 4.38
C MET A 116 11.89 -10.30 4.80
N ILE A 117 12.44 -10.64 5.94
CA ILE A 117 12.38 -12.06 6.38
C ILE A 117 11.17 -12.30 7.26
N GLN A 118 9.99 -12.04 6.74
CA GLN A 118 8.75 -12.27 7.53
C GLN A 118 8.82 -11.51 8.84
N GLY A 119 7.69 -11.35 9.47
CA GLY A 119 7.64 -10.61 10.77
C GLY A 119 8.54 -9.37 10.73
N THR A 120 8.77 -8.82 9.56
CA THR A 120 9.66 -7.63 9.46
C THR A 120 8.88 -6.45 8.86
N LYS A 121 9.34 -5.25 9.09
CA LYS A 121 8.63 -4.05 8.54
C LYS A 121 9.60 -3.24 7.69
N PHE A 122 9.09 -2.36 6.87
CA PHE A 122 9.99 -1.56 5.99
C PHE A 122 9.27 -0.31 5.47
N LEU A 123 10.01 0.69 5.06
CA LEU A 123 9.37 1.94 4.54
C LEU A 123 9.10 1.82 3.04
N LEU A 124 8.09 2.49 2.56
CA LEU A 124 7.77 2.42 1.10
C LEU A 124 7.97 3.81 0.46
N GLN A 125 7.97 3.87 -0.85
CA GLN A 125 8.16 5.19 -1.55
C GLN A 125 7.31 5.24 -2.82
N ASP A 126 7.35 6.33 -3.55
CA ASP A 126 6.57 6.43 -4.81
C ASP A 126 7.28 5.64 -5.92
N GLY A 127 6.55 4.86 -6.68
CA GLY A 127 7.22 4.07 -7.75
C GLY A 127 8.12 3.02 -7.10
N ASP A 128 7.70 2.47 -6.01
CA ASP A 128 8.53 1.44 -5.31
C ASP A 128 8.02 0.05 -5.68
N GLU A 129 8.45 -0.47 -6.79
CA GLU A 129 8.00 -1.82 -7.21
C GLU A 129 8.16 -2.79 -6.03
N ILE A 130 7.28 -3.73 -5.90
CA ILE A 130 7.37 -4.68 -4.75
C ILE A 130 7.48 -6.12 -5.23
N LYS A 131 7.90 -7.00 -4.38
CA LYS A 131 8.03 -8.42 -4.77
C LYS A 131 7.43 -9.31 -3.67
N ILE A 132 6.14 -9.26 -3.52
CA ILE A 132 5.42 -10.09 -2.49
C ILE A 132 6.13 -11.44 -2.32
N ILE A 133 6.63 -12.01 -3.39
CA ILE A 133 7.33 -13.32 -3.30
C ILE A 133 8.55 -13.32 -4.22
N TRP A 134 9.58 -14.05 -3.86
CA TRP A 134 10.78 -14.12 -4.72
C TRP A 134 11.39 -15.52 -4.65
N ASP A 135 12.33 -15.74 -3.76
CA ASP A 135 12.95 -17.10 -3.64
C ASP A 135 13.43 -17.60 -5.01
N LYS A 136 14.68 -17.36 -5.34
CA LYS A 136 15.21 -17.81 -6.65
C LYS A 136 15.33 -19.33 -6.68
N ASN A 137 14.22 -20.02 -6.80
CA ASN A 137 14.27 -21.52 -6.82
C ASN A 137 13.60 -22.05 -8.10
N ASN A 138 12.31 -21.84 -8.22
CA ASN A 138 11.60 -22.34 -9.44
C ASN A 138 10.91 -21.19 -10.18
N LYS A 139 11.61 -20.11 -10.40
CA LYS A 139 11.02 -18.94 -11.12
C LYS A 139 9.63 -18.60 -10.57
N PHE A 140 9.58 -17.74 -9.59
CA PHE A 140 8.26 -17.37 -9.00
C PHE A 140 8.40 -16.05 -8.23
N VAL A 141 8.13 -14.95 -8.86
CA VAL A 141 8.26 -13.65 -8.17
C VAL A 141 7.01 -12.80 -8.40
N ILE A 142 6.71 -11.89 -7.52
CA ILE A 142 5.51 -11.03 -7.72
C ILE A 142 5.95 -9.59 -7.92
N GLY A 143 6.54 -9.30 -9.06
CA GLY A 143 6.98 -7.90 -9.34
C GLY A 143 5.80 -6.95 -9.23
N PHE A 144 5.99 -5.82 -8.62
CA PHE A 144 4.88 -4.84 -8.49
C PHE A 144 5.39 -3.44 -8.79
N LYS A 145 4.54 -2.47 -8.82
CA LYS A 145 4.99 -1.07 -9.11
C LYS A 145 4.21 -0.06 -8.28
N VAL A 146 4.61 0.15 -7.05
CA VAL A 146 3.88 1.13 -6.18
C VAL A 146 3.78 2.48 -6.90
N GLU A 147 2.60 2.86 -7.32
CA GLU A 147 2.45 4.16 -8.01
C GLU A 147 1.58 5.11 -7.19
N ILE A 148 2.17 6.02 -6.48
CA ILE A 148 1.36 6.97 -5.66
C ILE A 148 0.73 8.02 -6.59
N ASN A 149 -0.58 8.02 -6.70
CA ASN A 149 -1.25 8.99 -7.61
C ASN A 149 -1.74 10.22 -6.84
N ASP A 150 -2.01 10.07 -5.57
CA ASP A 150 -2.51 11.23 -4.78
C ASP A 150 -1.35 12.06 -4.23
N THR A 151 -0.61 11.53 -3.30
CA THR A 151 0.52 12.30 -2.71
C THR A 151 -0.02 13.56 -2.03
N THR A 152 -1.31 13.60 -1.78
CA THR A 152 -1.91 14.80 -1.12
C THR A 152 -1.27 15.04 0.25
N GLY A 153 -0.57 16.13 0.40
CA GLY A 153 0.07 16.42 1.73
C GLY A 153 0.87 15.20 2.17
N LEU A 154 1.39 14.44 1.25
CA LEU A 154 2.18 13.23 1.62
C LEU A 154 3.62 13.62 1.92
N PHE A 155 4.10 13.28 3.09
CA PHE A 155 5.51 13.61 3.44
C PHE A 155 6.46 13.25 2.29
N ASN A 156 7.45 14.08 2.03
CA ASN A 156 8.41 13.81 0.91
C ASN A 156 7.68 13.24 -0.32
N GLU A 157 6.42 13.58 -0.50
CA GLU A 157 5.65 13.05 -1.66
C GLU A 157 5.84 11.54 -1.79
N GLY A 158 6.18 10.89 -0.69
CA GLY A 158 6.39 9.42 -0.73
C GLY A 158 7.63 9.09 -1.58
N LEU A 159 8.35 10.08 -2.03
CA LEU A 159 9.55 9.81 -2.88
C LEU A 159 10.82 9.76 -2.01
N GLY A 160 10.77 9.10 -0.89
CA GLY A 160 11.97 9.02 -0.01
C GLY A 160 12.55 10.41 0.18
N MET A 161 13.83 10.50 0.40
CA MET A 161 14.47 11.84 0.58
C MET A 161 15.99 11.68 0.53
N LEU A 162 16.47 10.74 -0.23
CA LEU A 162 17.94 10.51 -0.33
C LEU A 162 18.23 9.38 -1.31
N GLN A 163 19.38 8.78 -1.20
CA GLN A 163 19.75 7.67 -2.14
C GLN A 163 19.51 6.31 -1.46
N GLU A 164 20.52 5.49 -1.33
CA GLU A 164 20.32 4.17 -0.68
C GLU A 164 20.60 4.28 0.82
N GLN A 165 19.60 4.11 1.63
CA GLN A 165 19.80 4.23 3.11
C GLN A 165 18.53 3.78 3.84
N ARG A 166 17.93 2.70 3.40
CA ARG A 166 16.69 2.24 4.06
C ARG A 166 16.43 0.76 3.73
N VAL A 167 16.68 -0.11 4.66
CA VAL A 167 16.45 -1.56 4.42
C VAL A 167 15.38 -2.07 5.38
N VAL A 168 14.73 -3.15 5.04
CA VAL A 168 13.66 -3.73 5.92
C VAL A 168 14.05 -3.63 7.41
N LEU A 169 13.16 -3.15 8.23
CA LEU A 169 13.46 -3.05 9.68
C LEU A 169 12.48 -3.94 10.45
N LYS A 170 12.95 -4.59 11.48
CA LYS A 170 12.05 -5.50 12.27
C LYS A 170 10.70 -4.84 12.56
N GLN A 171 9.70 -5.64 12.79
CA GLN A 171 8.35 -5.06 13.08
C GLN A 171 8.40 -4.22 14.35
N THR A 172 7.27 -3.93 14.94
CA THR A 172 7.25 -3.13 16.19
C THR A 172 5.83 -3.02 16.73
N ALA A 173 5.69 -2.73 18.01
CA ALA A 173 4.33 -2.65 18.59
C ALA A 173 3.57 -3.92 18.27
N GLU A 174 4.27 -4.99 17.96
CA GLU A 174 3.56 -6.26 17.57
C GLU A 174 2.69 -5.92 16.37
N GLU A 175 3.29 -5.34 15.34
CA GLU A 175 2.47 -4.89 14.19
C GLU A 175 1.39 -4.03 14.82
N LYS A 176 1.81 -3.33 15.84
CA LYS A 176 0.88 -2.47 16.63
C LYS A 176 -0.21 -3.33 17.25
N ASP A 177 0.16 -4.52 17.70
CA ASP A 177 -0.80 -5.47 18.33
C ASP A 177 -2.12 -5.42 17.55
N LEU A 178 -2.01 -5.21 16.27
CA LEU A 178 -3.23 -5.15 15.43
C LEU A 178 -2.98 -5.92 14.15
N VAL A 179 -1.79 -5.85 13.64
CA VAL A 179 -1.50 -6.61 12.40
C VAL A 179 -0.85 -7.95 12.78
N LYS A 180 -0.52 -8.08 14.02
CA LYS A 180 0.12 -9.34 14.52
C LYS A 180 -0.92 -10.46 14.59
N LYS A 181 -2.19 -10.15 14.42
CA LYS A 181 -3.23 -11.22 14.49
C LYS A 181 -3.42 -11.88 13.14
N LEU A 182 -2.61 -11.51 12.19
CA LEU A 182 -2.72 -12.12 10.84
C LEU A 182 -1.47 -12.95 10.53
N GLU A 1 -54.69 22.12 -18.04
CA GLU A 1 -53.24 22.26 -17.68
C GLU A 1 -52.62 20.87 -17.45
N ALA A 2 -52.35 20.15 -18.50
CA ALA A 2 -51.75 18.79 -18.33
C ALA A 2 -50.90 18.43 -19.56
N GLU A 3 -51.50 18.38 -20.72
CA GLU A 3 -50.72 18.02 -21.95
C GLU A 3 -50.75 19.18 -22.94
N THR A 4 -49.60 19.70 -23.28
CA THR A 4 -49.57 20.84 -24.25
C THR A 4 -48.28 20.80 -25.07
N ARG A 5 -48.41 20.63 -26.36
CA ARG A 5 -47.21 20.59 -27.24
C ARG A 5 -47.55 21.17 -28.61
N GLU A 6 -46.66 21.93 -29.20
CA GLU A 6 -46.95 22.51 -30.54
C GLU A 6 -46.06 21.87 -31.61
N GLN A 7 -44.78 21.84 -31.40
CA GLN A 7 -43.86 21.25 -32.42
C GLN A 7 -43.32 19.89 -31.93
N LYS A 8 -42.24 19.43 -32.51
CA LYS A 8 -41.65 18.13 -32.09
C LYS A 8 -40.67 18.33 -30.95
N LEU A 9 -41.05 17.98 -29.75
CA LEU A 9 -40.12 18.15 -28.60
C LEU A 9 -38.95 17.17 -28.71
N LEU A 10 -39.15 15.93 -28.37
CA LEU A 10 -38.05 14.92 -28.46
C LEU A 10 -36.91 15.31 -27.53
N HIS A 11 -37.13 16.25 -26.64
CA HIS A 11 -36.05 16.68 -25.70
C HIS A 11 -34.79 17.13 -26.47
N SER A 12 -34.95 18.08 -27.37
CA SER A 12 -33.77 18.56 -28.15
C SER A 12 -33.16 19.78 -27.46
N ASN A 13 -31.97 19.66 -26.96
CA ASN A 13 -31.31 20.82 -26.26
C ASN A 13 -29.84 20.51 -26.01
N ASN A 14 -28.99 21.50 -26.17
CA ASN A 14 -27.54 21.28 -25.93
C ASN A 14 -27.29 20.80 -24.49
N THR A 15 -26.67 19.68 -24.32
CA THR A 15 -26.39 19.17 -22.95
C THR A 15 -24.88 19.16 -22.69
N GLU A 16 -24.43 19.92 -21.74
CA GLU A 16 -22.96 19.95 -21.45
C GLU A 16 -22.58 18.73 -20.62
N ASN A 17 -21.30 18.44 -20.52
CA ASN A 17 -20.86 17.26 -19.72
C ASN A 17 -20.87 17.61 -18.23
N VAL A 18 -20.81 16.62 -17.38
CA VAL A 18 -20.83 16.88 -15.91
C VAL A 18 -20.74 15.56 -15.14
N LYS A 19 -19.82 15.47 -14.21
CA LYS A 19 -19.69 14.22 -13.41
C LYS A 19 -19.86 14.53 -11.92
N SER A 20 -21.02 14.98 -11.52
CA SER A 20 -21.24 15.30 -10.08
C SER A 20 -21.74 14.05 -9.35
N SER A 21 -22.94 13.61 -9.63
CA SER A 21 -23.48 12.39 -8.96
C SER A 21 -22.49 11.22 -9.15
N LYS A 22 -22.80 10.08 -8.61
CA LYS A 22 -21.89 8.91 -8.77
C LYS A 22 -20.47 9.26 -8.31
N LYS A 23 -19.55 8.36 -8.47
CA LYS A 23 -18.14 8.64 -8.06
C LYS A 23 -17.21 7.57 -8.64
N LYS A 24 -16.14 7.99 -9.27
CA LYS A 24 -15.18 7.00 -9.87
C LYS A 24 -14.29 6.38 -8.79
N GLY A 25 -14.50 6.73 -7.55
CA GLY A 25 -13.66 6.18 -6.46
C GLY A 25 -13.58 7.18 -5.31
N ASN A 26 -12.74 6.92 -4.33
CA ASN A 26 -12.62 7.87 -3.18
C ASN A 26 -11.56 7.36 -2.20
N GLY A 27 -10.32 7.34 -2.61
CA GLY A 27 -9.24 6.85 -1.71
C GLY A 27 -8.21 6.04 -2.51
N ARG A 28 -7.22 6.71 -3.01
CA ARG A 28 -6.17 6.01 -3.82
C ARG A 28 -4.84 6.74 -3.70
N PHE A 29 -3.92 6.16 -2.97
CA PHE A 29 -2.59 6.80 -2.79
C PHE A 29 -1.55 6.04 -3.59
N LEU A 30 -1.62 4.75 -3.53
CA LEU A 30 -0.61 3.92 -4.25
C LEU A 30 -1.30 2.92 -5.17
N THR A 31 -0.89 2.88 -6.40
CA THR A 31 -1.48 1.89 -7.35
C THR A 31 -0.51 0.73 -7.50
N LEU A 32 -0.80 -0.38 -6.86
CA LEU A 32 0.11 -1.55 -6.95
C LEU A 32 0.18 -2.02 -8.41
N LYS A 33 1.28 -1.77 -9.08
CA LYS A 33 1.35 -2.17 -10.52
C LYS A 33 2.14 -3.47 -10.72
N PRO A 34 1.43 -4.56 -10.73
CA PRO A 34 2.06 -5.87 -10.98
C PRO A 34 2.35 -5.96 -12.46
N LEU A 35 3.48 -6.47 -12.82
CA LEU A 35 3.79 -6.55 -14.28
C LEU A 35 3.49 -7.96 -14.79
N PRO A 36 3.77 -8.17 -16.05
CA PRO A 36 3.50 -9.48 -16.68
C PRO A 36 4.43 -10.57 -16.13
N ASP A 37 5.60 -10.20 -15.71
CA ASP A 37 6.53 -11.22 -15.15
C ASP A 37 6.10 -11.59 -13.72
N SER A 38 5.10 -10.94 -13.20
CA SER A 38 4.62 -11.25 -11.83
C SER A 38 3.41 -12.17 -11.90
N ILE A 39 3.32 -13.11 -10.99
CA ILE A 39 2.14 -14.03 -10.99
C ILE A 39 0.86 -13.21 -11.14
N ILE A 40 0.89 -11.99 -10.67
CA ILE A 40 -0.30 -11.10 -10.80
C ILE A 40 -0.10 -10.18 -12.01
N GLN A 41 -1.09 -9.43 -12.37
CA GLN A 41 -0.95 -8.52 -13.51
C GLN A 41 -2.09 -7.52 -13.48
N GLU A 42 -1.76 -6.26 -13.56
CA GLU A 42 -2.77 -5.13 -13.54
C GLU A 42 -2.64 -4.34 -12.26
N SER A 43 -2.60 -3.07 -12.40
CA SER A 43 -2.45 -2.15 -11.23
C SER A 43 -3.55 -2.33 -10.17
N LEU A 44 -3.16 -2.25 -8.93
CA LEU A 44 -4.13 -2.36 -7.80
C LEU A 44 -4.29 -0.96 -7.20
N GLU A 45 -4.96 -0.81 -6.08
CA GLU A 45 -5.13 0.57 -5.53
C GLU A 45 -5.24 0.59 -4.01
N ILE A 46 -4.15 0.86 -3.33
CA ILE A 46 -4.19 0.94 -1.85
C ILE A 46 -4.76 2.31 -1.46
N GLN A 47 -5.95 2.34 -0.94
CA GLN A 47 -6.59 3.64 -0.57
C GLN A 47 -5.69 4.46 0.36
N GLN A 48 -5.51 5.72 0.03
CA GLN A 48 -4.67 6.66 0.87
C GLN A 48 -3.95 5.97 2.02
N GLY A 49 -2.99 5.13 1.74
CA GLY A 49 -2.27 4.43 2.85
C GLY A 49 -3.30 3.83 3.79
N VAL A 50 -4.12 2.95 3.27
CA VAL A 50 -5.20 2.31 4.08
C VAL A 50 -4.77 2.12 5.53
N ASN A 51 -3.53 1.80 5.75
CA ASN A 51 -3.03 1.60 7.13
C ASN A 51 -3.96 0.67 7.92
N PRO A 52 -3.69 -0.61 7.89
CA PRO A 52 -2.58 -1.20 7.11
C PRO A 52 -3.12 -1.87 5.84
N PHE A 53 -2.26 -2.19 4.92
CA PHE A 53 -2.72 -2.87 3.66
C PHE A 53 -2.13 -4.29 3.58
N PHE A 54 -2.61 -5.19 4.39
CA PHE A 54 -2.05 -6.59 4.33
C PHE A 54 -2.14 -7.09 2.90
N ILE A 55 -1.49 -8.19 2.62
CA ILE A 55 -1.55 -8.76 1.26
C ILE A 55 -1.00 -10.18 1.29
N GLY A 56 -1.62 -11.10 0.64
CA GLY A 56 -1.09 -12.50 0.67
C GLY A 56 -2.04 -13.47 -0.02
N ARG A 57 -2.06 -14.69 0.45
CA ARG A 57 -2.95 -15.72 -0.16
C ARG A 57 -4.33 -15.71 0.51
N SER A 58 -4.48 -15.02 1.62
CA SER A 58 -5.81 -14.98 2.29
C SER A 58 -6.48 -13.64 2.00
N GLU A 59 -7.63 -13.65 1.35
CA GLU A 59 -8.33 -12.36 1.04
C GLU A 59 -8.49 -11.53 2.31
N ASP A 60 -8.38 -12.14 3.47
CA ASP A 60 -8.51 -11.37 4.75
C ASP A 60 -7.58 -10.15 4.71
N CYS A 61 -6.58 -10.17 3.87
CA CYS A 61 -5.66 -9.01 3.78
C CYS A 61 -6.36 -7.86 3.08
N ASN A 62 -5.79 -6.69 3.16
CA ASN A 62 -6.41 -5.52 2.48
C ASN A 62 -6.40 -5.74 0.97
N CYS A 63 -5.69 -6.75 0.51
CA CYS A 63 -5.62 -7.02 -0.95
C CYS A 63 -5.69 -8.52 -1.20
N LYS A 64 -5.01 -8.98 -2.21
CA LYS A 64 -5.02 -10.44 -2.52
C LYS A 64 -3.91 -10.77 -3.53
N ILE A 65 -2.81 -11.29 -3.05
CA ILE A 65 -1.70 -11.65 -3.97
C ILE A 65 -1.65 -13.16 -4.17
N GLU A 66 -2.75 -13.81 -3.88
CA GLU A 66 -2.92 -15.29 -4.03
C GLU A 66 -1.83 -15.91 -4.92
N ASP A 67 -0.66 -16.09 -4.38
CA ASP A 67 0.43 -16.68 -5.19
C ASP A 67 0.85 -18.05 -4.65
N ASN A 68 -0.02 -18.72 -3.96
CA ASN A 68 0.32 -20.08 -3.41
C ASN A 68 1.42 -19.98 -2.34
N ARG A 69 2.62 -19.62 -2.73
CA ARG A 69 3.74 -19.50 -1.73
C ARG A 69 3.38 -18.50 -0.63
N LEU A 70 2.30 -17.78 -0.78
CA LEU A 70 1.92 -16.82 0.28
C LEU A 70 1.24 -17.56 1.42
N SER A 71 1.74 -17.37 2.61
CA SER A 71 1.14 -18.07 3.78
C SER A 71 -0.05 -17.31 4.33
N ARG A 72 -0.87 -16.76 3.46
CA ARG A 72 -2.06 -15.99 3.95
C ARG A 72 -1.54 -14.77 4.70
N VAL A 73 -1.80 -13.59 4.20
CA VAL A 73 -1.25 -12.37 4.86
C VAL A 73 0.28 -12.40 4.69
N HIS A 74 0.68 -13.12 3.68
CA HIS A 74 2.11 -13.31 3.31
C HIS A 74 2.92 -12.03 3.55
N CYS A 75 2.54 -11.02 2.86
CA CYS A 75 3.24 -9.70 3.00
C CYS A 75 2.32 -8.78 3.81
N PHE A 76 2.82 -7.75 4.43
CA PHE A 76 1.89 -6.86 5.18
C PHE A 76 2.33 -5.39 5.08
N ILE A 77 1.64 -4.62 4.29
CA ILE A 77 1.99 -3.17 4.17
C ILE A 77 1.26 -2.41 5.26
N PHE A 78 1.94 -1.47 5.88
CA PHE A 78 1.30 -0.68 6.98
C PHE A 78 1.44 0.80 6.67
N LYS A 79 0.88 1.65 7.49
CA LYS A 79 1.01 3.10 7.23
C LYS A 79 1.19 3.85 8.54
N LYS A 80 1.99 4.88 8.55
CA LYS A 80 2.19 5.64 9.83
C LYS A 80 2.76 7.02 9.58
N ARG A 81 2.65 7.89 10.55
CA ARG A 81 3.20 9.28 10.38
C ARG A 81 4.68 9.20 10.02
N HIS A 82 5.14 10.09 9.16
CA HIS A 82 6.58 10.08 8.75
C HIS A 82 7.47 9.82 9.97
N ALA A 83 7.52 10.76 10.88
CA ALA A 83 8.35 10.58 12.10
C ALA A 83 8.21 11.81 12.99
N VAL A 84 8.81 11.78 14.15
CA VAL A 84 8.72 12.94 15.07
C VAL A 84 10.12 13.25 15.62
N GLY A 85 10.19 13.84 16.79
CA GLY A 85 11.52 14.17 17.38
C GLY A 85 11.35 15.36 18.33
N LYS A 86 10.72 15.16 19.44
CA LYS A 86 10.50 16.28 20.40
C LYS A 86 11.82 16.68 21.04
N SER A 87 12.27 17.88 20.76
CA SER A 87 13.55 18.35 21.35
C SER A 87 13.79 19.81 20.98
N MET A 88 12.80 20.66 21.16
CA MET A 88 12.98 22.10 20.80
C MET A 88 13.34 22.24 19.33
N TYR A 89 12.73 21.43 18.49
CA TYR A 89 13.03 21.50 17.02
C TYR A 89 12.66 22.87 16.45
N GLU A 90 12.61 22.98 15.15
CA GLU A 90 12.24 24.27 14.51
C GLU A 90 11.18 24.04 13.44
N SER A 91 11.46 23.21 12.47
CA SER A 91 10.46 22.93 11.40
C SER A 91 9.88 21.53 11.57
N PRO A 92 8.92 21.42 12.46
CA PRO A 92 8.28 20.11 12.73
C PRO A 92 7.38 19.72 11.55
N ALA A 93 6.38 18.93 11.80
CA ALA A 93 5.47 18.51 10.70
C ALA A 93 4.25 17.77 11.29
N GLN A 94 3.10 18.40 11.29
CA GLN A 94 1.90 17.73 11.84
C GLN A 94 1.07 17.10 10.71
N GLY A 95 0.76 15.83 10.84
CA GLY A 95 -0.03 15.14 9.79
C GLY A 95 0.88 14.29 8.92
N LEU A 96 0.50 14.07 7.69
CA LEU A 96 1.33 13.24 6.76
C LEU A 96 1.35 11.79 7.23
N ASP A 97 1.90 10.91 6.44
CA ASP A 97 1.97 9.48 6.86
C ASP A 97 2.79 8.67 5.85
N ASP A 98 3.83 8.03 6.32
CA ASP A 98 4.67 7.20 5.42
C ASP A 98 4.14 5.76 5.42
N ILE A 99 4.23 5.08 4.33
CA ILE A 99 3.73 3.67 4.30
C ILE A 99 4.83 2.71 4.73
N TRP A 100 4.47 1.65 5.39
CA TRP A 100 5.49 0.68 5.86
C TRP A 100 5.27 -0.70 5.26
N TYR A 101 6.12 -1.14 4.36
CA TYR A 101 5.94 -2.50 3.80
C TYR A 101 6.46 -3.50 4.82
N CYS A 102 5.62 -4.36 5.32
CA CYS A 102 6.07 -5.34 6.34
C CYS A 102 5.59 -6.75 6.03
N HIS A 103 6.45 -7.66 5.71
CA HIS A 103 5.95 -9.05 5.46
C HIS A 103 5.38 -9.62 6.77
N THR A 104 4.54 -10.62 6.70
CA THR A 104 3.98 -11.20 7.96
C THR A 104 3.82 -12.71 7.85
N GLY A 105 3.49 -13.20 6.68
CA GLY A 105 3.30 -14.67 6.50
C GLY A 105 4.55 -15.42 6.98
N THR A 106 4.63 -16.68 6.68
CA THR A 106 5.81 -17.49 7.10
C THR A 106 6.97 -17.24 6.14
N ASN A 107 6.69 -16.60 5.06
CA ASN A 107 7.73 -16.33 4.04
C ASN A 107 8.24 -14.90 4.18
N VAL A 108 8.60 -14.27 3.09
CA VAL A 108 9.10 -12.88 3.19
C VAL A 108 8.76 -12.09 1.93
N SER A 109 8.59 -10.80 2.08
CA SER A 109 8.33 -9.93 0.90
C SER A 109 9.51 -8.99 0.79
N TYR A 110 9.62 -8.21 -0.24
CA TYR A 110 10.82 -7.34 -0.33
C TYR A 110 10.57 -6.08 -1.15
N LEU A 111 11.40 -5.10 -0.95
CA LEU A 111 11.26 -3.82 -1.70
C LEU A 111 12.50 -3.61 -2.57
N ASN A 112 12.44 -4.00 -3.81
CA ASN A 112 13.63 -3.81 -4.72
C ASN A 112 14.77 -4.76 -4.31
N ASN A 113 15.49 -4.44 -3.28
CA ASN A 113 16.62 -5.33 -2.84
C ASN A 113 16.62 -5.54 -1.33
N ASN A 114 15.66 -4.98 -0.63
CA ASN A 114 15.63 -5.19 0.85
C ASN A 114 14.81 -6.44 1.18
N ARG A 115 15.48 -7.56 1.30
CA ARG A 115 14.77 -8.83 1.64
C ARG A 115 14.43 -8.87 3.13
N MET A 116 13.17 -9.08 3.45
CA MET A 116 12.78 -9.13 4.89
C MET A 116 12.78 -10.59 5.35
N ILE A 117 12.02 -10.89 6.37
CA ILE A 117 11.94 -12.30 6.85
C ILE A 117 10.65 -12.48 7.64
N GLN A 118 9.53 -12.21 7.03
CA GLN A 118 8.23 -12.36 7.74
C GLN A 118 8.23 -11.54 9.02
N GLY A 119 7.05 -11.28 9.54
CA GLY A 119 6.94 -10.48 10.79
C GLY A 119 7.96 -9.31 10.76
N THR A 120 8.28 -8.81 9.60
CA THR A 120 9.26 -7.69 9.51
C THR A 120 8.61 -6.48 8.84
N LYS A 121 9.14 -5.32 9.08
CA LYS A 121 8.55 -4.09 8.47
C LYS A 121 9.61 -3.34 7.66
N PHE A 122 9.18 -2.46 6.79
CA PHE A 122 10.15 -1.69 5.97
C PHE A 122 9.49 -0.44 5.40
N LEU A 123 10.26 0.56 5.08
CA LEU A 123 9.68 1.81 4.51
C LEU A 123 9.47 1.67 2.99
N LEU A 124 8.44 2.27 2.46
CA LEU A 124 8.18 2.18 0.99
C LEU A 124 8.41 3.54 0.33
N GLN A 125 8.43 3.59 -0.98
CA GLN A 125 8.64 4.89 -1.69
C GLN A 125 7.84 4.91 -2.98
N ASP A 126 7.81 6.03 -3.66
CA ASP A 126 7.06 6.13 -4.95
C ASP A 126 7.78 5.34 -6.05
N GLY A 127 7.05 4.64 -6.86
CA GLY A 127 7.69 3.86 -7.95
C GLY A 127 8.67 2.86 -7.37
N ASP A 128 8.33 2.27 -6.26
CA ASP A 128 9.23 1.27 -5.62
C ASP A 128 8.77 -0.14 -5.98
N GLU A 129 9.21 -0.63 -7.10
CA GLU A 129 8.79 -2.00 -7.53
C GLU A 129 9.08 -3.01 -6.41
N ILE A 130 8.09 -3.33 -5.64
CA ILE A 130 8.26 -4.31 -4.53
C ILE A 130 8.18 -5.73 -5.07
N LYS A 131 8.12 -6.71 -4.21
CA LYS A 131 8.02 -8.11 -4.68
C LYS A 131 7.49 -9.03 -3.58
N ILE A 132 6.21 -9.03 -3.34
CA ILE A 132 5.61 -9.91 -2.29
C ILE A 132 6.42 -11.21 -2.13
N ILE A 133 6.76 -11.85 -3.22
CA ILE A 133 7.58 -13.10 -3.12
C ILE A 133 8.42 -13.27 -4.39
N TRP A 134 9.61 -13.81 -4.25
CA TRP A 134 10.49 -14.01 -5.44
C TRP A 134 11.09 -15.42 -5.42
N ASP A 135 10.57 -16.31 -6.22
CA ASP A 135 11.13 -17.69 -6.25
C ASP A 135 11.57 -18.05 -7.67
N LYS A 136 12.82 -17.85 -7.98
CA LYS A 136 13.31 -18.20 -9.35
C LYS A 136 13.25 -19.72 -9.54
N ASN A 137 13.20 -20.46 -8.45
CA ASN A 137 13.15 -21.95 -8.53
C ASN A 137 12.35 -22.41 -9.76
N ASN A 138 11.12 -21.99 -9.85
CA ASN A 138 10.30 -22.39 -11.02
C ASN A 138 9.59 -21.17 -11.60
N LYS A 139 10.28 -20.06 -11.69
CA LYS A 139 9.66 -18.83 -12.26
C LYS A 139 8.39 -18.49 -11.48
N PHE A 140 8.52 -17.98 -10.30
CA PHE A 140 7.33 -17.63 -9.50
C PHE A 140 7.58 -16.36 -8.68
N VAL A 141 7.18 -15.23 -9.20
CA VAL A 141 7.40 -13.96 -8.46
C VAL A 141 6.12 -13.12 -8.48
N ILE A 142 6.09 -12.10 -7.68
CA ILE A 142 4.90 -11.21 -7.65
C ILE A 142 5.35 -9.79 -7.97
N GLY A 143 6.05 -9.63 -9.07
CA GLY A 143 6.55 -8.28 -9.47
C GLY A 143 5.45 -7.23 -9.28
N PHE A 144 5.77 -6.16 -8.59
CA PHE A 144 4.75 -5.08 -8.36
C PHE A 144 5.43 -3.72 -8.44
N LYS A 145 4.71 -2.70 -8.83
CA LYS A 145 5.32 -1.33 -8.94
C LYS A 145 4.56 -0.33 -8.09
N VAL A 146 5.08 0.03 -6.94
CA VAL A 146 4.36 1.02 -6.10
C VAL A 146 4.26 2.34 -6.87
N GLU A 147 3.09 2.68 -7.32
CA GLU A 147 2.91 3.94 -8.10
C GLU A 147 2.09 4.94 -7.30
N ILE A 148 2.73 5.86 -6.62
CA ILE A 148 1.96 6.87 -5.84
C ILE A 148 1.33 7.87 -6.82
N ASN A 149 0.05 7.77 -7.03
CA ASN A 149 -0.63 8.70 -8.00
C ASN A 149 -1.18 9.94 -7.29
N ASP A 150 -1.58 9.81 -6.05
CA ASP A 150 -2.14 10.97 -5.31
C ASP A 150 -1.03 11.78 -4.64
N THR A 151 -0.47 11.26 -3.59
CA THR A 151 0.62 11.99 -2.88
C THR A 151 0.10 13.32 -2.33
N THR A 152 -1.20 13.45 -2.21
CA THR A 152 -1.78 14.73 -1.68
C THR A 152 -0.99 15.24 -0.46
N GLY A 153 -1.31 14.77 0.72
CA GLY A 153 -0.55 15.24 1.91
C GLY A 153 0.48 14.19 2.32
N LEU A 154 1.03 13.49 1.37
CA LEU A 154 2.05 12.45 1.71
C LEU A 154 3.42 13.11 1.90
N PHE A 155 3.93 13.06 3.10
CA PHE A 155 5.27 13.67 3.39
C PHE A 155 6.26 13.34 2.28
N ASN A 156 7.24 14.18 2.06
CA ASN A 156 8.25 13.92 1.00
C ASN A 156 7.55 13.71 -0.36
N GLU A 157 6.29 14.07 -0.46
CA GLU A 157 5.55 13.88 -1.74
C GLU A 157 5.72 12.44 -2.24
N GLY A 158 6.03 11.53 -1.35
CA GLY A 158 6.22 10.11 -1.75
C GLY A 158 7.35 10.02 -2.79
N LEU A 159 8.55 9.73 -2.36
CA LEU A 159 9.69 9.62 -3.32
C LEU A 159 11.01 9.36 -2.57
N GLY A 160 10.98 8.51 -1.57
CA GLY A 160 12.23 8.22 -0.80
C GLY A 160 12.97 9.53 -0.50
N MET A 161 14.24 9.44 -0.22
CA MET A 161 15.04 10.67 0.09
C MET A 161 16.50 10.28 0.31
N LEU A 162 17.03 9.43 -0.52
CA LEU A 162 18.45 8.99 -0.35
C LEU A 162 18.88 8.12 -1.55
N GLN A 163 20.01 7.49 -1.44
CA GLN A 163 20.48 6.63 -2.55
C GLN A 163 20.58 5.17 -2.10
N GLU A 164 21.15 4.93 -0.95
CA GLU A 164 21.27 3.53 -0.45
C GLU A 164 21.48 3.54 1.06
N GLN A 165 20.42 3.66 1.82
CA GLN A 165 20.57 3.69 3.31
C GLN A 165 19.22 3.39 3.97
N ARG A 166 18.65 2.26 3.68
CA ARG A 166 17.34 1.91 4.30
C ARG A 166 16.96 0.48 3.94
N VAL A 167 17.00 -0.40 4.89
CA VAL A 167 16.64 -1.82 4.62
C VAL A 167 15.50 -2.25 5.54
N VAL A 168 14.85 -3.34 5.21
CA VAL A 168 13.73 -3.83 6.07
C VAL A 168 14.11 -3.75 7.55
N LEU A 169 13.16 -3.44 8.37
CA LEU A 169 13.43 -3.35 9.82
C LEU A 169 12.35 -4.14 10.57
N LYS A 170 12.76 -5.14 11.31
CA LYS A 170 11.78 -6.00 12.05
C LYS A 170 10.55 -5.20 12.51
N GLN A 171 9.41 -5.82 12.49
CA GLN A 171 8.16 -5.13 12.91
C GLN A 171 8.28 -4.65 14.35
N THR A 172 7.17 -4.34 14.98
CA THR A 172 7.20 -3.87 16.38
C THR A 172 5.79 -3.82 16.94
N ALA A 173 5.66 -3.52 18.21
CA ALA A 173 4.31 -3.47 18.83
C ALA A 173 3.51 -4.69 18.39
N GLU A 174 4.18 -5.78 18.05
CA GLU A 174 3.44 -6.98 17.57
C GLU A 174 2.63 -6.55 16.35
N GLU A 175 3.29 -5.97 15.35
CA GLU A 175 2.50 -5.45 14.20
C GLU A 175 1.45 -4.57 14.83
N LYS A 176 1.85 -3.93 15.90
CA LYS A 176 0.95 -3.08 16.69
C LYS A 176 -0.23 -3.91 17.19
N ASP A 177 0.09 -5.10 17.68
CA ASP A 177 -0.93 -6.04 18.21
C ASP A 177 -2.19 -5.97 17.36
N LEU A 178 -2.02 -5.71 16.09
CA LEU A 178 -3.20 -5.63 15.19
C LEU A 178 -2.90 -6.34 13.91
N VAL A 179 -1.72 -6.20 13.40
CA VAL A 179 -1.39 -6.92 12.14
C VAL A 179 -0.83 -8.30 12.49
N LYS A 180 -0.58 -8.48 13.75
CA LYS A 180 -0.06 -9.79 14.25
C LYS A 180 -1.23 -10.75 14.49
N LYS A 181 -2.44 -10.25 14.53
CA LYS A 181 -3.62 -11.15 14.77
C LYS A 181 -4.05 -11.82 13.46
N LEU A 182 -3.31 -11.60 12.43
CA LEU A 182 -3.65 -12.22 11.11
C LEU A 182 -2.74 -13.43 10.86
N GLU A 1 -41.52 14.72 -35.40
CA GLU A 1 -40.04 14.64 -35.42
C GLU A 1 -39.45 16.04 -35.20
N ALA A 2 -38.19 16.12 -34.85
CA ALA A 2 -37.56 17.45 -34.62
C ALA A 2 -38.23 18.14 -33.43
N GLU A 3 -38.72 17.37 -32.49
CA GLU A 3 -39.40 17.98 -31.31
C GLU A 3 -38.42 18.88 -30.55
N THR A 4 -38.83 20.09 -30.25
CA THR A 4 -37.94 21.03 -29.53
C THR A 4 -38.76 21.96 -28.62
N ARG A 5 -39.95 21.57 -28.29
CA ARG A 5 -40.80 22.43 -27.40
C ARG A 5 -42.13 21.70 -27.10
N GLU A 6 -42.60 21.80 -25.89
CA GLU A 6 -43.87 21.11 -25.53
C GLU A 6 -44.68 21.97 -24.55
N GLN A 7 -45.98 21.96 -24.68
CA GLN A 7 -46.82 22.78 -23.77
C GLN A 7 -47.38 21.90 -22.64
N LYS A 8 -46.95 20.66 -22.57
CA LYS A 8 -47.46 19.76 -21.49
C LYS A 8 -46.68 19.97 -20.19
N LEU A 9 -45.78 20.92 -20.18
CA LEU A 9 -44.97 21.15 -18.94
C LEU A 9 -44.65 22.65 -18.79
N LEU A 10 -44.84 23.18 -17.62
CA LEU A 10 -44.53 24.62 -17.40
C LEU A 10 -43.04 24.80 -17.09
N HIS A 11 -42.61 26.03 -16.95
CA HIS A 11 -41.17 26.27 -16.65
C HIS A 11 -40.96 26.35 -15.13
N SER A 12 -41.93 25.94 -14.36
CA SER A 12 -41.78 25.99 -12.87
C SER A 12 -41.08 24.72 -12.38
N ASN A 13 -40.83 24.62 -11.10
CA ASN A 13 -40.14 23.41 -10.56
C ASN A 13 -39.99 23.51 -9.03
N ASN A 14 -40.28 22.46 -8.33
CA ASN A 14 -40.15 22.48 -6.84
C ASN A 14 -39.84 21.07 -6.32
N THR A 15 -39.08 20.31 -7.05
CA THR A 15 -38.75 18.92 -6.61
C THR A 15 -37.33 18.55 -7.03
N GLU A 16 -36.65 17.77 -6.24
CA GLU A 16 -35.26 17.36 -6.59
C GLU A 16 -34.87 16.08 -5.85
N ASN A 17 -35.32 14.95 -6.34
CA ASN A 17 -34.99 13.66 -5.67
C ASN A 17 -33.50 13.35 -5.80
N VAL A 18 -33.02 12.39 -5.05
CA VAL A 18 -31.57 12.04 -5.13
C VAL A 18 -31.41 10.70 -5.85
N LYS A 19 -31.09 10.75 -7.12
CA LYS A 19 -30.92 9.50 -7.90
C LYS A 19 -29.45 9.30 -8.29
N SER A 20 -28.56 10.09 -7.72
CA SER A 20 -27.11 9.93 -8.06
C SER A 20 -26.25 10.17 -6.81
N SER A 21 -25.37 9.27 -6.50
CA SER A 21 -24.51 9.44 -5.29
C SER A 21 -23.08 9.78 -5.72
N LYS A 22 -22.11 9.49 -4.89
CA LYS A 22 -20.70 9.80 -5.25
C LYS A 22 -20.07 8.61 -5.98
N LYS A 23 -20.10 8.63 -7.30
CA LYS A 23 -19.49 7.50 -8.07
C LYS A 23 -18.14 7.92 -8.64
N LYS A 24 -17.36 8.63 -7.86
CA LYS A 24 -16.03 9.08 -8.36
C LYS A 24 -14.92 8.63 -7.41
N GLY A 25 -13.74 9.16 -7.54
CA GLY A 25 -12.62 8.78 -6.64
C GLY A 25 -13.09 8.94 -5.19
N ASN A 26 -12.29 8.53 -4.24
CA ASN A 26 -12.70 8.66 -2.82
C ASN A 26 -11.47 8.80 -1.93
N GLY A 27 -10.52 7.92 -2.07
CA GLY A 27 -9.31 8.02 -1.20
C GLY A 27 -8.22 7.08 -1.74
N ARG A 28 -7.64 7.41 -2.86
CA ARG A 28 -6.56 6.55 -3.45
C ARG A 28 -5.22 7.22 -3.21
N PHE A 29 -4.28 6.49 -2.70
CA PHE A 29 -2.94 7.07 -2.43
C PHE A 29 -1.89 6.31 -3.21
N LEU A 30 -2.05 5.03 -3.29
CA LEU A 30 -1.06 4.19 -4.04
C LEU A 30 -1.77 3.19 -4.94
N THR A 31 -1.46 3.24 -6.22
CA THR A 31 -2.08 2.27 -7.16
C THR A 31 -1.05 1.17 -7.43
N LEU A 32 -1.24 0.01 -6.86
CA LEU A 32 -0.25 -1.08 -7.08
C LEU A 32 -0.24 -1.49 -8.55
N LYS A 33 0.85 -2.02 -9.01
CA LYS A 33 0.91 -2.44 -10.45
C LYS A 33 1.85 -3.63 -10.63
N PRO A 34 1.29 -4.81 -10.52
CA PRO A 34 2.06 -6.04 -10.75
C PRO A 34 2.30 -6.16 -12.23
N LEU A 35 3.45 -6.54 -12.65
CA LEU A 35 3.68 -6.63 -14.13
C LEU A 35 3.68 -8.08 -14.60
N PRO A 36 4.01 -8.26 -15.86
CA PRO A 36 4.03 -9.63 -16.47
C PRO A 36 5.15 -10.46 -15.85
N ASP A 37 6.24 -9.83 -15.51
CA ASP A 37 7.37 -10.59 -14.88
C ASP A 37 6.88 -11.18 -13.55
N SER A 38 5.78 -10.70 -13.04
CA SER A 38 5.22 -11.21 -11.76
C SER A 38 4.04 -12.14 -12.04
N ILE A 39 3.98 -13.27 -11.40
CA ILE A 39 2.84 -14.21 -11.62
C ILE A 39 1.52 -13.42 -11.58
N ILE A 40 1.50 -12.33 -10.86
CA ILE A 40 0.26 -11.49 -10.79
C ILE A 40 0.29 -10.50 -11.96
N GLN A 41 -0.81 -9.89 -12.25
CA GLN A 41 -0.84 -8.92 -13.37
C GLN A 41 -2.13 -8.11 -13.31
N GLU A 42 -1.97 -6.83 -13.11
CA GLU A 42 -3.12 -5.84 -13.01
C GLU A 42 -2.91 -4.96 -11.81
N SER A 43 -3.00 -3.70 -12.02
CA SER A 43 -2.76 -2.73 -10.92
C SER A 43 -3.86 -2.74 -9.86
N LEU A 44 -3.47 -2.52 -8.63
CA LEU A 44 -4.44 -2.48 -7.50
C LEU A 44 -4.61 -1.03 -7.04
N GLU A 45 -5.25 -0.79 -5.93
CA GLU A 45 -5.44 0.63 -5.49
C GLU A 45 -5.47 0.75 -3.96
N ILE A 46 -4.33 0.90 -3.34
CA ILE A 46 -4.30 1.06 -1.84
C ILE A 46 -4.90 2.42 -1.49
N GLN A 47 -6.12 2.42 -1.04
CA GLN A 47 -6.82 3.69 -0.70
C GLN A 47 -6.05 4.51 0.34
N GLN A 48 -5.87 5.78 0.06
CA GLN A 48 -5.17 6.75 0.96
C GLN A 48 -4.35 6.05 2.06
N GLY A 49 -3.49 5.13 1.71
CA GLY A 49 -2.69 4.44 2.74
C GLY A 49 -3.64 3.67 3.65
N VAL A 50 -4.21 2.62 3.14
CA VAL A 50 -5.18 1.80 3.92
C VAL A 50 -4.74 1.68 5.39
N ASN A 51 -3.45 1.56 5.62
CA ASN A 51 -2.94 1.47 7.03
C ASN A 51 -3.86 0.61 7.92
N PRO A 52 -3.61 -0.67 7.96
CA PRO A 52 -2.55 -1.32 7.18
C PRO A 52 -3.14 -1.94 5.91
N PHE A 53 -2.31 -2.30 4.98
CA PHE A 53 -2.83 -2.95 3.74
C PHE A 53 -2.20 -4.33 3.56
N PHE A 54 -2.56 -5.27 4.38
CA PHE A 54 -1.96 -6.64 4.24
C PHE A 54 -2.08 -7.10 2.80
N ILE A 55 -1.49 -8.20 2.49
CA ILE A 55 -1.57 -8.73 1.10
C ILE A 55 -1.01 -10.14 1.08
N GLY A 56 -1.64 -11.05 0.42
CA GLY A 56 -1.09 -12.42 0.40
C GLY A 56 -2.04 -13.37 -0.31
N ARG A 57 -2.06 -14.59 0.12
CA ARG A 57 -2.95 -15.60 -0.54
C ARG A 57 -4.30 -15.67 0.18
N SER A 58 -4.44 -15.03 1.31
CA SER A 58 -5.75 -15.08 2.01
C SER A 58 -6.45 -13.71 1.93
N GLU A 59 -7.61 -13.66 1.33
CA GLU A 59 -8.34 -12.36 1.21
C GLU A 59 -8.34 -11.63 2.56
N ASP A 60 -8.15 -12.34 3.64
CA ASP A 60 -8.10 -11.67 4.98
C ASP A 60 -7.21 -10.43 4.90
N CYS A 61 -6.29 -10.43 3.94
CA CYS A 61 -5.43 -9.24 3.77
C CYS A 61 -6.22 -8.12 3.15
N ASN A 62 -5.77 -6.91 3.30
CA ASN A 62 -6.50 -5.76 2.70
C ASN A 62 -6.56 -5.90 1.18
N CYS A 63 -5.80 -6.80 0.62
CA CYS A 63 -5.81 -6.97 -0.86
C CYS A 63 -5.94 -8.46 -1.22
N LYS A 64 -5.24 -8.88 -2.23
CA LYS A 64 -5.30 -10.32 -2.64
C LYS A 64 -4.30 -10.60 -3.76
N ILE A 65 -3.21 -11.26 -3.44
CA ILE A 65 -2.19 -11.57 -4.49
C ILE A 65 -2.25 -13.06 -4.85
N GLU A 66 -3.40 -13.66 -4.64
CA GLU A 66 -3.62 -15.12 -4.95
C GLU A 66 -2.36 -15.82 -5.45
N ASP A 67 -1.39 -16.02 -4.61
CA ASP A 67 -0.14 -16.70 -5.04
C ASP A 67 0.27 -17.77 -4.03
N ASN A 68 -0.10 -19.00 -4.31
CA ASN A 68 0.22 -20.17 -3.40
C ASN A 68 1.37 -19.87 -2.41
N ARG A 69 2.57 -19.68 -2.91
CA ARG A 69 3.74 -19.41 -1.99
C ARG A 69 3.36 -18.43 -0.88
N LEU A 70 2.37 -17.62 -1.11
CA LEU A 70 1.94 -16.65 -0.06
C LEU A 70 1.26 -17.43 1.06
N SER A 71 1.83 -17.39 2.23
CA SER A 71 1.23 -18.13 3.38
C SER A 71 0.05 -17.37 3.97
N ARG A 72 -0.79 -16.79 3.14
CA ARG A 72 -1.96 -16.03 3.67
C ARG A 72 -1.46 -14.81 4.43
N VAL A 73 -1.83 -13.65 3.99
CA VAL A 73 -1.30 -12.42 4.66
C VAL A 73 0.22 -12.50 4.56
N HIS A 74 0.64 -13.12 3.49
CA HIS A 74 2.07 -13.31 3.19
C HIS A 74 2.88 -12.08 3.56
N CYS A 75 2.59 -11.01 2.92
CA CYS A 75 3.31 -9.73 3.22
C CYS A 75 2.35 -8.83 3.98
N PHE A 76 2.82 -7.79 4.63
CA PHE A 76 1.86 -6.90 5.35
C PHE A 76 2.27 -5.43 5.16
N ILE A 77 1.55 -4.70 4.34
CA ILE A 77 1.88 -3.26 4.16
C ILE A 77 1.31 -2.49 5.35
N PHE A 78 1.80 -1.30 5.58
CA PHE A 78 1.28 -0.51 6.73
C PHE A 78 1.43 0.99 6.44
N LYS A 79 0.89 1.81 7.30
CA LYS A 79 1.00 3.28 7.09
C LYS A 79 1.12 3.99 8.44
N LYS A 80 1.92 5.01 8.54
CA LYS A 80 2.06 5.72 9.85
C LYS A 80 2.60 7.14 9.69
N ARG A 81 2.45 7.95 10.72
CA ARG A 81 2.97 9.34 10.63
C ARG A 81 4.49 9.31 10.49
N HIS A 82 5.03 10.08 9.57
CA HIS A 82 6.50 10.08 9.38
C HIS A 82 7.22 10.32 10.71
N ALA A 83 7.24 11.55 11.17
CA ALA A 83 7.93 11.88 12.46
C ALA A 83 9.39 11.40 12.42
N VAL A 84 10.31 12.31 12.22
CA VAL A 84 11.75 11.91 12.19
C VAL A 84 12.17 11.48 13.59
N GLY A 85 13.45 11.28 13.81
CA GLY A 85 13.91 10.87 15.17
C GLY A 85 13.33 11.84 16.21
N LYS A 86 12.90 11.34 17.34
CA LYS A 86 12.30 12.24 18.37
C LYS A 86 13.25 13.39 18.69
N SER A 87 12.97 14.17 19.71
CA SER A 87 13.85 15.32 20.05
C SER A 87 13.80 16.35 18.92
N MET A 88 14.83 17.15 18.77
CA MET A 88 14.83 18.17 17.68
C MET A 88 13.61 19.09 17.81
N TYR A 89 13.76 20.17 18.53
CA TYR A 89 12.60 21.11 18.70
C TYR A 89 12.09 21.57 17.33
N GLU A 90 11.37 22.65 17.29
CA GLU A 90 10.84 23.16 15.99
C GLU A 90 9.97 22.08 15.33
N SER A 91 8.68 22.11 15.56
CA SER A 91 7.76 21.09 14.97
C SER A 91 8.08 20.89 13.48
N PRO A 92 8.63 19.73 13.18
CA PRO A 92 8.99 19.41 11.77
C PRO A 92 7.73 19.23 10.95
N ALA A 93 7.79 18.43 9.92
CA ALA A 93 6.59 18.18 9.07
C ALA A 93 5.56 17.36 9.85
N GLN A 94 5.07 17.89 10.94
CA GLN A 94 4.04 17.15 11.75
C GLN A 94 2.84 16.76 10.87
N GLY A 95 2.16 15.70 11.23
CA GLY A 95 0.98 15.28 10.41
C GLY A 95 1.44 14.38 9.28
N LEU A 96 0.72 14.38 8.18
CA LEU A 96 1.11 13.53 7.02
C LEU A 96 1.07 12.05 7.41
N ASP A 97 1.69 11.19 6.64
CA ASP A 97 1.67 9.74 6.98
C ASP A 97 2.53 8.95 6.00
N ASP A 98 3.57 8.32 6.48
CA ASP A 98 4.43 7.51 5.59
C ASP A 98 3.84 6.12 5.39
N ILE A 99 4.40 5.36 4.50
CA ILE A 99 3.87 3.97 4.26
C ILE A 99 4.91 2.94 4.66
N TRP A 100 4.48 1.83 5.19
CA TRP A 100 5.47 0.81 5.62
C TRP A 100 5.14 -0.59 5.08
N TYR A 101 5.96 -1.11 4.20
CA TYR A 101 5.70 -2.48 3.70
C TYR A 101 6.31 -3.44 4.71
N CYS A 102 5.52 -4.31 5.28
CA CYS A 102 6.07 -5.23 6.32
C CYS A 102 5.57 -6.66 6.11
N HIS A 103 6.44 -7.58 5.81
CA HIS A 103 5.99 -9.00 5.62
C HIS A 103 5.70 -9.65 6.99
N THR A 104 4.61 -10.36 7.11
CA THR A 104 4.30 -11.02 8.43
C THR A 104 3.97 -12.50 8.22
N GLY A 105 3.68 -12.89 7.01
CA GLY A 105 3.33 -14.32 6.75
C GLY A 105 4.47 -15.22 7.20
N THR A 106 4.45 -16.46 6.79
CA THR A 106 5.52 -17.42 7.18
C THR A 106 6.70 -17.32 6.22
N ASN A 107 6.52 -16.58 5.18
CA ASN A 107 7.58 -16.47 4.15
C ASN A 107 8.21 -15.07 4.16
N VAL A 108 8.54 -14.56 3.02
CA VAL A 108 9.18 -13.23 2.96
C VAL A 108 8.75 -12.44 1.71
N SER A 109 8.47 -11.18 1.88
CA SER A 109 8.12 -10.33 0.69
C SER A 109 9.16 -9.23 0.66
N TYR A 110 9.24 -8.45 -0.39
CA TYR A 110 10.34 -7.43 -0.41
C TYR A 110 10.12 -6.37 -1.47
N LEU A 111 10.88 -5.32 -1.36
CA LEU A 111 10.79 -4.20 -2.34
C LEU A 111 12.01 -4.26 -3.25
N ASN A 112 12.07 -3.43 -4.25
CA ASN A 112 13.24 -3.44 -5.15
C ASN A 112 14.47 -2.87 -4.44
N ASN A 113 14.87 -3.46 -3.33
CA ASN A 113 16.05 -2.92 -2.59
C ASN A 113 16.35 -3.72 -1.32
N ASN A 114 15.38 -4.39 -0.74
CA ASN A 114 15.67 -5.14 0.52
C ASN A 114 14.75 -6.35 0.70
N ARG A 115 15.30 -7.42 1.21
CA ARG A 115 14.49 -8.66 1.44
C ARG A 115 14.00 -8.72 2.89
N MET A 116 12.72 -8.85 3.08
CA MET A 116 12.18 -8.93 4.47
C MET A 116 12.05 -10.39 4.87
N ILE A 117 12.44 -10.73 6.06
CA ILE A 117 12.32 -12.15 6.49
C ILE A 117 11.09 -12.33 7.38
N GLN A 118 9.94 -11.98 6.86
CA GLN A 118 8.69 -12.10 7.66
C GLN A 118 8.81 -11.30 8.94
N GLY A 119 7.70 -11.11 9.60
CA GLY A 119 7.70 -10.31 10.88
C GLY A 119 8.64 -9.10 10.76
N THR A 120 8.80 -8.59 9.56
CA THR A 120 9.70 -7.42 9.36
C THR A 120 8.94 -6.27 8.70
N LYS A 121 9.42 -5.06 8.83
CA LYS A 121 8.73 -3.89 8.24
C LYS A 121 9.68 -3.14 7.29
N PHE A 122 9.15 -2.26 6.48
CA PHE A 122 10.01 -1.52 5.54
C PHE A 122 9.30 -0.27 5.00
N LEU A 123 10.05 0.71 4.54
CA LEU A 123 9.42 1.96 4.02
C LEU A 123 9.09 1.82 2.52
N LEU A 124 8.00 2.39 2.10
CA LEU A 124 7.62 2.33 0.66
C LEU A 124 7.80 3.70 0.00
N GLN A 125 7.97 3.73 -1.29
CA GLN A 125 8.16 5.04 -2.00
C GLN A 125 7.38 5.01 -3.32
N ASP A 126 7.33 6.12 -4.01
CA ASP A 126 6.60 6.14 -5.30
C ASP A 126 7.36 5.32 -6.36
N GLY A 127 6.66 4.52 -7.12
CA GLY A 127 7.35 3.70 -8.16
C GLY A 127 8.24 2.69 -7.44
N ASP A 128 7.76 2.12 -6.37
CA ASP A 128 8.55 1.13 -5.61
C ASP A 128 8.10 -0.27 -5.95
N GLU A 129 8.61 -0.82 -7.02
CA GLU A 129 8.21 -2.21 -7.41
C GLU A 129 8.39 -3.13 -6.21
N ILE A 130 7.49 -4.06 -6.02
CA ILE A 130 7.59 -4.96 -4.83
C ILE A 130 7.73 -6.41 -5.27
N LYS A 131 7.94 -7.30 -4.34
CA LYS A 131 8.09 -8.74 -4.70
C LYS A 131 7.49 -9.65 -3.62
N ILE A 132 6.19 -9.66 -3.52
CA ILE A 132 5.49 -10.53 -2.52
C ILE A 132 6.25 -11.87 -2.34
N ILE A 133 6.78 -12.42 -3.41
CA ILE A 133 7.54 -13.71 -3.32
C ILE A 133 8.78 -13.64 -4.21
N TRP A 134 9.67 -14.58 -4.07
CA TRP A 134 10.89 -14.59 -4.91
C TRP A 134 11.66 -15.90 -4.71
N ASP A 135 11.47 -16.85 -5.59
CA ASP A 135 12.21 -18.15 -5.45
C ASP A 135 13.16 -18.34 -6.63
N LYS A 136 14.35 -17.83 -6.51
CA LYS A 136 15.35 -17.98 -7.62
C LYS A 136 15.37 -19.42 -8.13
N ASN A 137 15.71 -19.62 -9.37
CA ASN A 137 15.76 -21.02 -9.95
C ASN A 137 14.34 -21.57 -10.09
N ASN A 138 13.58 -21.60 -9.03
CA ASN A 138 12.19 -22.14 -9.12
C ASN A 138 11.38 -21.36 -10.16
N LYS A 139 11.83 -20.19 -10.53
CA LYS A 139 11.08 -19.37 -11.54
C LYS A 139 9.72 -18.95 -10.96
N PHE A 140 9.75 -18.15 -9.92
CA PHE A 140 8.47 -17.70 -9.29
C PHE A 140 8.69 -16.37 -8.55
N VAL A 141 8.19 -15.29 -9.09
CA VAL A 141 8.38 -13.97 -8.41
C VAL A 141 7.11 -13.14 -8.48
N ILE A 142 7.04 -12.09 -7.70
CA ILE A 142 5.84 -11.21 -7.72
C ILE A 142 6.27 -9.79 -8.01
N GLY A 143 6.86 -9.55 -9.14
CA GLY A 143 7.30 -8.17 -9.48
C GLY A 143 6.10 -7.24 -9.35
N PHE A 144 6.28 -6.12 -8.71
CA PHE A 144 5.14 -5.19 -8.54
C PHE A 144 5.59 -3.76 -8.86
N LYS A 145 4.68 -2.83 -8.81
CA LYS A 145 5.06 -1.42 -9.11
C LYS A 145 4.16 -0.44 -8.34
N VAL A 146 4.63 0.04 -7.23
CA VAL A 146 3.81 1.00 -6.43
C VAL A 146 3.74 2.34 -7.18
N GLU A 147 2.55 2.79 -7.49
CA GLU A 147 2.41 4.09 -8.20
C GLU A 147 1.57 5.06 -7.36
N ILE A 148 2.21 5.90 -6.61
CA ILE A 148 1.47 6.88 -5.77
C ILE A 148 0.96 8.02 -6.66
N ASN A 149 -0.31 8.05 -6.93
CA ASN A 149 -0.87 9.10 -7.83
C ASN A 149 -1.45 10.27 -7.03
N ASP A 150 -1.85 10.04 -5.82
CA ASP A 150 -2.42 11.13 -4.98
C ASP A 150 -1.29 11.95 -4.35
N THR A 151 -0.67 11.44 -3.32
CA THR A 151 0.44 12.16 -2.64
C THR A 151 -0.05 13.50 -2.07
N THR A 152 -1.34 13.68 -1.94
CA THR A 152 -1.88 14.96 -1.39
C THR A 152 -1.15 15.33 -0.08
N GLY A 153 -1.66 14.89 1.04
CA GLY A 153 -0.97 15.21 2.33
C GLY A 153 0.04 14.10 2.65
N LEU A 154 0.53 13.43 1.64
CA LEU A 154 1.51 12.33 1.89
C LEU A 154 2.91 12.90 2.10
N PHE A 155 3.42 12.84 3.31
CA PHE A 155 4.79 13.38 3.58
C PHE A 155 5.76 12.90 2.51
N ASN A 156 6.76 13.69 2.21
CA ASN A 156 7.76 13.28 1.18
C ASN A 156 7.07 13.06 -0.19
N GLU A 157 5.82 13.48 -0.32
CA GLU A 157 5.09 13.32 -1.61
C GLU A 157 5.42 11.96 -2.27
N GLY A 158 5.51 10.93 -1.49
CA GLY A 158 5.82 9.59 -2.05
C GLY A 158 7.12 9.66 -2.84
N LEU A 159 8.24 9.50 -2.20
CA LEU A 159 9.54 9.57 -2.93
C LEU A 159 10.69 9.30 -1.96
N GLY A 160 10.62 8.22 -1.22
CA GLY A 160 11.72 7.90 -0.26
C GLY A 160 13.07 8.11 -0.93
N MET A 161 13.71 9.20 -0.64
CA MET A 161 15.04 9.51 -1.26
C MET A 161 16.00 8.34 -1.08
N LEU A 162 15.87 7.33 -1.90
CA LEU A 162 16.76 6.14 -1.78
C LEU A 162 18.23 6.56 -1.74
N GLN A 163 18.99 6.04 -0.81
CA GLN A 163 20.43 6.41 -0.70
C GLN A 163 21.01 5.79 0.58
N GLU A 164 20.35 5.96 1.69
CA GLU A 164 20.86 5.39 2.96
C GLU A 164 19.73 5.31 3.98
N GLN A 165 18.52 5.11 3.51
CA GLN A 165 17.37 5.03 4.45
C GLN A 165 16.41 3.93 4.00
N ARG A 166 16.92 2.90 3.39
CA ARG A 166 16.06 1.79 2.93
C ARG A 166 16.50 0.48 3.57
N VAL A 167 16.33 0.36 4.86
CA VAL A 167 16.73 -0.89 5.56
C VAL A 167 15.48 -1.59 6.10
N VAL A 168 15.56 -2.89 6.28
CA VAL A 168 14.39 -3.64 6.81
C VAL A 168 14.29 -3.44 8.33
N LEU A 169 13.18 -2.99 8.81
CA LEU A 169 13.02 -2.81 10.28
C LEU A 169 12.17 -3.96 10.83
N LYS A 170 12.18 -4.17 12.11
CA LYS A 170 11.37 -5.28 12.69
C LYS A 170 9.96 -4.80 13.01
N GLN A 171 9.01 -5.70 13.09
CA GLN A 171 7.60 -5.31 13.39
C GLN A 171 7.57 -4.23 14.49
N THR A 172 6.88 -3.15 14.25
CA THR A 172 6.82 -2.06 15.27
C THR A 172 5.45 -2.01 15.93
N ALA A 173 5.38 -1.41 17.09
CA ALA A 173 4.07 -1.32 17.82
C ALA A 173 3.38 -2.68 17.78
N GLU A 174 4.12 -3.76 17.72
CA GLU A 174 3.49 -5.11 17.63
C GLU A 174 2.59 -5.09 16.40
N GLU A 175 3.14 -4.77 15.25
CA GLU A 175 2.26 -4.64 14.06
C GLU A 175 1.17 -3.67 14.49
N LYS A 176 1.58 -2.72 15.30
CA LYS A 176 0.64 -1.75 15.89
C LYS A 176 -0.45 -2.51 16.62
N ASP A 177 -0.06 -3.59 17.26
CA ASP A 177 -0.99 -4.46 18.02
C ASP A 177 -2.28 -4.64 17.22
N LEU A 178 -2.14 -4.64 15.93
CA LEU A 178 -3.32 -4.85 15.04
C LEU A 178 -2.94 -5.76 13.89
N VAL A 179 -1.75 -5.63 13.40
CA VAL A 179 -1.33 -6.53 12.28
C VAL A 179 -0.66 -7.77 12.88
N LYS A 180 -0.37 -7.69 14.14
CA LYS A 180 0.25 -8.85 14.86
C LYS A 180 -0.83 -9.91 15.09
N LYS A 181 -2.07 -9.52 15.05
CA LYS A 181 -3.18 -10.50 15.25
C LYS A 181 -3.69 -10.98 13.91
N LEU A 182 -3.09 -10.52 12.86
CA LEU A 182 -3.53 -10.94 11.50
C LEU A 182 -3.36 -12.45 11.34
N GLU A 1 -8.71 -13.50 -35.22
CA GLU A 1 -9.29 -14.78 -35.73
C GLU A 1 -8.45 -15.96 -35.23
N ALA A 2 -8.76 -16.46 -34.07
CA ALA A 2 -7.98 -17.62 -33.52
C ALA A 2 -8.54 -18.02 -32.15
N GLU A 3 -8.35 -19.26 -31.77
CA GLU A 3 -8.85 -19.73 -30.45
C GLU A 3 -10.36 -19.49 -30.33
N THR A 4 -11.14 -20.51 -30.57
CA THR A 4 -12.62 -20.35 -30.45
C THR A 4 -13.08 -20.75 -29.04
N ARG A 5 -12.21 -21.38 -28.29
CA ARG A 5 -12.58 -21.79 -26.91
C ARG A 5 -12.53 -20.56 -25.98
N GLU A 6 -13.66 -20.12 -25.51
CA GLU A 6 -13.67 -18.92 -24.62
C GLU A 6 -14.89 -18.96 -23.70
N GLN A 7 -14.72 -19.44 -22.50
CA GLN A 7 -15.87 -19.50 -21.55
C GLN A 7 -15.68 -18.49 -20.43
N LYS A 8 -16.07 -17.26 -20.67
CA LYS A 8 -15.92 -16.22 -19.60
C LYS A 8 -14.46 -16.04 -19.21
N LEU A 9 -13.72 -15.26 -19.95
CA LEU A 9 -12.29 -15.04 -19.62
C LEU A 9 -11.73 -13.92 -20.50
N LEU A 10 -11.57 -12.73 -19.95
CA LEU A 10 -11.03 -11.59 -20.74
C LEU A 10 -11.88 -11.34 -21.98
N HIS A 11 -11.52 -10.36 -22.76
CA HIS A 11 -12.31 -10.06 -24.00
C HIS A 11 -11.44 -10.32 -25.23
N SER A 12 -11.95 -10.08 -26.41
CA SER A 12 -11.15 -10.32 -27.64
C SER A 12 -11.61 -9.39 -28.76
N ASN A 13 -12.83 -9.55 -29.19
CA ASN A 13 -13.36 -8.68 -30.29
C ASN A 13 -14.47 -7.78 -29.73
N ASN A 14 -14.15 -6.97 -28.77
CA ASN A 14 -15.17 -6.07 -28.17
C ASN A 14 -14.68 -4.62 -28.19
N THR A 15 -15.19 -3.82 -27.30
CA THR A 15 -14.76 -2.39 -27.26
C THR A 15 -14.87 -1.83 -25.84
N GLU A 16 -14.03 -0.89 -25.50
CA GLU A 16 -14.08 -0.30 -24.13
C GLU A 16 -15.50 0.18 -23.83
N ASN A 17 -16.26 -0.62 -23.14
CA ASN A 17 -17.66 -0.22 -22.82
C ASN A 17 -17.68 0.84 -21.72
N VAL A 18 -18.81 1.06 -21.11
CA VAL A 18 -18.90 2.08 -20.04
C VAL A 18 -19.41 1.44 -18.74
N LYS A 19 -18.94 0.26 -18.43
CA LYS A 19 -19.39 -0.43 -17.18
C LYS A 19 -18.19 -0.78 -16.31
N SER A 20 -17.42 -1.75 -16.72
CA SER A 20 -16.22 -2.15 -15.93
C SER A 20 -15.03 -1.26 -16.29
N SER A 21 -14.63 -0.40 -15.39
CA SER A 21 -13.47 0.50 -15.68
C SER A 21 -12.74 0.87 -14.39
N LYS A 22 -12.05 1.98 -14.38
CA LYS A 22 -11.32 2.39 -13.16
C LYS A 22 -12.26 3.00 -12.13
N LYS A 23 -13.24 3.77 -12.58
CA LYS A 23 -14.20 4.39 -11.62
C LYS A 23 -13.46 4.96 -10.42
N LYS A 24 -12.66 5.97 -10.63
CA LYS A 24 -11.89 6.56 -9.49
C LYS A 24 -12.87 7.00 -8.38
N GLY A 25 -13.18 6.11 -7.47
CA GLY A 25 -14.12 6.47 -6.36
C GLY A 25 -13.66 7.77 -5.71
N ASN A 26 -12.93 7.68 -4.63
CA ASN A 26 -12.44 8.92 -3.96
C ASN A 26 -11.58 8.58 -2.75
N GLY A 27 -10.39 8.10 -2.99
CA GLY A 27 -9.49 7.76 -1.85
C GLY A 27 -8.37 6.84 -2.34
N ARG A 28 -7.70 7.22 -3.40
CA ARG A 28 -6.60 6.38 -3.92
C ARG A 28 -5.27 7.02 -3.60
N PHE A 29 -4.38 6.27 -3.02
CA PHE A 29 -3.05 6.83 -2.67
C PHE A 29 -1.96 6.06 -3.40
N LEU A 30 -2.16 4.79 -3.55
CA LEU A 30 -1.13 3.94 -4.23
C LEU A 30 -1.75 2.99 -5.26
N THR A 31 -1.17 2.93 -6.42
CA THR A 31 -1.65 1.97 -7.46
C THR A 31 -0.61 0.87 -7.60
N LEU A 32 -0.87 -0.28 -7.05
CA LEU A 32 0.13 -1.38 -7.13
C LEU A 32 0.17 -1.96 -8.54
N LYS A 33 1.15 -1.59 -9.32
CA LYS A 33 1.25 -2.11 -10.71
C LYS A 33 2.28 -3.24 -10.79
N PRO A 34 1.82 -4.46 -10.65
CA PRO A 34 2.73 -5.62 -10.73
C PRO A 34 3.11 -5.83 -12.19
N LEU A 35 4.17 -6.54 -12.43
CA LEU A 35 4.57 -6.74 -13.85
C LEU A 35 4.24 -8.15 -14.33
N PRO A 36 4.40 -8.35 -15.60
CA PRO A 36 4.10 -9.66 -16.23
C PRO A 36 5.18 -10.69 -15.92
N ASP A 37 6.26 -10.28 -15.30
CA ASP A 37 7.34 -11.24 -14.95
C ASP A 37 6.96 -11.99 -13.67
N SER A 38 5.82 -11.69 -13.11
CA SER A 38 5.39 -12.35 -11.84
C SER A 38 4.04 -13.02 -12.04
N ILE A 39 3.70 -13.98 -11.20
CA ILE A 39 2.38 -14.64 -11.34
C ILE A 39 1.30 -13.55 -11.36
N ILE A 40 1.60 -12.41 -10.81
CA ILE A 40 0.65 -11.27 -10.84
C ILE A 40 1.09 -10.31 -11.93
N GLN A 41 0.23 -9.43 -12.35
CA GLN A 41 0.61 -8.45 -13.41
C GLN A 41 -0.60 -7.63 -13.84
N GLU A 42 -0.57 -6.36 -13.53
CA GLU A 42 -1.69 -5.43 -13.90
C GLU A 42 -1.58 -4.19 -13.02
N SER A 43 -2.52 -3.99 -12.15
CA SER A 43 -2.48 -2.82 -11.24
C SER A 43 -3.52 -2.93 -10.14
N LEU A 44 -3.11 -2.65 -8.94
CA LEU A 44 -4.05 -2.70 -7.78
C LEU A 44 -4.28 -1.29 -7.28
N GLU A 45 -4.98 -1.12 -6.18
CA GLU A 45 -5.24 0.27 -5.69
C GLU A 45 -5.45 0.31 -4.18
N ILE A 46 -4.43 0.68 -3.44
CA ILE A 46 -4.57 0.79 -1.96
C ILE A 46 -5.19 2.15 -1.62
N GLN A 47 -6.47 2.17 -1.34
CA GLN A 47 -7.17 3.45 -1.03
C GLN A 47 -6.42 4.27 0.04
N GLN A 48 -6.16 5.53 -0.27
CA GLN A 48 -5.46 6.47 0.67
C GLN A 48 -4.69 5.73 1.78
N GLY A 49 -3.86 4.79 1.43
CA GLY A 49 -3.11 4.04 2.48
C GLY A 49 -4.12 3.39 3.41
N VAL A 50 -4.82 2.41 2.91
CA VAL A 50 -5.86 1.70 3.70
C VAL A 50 -5.51 1.63 5.20
N ASN A 51 -4.25 1.45 5.50
CA ASN A 51 -3.83 1.36 6.92
C ASN A 51 -4.81 0.50 7.74
N PRO A 52 -4.59 -0.78 7.77
CA PRO A 52 -3.48 -1.43 7.04
C PRO A 52 -3.95 -2.02 5.72
N PHE A 53 -3.05 -2.46 4.91
CA PHE A 53 -3.43 -3.11 3.63
C PHE A 53 -2.82 -4.51 3.59
N PHE A 54 -3.28 -5.42 4.42
CA PHE A 54 -2.70 -6.79 4.42
C PHE A 54 -2.70 -7.37 3.02
N ILE A 55 -1.80 -8.28 2.74
CA ILE A 55 -1.74 -8.90 1.38
C ILE A 55 -1.15 -10.29 1.52
N GLY A 56 -1.61 -11.22 0.74
CA GLY A 56 -1.04 -12.59 0.84
C GLY A 56 -1.85 -13.56 -0.01
N ARG A 57 -1.92 -14.78 0.41
CA ARG A 57 -2.70 -15.79 -0.35
C ARG A 57 -4.14 -15.88 0.17
N SER A 58 -4.43 -15.25 1.27
CA SER A 58 -5.81 -15.32 1.81
C SER A 58 -6.52 -13.99 1.58
N GLU A 59 -7.67 -14.00 0.96
CA GLU A 59 -8.40 -12.72 0.73
C GLU A 59 -8.57 -11.96 2.05
N ASP A 60 -8.42 -12.64 3.18
CA ASP A 60 -8.54 -11.94 4.49
C ASP A 60 -7.68 -10.67 4.46
N CYS A 61 -6.70 -10.64 3.59
CA CYS A 61 -5.85 -9.43 3.47
C CYS A 61 -6.60 -8.33 2.75
N ASN A 62 -6.16 -7.11 2.90
CA ASN A 62 -6.82 -5.99 2.21
C ASN A 62 -6.62 -6.13 0.71
N CYS A 63 -5.72 -6.97 0.32
CA CYS A 63 -5.45 -7.19 -1.12
C CYS A 63 -5.59 -8.68 -1.46
N LYS A 64 -4.85 -9.15 -2.43
CA LYS A 64 -4.93 -10.59 -2.80
C LYS A 64 -3.96 -10.88 -3.95
N ILE A 65 -3.23 -11.95 -3.85
CA ILE A 65 -2.27 -12.30 -4.95
C ILE A 65 -2.06 -13.81 -4.96
N GLU A 66 -2.70 -14.47 -5.89
CA GLU A 66 -2.62 -15.96 -6.01
C GLU A 66 -1.18 -16.45 -6.13
N ASP A 67 -0.53 -16.56 -5.02
CA ASP A 67 0.88 -17.05 -5.00
C ASP A 67 1.06 -18.02 -3.83
N ASN A 68 0.94 -19.30 -4.09
CA ASN A 68 1.08 -20.33 -3.00
C ASN A 68 2.21 -20.01 -2.01
N ARG A 69 3.24 -19.34 -2.46
CA ARG A 69 4.37 -18.99 -1.54
C ARG A 69 3.91 -18.01 -0.44
N LEU A 70 2.68 -17.58 -0.47
CA LEU A 70 2.21 -16.64 0.60
C LEU A 70 1.55 -17.42 1.73
N SER A 71 1.72 -16.98 2.95
CA SER A 71 1.10 -17.70 4.11
C SER A 71 -0.25 -17.09 4.48
N ARG A 72 -0.89 -16.44 3.53
CA ARG A 72 -2.24 -15.78 3.79
C ARG A 72 -2.02 -14.32 4.19
N VAL A 73 -1.36 -14.09 5.28
CA VAL A 73 -1.02 -12.69 5.69
C VAL A 73 0.48 -12.59 5.46
N HIS A 74 0.88 -13.27 4.43
CA HIS A 74 2.28 -13.37 4.00
C HIS A 74 2.99 -12.04 4.11
N CYS A 75 2.46 -11.08 3.46
CA CYS A 75 3.07 -9.72 3.51
C CYS A 75 2.07 -8.80 4.21
N PHE A 76 2.50 -7.79 4.91
CA PHE A 76 1.49 -6.91 5.57
C PHE A 76 1.82 -5.44 5.34
N ILE A 77 1.07 -4.77 4.50
CA ILE A 77 1.34 -3.33 4.28
C ILE A 77 0.65 -2.54 5.38
N PHE A 78 1.10 -1.35 5.63
CA PHE A 78 0.47 -0.53 6.69
C PHE A 78 0.60 0.95 6.37
N LYS A 79 -0.10 1.78 7.08
CA LYS A 79 -0.01 3.24 6.82
C LYS A 79 -0.25 4.03 8.11
N LYS A 80 0.57 5.01 8.38
CA LYS A 80 0.39 5.82 9.63
C LYS A 80 1.08 7.17 9.49
N ARG A 81 0.89 8.04 10.45
CA ARG A 81 1.54 9.38 10.40
C ARG A 81 3.06 9.24 10.45
N HIS A 82 3.77 9.97 9.64
CA HIS A 82 5.26 9.86 9.64
C HIS A 82 5.80 10.07 11.06
N ALA A 83 5.87 11.30 11.50
CA ALA A 83 6.39 11.59 12.87
C ALA A 83 7.89 11.32 12.96
N VAL A 84 8.68 12.36 12.84
CA VAL A 84 10.16 12.22 12.92
C VAL A 84 10.59 11.68 14.28
N GLY A 85 11.82 11.25 14.40
CA GLY A 85 12.32 10.72 15.70
C GLY A 85 13.80 11.08 15.89
N LYS A 86 14.34 11.96 15.07
CA LYS A 86 15.78 12.34 15.21
C LYS A 86 16.00 13.02 16.56
N SER A 87 17.20 13.48 16.82
CA SER A 87 17.47 14.15 18.12
C SER A 87 16.79 15.52 18.15
N MET A 88 17.33 16.45 18.90
CA MET A 88 16.71 17.81 18.98
C MET A 88 16.88 18.56 17.66
N TYR A 89 16.27 18.07 16.61
CA TYR A 89 16.37 18.75 15.29
C TYR A 89 15.94 20.22 15.42
N GLU A 90 15.94 20.94 14.33
CA GLU A 90 15.52 22.37 14.40
C GLU A 90 14.16 22.55 13.71
N SER A 91 13.85 21.67 12.79
CA SER A 91 12.55 21.77 12.06
C SER A 91 11.73 20.50 12.30
N PRO A 92 10.60 20.66 12.95
CA PRO A 92 9.73 19.50 13.25
C PRO A 92 9.11 18.97 11.95
N ALA A 93 7.98 18.34 12.06
CA ALA A 93 7.30 17.77 10.85
C ALA A 93 6.10 16.90 11.27
N GLN A 94 5.11 17.49 11.88
CA GLN A 94 3.92 16.70 12.31
C GLN A 94 2.76 16.87 11.31
N GLY A 95 2.29 15.79 10.75
CA GLY A 95 1.17 15.87 9.77
C GLY A 95 1.39 14.89 8.64
N LEU A 96 0.61 14.99 7.59
CA LEU A 96 0.76 14.07 6.43
C LEU A 96 0.64 12.61 6.91
N ASP A 97 1.20 11.69 6.19
CA ASP A 97 1.13 10.26 6.60
C ASP A 97 2.18 9.43 5.87
N ASP A 98 2.77 8.49 6.54
CA ASP A 98 3.81 7.63 5.89
C ASP A 98 3.27 6.20 5.75
N ILE A 99 3.80 5.47 4.80
CA ILE A 99 3.32 4.06 4.59
C ILE A 99 4.32 3.07 5.18
N TRP A 100 3.88 1.88 5.46
CA TRP A 100 4.81 0.87 6.05
C TRP A 100 4.57 -0.53 5.48
N TYR A 101 5.39 -0.95 4.54
CA TYR A 101 5.23 -2.34 4.01
C TYR A 101 5.85 -3.30 5.01
N CYS A 102 5.05 -4.12 5.63
CA CYS A 102 5.59 -5.05 6.67
C CYS A 102 5.20 -6.50 6.40
N HIS A 103 6.13 -7.37 6.12
CA HIS A 103 5.74 -8.81 5.91
C HIS A 103 5.20 -9.36 7.24
N THR A 104 4.75 -10.59 7.25
CA THR A 104 4.21 -11.14 8.55
C THR A 104 4.02 -12.66 8.49
N GLY A 105 3.79 -13.22 7.33
CA GLY A 105 3.58 -14.69 7.24
C GLY A 105 4.86 -15.41 7.69
N THR A 106 5.06 -16.60 7.22
CA THR A 106 6.28 -17.38 7.59
C THR A 106 7.42 -17.01 6.64
N ASN A 107 7.08 -16.35 5.58
CA ASN A 107 8.08 -15.96 4.56
C ASN A 107 8.49 -14.50 4.73
N VAL A 108 8.80 -13.84 3.65
CA VAL A 108 9.20 -12.40 3.75
C VAL A 108 8.80 -11.66 2.47
N SER A 109 8.64 -10.37 2.56
CA SER A 109 8.32 -9.55 1.36
C SER A 109 9.53 -8.69 1.09
N TYR A 110 9.60 -8.02 -0.03
CA TYR A 110 10.83 -7.22 -0.28
C TYR A 110 10.53 -5.95 -1.07
N LEU A 111 11.21 -4.88 -0.74
CA LEU A 111 10.98 -3.58 -1.43
C LEU A 111 12.24 -3.14 -2.17
N ASN A 112 12.24 -3.24 -3.48
CA ASN A 112 13.42 -2.82 -4.28
C ASN A 112 14.63 -3.72 -3.97
N ASN A 113 15.20 -3.56 -2.81
CA ASN A 113 16.37 -4.41 -2.44
C ASN A 113 16.39 -4.66 -0.92
N ASN A 114 15.32 -4.36 -0.24
CA ASN A 114 15.28 -4.59 1.24
C ASN A 114 14.50 -5.85 1.56
N ARG A 115 15.16 -6.99 1.57
CA ARG A 115 14.44 -8.26 1.90
C ARG A 115 14.23 -8.34 3.41
N MET A 116 13.02 -8.51 3.84
CA MET A 116 12.75 -8.61 5.30
C MET A 116 12.80 -10.08 5.73
N ILE A 117 12.05 -10.45 6.74
CA ILE A 117 12.02 -11.86 7.20
C ILE A 117 10.76 -12.10 8.03
N GLN A 118 9.62 -11.89 7.42
CA GLN A 118 8.32 -12.05 8.16
C GLN A 118 8.32 -11.17 9.40
N GLY A 119 7.19 -11.06 10.04
CA GLY A 119 7.09 -10.22 11.29
C GLY A 119 8.02 -8.99 11.16
N THR A 120 8.08 -8.40 9.99
CA THR A 120 8.97 -7.23 9.79
C THR A 120 8.20 -6.07 9.16
N LYS A 121 8.68 -4.86 9.36
CA LYS A 121 7.99 -3.67 8.75
C LYS A 121 9.00 -2.87 7.93
N PHE A 122 8.52 -2.05 7.03
CA PHE A 122 9.45 -1.24 6.20
C PHE A 122 8.72 -0.02 5.62
N LEU A 123 9.43 1.03 5.34
CA LEU A 123 8.77 2.26 4.78
C LEU A 123 8.54 2.10 3.27
N LEU A 124 7.53 2.74 2.76
CA LEU A 124 7.26 2.62 1.29
C LEU A 124 7.35 3.99 0.60
N GLN A 125 7.60 3.98 -0.69
CA GLN A 125 7.71 5.28 -1.44
C GLN A 125 6.99 5.16 -2.79
N ASP A 126 6.93 6.23 -3.53
CA ASP A 126 6.26 6.17 -4.86
C ASP A 126 7.19 5.55 -5.90
N GLY A 127 6.68 4.67 -6.71
CA GLY A 127 7.54 4.02 -7.75
C GLY A 127 8.55 3.10 -7.06
N ASP A 128 8.12 2.43 -6.02
CA ASP A 128 9.03 1.51 -5.30
C ASP A 128 8.65 0.08 -5.67
N GLU A 129 9.23 -0.43 -6.71
CA GLU A 129 8.90 -1.81 -7.16
C GLU A 129 9.05 -2.81 -5.99
N ILE A 130 8.00 -2.98 -5.22
CA ILE A 130 8.06 -3.94 -4.08
C ILE A 130 7.89 -5.36 -4.61
N LYS A 131 8.07 -6.35 -3.80
CA LYS A 131 7.93 -7.74 -4.30
C LYS A 131 7.46 -8.70 -3.19
N ILE A 132 6.20 -8.67 -2.84
CA ILE A 132 5.69 -9.60 -1.79
C ILE A 132 6.32 -10.99 -1.96
N ILE A 133 6.63 -11.37 -3.18
CA ILE A 133 7.29 -12.68 -3.42
C ILE A 133 8.29 -12.54 -4.58
N TRP A 134 9.28 -13.37 -4.62
CA TRP A 134 10.28 -13.28 -5.72
C TRP A 134 10.92 -14.66 -5.96
N ASP A 135 12.06 -14.93 -5.36
CA ASP A 135 12.73 -16.24 -5.57
C ASP A 135 12.87 -16.52 -7.07
N LYS A 136 13.93 -16.03 -7.66
CA LYS A 136 14.14 -16.23 -9.13
C LYS A 136 14.54 -17.69 -9.43
N ASN A 137 14.85 -18.45 -8.43
CA ASN A 137 15.27 -19.88 -8.68
C ASN A 137 14.07 -20.82 -8.83
N ASN A 138 13.04 -20.40 -9.53
CA ASN A 138 11.86 -21.30 -9.71
C ASN A 138 10.77 -20.64 -10.57
N LYS A 139 11.16 -19.78 -11.50
CA LYS A 139 10.15 -19.10 -12.38
C LYS A 139 8.85 -18.85 -11.61
N PHE A 140 8.89 -17.98 -10.65
CA PHE A 140 7.68 -17.70 -9.82
C PHE A 140 7.95 -16.50 -8.92
N VAL A 141 7.58 -15.33 -9.36
CA VAL A 141 7.81 -14.11 -8.52
C VAL A 141 6.54 -13.29 -8.46
N ILE A 142 6.52 -12.26 -7.66
CA ILE A 142 5.32 -11.39 -7.55
C ILE A 142 5.76 -9.92 -7.64
N GLY A 143 6.60 -9.62 -8.60
CA GLY A 143 7.10 -8.22 -8.75
C GLY A 143 5.92 -7.24 -8.64
N PHE A 144 6.09 -6.21 -7.89
CA PHE A 144 5.00 -5.21 -7.73
C PHE A 144 5.56 -3.81 -7.88
N LYS A 145 4.78 -2.90 -8.40
CA LYS A 145 5.29 -1.51 -8.58
C LYS A 145 4.38 -0.52 -7.86
N VAL A 146 4.82 -0.03 -6.75
CA VAL A 146 4.01 0.95 -5.99
C VAL A 146 3.97 2.29 -6.73
N GLU A 147 2.83 2.68 -7.21
CA GLU A 147 2.73 3.97 -7.94
C GLU A 147 1.79 4.91 -7.20
N ILE A 148 2.33 5.67 -6.28
CA ILE A 148 1.47 6.62 -5.51
C ILE A 148 1.05 7.77 -6.43
N ASN A 149 -0.19 7.80 -6.82
CA ASN A 149 -0.66 8.86 -7.75
C ASN A 149 -1.26 10.03 -6.96
N ASP A 150 -1.63 9.82 -5.72
CA ASP A 150 -2.22 10.92 -4.92
C ASP A 150 -1.14 11.67 -4.15
N THR A 151 -0.57 11.04 -3.14
CA THR A 151 0.49 11.70 -2.34
C THR A 151 -0.03 13.01 -1.73
N THR A 152 -1.33 13.20 -1.71
CA THR A 152 -1.90 14.46 -1.14
C THR A 152 -1.38 14.68 0.28
N GLY A 153 -1.84 13.90 1.22
CA GLY A 153 -1.37 14.05 2.63
C GLY A 153 -0.25 13.04 2.89
N LEU A 154 0.40 12.59 1.85
CA LEU A 154 1.49 11.59 2.02
C LEU A 154 2.81 12.31 2.29
N PHE A 155 3.40 12.08 3.44
CA PHE A 155 4.70 12.73 3.77
C PHE A 155 5.69 12.50 2.63
N ASN A 156 6.59 13.42 2.41
CA ASN A 156 7.60 13.26 1.33
C ASN A 156 6.93 13.30 -0.05
N GLU A 157 5.67 13.68 -0.09
CA GLU A 157 4.94 13.76 -1.40
C GLU A 157 5.21 12.54 -2.27
N GLY A 158 4.95 11.36 -1.74
CA GLY A 158 5.18 10.11 -2.54
C GLY A 158 6.52 10.23 -3.29
N LEU A 159 7.62 10.21 -2.58
CA LEU A 159 8.95 10.34 -3.26
C LEU A 159 10.08 10.29 -2.23
N GLY A 160 10.74 9.17 -2.10
CA GLY A 160 11.85 9.06 -1.12
C GLY A 160 13.01 9.94 -1.56
N MET A 161 13.31 10.96 -0.81
CA MET A 161 14.43 11.86 -1.19
C MET A 161 15.74 11.36 -0.60
N LEU A 162 16.44 10.49 -1.31
CA LEU A 162 17.74 9.94 -0.80
C LEU A 162 18.23 8.84 -1.73
N GLN A 163 19.30 8.16 -1.35
CA GLN A 163 19.83 7.06 -2.21
C GLN A 163 19.85 5.74 -1.45
N GLU A 164 20.10 5.79 -0.16
CA GLU A 164 20.13 4.54 0.65
C GLU A 164 20.04 4.88 2.13
N GLN A 165 18.88 5.30 2.58
CA GLN A 165 18.73 5.64 4.02
C GLN A 165 17.40 5.10 4.54
N ARG A 166 17.02 3.93 4.10
CA ARG A 166 15.73 3.35 4.56
C ARG A 166 15.77 1.82 4.48
N VAL A 167 15.99 1.17 5.60
CA VAL A 167 16.04 -0.32 5.58
C VAL A 167 14.86 -0.89 6.38
N VAL A 168 14.44 -2.07 6.04
CA VAL A 168 13.29 -2.71 6.75
C VAL A 168 13.49 -2.63 8.27
N LEU A 169 12.42 -2.48 8.99
CA LEU A 169 12.51 -2.39 10.48
C LEU A 169 11.85 -3.62 11.10
N LYS A 170 12.63 -4.49 11.70
CA LYS A 170 12.06 -5.72 12.32
C LYS A 170 11.24 -5.39 13.56
N GLN A 171 10.41 -6.30 13.98
CA GLN A 171 9.58 -6.06 15.21
C GLN A 171 8.74 -4.80 15.09
N THR A 172 7.56 -4.92 14.55
CA THR A 172 6.68 -3.73 14.41
C THR A 172 5.87 -3.57 15.70
N ALA A 173 4.87 -2.74 15.69
CA ALA A 173 4.04 -2.57 16.92
C ALA A 173 3.16 -3.82 17.09
N GLU A 174 3.75 -4.98 17.27
CA GLU A 174 2.90 -6.22 17.38
C GLU A 174 2.14 -6.33 16.06
N GLU A 175 2.86 -6.44 14.96
CA GLU A 175 2.15 -6.42 13.65
C GLU A 175 1.33 -5.16 13.68
N LYS A 176 1.82 -4.20 14.42
CA LYS A 176 1.11 -2.93 14.61
C LYS A 176 -0.22 -3.22 15.31
N ASP A 177 -0.18 -4.16 16.22
CA ASP A 177 -1.39 -4.57 16.99
C ASP A 177 -2.57 -4.64 16.03
N LEU A 178 -2.28 -5.01 14.82
CA LEU A 178 -3.35 -5.13 13.79
C LEU A 178 -3.11 -6.39 12.97
N VAL A 179 -1.88 -6.62 12.57
CA VAL A 179 -1.63 -7.88 11.82
C VAL A 179 -1.34 -9.01 12.82
N LYS A 180 -1.51 -8.69 14.06
CA LYS A 180 -1.27 -9.70 15.12
C LYS A 180 -2.58 -10.46 15.41
N LYS A 181 -3.69 -9.88 15.09
CA LYS A 181 -4.99 -10.56 15.34
C LYS A 181 -5.34 -11.50 14.20
N LEU A 182 -4.49 -11.60 13.24
CA LEU A 182 -4.74 -12.50 12.08
C LEU A 182 -4.01 -13.83 12.29
#